data_8HGH
#
_entry.id   8HGH
#
_cell.length_a   1.00
_cell.length_b   1.00
_cell.length_c   1.00
_cell.angle_alpha   90.00
_cell.angle_beta   90.00
_cell.angle_gamma   90.00
#
_symmetry.space_group_name_H-M   'P 1'
#
loop_
_entity.id
_entity.type
_entity.pdbx_description
1 polymer 'Maltose/maltodextrin-binding periplasmic protein,Pappalysin-1'
2 polymer Stanniocalcin-2
3 non-polymer 'ZINC ION'
#
loop_
_entity_poly.entity_id
_entity_poly.type
_entity_poly.pdbx_seq_one_letter_code
_entity_poly.pdbx_strand_id
1 'polypeptide(L)'
;AASHHHHHHHHHHSGKIEEGKLVIWINGDKGYNGLAEVGKKFEKDTGIKVTVEHPDKLEEKFPQVAATGDGPDIIFWAHD
RFGGYAQSGLLAEITPDKAFQDKLYPFTWDAVRYNGKLIAYPIAVEALSLIYNKDLLPNPPKTWEEIPALDKELKAKGKS
ALMFNLQEPYFTWPLIAADGGYAFKYENGKYDIKDVGVDNAGAKAGLTFLVDLIKNKHMNADTDYSIAEAAFNKGETAMT
INGPWAWSNIDTSKVNYGVTVLPTFKGQPSKPFVGVLSAGINAASPNKELAKEFLENYLLTDEGLEAVNKDKPLGAVALK
SYEEELAKDPRIAATMENAQKGEIMPNIPQMSAFWYAVRTAVINAASGRQTVDEALKDAQTDYDIPTTENLYFQGEFREA
RGATEEPSPPSRALYFSGRGEQLRLRADLELPRDAFTLQVWLRAEGGQRSPAVITGLYDKCSYISRDRGWVVGIHTISDQ
DNKDPRYFFSLKTDRARQVTTINAHRSYLPGQWVYLAATYDGQFMKLYVNGAQVATSGEQVGGIFSPLTQKCKVLMLGGS
ALNHNYRGYIEHFSLWKVARTQREILSDMETHGAHTALPQLLLQENWDNVKHAWSPMKDGSSPKVEFSNAHGFLLDTSLE
PPLCGQTLCDNTEVIASYNQLSSFRQPKVVRYRVVNLYEDDHKNPTVTREQVDFQHHQLAEAFKQYNISWELDVLEVSNS
SLRRRLILANCDISKIGDENCDPECNHTLTGHDGGDCRHLRHPAFVKKQHNGVCDMDCNYERFNFDGGECCDPEITNVTQ
TCFDPDSPHRAYLDVNELKNILKLDGSTHLNIFFAKSSEEELAGVATWPWDKEALMHLGGIVLNPSFYGMPGHTHTMIHE
IGHSLGLYHVFRGISEIQSCSDPCMETEPSFETGDLCNDTNPAPKHKSCGDPGPGNDTCGFHSFFNTPYNNFMSYADDDC
TDSFTPNQVARMHCYLDLVYQGWQPSRKPAPVALAPQVLGHTTDSVTLEWFPPIDGHFFERELGSACHLCLEGRILVQYA
SNASSPMPCSPSGHWSPREAEGHPDVEQPCKSSVRTWSPNSAVNPHTVPPACPEPQGCYLELEFLYPLVPESLTIWVTFV
STDWDSSGAVNDIKLLAVSGKNISLGPQNVFCDVPLTIRLWDVGEEVYGIQIYTLDEHLEIDAAMLTSTADTPLCLQCKP
LKYKVVRDPPLQMDVASILHLNRKFVDMDLNLGSVYQYWVITISGTEESEPSPAVTYIHGSGYCGDGIIQKDQGEQCDDM
NKINGDGCSLFCRQEVSFNCIDEPSRCYFHDGDGVCEEFEQKTSIKDCGVYTPQGFLDQWASNASVSHQDQQCPGWVIIG
QPAASQVCRTKVIDLSEGISQHAWYPCTISYPYSQLAQTTFWLRAYFSQPMVAAAVIVHLVTDGTYYGDQKQETISVQLL
DTKDQSHDLGLHVLSCRNNPLIIPVVHDLSQPFYHSQAVRVSFSSPLVAISGVALRSFDNFDPVTLSSCQRGETYSPAEQ
SCVHFACEKTDCPELAVENASLNCSSSDRYHGAQCTVSCRTGYVLQIRRDDELIKSQTGPSVTVTCTEGKWNKQVACEPV
DCSIPDHHQVYAASFSCPEGTTFGSQCSFQCRHPAQLKGNNSLLTCMEDGLWSFPEALCELMCLAPPPVPNADLQTARCR
ENKHKVGSFCKYKCKPGYHVPGSSRKSKKRAFKTQCTQDGSWQEGACVPVTCDPPPPKFHGLYQCTNGFQFNSECRIKCE
DSDASQGLGSNVIHCRKDGTWNGSFHVCQEMQGQCSVPNELNSNLKLQCPDGYAIGSECATSCLDHNSESIILPMNVTVR
DIPHWLNPTRVERVVCTAGLKWYPHPALIHCVKGCEPFMGDNYCDAINNRAFCNYDGGDCCTSTVKTKKVTPFPMSCDLQ
GDCACRDPQAQEHSRKDLRGYSHG
;
A,B
2 'polypeptide(L)'
;MCAERLGQFMTLALVLATFDPARGTDATNPPEGPQDRSSQQKGRLSLQNTAEIQHCLVNAGDVGCGVFECFENNSCEIRG
LHGICMTFLHNAGKFDAQGKSFIKDALKCKAHALRHRFGCISRKCPAIREMVSQLQRECYLKHDLCAAAQENTRVIVEMI
HFKDLLLHEPYVDLVNLLLTCGEEVKEAITHSVQVQCEQNWGSLCSILSFCTSAIQKPPTAPPERQPQVDRTKLSRAHHG
EAGHHLPEPSSRETGRGAKGERGSKSHPNAHARGRVGGLGAQGPSGSSEWEDEQSEYSDIRR
;
C,G
#
loop_
_chem_comp.id
_chem_comp.type
_chem_comp.name
_chem_comp.formula
ZN non-polymer 'ZINC ION' 'Zn 2'
#
# COMPACT_ATOMS: atom_id res chain seq x y z
N PRO A 410 -43.22 48.10 42.85
CA PRO A 410 -43.19 47.22 41.68
C PRO A 410 -42.19 46.08 41.84
N SER A 411 -41.50 45.74 40.76
CA SER A 411 -40.49 44.69 40.77
C SER A 411 -39.13 45.29 40.43
N ARG A 412 -38.13 44.99 41.24
CA ARG A 412 -36.79 45.50 41.05
C ARG A 412 -35.81 44.33 40.99
N ALA A 413 -34.70 44.55 40.30
CA ALA A 413 -33.72 43.51 40.05
C ALA A 413 -32.32 44.03 40.31
N LEU A 414 -31.40 43.09 40.55
CA LEU A 414 -29.98 43.40 40.70
C LEU A 414 -29.27 43.17 39.39
N TYR A 415 -28.30 44.03 39.09
CA TYR A 415 -27.43 43.88 37.92
C TYR A 415 -26.05 43.51 38.41
N PHE A 416 -25.63 42.27 38.16
CA PHE A 416 -24.30 41.81 38.52
C PHE A 416 -23.36 42.02 37.35
N SER A 417 -22.27 42.74 37.59
CA SER A 417 -21.26 43.01 36.58
C SER A 417 -20.07 42.09 36.76
N GLY A 418 -19.14 42.15 35.80
CA GLY A 418 -17.94 41.37 35.88
C GLY A 418 -16.82 42.00 36.68
N ARG A 419 -17.07 43.15 37.30
CA ARG A 419 -16.06 43.87 38.05
C ARG A 419 -15.81 43.28 39.44
N GLY A 420 -16.66 42.37 39.90
CA GLY A 420 -16.44 41.75 41.19
C GLY A 420 -17.55 42.01 42.19
N GLU A 421 -18.67 42.53 41.70
CA GLU A 421 -19.81 42.82 42.55
C GLU A 421 -20.51 41.50 42.91
N GLN A 422 -20.42 41.11 44.18
CA GLN A 422 -21.04 39.88 44.64
C GLN A 422 -21.47 40.04 46.09
N LEU A 423 -22.52 39.32 46.46
CA LEU A 423 -23.14 39.45 47.78
C LEU A 423 -22.84 38.23 48.62
N ARG A 424 -23.33 38.27 49.87
CA ARG A 424 -23.12 37.19 50.82
C ARG A 424 -24.33 37.14 51.75
N LEU A 425 -24.90 35.96 51.90
CA LEU A 425 -26.02 35.80 52.82
C LEU A 425 -25.52 35.86 54.27
N ARG A 426 -26.30 36.51 55.12
CA ARG A 426 -25.98 36.56 56.53
C ARG A 426 -26.22 35.19 57.17
N ALA A 427 -25.55 34.98 58.31
CA ALA A 427 -25.56 33.68 58.95
C ALA A 427 -26.78 33.45 59.84
N ASP A 428 -27.71 34.42 59.92
CA ASP A 428 -28.87 34.26 60.79
C ASP A 428 -29.87 33.24 60.27
N LEU A 429 -29.85 32.95 58.98
CA LEU A 429 -30.75 31.95 58.40
C LEU A 429 -30.02 30.61 58.27
N GLU A 430 -30.70 29.55 58.70
CA GLU A 430 -30.12 28.21 58.63
C GLU A 430 -30.07 27.72 57.19
N LEU A 431 -28.91 27.22 56.78
CA LEU A 431 -28.79 26.61 55.47
C LEU A 431 -29.54 25.27 55.45
N PRO A 432 -30.14 24.90 54.32
CA PRO A 432 -30.83 23.60 54.25
C PRO A 432 -29.84 22.45 54.30
N ARG A 433 -30.31 21.33 54.83
CA ARG A 433 -29.46 20.16 55.02
C ARG A 433 -29.93 18.93 54.26
N ASP A 434 -31.21 18.57 54.39
CA ASP A 434 -31.71 17.34 53.79
C ASP A 434 -32.13 17.54 52.33
N ALA A 435 -33.09 18.44 52.10
CA ALA A 435 -33.62 18.69 50.77
C ALA A 435 -33.73 20.19 50.55
N PHE A 436 -33.57 20.62 49.30
CA PHE A 436 -33.65 22.03 49.00
C PHE A 436 -34.09 22.25 47.55
N THR A 437 -34.61 23.45 47.31
CA THR A 437 -35.14 23.86 46.01
C THR A 437 -34.80 25.32 45.80
N LEU A 438 -34.05 25.60 44.74
CA LEU A 438 -33.65 26.95 44.38
C LEU A 438 -34.45 27.41 43.17
N GLN A 439 -35.13 28.55 43.31
CA GLN A 439 -35.91 29.16 42.24
C GLN A 439 -35.39 30.57 42.02
N VAL A 440 -34.90 30.86 40.82
CA VAL A 440 -34.32 32.16 40.52
C VAL A 440 -34.74 32.60 39.13
N TRP A 441 -35.30 33.81 39.04
CA TRP A 441 -35.49 34.47 37.76
C TRP A 441 -34.21 35.19 37.38
N LEU A 442 -33.63 34.85 36.22
CA LEU A 442 -32.39 35.46 35.81
C LEU A 442 -32.45 35.88 34.35
N ARG A 443 -31.58 36.83 34.01
CA ARG A 443 -31.41 37.29 32.64
C ARG A 443 -29.91 37.33 32.38
N ALA A 444 -29.38 36.29 31.76
CA ALA A 444 -27.95 36.20 31.53
C ALA A 444 -27.54 37.09 30.38
N GLU A 445 -26.34 37.66 30.47
CA GLU A 445 -25.79 38.47 29.39
C GLU A 445 -25.11 37.56 28.37
N GLY A 446 -24.48 38.18 27.38
CA GLY A 446 -23.93 37.45 26.25
C GLY A 446 -22.71 36.62 26.57
N GLY A 447 -21.61 37.27 26.91
CA GLY A 447 -20.37 36.56 27.16
C GLY A 447 -20.01 36.47 28.62
N GLN A 448 -20.20 35.29 29.21
CA GLN A 448 -19.80 35.05 30.59
C GLN A 448 -18.42 34.42 30.61
N ARG A 449 -17.87 34.22 31.81
CA ARG A 449 -16.64 33.47 31.94
C ARG A 449 -16.95 31.98 31.93
N SER A 450 -15.89 31.17 31.88
CA SER A 450 -16.10 29.72 31.77
C SER A 450 -16.61 29.09 33.06
N PRO A 451 -15.97 29.26 34.27
CA PRO A 451 -16.54 28.61 35.44
C PRO A 451 -17.56 29.46 36.20
N ALA A 452 -18.13 30.47 35.54
CA ALA A 452 -18.93 31.48 36.21
C ALA A 452 -20.19 30.93 36.85
N VAL A 453 -20.45 31.39 38.07
CA VAL A 453 -21.52 30.86 38.91
C VAL A 453 -22.57 31.94 39.13
N ILE A 454 -23.72 31.53 39.67
CA ILE A 454 -24.81 32.43 40.04
C ILE A 454 -25.09 32.37 41.54
N THR A 455 -25.31 31.17 42.07
CA THR A 455 -25.59 30.97 43.48
C THR A 455 -24.89 29.70 43.93
N GLY A 456 -24.10 29.80 45.00
CA GLY A 456 -23.35 28.66 45.49
C GLY A 456 -23.42 28.56 47.01
N LEU A 457 -23.11 27.35 47.49
CA LEU A 457 -23.05 27.04 48.91
C LEU A 457 -21.64 26.53 49.19
N TYR A 458 -20.77 27.40 49.69
CA TYR A 458 -19.35 27.15 49.80
C TYR A 458 -18.92 26.92 51.24
N ASP A 459 -17.71 26.36 51.37
CA ASP A 459 -17.12 25.99 52.65
C ASP A 459 -15.93 26.90 52.93
N LYS A 460 -15.90 27.51 54.12
CA LYS A 460 -14.87 28.47 54.45
C LYS A 460 -13.98 28.09 55.62
N CYS A 461 -14.24 26.97 56.29
CA CYS A 461 -13.43 26.53 57.43
C CYS A 461 -12.61 25.29 57.11
N SER A 462 -12.59 24.84 55.86
CA SER A 462 -11.90 23.62 55.47
C SER A 462 -10.83 23.93 54.45
N TYR A 463 -9.78 23.10 54.44
CA TYR A 463 -8.66 23.28 53.54
C TYR A 463 -8.30 22.02 52.75
N ILE A 464 -8.73 20.84 53.19
CA ILE A 464 -8.46 19.61 52.43
C ILE A 464 -9.27 19.57 51.15
N SER A 465 -10.56 19.89 51.23
CA SER A 465 -11.44 19.91 50.06
C SER A 465 -12.40 21.07 50.22
N ARG A 466 -12.21 22.12 49.42
CA ARG A 466 -13.05 23.31 49.46
C ARG A 466 -14.14 23.30 48.41
N ASP A 467 -14.30 22.19 47.69
CA ASP A 467 -15.28 22.08 46.60
C ASP A 467 -16.50 21.28 47.01
N ARG A 468 -16.94 21.43 48.27
CA ARG A 468 -18.14 20.78 48.74
C ARG A 468 -19.37 21.63 48.41
N GLY A 469 -20.54 21.17 48.83
CA GLY A 469 -21.76 21.95 48.66
C GLY A 469 -22.32 21.87 47.26
N TRP A 470 -23.21 22.81 46.96
CA TRP A 470 -23.88 22.88 45.67
C TRP A 470 -23.66 24.25 45.05
N VAL A 471 -23.63 24.27 43.72
CA VAL A 471 -23.36 25.50 42.98
C VAL A 471 -24.10 25.45 41.65
N VAL A 472 -24.85 26.50 41.35
CA VAL A 472 -25.57 26.64 40.09
C VAL A 472 -24.89 27.74 39.28
N GLY A 473 -24.75 27.54 37.99
CA GLY A 473 -24.11 28.54 37.18
C GLY A 473 -24.20 28.26 35.70
N ILE A 474 -23.31 28.90 34.94
CA ILE A 474 -23.21 28.73 33.50
C ILE A 474 -21.79 28.28 33.18
N HIS A 475 -21.66 27.18 32.45
CA HIS A 475 -20.33 26.68 32.10
C HIS A 475 -20.41 25.91 30.79
N THR A 476 -19.26 25.74 30.16
CA THR A 476 -19.18 25.04 28.89
C THR A 476 -18.95 23.56 29.11
N ILE A 477 -19.69 22.73 28.37
CA ILE A 477 -19.55 21.29 28.50
C ILE A 477 -18.25 20.78 27.89
N SER A 478 -17.65 21.54 26.98
CA SER A 478 -16.38 21.18 26.36
C SER A 478 -15.32 22.14 26.92
N ASP A 479 -14.51 21.64 27.86
CA ASP A 479 -13.50 22.46 28.50
C ASP A 479 -12.34 22.80 27.58
N GLN A 480 -12.07 21.97 26.58
CA GLN A 480 -10.94 22.18 25.68
C GLN A 480 -11.23 23.18 24.57
N ASP A 481 -12.49 23.56 24.37
CA ASP A 481 -12.84 24.47 23.29
C ASP A 481 -13.74 25.63 23.69
N ASN A 482 -14.38 25.57 24.86
CA ASN A 482 -15.42 26.49 25.38
C ASN A 482 -16.39 26.95 24.29
N LYS A 483 -16.98 25.97 23.61
CA LYS A 483 -17.81 26.25 22.46
C LYS A 483 -19.22 26.70 22.86
N ASP A 484 -19.97 25.82 23.51
CA ASP A 484 -21.37 26.09 23.82
C ASP A 484 -21.58 26.14 25.34
N PRO A 485 -21.99 27.27 25.89
CA PRO A 485 -22.22 27.34 27.34
C PRO A 485 -23.66 26.99 27.74
N ARG A 486 -23.80 26.13 28.74
CA ARG A 486 -25.11 25.71 29.22
C ARG A 486 -25.21 25.96 30.72
N TYR A 487 -26.44 26.02 31.21
CA TYR A 487 -26.68 26.05 32.65
C TYR A 487 -26.27 24.73 33.28
N PHE A 488 -25.66 24.80 34.45
CA PHE A 488 -25.22 23.60 35.13
C PHE A 488 -25.48 23.71 36.63
N PHE A 489 -25.63 22.53 37.23
CA PHE A 489 -25.90 22.36 38.65
C PHE A 489 -24.93 21.31 39.16
N SER A 490 -24.00 21.71 40.02
CA SER A 490 -23.01 20.80 40.58
C SER A 490 -23.29 20.60 42.06
N LEU A 491 -23.10 19.36 42.51
CA LEU A 491 -23.37 19.01 43.90
C LEU A 491 -22.32 18.01 44.36
N LYS A 492 -21.76 18.24 45.55
CA LYS A 492 -20.80 17.31 46.15
C LYS A 492 -21.04 17.34 47.65
N THR A 493 -21.67 16.29 48.17
CA THR A 493 -21.91 16.18 49.59
C THR A 493 -20.64 15.77 50.32
N ASP A 494 -20.67 15.89 51.64
CA ASP A 494 -19.49 15.54 52.45
C ASP A 494 -19.26 14.03 52.48
N ARG A 495 -20.34 13.24 52.42
CA ARG A 495 -20.19 11.79 52.42
C ARG A 495 -19.66 11.29 51.08
N ALA A 496 -19.96 11.98 49.99
CA ALA A 496 -19.59 11.51 48.66
C ALA A 496 -18.12 11.76 48.39
N ARG A 497 -17.64 11.19 47.28
CA ARG A 497 -16.25 11.32 46.87
C ARG A 497 -16.08 11.90 45.47
N GLN A 498 -17.14 12.01 44.67
CA GLN A 498 -17.05 12.48 43.30
C GLN A 498 -18.17 13.47 43.06
N VAL A 499 -17.81 14.65 42.55
CA VAL A 499 -18.80 15.68 42.22
C VAL A 499 -19.36 15.38 40.84
N THR A 500 -20.69 15.28 40.75
CA THR A 500 -21.37 15.01 39.49
C THR A 500 -22.13 16.26 39.08
N THR A 501 -21.99 16.63 37.80
CA THR A 501 -22.55 17.86 37.26
C THR A 501 -23.77 17.54 36.41
N ILE A 502 -24.70 18.48 36.36
CA ILE A 502 -25.91 18.37 35.56
C ILE A 502 -25.93 19.53 34.58
N ASN A 503 -26.07 19.23 33.30
CA ASN A 503 -26.09 20.23 32.24
C ASN A 503 -27.51 20.49 31.78
N ALA A 504 -27.65 21.43 30.85
CA ALA A 504 -28.92 21.71 30.20
C ALA A 504 -28.99 20.97 28.87
N HIS A 505 -30.01 21.27 28.06
CA HIS A 505 -30.15 20.63 26.76
C HIS A 505 -29.91 21.58 25.60
N ARG A 506 -29.76 22.87 25.84
CA ARG A 506 -29.59 23.85 24.77
C ARG A 506 -28.70 24.97 25.28
N SER A 507 -28.04 25.65 24.34
CA SER A 507 -27.26 26.82 24.68
C SER A 507 -28.18 27.94 25.16
N TYR A 508 -27.74 28.66 26.19
CA TYR A 508 -28.59 29.63 26.86
C TYR A 508 -28.83 30.86 25.99
N LEU A 509 -30.04 31.39 26.08
CA LEU A 509 -30.39 32.59 25.32
C LEU A 509 -29.89 33.84 26.04
N PRO A 510 -29.07 34.67 25.40
CA PRO A 510 -28.46 35.81 26.10
C PRO A 510 -29.37 37.03 26.24
N GLY A 511 -30.65 36.94 25.91
CA GLY A 511 -31.51 38.10 26.04
C GLY A 511 -32.92 37.80 26.49
N GLN A 512 -33.13 36.63 27.08
CA GLN A 512 -34.46 36.21 27.51
C GLN A 512 -34.43 35.85 28.98
N TRP A 513 -35.55 36.10 29.66
CA TRP A 513 -35.68 35.72 31.06
C TRP A 513 -35.79 34.20 31.18
N VAL A 514 -35.02 33.62 32.10
CA VAL A 514 -35.03 32.19 32.36
C VAL A 514 -35.39 31.99 33.82
N TYR A 515 -36.42 31.17 34.07
CA TYR A 515 -36.80 30.77 35.42
C TYR A 515 -36.06 29.47 35.73
N LEU A 516 -34.93 29.58 36.40
CA LEU A 516 -34.08 28.43 36.69
C LEU A 516 -34.44 27.85 38.05
N ALA A 517 -34.60 26.54 38.10
CA ALA A 517 -34.93 25.84 39.34
C ALA A 517 -34.02 24.64 39.48
N ALA A 518 -33.54 24.40 40.70
CA ALA A 518 -32.73 23.24 41.01
C ALA A 518 -33.31 22.55 42.24
N THR A 519 -33.54 21.25 42.15
CA THR A 519 -34.11 20.49 43.25
C THR A 519 -33.18 19.37 43.67
N TYR A 520 -33.13 19.12 44.97
CA TYR A 520 -32.46 17.95 45.49
C TYR A 520 -33.24 17.45 46.70
N ASP A 521 -33.65 16.18 46.65
CA ASP A 521 -34.48 15.59 47.70
C ASP A 521 -33.73 14.66 48.64
N GLY A 522 -32.66 14.04 48.18
CA GLY A 522 -31.93 13.08 48.99
C GLY A 522 -31.48 11.89 48.18
N GLN A 523 -32.19 11.61 47.09
CA GLN A 523 -31.79 10.59 46.13
C GLN A 523 -31.51 11.16 44.75
N PHE A 524 -32.41 12.00 44.22
CA PHE A 524 -32.29 12.55 42.88
C PHE A 524 -32.18 14.07 42.92
N MET A 525 -31.29 14.63 42.12
CA MET A 525 -31.23 16.05 41.87
C MET A 525 -31.72 16.32 40.45
N LYS A 526 -32.60 17.30 40.31
CA LYS A 526 -33.18 17.64 39.01
C LYS A 526 -32.97 19.13 38.71
N LEU A 527 -32.92 19.46 37.42
CA LEU A 527 -32.74 20.82 36.96
C LEU A 527 -33.88 21.20 36.02
N TYR A 528 -34.63 22.23 36.39
CA TYR A 528 -35.73 22.74 35.57
C TYR A 528 -35.30 24.07 34.93
N VAL A 529 -35.26 24.09 33.61
CA VAL A 529 -35.02 25.32 32.86
C VAL A 529 -36.35 25.75 32.26
N ASN A 530 -36.86 26.88 32.75
CA ASN A 530 -38.12 27.50 32.29
C ASN A 530 -39.32 26.59 32.46
N GLY A 531 -39.33 25.80 33.53
CA GLY A 531 -40.47 24.98 33.89
C GLY A 531 -40.43 23.54 33.41
N ALA A 532 -39.53 23.20 32.49
CA ALA A 532 -39.44 21.86 31.96
C ALA A 532 -38.24 21.16 32.58
N GLN A 533 -38.43 19.91 32.99
CA GLN A 533 -37.34 19.12 33.57
C GLN A 533 -36.34 18.77 32.48
N VAL A 534 -35.07 19.10 32.72
CA VAL A 534 -34.04 18.95 31.70
C VAL A 534 -33.14 17.77 32.00
N ALA A 535 -32.56 17.74 33.19
CA ALA A 535 -31.71 16.63 33.56
C ALA A 535 -31.92 16.26 35.02
N THR A 536 -31.67 14.99 35.31
CA THR A 536 -31.89 14.40 36.62
C THR A 536 -30.78 13.38 36.88
N SER A 537 -30.03 13.57 37.96
CA SER A 537 -28.97 12.64 38.32
C SER A 537 -29.25 12.05 39.69
N GLY A 538 -28.85 10.81 39.88
CA GLY A 538 -29.09 10.12 41.13
C GLY A 538 -27.85 9.56 41.79
N GLU A 539 -26.72 10.25 41.66
CA GLU A 539 -25.50 9.78 42.31
C GLU A 539 -25.26 10.40 43.67
N GLN A 540 -25.73 11.61 43.91
CA GLN A 540 -25.60 12.23 45.22
C GLN A 540 -26.71 11.75 46.14
N VAL A 541 -26.32 11.18 47.29
CA VAL A 541 -27.25 10.59 48.22
C VAL A 541 -27.02 11.18 49.61
N GLY A 542 -28.07 11.17 50.41
CA GLY A 542 -27.99 11.69 51.77
C GLY A 542 -27.98 13.20 51.81
N GLY A 543 -27.72 13.72 53.01
CA GLY A 543 -27.64 15.15 53.20
C GLY A 543 -26.36 15.73 52.62
N ILE A 544 -26.31 17.06 52.56
CA ILE A 544 -25.17 17.73 51.94
C ILE A 544 -24.07 18.03 52.95
N PHE A 545 -24.40 18.29 54.20
CA PHE A 545 -23.39 18.47 55.23
C PHE A 545 -23.94 18.04 56.58
N SER A 546 -23.03 17.78 57.52
CA SER A 546 -23.39 17.46 58.88
C SER A 546 -23.95 18.70 59.59
N PRO A 547 -24.88 18.52 60.53
CA PRO A 547 -25.37 19.67 61.30
C PRO A 547 -24.36 20.26 62.27
N LEU A 548 -23.25 19.56 62.54
CA LEU A 548 -22.20 20.12 63.39
C LEU A 548 -21.51 21.31 62.72
N THR A 549 -21.31 21.24 61.41
CA THR A 549 -20.68 22.32 60.64
C THR A 549 -21.72 23.20 59.95
N GLN A 550 -22.84 23.44 60.63
CA GLN A 550 -23.91 24.27 60.07
C GLN A 550 -23.47 25.72 59.90
N LYS A 551 -22.79 26.27 60.90
CA LYS A 551 -22.39 27.67 60.85
C LYS A 551 -21.21 27.92 59.91
N CYS A 552 -20.45 26.88 59.57
CA CYS A 552 -19.25 27.08 58.75
C CYS A 552 -19.61 27.29 57.29
N LYS A 553 -20.64 26.61 56.79
CA LYS A 553 -21.06 26.77 55.40
C LYS A 553 -21.65 28.15 55.16
N VAL A 554 -21.37 28.71 53.98
CA VAL A 554 -21.82 30.05 53.62
C VAL A 554 -22.52 29.97 52.27
N LEU A 555 -23.41 30.92 52.02
CA LEU A 555 -24.14 31.01 50.77
C LEU A 555 -23.71 32.27 50.05
N MET A 556 -23.22 32.12 48.83
CA MET A 556 -22.74 33.24 48.04
C MET A 556 -23.63 33.42 46.82
N LEU A 557 -23.89 34.67 46.47
CA LEU A 557 -24.77 35.02 45.35
C LEU A 557 -23.99 35.87 44.35
N GLY A 558 -24.00 35.44 43.10
CA GLY A 558 -23.39 36.20 42.02
C GLY A 558 -21.90 36.00 41.85
N GLY A 559 -21.26 35.21 42.68
CA GLY A 559 -19.83 35.00 42.55
C GLY A 559 -19.31 34.02 43.57
N SER A 560 -18.02 33.73 43.46
CA SER A 560 -17.33 32.78 44.32
C SER A 560 -16.14 33.47 44.97
N ALA A 561 -15.42 32.71 45.80
CA ALA A 561 -14.22 33.24 46.45
C ALA A 561 -13.06 33.43 45.47
N LEU A 562 -13.05 32.69 44.37
CA LEU A 562 -12.02 32.80 43.34
C LEU A 562 -12.40 33.78 42.23
N ASN A 563 -13.28 34.75 42.54
CA ASN A 563 -13.69 35.83 41.63
C ASN A 563 -14.33 35.29 40.35
N HIS A 564 -15.25 34.32 40.52
CA HIS A 564 -16.03 33.80 39.40
C HIS A 564 -17.27 34.67 39.24
N ASN A 565 -17.05 35.85 38.63
CA ASN A 565 -18.09 36.86 38.54
C ASN A 565 -19.19 36.47 37.56
N TYR A 566 -20.36 37.04 37.77
CA TYR A 566 -21.52 36.83 36.92
C TYR A 566 -21.95 38.17 36.33
N ARG A 567 -22.39 38.13 35.07
CA ARG A 567 -22.89 39.32 34.37
C ARG A 567 -24.34 39.05 33.98
N GLY A 568 -25.26 39.82 34.55
CA GLY A 568 -26.66 39.67 34.18
C GLY A 568 -27.57 40.31 35.20
N TYR A 569 -28.84 39.92 35.13
CA TYR A 569 -29.87 40.37 36.04
C TYR A 569 -30.35 39.22 36.91
N ILE A 570 -30.59 39.50 38.18
CA ILE A 570 -31.25 38.58 39.10
C ILE A 570 -32.49 39.28 39.62
N GLU A 571 -33.65 38.65 39.46
CA GLU A 571 -34.92 39.33 39.69
C GLU A 571 -35.61 38.96 41.00
N HIS A 572 -35.84 37.66 41.24
CA HIS A 572 -36.60 37.20 42.41
C HIS A 572 -35.91 35.95 42.94
N PHE A 573 -35.21 36.09 44.06
CA PHE A 573 -34.51 34.95 44.64
C PHE A 573 -35.46 34.14 45.51
N SER A 574 -35.41 32.82 45.38
CA SER A 574 -36.26 31.95 46.20
C SER A 574 -35.51 30.67 46.50
N LEU A 575 -35.34 30.39 47.78
CA LEU A 575 -34.70 29.17 48.26
C LEU A 575 -35.62 28.51 49.28
N TRP A 576 -35.90 27.23 49.09
CA TRP A 576 -36.81 26.48 49.93
C TRP A 576 -36.05 25.47 50.78
N LYS A 577 -36.63 25.13 51.92
CA LYS A 577 -36.04 24.17 52.83
C LYS A 577 -36.52 22.74 52.57
N VAL A 578 -37.36 22.54 51.56
CA VAL A 578 -37.85 21.21 51.22
C VAL A 578 -37.82 21.08 49.70
N ALA A 579 -37.80 19.83 49.24
CA ALA A 579 -37.84 19.54 47.82
C ALA A 579 -39.27 19.65 47.30
N ARG A 580 -39.43 20.31 46.15
CA ARG A 580 -40.75 20.56 45.58
C ARG A 580 -40.84 19.92 44.20
N THR A 581 -42.04 19.43 43.88
CA THR A 581 -42.27 18.77 42.60
C THR A 581 -42.51 19.81 41.50
N GLN A 582 -42.79 19.30 40.29
CA GLN A 582 -42.87 20.16 39.12
C GLN A 582 -44.12 21.05 39.13
N ARG A 583 -45.22 20.56 39.73
CA ARG A 583 -46.44 21.36 39.83
C ARG A 583 -46.23 22.59 40.70
N GLU A 584 -45.50 22.42 41.82
CA GLU A 584 -45.18 23.55 42.67
C GLU A 584 -44.22 24.52 41.99
N ILE A 585 -43.32 24.00 41.15
CA ILE A 585 -42.42 24.86 40.38
C ILE A 585 -43.20 25.70 39.38
N LEU A 586 -44.15 25.09 38.69
CA LEU A 586 -44.98 25.84 37.74
C LEU A 586 -45.90 26.83 38.44
N SER A 587 -46.40 26.48 39.63
CA SER A 587 -47.22 27.41 40.41
C SER A 587 -46.40 28.60 40.90
N ASP A 588 -45.17 28.36 41.34
CA ASP A 588 -44.29 29.45 41.75
C ASP A 588 -43.85 30.29 40.56
N MET A 589 -43.79 29.70 39.37
CA MET A 589 -43.54 30.48 38.17
C MET A 589 -44.71 31.42 37.87
N GLU A 590 -45.93 30.89 37.87
CA GLU A 590 -47.08 31.71 37.49
C GLU A 590 -47.52 32.68 38.58
N THR A 591 -47.15 32.44 39.84
CA THR A 591 -47.50 33.39 40.90
C THR A 591 -46.45 34.46 41.10
N HIS A 592 -45.30 34.35 40.43
CA HIS A 592 -44.12 35.24 40.53
C HIS A 592 -43.67 35.25 41.99
N GLY A 593 -43.35 36.40 42.58
CA GLY A 593 -42.89 36.47 43.95
C GLY A 593 -43.95 36.73 44.99
N ALA A 594 -45.22 36.83 44.59
CA ALA A 594 -46.31 37.10 45.53
C ALA A 594 -46.65 35.80 46.26
N HIS A 595 -45.90 35.54 47.33
CA HIS A 595 -46.05 34.32 48.11
C HIS A 595 -46.11 34.65 49.59
N THR A 596 -46.90 33.87 50.33
CA THR A 596 -47.05 34.08 51.77
C THR A 596 -45.93 33.38 52.53
N ALA A 597 -45.98 33.47 53.85
CA ALA A 597 -44.97 32.85 54.70
C ALA A 597 -45.29 31.38 54.92
N LEU A 598 -44.29 30.53 54.73
CA LEU A 598 -44.40 29.10 54.94
C LEU A 598 -43.24 28.61 55.78
N PRO A 599 -43.44 27.55 56.58
CA PRO A 599 -42.30 26.94 57.30
C PRO A 599 -41.26 26.35 56.37
N GLN A 600 -41.69 25.81 55.23
CA GLN A 600 -40.73 25.30 54.25
C GLN A 600 -40.05 26.42 53.47
N LEU A 601 -40.64 27.61 53.46
CA LEU A 601 -40.07 28.76 52.76
C LEU A 601 -38.90 29.29 53.56
N LEU A 602 -37.67 29.03 53.09
CA LEU A 602 -36.49 29.50 53.81
C LEU A 602 -36.23 30.97 53.51
N LEU A 603 -35.99 31.31 52.25
CA LEU A 603 -35.73 32.69 51.87
C LEU A 603 -36.51 33.03 50.60
N GLN A 604 -37.19 34.18 50.62
CA GLN A 604 -37.94 34.66 49.45
C GLN A 604 -37.66 36.15 49.35
N GLU A 605 -36.72 36.52 48.48
CA GLU A 605 -36.17 37.86 48.41
C GLU A 605 -36.57 38.54 47.11
N ASN A 606 -37.33 39.62 47.21
CA ASN A 606 -37.49 40.59 46.14
C ASN A 606 -36.72 41.83 46.53
N TRP A 607 -35.94 42.37 45.61
CA TRP A 607 -34.90 43.34 45.92
C TRP A 607 -35.51 44.72 46.19
N ASP A 608 -35.98 44.89 47.42
CA ASP A 608 -36.37 46.21 47.91
C ASP A 608 -35.42 46.74 48.97
N ASN A 609 -34.72 45.87 49.69
CA ASN A 609 -33.72 46.27 50.68
C ASN A 609 -32.69 45.15 50.74
N VAL A 610 -31.54 45.38 50.10
CA VAL A 610 -30.49 44.36 50.05
C VAL A 610 -29.86 44.18 51.42
N LYS A 611 -29.67 45.27 52.16
CA LYS A 611 -28.93 45.24 53.41
C LYS A 611 -29.68 44.56 54.55
N HIS A 612 -30.97 44.26 54.38
CA HIS A 612 -31.74 43.62 55.44
C HIS A 612 -31.30 42.17 55.64
N ALA A 613 -31.02 41.44 54.55
CA ALA A 613 -30.65 40.04 54.63
C ALA A 613 -29.34 39.72 53.93
N TRP A 614 -28.86 40.56 53.03
CA TRP A 614 -27.63 40.33 52.29
C TRP A 614 -26.60 41.39 52.66
N SER A 615 -25.33 41.02 52.59
CA SER A 615 -24.26 41.98 52.82
C SER A 615 -23.25 41.88 51.69
N PRO A 616 -22.73 43.01 51.22
CA PRO A 616 -21.71 42.98 50.17
C PRO A 616 -20.36 42.57 50.74
N MET A 617 -19.40 42.40 49.84
CA MET A 617 -18.03 42.14 50.26
C MET A 617 -17.43 43.35 50.94
N LYS A 618 -16.58 43.10 51.94
CA LYS A 618 -15.90 44.19 52.63
C LYS A 618 -14.88 44.87 51.73
N ASP A 619 -14.33 44.14 50.75
CA ASP A 619 -13.42 44.70 49.77
C ASP A 619 -14.09 45.06 48.45
N GLY A 620 -15.20 44.39 48.11
CA GLY A 620 -15.89 44.64 46.86
C GLY A 620 -16.99 45.68 47.01
N SER A 621 -17.88 45.69 46.03
CA SER A 621 -18.97 46.66 45.98
C SER A 621 -20.29 45.96 45.70
N SER A 622 -21.37 46.55 46.19
CA SER A 622 -22.68 45.95 46.01
C SER A 622 -23.18 46.17 44.57
N PRO A 623 -23.86 45.20 43.99
CA PRO A 623 -24.44 45.40 42.66
C PRO A 623 -25.60 46.39 42.69
N LYS A 624 -25.79 47.07 41.57
CA LYS A 624 -26.79 48.12 41.47
C LYS A 624 -28.19 47.53 41.28
N VAL A 625 -29.19 48.33 41.64
CA VAL A 625 -30.59 47.94 41.60
C VAL A 625 -31.29 48.75 40.53
N GLU A 626 -32.00 48.07 39.64
CA GLU A 626 -32.77 48.72 38.58
C GLU A 626 -34.17 48.13 38.55
N PHE A 627 -34.97 48.58 37.57
CA PHE A 627 -36.32 48.10 37.36
C PHE A 627 -36.36 47.22 36.12
N SER A 628 -37.13 46.13 36.21
CA SER A 628 -37.28 45.21 35.09
C SER A 628 -38.62 44.50 35.22
N ASN A 629 -39.08 43.94 34.10
CA ASN A 629 -40.34 43.22 34.03
C ASN A 629 -40.06 41.78 33.63
N ALA A 630 -40.18 40.86 34.60
CA ALA A 630 -40.01 39.44 34.29
C ALA A 630 -41.21 38.91 33.51
N HIS A 631 -42.41 39.27 33.94
CA HIS A 631 -43.64 38.91 33.23
C HIS A 631 -44.06 40.02 32.28
N GLY A 632 -43.15 40.41 31.39
CA GLY A 632 -43.44 41.53 30.49
C GLY A 632 -44.43 41.18 29.40
N PHE A 633 -44.33 39.98 28.85
CA PHE A 633 -45.20 39.55 27.75
C PHE A 633 -45.70 38.14 28.02
N LEU A 634 -46.95 37.88 27.65
CA LEU A 634 -47.57 36.57 27.82
C LEU A 634 -47.78 35.85 26.50
N LEU A 635 -47.28 36.38 25.39
CA LEU A 635 -47.33 35.71 24.10
C LEU A 635 -45.97 35.85 23.44
N ASP A 636 -45.31 34.73 23.21
CA ASP A 636 -43.96 34.74 22.64
C ASP A 636 -44.06 34.93 21.13
N THR A 637 -43.42 35.99 20.62
CA THR A 637 -43.50 36.36 19.22
C THR A 637 -42.32 35.86 18.39
N SER A 638 -41.42 35.09 18.99
CA SER A 638 -40.23 34.61 18.29
C SER A 638 -40.48 33.20 17.76
N LEU A 639 -40.33 33.03 16.46
CA LEU A 639 -40.52 31.75 15.80
C LEU A 639 -39.18 31.25 15.29
N GLU A 640 -38.81 30.04 15.68
CA GLU A 640 -37.54 29.47 15.27
C GLU A 640 -37.65 28.92 13.86
N PRO A 641 -36.77 29.33 12.94
CA PRO A 641 -36.71 28.66 11.65
C PRO A 641 -36.18 27.25 11.79
N PRO A 642 -36.53 26.34 10.86
CA PRO A 642 -36.08 24.94 10.99
C PRO A 642 -34.59 24.72 10.76
N LEU A 643 -34.18 23.44 10.76
CA LEU A 643 -32.77 23.10 10.69
C LEU A 643 -32.13 23.46 9.36
N CYS A 644 -32.91 23.43 8.27
CA CYS A 644 -32.40 23.85 6.96
C CYS A 644 -33.17 25.04 6.41
N GLY A 645 -33.84 25.80 7.28
CA GLY A 645 -34.44 27.06 6.90
C GLY A 645 -33.52 28.22 7.22
N GLN A 646 -33.89 29.39 6.71
CA GLN A 646 -33.10 30.60 6.91
C GLN A 646 -33.90 31.80 7.35
N THR A 647 -35.20 31.85 7.12
CA THR A 647 -35.98 33.05 7.45
C THR A 647 -37.23 32.72 8.24
N LEU A 648 -38.07 33.73 8.47
CA LEU A 648 -39.29 33.55 9.24
C LEU A 648 -40.31 32.72 8.47
N CYS A 649 -40.37 32.85 7.15
CA CYS A 649 -41.37 32.15 6.36
C CYS A 649 -40.94 30.74 5.97
N ASP A 650 -39.79 30.27 6.45
CA ASP A 650 -39.45 28.86 6.33
C ASP A 650 -40.09 28.03 7.44
N ASN A 651 -40.76 28.66 8.40
CA ASN A 651 -41.48 27.94 9.44
C ASN A 651 -42.66 27.19 8.85
N THR A 652 -43.00 26.05 9.47
CA THR A 652 -44.05 25.18 8.95
C THR A 652 -45.42 25.81 9.10
N GLU A 653 -45.68 26.49 10.22
CA GLU A 653 -47.00 27.04 10.50
C GLU A 653 -47.23 28.38 9.81
N VAL A 654 -46.23 28.93 9.12
CA VAL A 654 -46.39 30.18 8.39
C VAL A 654 -46.58 29.93 6.90
N ILE A 655 -45.85 28.96 6.34
CA ILE A 655 -45.96 28.68 4.91
C ILE A 655 -47.27 27.99 4.56
N ALA A 656 -47.90 27.29 5.52
CA ALA A 656 -49.21 26.70 5.28
C ALA A 656 -50.31 27.75 5.26
N SER A 657 -50.07 28.90 5.88
CA SER A 657 -51.06 29.98 5.86
C SER A 657 -51.13 30.64 4.48
N TYR A 658 -50.05 30.58 3.71
CA TYR A 658 -50.04 31.08 2.33
C TYR A 658 -50.42 30.01 1.32
N ASN A 659 -50.75 28.80 1.78
CA ASN A 659 -51.22 27.73 0.91
C ASN A 659 -52.71 27.47 1.05
N GLN A 660 -53.22 27.40 2.28
CA GLN A 660 -54.65 27.17 2.48
C GLN A 660 -55.47 28.40 2.13
N LEU A 661 -55.04 29.57 2.58
CA LEU A 661 -55.78 30.80 2.30
C LEU A 661 -55.46 31.30 0.89
N SER A 662 -56.37 32.11 0.37
CA SER A 662 -56.22 32.69 -0.96
C SER A 662 -56.18 34.21 -0.96
N SER A 663 -56.41 34.87 0.18
CA SER A 663 -56.33 36.32 0.25
C SER A 663 -54.89 36.82 0.28
N PHE A 664 -53.93 35.95 0.53
CA PHE A 664 -52.51 36.32 0.53
C PHE A 664 -51.87 36.21 -0.83
N ARG A 665 -52.60 35.75 -1.84
CA ARG A 665 -52.09 35.51 -3.18
C ARG A 665 -52.65 36.54 -4.16
N GLN A 666 -52.76 37.78 -3.72
CA GLN A 666 -53.26 38.86 -4.56
C GLN A 666 -52.24 39.23 -5.63
N PRO A 667 -52.69 39.79 -6.75
CA PRO A 667 -51.74 40.26 -7.78
C PRO A 667 -50.92 41.44 -7.29
N LYS A 668 -49.60 41.36 -7.50
CA LYS A 668 -48.66 42.37 -7.05
C LYS A 668 -47.76 42.79 -8.21
N VAL A 669 -47.40 44.07 -8.21
CA VAL A 669 -46.51 44.63 -9.23
C VAL A 669 -45.13 44.78 -8.61
N VAL A 670 -44.11 44.26 -9.28
CA VAL A 670 -42.73 44.33 -8.81
C VAL A 670 -41.93 45.18 -9.78
N ARG A 671 -41.35 46.27 -9.27
CA ARG A 671 -40.56 47.18 -10.09
C ARG A 671 -39.11 46.70 -10.13
N TYR A 672 -38.59 46.52 -11.33
CA TYR A 672 -37.22 46.06 -11.49
C TYR A 672 -36.58 46.77 -12.68
N ARG A 673 -35.26 46.83 -12.65
CA ARG A 673 -34.50 47.55 -13.67
C ARG A 673 -33.44 46.64 -14.27
N VAL A 674 -33.05 46.96 -15.50
CA VAL A 674 -32.02 46.23 -16.23
C VAL A 674 -30.90 47.21 -16.55
N VAL A 675 -29.70 46.90 -16.09
CA VAL A 675 -28.55 47.78 -16.26
C VAL A 675 -27.90 47.46 -17.59
N ASN A 676 -27.95 48.40 -18.52
CA ASN A 676 -27.37 48.24 -19.85
C ASN A 676 -26.21 49.22 -20.01
N LEU A 677 -25.05 48.69 -20.42
CA LEU A 677 -23.84 49.50 -20.55
C LEU A 677 -23.71 50.08 -21.95
N TYR A 678 -23.25 51.32 -22.03
CA TYR A 678 -23.03 52.02 -23.28
C TYR A 678 -21.68 52.72 -23.25
N GLU A 679 -21.28 53.26 -24.40
CA GLU A 679 -20.10 54.11 -24.51
C GLU A 679 -20.50 55.54 -24.18
N ASP A 680 -19.60 56.48 -24.46
CA ASP A 680 -19.87 57.89 -24.17
C ASP A 680 -20.67 58.58 -25.27
N ASP A 681 -21.06 57.87 -26.33
CA ASP A 681 -21.76 58.48 -27.44
C ASP A 681 -23.05 57.79 -27.83
N HIS A 682 -23.50 56.79 -27.06
CA HIS A 682 -24.76 56.06 -27.24
C HIS A 682 -24.82 55.38 -28.62
N LYS A 683 -23.91 54.41 -28.79
CA LYS A 683 -23.80 53.70 -30.07
C LYS A 683 -23.79 52.19 -29.96
N ASN A 684 -23.43 51.61 -28.82
CA ASN A 684 -23.40 50.15 -28.71
C ASN A 684 -23.86 49.69 -27.34
N PRO A 685 -24.88 48.85 -27.27
CA PRO A 685 -25.32 48.30 -25.98
C PRO A 685 -24.66 46.94 -25.69
N THR A 686 -24.90 46.46 -24.48
CA THR A 686 -24.50 45.10 -24.13
C THR A 686 -25.55 44.09 -24.59
N VAL A 687 -26.82 44.47 -24.50
CA VAL A 687 -27.93 43.66 -25.01
C VAL A 687 -28.85 44.58 -25.80
N THR A 688 -29.41 44.06 -26.89
CA THR A 688 -30.28 44.86 -27.74
C THR A 688 -31.62 45.10 -27.06
N ARG A 689 -32.29 46.17 -27.48
CA ARG A 689 -33.57 46.55 -26.88
C ARG A 689 -34.66 45.54 -27.21
N GLU A 690 -34.60 44.92 -28.39
CA GLU A 690 -35.59 43.91 -28.76
C GLU A 690 -35.47 42.67 -27.89
N GLN A 691 -34.25 42.30 -27.49
CA GLN A 691 -34.06 41.19 -26.55
C GLN A 691 -34.65 41.52 -25.18
N VAL A 692 -34.49 42.77 -24.73
CA VAL A 692 -35.06 43.21 -23.46
C VAL A 692 -36.58 43.17 -23.50
N ASP A 693 -37.17 43.64 -24.61
CA ASP A 693 -38.63 43.63 -24.75
C ASP A 693 -39.17 42.20 -24.84
N PHE A 694 -38.46 41.33 -25.56
CA PHE A 694 -38.88 39.93 -25.67
C PHE A 694 -38.77 39.21 -24.34
N GLN A 695 -37.71 39.49 -23.56
CA GLN A 695 -37.58 38.87 -22.25
C GLN A 695 -38.61 39.41 -21.27
N HIS A 696 -38.97 40.69 -21.40
CA HIS A 696 -40.05 41.25 -20.58
C HIS A 696 -41.39 40.59 -20.90
N HIS A 697 -41.67 40.37 -22.18
CA HIS A 697 -42.91 39.69 -22.56
C HIS A 697 -42.90 38.23 -22.12
N GLN A 698 -41.75 37.56 -22.18
CA GLN A 698 -41.67 36.18 -21.72
C GLN A 698 -41.84 36.07 -20.21
N LEU A 699 -41.27 37.04 -19.47
CA LEU A 699 -41.44 37.08 -18.02
C LEU A 699 -42.89 37.33 -17.63
N ALA A 700 -43.55 38.28 -18.32
CA ALA A 700 -44.95 38.57 -18.02
C ALA A 700 -45.86 37.42 -18.43
N GLU A 701 -45.50 36.68 -19.49
CA GLU A 701 -46.26 35.51 -19.87
C GLU A 701 -46.08 34.37 -18.88
N ALA A 702 -44.86 34.21 -18.36
CA ALA A 702 -44.58 33.12 -17.43
C ALA A 702 -45.02 33.42 -16.01
N PHE A 703 -45.39 34.67 -15.69
CA PHE A 703 -45.83 34.97 -14.33
C PHE A 703 -47.26 35.50 -14.24
N LYS A 704 -48.00 35.53 -15.35
CA LYS A 704 -49.36 36.06 -15.31
C LYS A 704 -50.34 35.12 -14.60
N GLN A 705 -50.03 33.83 -14.52
CA GLN A 705 -50.91 32.86 -13.89
C GLN A 705 -50.62 32.66 -12.41
N TYR A 706 -49.62 33.34 -11.87
CA TYR A 706 -49.24 33.19 -10.47
C TYR A 706 -49.45 34.48 -9.68
N ASN A 707 -50.27 35.40 -10.21
CA ASN A 707 -50.58 36.70 -9.61
C ASN A 707 -49.32 37.53 -9.35
N ILE A 708 -48.38 37.48 -10.29
CA ILE A 708 -47.13 38.22 -10.20
C ILE A 708 -47.01 39.10 -11.44
N SER A 709 -46.82 40.40 -11.22
CA SER A 709 -46.64 41.34 -12.31
C SER A 709 -45.31 42.07 -12.16
N TRP A 710 -44.70 42.39 -13.30
CA TRP A 710 -43.40 43.03 -13.33
C TRP A 710 -43.48 44.32 -14.13
N GLU A 711 -42.94 45.40 -13.57
CA GLU A 711 -42.85 46.68 -14.25
C GLU A 711 -41.39 46.91 -14.65
N LEU A 712 -41.18 47.19 -15.94
CA LEU A 712 -39.84 47.32 -16.50
C LEU A 712 -39.49 48.80 -16.66
N ASP A 713 -38.34 49.20 -16.09
CA ASP A 713 -37.81 50.55 -16.26
C ASP A 713 -36.31 50.43 -16.46
N VAL A 714 -35.87 50.43 -17.71
CA VAL A 714 -34.46 50.22 -18.04
C VAL A 714 -33.70 51.51 -17.78
N LEU A 715 -32.63 51.41 -17.00
CA LEU A 715 -31.74 52.53 -16.71
C LEU A 715 -30.43 52.33 -17.47
N GLU A 716 -30.02 53.36 -18.20
CA GLU A 716 -28.83 53.31 -19.05
C GLU A 716 -27.75 54.21 -18.47
N VAL A 717 -26.54 53.65 -18.29
CA VAL A 717 -25.39 54.39 -17.79
C VAL A 717 -24.35 54.43 -18.90
N SER A 718 -23.91 55.63 -19.26
CA SER A 718 -22.98 55.84 -20.37
C SER A 718 -21.58 56.08 -19.80
N ASN A 719 -20.70 55.10 -20.00
CA ASN A 719 -19.31 55.22 -19.57
C ASN A 719 -18.47 54.29 -20.44
N SER A 720 -17.56 54.86 -21.23
CA SER A 720 -16.70 54.07 -22.09
C SER A 720 -15.59 53.36 -21.32
N SER A 721 -15.28 53.82 -20.11
CA SER A 721 -14.28 53.15 -19.29
C SER A 721 -14.77 51.80 -18.79
N LEU A 722 -16.08 51.68 -18.56
CA LEU A 722 -16.66 50.43 -18.10
C LEU A 722 -17.14 49.54 -19.24
N ARG A 723 -17.41 50.11 -20.41
CA ARG A 723 -17.98 49.34 -21.51
C ARG A 723 -16.93 48.45 -22.17
N ARG A 724 -15.71 48.97 -22.35
CA ARG A 724 -14.70 48.25 -23.12
C ARG A 724 -14.09 47.07 -22.36
N ARG A 725 -14.17 47.07 -21.04
CA ARG A 725 -13.52 46.04 -20.25
C ARG A 725 -14.44 44.84 -20.04
N LEU A 726 -13.82 43.70 -19.78
CA LEU A 726 -14.56 42.47 -19.53
C LEU A 726 -15.03 42.41 -18.09
N ILE A 727 -16.28 42.01 -17.90
CA ILE A 727 -16.89 41.91 -16.57
C ILE A 727 -17.11 40.44 -16.26
N LEU A 728 -16.62 40.00 -15.09
CA LEU A 728 -16.75 38.62 -14.68
C LEU A 728 -17.53 38.51 -13.38
N ALA A 729 -18.36 37.48 -13.28
CA ALA A 729 -19.21 37.26 -12.11
C ALA A 729 -18.72 36.11 -11.23
N ASN A 730 -18.56 34.91 -11.80
CA ASN A 730 -18.15 33.76 -11.02
C ASN A 730 -16.65 33.67 -10.82
N CYS A 731 -15.87 34.53 -11.49
CA CYS A 731 -14.42 34.51 -11.35
C CYS A 731 -14.03 35.27 -10.08
N ASP A 732 -13.55 34.55 -9.07
CA ASP A 732 -13.09 35.18 -7.84
C ASP A 732 -11.75 35.84 -8.06
N ILE A 733 -11.53 36.98 -7.39
CA ILE A 733 -10.30 37.73 -7.57
C ILE A 733 -9.13 37.15 -6.80
N SER A 734 -9.39 36.30 -5.80
CA SER A 734 -8.29 35.72 -5.02
C SER A 734 -7.55 34.64 -5.81
N LYS A 735 -8.28 33.88 -6.63
CA LYS A 735 -7.67 32.79 -7.41
C LYS A 735 -6.89 33.30 -8.62
N ILE A 736 -7.03 34.58 -8.98
CA ILE A 736 -6.34 35.11 -10.15
C ILE A 736 -4.84 35.21 -9.88
N GLY A 737 -4.46 35.77 -8.74
CA GLY A 737 -3.05 35.90 -8.41
C GLY A 737 -2.40 34.60 -8.01
N ASP A 738 -3.17 33.65 -7.51
CA ASP A 738 -2.64 32.35 -7.13
C ASP A 738 -2.36 31.51 -8.38
N GLU A 739 -1.45 30.55 -8.24
CA GLU A 739 -1.09 29.68 -9.34
C GLU A 739 -2.02 28.50 -9.52
N ASN A 740 -3.01 28.34 -8.63
CA ASN A 740 -4.00 27.29 -8.81
C ASN A 740 -4.98 27.68 -9.91
N CYS A 741 -5.16 26.79 -10.89
CA CYS A 741 -6.06 27.05 -12.00
C CYS A 741 -7.51 26.87 -11.57
N ASP A 742 -8.40 27.58 -12.25
CA ASP A 742 -9.83 27.46 -12.00
C ASP A 742 -10.59 27.72 -13.29
N PRO A 743 -11.67 26.99 -13.55
CA PRO A 743 -12.41 27.18 -14.81
C PRO A 743 -13.20 28.49 -14.88
N GLU A 744 -13.46 29.14 -13.75
CA GLU A 744 -14.24 30.37 -13.78
C GLU A 744 -13.44 31.56 -14.29
N CYS A 745 -12.11 31.55 -14.11
CA CYS A 745 -11.25 32.61 -14.60
C CYS A 745 -10.41 32.03 -15.73
N ASN A 746 -10.97 32.07 -16.94
CA ASN A 746 -10.28 31.53 -18.12
C ASN A 746 -10.77 32.32 -19.33
N HIS A 747 -10.07 33.40 -19.67
CA HIS A 747 -10.43 34.23 -20.81
C HIS A 747 -9.15 34.74 -21.47
N THR A 748 -9.30 35.15 -22.74
CA THR A 748 -8.20 35.81 -23.42
C THR A 748 -7.97 37.22 -22.87
N LEU A 749 -9.02 37.87 -22.37
CA LEU A 749 -8.88 39.18 -21.76
C LEU A 749 -8.45 39.11 -20.30
N THR A 750 -8.38 37.92 -19.71
CA THR A 750 -7.82 37.74 -18.38
C THR A 750 -6.46 37.04 -18.40
N GLY A 751 -5.94 36.74 -19.59
CA GLY A 751 -4.64 36.10 -19.68
C GLY A 751 -4.64 34.63 -19.32
N HIS A 752 -5.82 33.99 -19.30
CA HIS A 752 -6.02 32.58 -18.93
C HIS A 752 -5.46 32.30 -17.52
N ASP A 753 -6.06 33.00 -16.54
CA ASP A 753 -5.67 32.95 -15.12
C ASP A 753 -4.21 33.31 -14.92
N GLY A 754 -3.74 34.30 -15.68
CA GLY A 754 -2.33 34.66 -15.66
C GLY A 754 -1.40 33.59 -16.18
N GLY A 755 -1.85 32.79 -17.15
CA GLY A 755 -1.05 31.70 -17.67
C GLY A 755 -1.01 30.47 -16.80
N ASP A 756 -1.82 30.39 -15.74
CA ASP A 756 -1.78 29.28 -14.80
C ASP A 756 -2.72 28.14 -15.19
N CYS A 757 -3.50 28.29 -16.25
CA CYS A 757 -4.37 27.22 -16.73
C CYS A 757 -3.90 26.61 -18.04
N ARG A 758 -2.98 27.25 -18.74
CA ARG A 758 -2.45 26.70 -19.99
C ARG A 758 -1.44 25.59 -19.68
N HIS A 759 -1.33 24.66 -20.62
CA HIS A 759 -0.42 23.52 -20.45
C HIS A 759 1.04 23.86 -20.78
N LEU A 760 1.31 25.05 -21.31
CA LEU A 760 2.67 25.42 -21.67
C LEU A 760 3.53 25.68 -20.44
N ARG A 761 2.94 26.19 -19.36
CA ARG A 761 3.67 26.47 -18.14
C ARG A 761 3.95 25.19 -17.35
N ASP A 775 3.70 41.93 -25.07
CA ASP A 775 3.45 40.77 -25.90
C ASP A 775 2.21 40.01 -25.41
N MET A 776 1.55 39.30 -26.33
CA MET A 776 0.37 38.53 -25.96
C MET A 776 0.72 37.30 -25.14
N ASP A 777 1.93 36.75 -25.34
CA ASP A 777 2.34 35.52 -24.67
C ASP A 777 3.27 35.78 -23.49
N CYS A 778 4.01 36.88 -23.48
CA CYS A 778 4.98 37.17 -22.44
C CYS A 778 4.41 38.02 -21.31
N ASN A 779 3.09 38.14 -21.22
CA ASN A 779 2.44 38.95 -20.19
C ASN A 779 1.94 38.12 -19.01
N TYR A 780 2.34 36.85 -18.93
CA TYR A 780 1.87 35.98 -17.85
C TYR A 780 2.56 36.35 -16.54
N GLU A 781 1.75 36.52 -15.49
CA GLU A 781 2.26 36.95 -14.19
C GLU A 781 2.71 35.77 -13.35
N ASP A 786 4.24 43.64 -19.13
CA ASP A 786 5.58 43.33 -18.65
C ASP A 786 6.00 44.27 -17.52
N GLY A 787 5.25 44.23 -16.42
CA GLY A 787 5.49 45.12 -15.31
C GLY A 787 5.23 46.58 -15.60
N GLY A 788 4.14 46.88 -16.29
CA GLY A 788 3.81 48.24 -16.67
C GLY A 788 4.12 48.58 -18.12
N GLU A 789 4.87 47.74 -18.83
CA GLU A 789 5.15 48.00 -20.24
C GLU A 789 3.91 47.78 -21.10
N CYS A 790 3.16 46.72 -20.81
CA CYS A 790 1.97 46.38 -21.58
C CYS A 790 0.68 46.91 -20.98
N CYS A 791 0.77 47.67 -19.88
CA CYS A 791 -0.41 48.25 -19.26
C CYS A 791 -0.50 49.76 -19.40
N ASP A 792 0.59 50.43 -19.78
CA ASP A 792 0.58 51.88 -19.88
C ASP A 792 -0.24 52.32 -21.10
N PRO A 793 -1.06 53.36 -20.96
CA PRO A 793 -1.86 53.84 -22.12
C PRO A 793 -1.03 54.42 -23.25
N GLU A 794 0.18 54.92 -22.96
CA GLU A 794 1.02 55.49 -24.00
C GLU A 794 1.70 54.43 -24.87
N ILE A 795 1.72 53.17 -24.41
CA ILE A 795 2.33 52.09 -25.18
C ILE A 795 1.25 51.40 -26.00
N THR A 796 0.21 50.89 -25.34
CA THR A 796 -0.87 50.20 -26.00
C THR A 796 -2.15 50.43 -25.20
N ASN A 797 -3.24 49.80 -25.65
CA ASN A 797 -4.49 49.87 -24.91
C ASN A 797 -4.41 49.03 -23.64
N VAL A 798 -5.02 49.53 -22.57
CA VAL A 798 -4.95 48.87 -21.27
C VAL A 798 -5.77 47.58 -21.27
N THR A 799 -6.93 47.60 -21.93
CA THR A 799 -7.83 46.46 -21.92
C THR A 799 -7.34 45.28 -22.77
N GLN A 800 -6.27 45.47 -23.56
CA GLN A 800 -5.81 44.40 -24.43
C GLN A 800 -4.95 43.38 -23.69
N THR A 801 -3.80 43.80 -23.18
CA THR A 801 -2.80 42.86 -22.66
C THR A 801 -2.27 43.31 -21.31
N CYS A 802 -3.16 43.68 -20.39
CA CYS A 802 -2.78 43.99 -19.02
C CYS A 802 -3.63 43.15 -18.07
N PHE A 803 -2.97 42.34 -17.25
CA PHE A 803 -3.64 41.46 -16.29
C PHE A 803 -3.06 41.63 -14.89
N ASP A 804 -2.59 42.83 -14.57
CA ASP A 804 -2.00 43.08 -13.26
C ASP A 804 -3.10 43.16 -12.20
N PRO A 805 -2.98 42.42 -11.09
CA PRO A 805 -4.03 42.47 -10.06
C PRO A 805 -4.07 43.76 -9.27
N ASP A 806 -2.98 44.52 -9.22
CA ASP A 806 -2.93 45.77 -8.46
C ASP A 806 -2.79 46.99 -9.35
N SER A 807 -3.07 46.86 -10.64
CA SER A 807 -3.05 48.02 -11.52
C SER A 807 -4.28 48.90 -11.25
N PRO A 808 -4.13 50.22 -11.37
CA PRO A 808 -5.32 51.09 -11.30
C PRO A 808 -6.31 50.85 -12.42
N HIS A 809 -5.84 50.49 -13.60
CA HIS A 809 -6.69 50.13 -14.72
C HIS A 809 -6.27 48.75 -15.22
N ARG A 810 -7.24 47.84 -15.29
CA ARG A 810 -6.99 46.47 -15.73
C ARG A 810 -8.11 46.03 -16.66
N ALA A 811 -7.90 44.89 -17.32
CA ALA A 811 -8.83 44.44 -18.34
C ALA A 811 -10.08 43.80 -17.74
N TYR A 812 -9.93 43.06 -16.64
CA TYR A 812 -11.05 42.37 -16.02
C TYR A 812 -11.60 43.17 -14.84
N LEU A 813 -12.91 43.08 -14.65
CA LEU A 813 -13.59 43.80 -13.57
C LEU A 813 -14.56 42.86 -12.88
N ASP A 814 -14.51 42.85 -11.55
CA ASP A 814 -15.45 42.09 -10.75
C ASP A 814 -16.82 42.75 -10.75
N VAL A 815 -17.86 41.93 -10.56
CA VAL A 815 -19.23 42.45 -10.55
C VAL A 815 -19.49 43.30 -9.31
N ASN A 816 -18.90 42.94 -8.16
CA ASN A 816 -19.09 43.72 -6.95
C ASN A 816 -18.42 45.09 -7.05
N GLU A 817 -17.26 45.14 -7.73
CA GLU A 817 -16.63 46.43 -8.01
C GLU A 817 -17.47 47.25 -8.98
N LEU A 818 -18.14 46.60 -9.93
CA LEU A 818 -19.04 47.31 -10.84
C LEU A 818 -20.25 47.87 -10.09
N LYS A 819 -20.77 47.12 -9.12
CA LYS A 819 -21.86 47.62 -8.30
C LYS A 819 -21.42 48.76 -7.39
N ASN A 820 -20.18 48.70 -6.90
CA ASN A 820 -19.64 49.81 -6.10
C ASN A 820 -19.42 51.05 -6.95
N ILE A 821 -19.02 50.87 -8.21
CA ILE A 821 -18.85 52.00 -9.12
C ILE A 821 -20.20 52.63 -9.46
N LEU A 822 -21.18 51.78 -9.80
CA LEU A 822 -22.51 52.28 -10.17
C LEU A 822 -23.24 52.87 -8.97
N LYS A 823 -23.27 52.13 -7.85
CA LYS A 823 -23.91 52.51 -6.58
C LYS A 823 -25.39 52.86 -6.79
N LEU A 824 -26.15 51.87 -7.24
CA LEU A 824 -27.55 52.06 -7.55
C LEU A 824 -28.39 51.85 -6.28
N ASP A 825 -29.71 51.78 -6.43
CA ASP A 825 -30.61 51.54 -5.32
C ASP A 825 -31.26 50.18 -5.49
N GLY A 826 -31.15 49.34 -4.46
CA GLY A 826 -31.78 48.04 -4.49
C GLY A 826 -33.04 47.99 -3.63
N SER A 827 -33.27 49.05 -2.85
CA SER A 827 -34.45 49.10 -1.99
C SER A 827 -35.72 49.39 -2.77
N THR A 828 -35.62 50.10 -3.90
CA THR A 828 -36.78 50.48 -4.68
C THR A 828 -36.91 49.74 -5.99
N HIS A 829 -35.87 48.99 -6.41
CA HIS A 829 -35.91 48.24 -7.65
C HIS A 829 -35.01 47.03 -7.51
N LEU A 830 -35.21 46.06 -8.39
CA LEU A 830 -34.32 44.91 -8.51
C LEU A 830 -33.36 45.15 -9.66
N ASN A 831 -32.07 45.14 -9.36
CA ASN A 831 -31.04 45.42 -10.37
C ASN A 831 -30.62 44.12 -11.04
N ILE A 832 -30.46 44.19 -12.36
CA ILE A 832 -29.99 43.05 -13.15
C ILE A 832 -28.71 43.48 -13.86
N PHE A 833 -27.63 42.72 -13.64
CA PHE A 833 -26.35 43.00 -14.25
C PHE A 833 -25.97 41.87 -15.20
N PHE A 834 -25.03 42.15 -16.08
CA PHE A 834 -24.57 41.20 -17.08
C PHE A 834 -23.07 41.03 -16.96
N ALA A 835 -22.61 39.79 -17.08
CA ALA A 835 -21.18 39.50 -17.00
C ALA A 835 -20.89 38.22 -17.77
N LYS A 836 -19.84 38.26 -18.57
CA LYS A 836 -19.37 37.07 -19.28
C LYS A 836 -18.60 36.16 -18.33
N SER A 837 -18.84 34.86 -18.43
CA SER A 837 -18.16 33.88 -17.62
C SER A 837 -17.70 32.71 -18.48
N SER A 838 -16.56 32.14 -18.13
CA SER A 838 -16.04 30.98 -18.86
C SER A 838 -16.82 29.71 -18.56
N GLU A 839 -17.50 29.65 -17.41
CA GLU A 839 -18.32 28.48 -17.10
C GLU A 839 -19.59 28.46 -17.94
N GLU A 840 -20.42 29.51 -17.79
CA GLU A 840 -21.64 29.82 -18.57
C GLU A 840 -22.66 28.67 -18.64
N GLU A 841 -22.56 27.68 -17.73
CA GLU A 841 -23.62 26.68 -17.62
C GLU A 841 -24.88 27.30 -17.03
N LEU A 842 -24.71 28.20 -16.07
CA LEU A 842 -25.81 28.98 -15.51
C LEU A 842 -25.44 30.46 -15.55
N ALA A 843 -26.24 31.28 -14.89
CA ALA A 843 -25.91 32.68 -14.71
C ALA A 843 -25.08 32.84 -13.44
N GLY A 844 -24.87 34.08 -13.00
CA GLY A 844 -24.12 34.33 -11.80
C GLY A 844 -24.90 34.00 -10.54
N VAL A 845 -24.21 34.10 -9.41
CA VAL A 845 -24.79 33.74 -8.12
C VAL A 845 -25.74 34.85 -7.69
N ALA A 846 -27.01 34.51 -7.54
CA ALA A 846 -28.02 35.48 -7.15
C ALA A 846 -27.94 35.77 -5.66
N THR A 847 -28.64 36.81 -5.24
CA THR A 847 -28.69 37.22 -3.85
C THR A 847 -29.95 36.65 -3.22
N TRP A 848 -29.79 35.85 -2.16
CA TRP A 848 -30.92 35.30 -1.45
C TRP A 848 -31.66 36.40 -0.69
N PRO A 849 -32.96 36.25 -0.45
CA PRO A 849 -33.69 37.27 0.33
C PRO A 849 -33.23 37.40 1.76
N TRP A 850 -32.73 36.34 2.37
CA TRP A 850 -32.24 36.39 3.74
C TRP A 850 -30.81 36.88 3.85
N ASP A 851 -30.14 37.15 2.72
CA ASP A 851 -28.79 37.68 2.76
C ASP A 851 -28.81 39.16 3.13
N LYS A 852 -27.63 39.67 3.49
CA LYS A 852 -27.51 41.07 3.88
C LYS A 852 -27.60 42.03 2.70
N GLU A 853 -27.43 41.54 1.48
CA GLU A 853 -27.50 42.36 0.28
C GLU A 853 -28.87 42.30 -0.40
N ALA A 854 -29.93 42.12 0.39
CA ALA A 854 -31.27 42.09 -0.18
C ALA A 854 -31.70 43.46 -0.67
N LEU A 855 -31.29 44.52 0.03
CA LEU A 855 -31.64 45.88 -0.35
C LEU A 855 -30.43 46.76 -0.59
N MET A 856 -29.22 46.24 -0.46
CA MET A 856 -28.02 47.04 -0.65
C MET A 856 -27.71 47.18 -2.14
N HIS A 857 -26.74 48.05 -2.44
CA HIS A 857 -26.39 48.34 -3.82
C HIS A 857 -25.55 47.26 -4.47
N LEU A 858 -25.02 46.31 -3.70
CA LEU A 858 -24.31 45.17 -4.26
C LEU A 858 -25.22 43.98 -4.51
N GLY A 859 -26.52 44.14 -4.30
CA GLY A 859 -27.47 43.05 -4.47
C GLY A 859 -28.18 43.11 -5.80
N GLY A 860 -28.50 41.94 -6.33
CA GLY A 860 -29.18 41.86 -7.61
C GLY A 860 -28.94 40.49 -8.24
N ILE A 861 -29.24 40.42 -9.53
CA ILE A 861 -29.11 39.20 -10.31
C ILE A 861 -28.09 39.45 -11.40
N VAL A 862 -27.05 38.63 -11.46
CA VAL A 862 -26.04 38.71 -12.50
C VAL A 862 -26.33 37.62 -13.53
N LEU A 863 -26.63 38.04 -14.76
CA LEU A 863 -26.93 37.14 -15.86
C LEU A 863 -25.80 37.17 -16.88
N ASN A 864 -25.98 36.43 -17.96
CA ASN A 864 -25.05 36.48 -19.07
C ASN A 864 -25.68 37.21 -20.25
N PRO A 865 -25.00 38.22 -20.81
CA PRO A 865 -25.63 39.01 -21.88
C PRO A 865 -25.76 38.28 -23.21
N SER A 866 -25.02 37.19 -23.42
CA SER A 866 -25.13 36.44 -24.66
C SER A 866 -26.32 35.49 -24.66
N PHE A 867 -26.93 35.23 -23.51
CA PHE A 867 -28.11 34.39 -23.42
C PHE A 867 -29.35 35.16 -22.99
N TYR A 868 -29.22 36.45 -22.70
CA TYR A 868 -30.38 37.26 -22.34
C TYR A 868 -31.17 37.61 -23.59
N GLY A 869 -32.47 37.32 -23.57
CA GLY A 869 -33.35 37.67 -24.66
C GLY A 869 -33.44 36.64 -25.77
N MET A 870 -32.56 35.64 -25.77
CA MET A 870 -32.65 34.58 -26.75
C MET A 870 -33.83 33.66 -26.42
N PRO A 871 -34.63 33.27 -27.41
CA PRO A 871 -35.71 32.31 -27.15
C PRO A 871 -35.23 30.92 -26.75
N GLY A 872 -33.98 30.56 -27.08
CA GLY A 872 -33.44 29.28 -26.66
C GLY A 872 -33.00 29.25 -25.21
N HIS A 873 -32.79 30.42 -24.60
CA HIS A 873 -32.33 30.52 -23.21
C HIS A 873 -33.13 31.58 -22.47
N THR A 874 -34.46 31.52 -22.61
CA THR A 874 -35.31 32.53 -21.99
C THR A 874 -35.63 32.23 -20.53
N HIS A 875 -35.64 30.95 -20.14
CA HIS A 875 -36.10 30.56 -18.81
C HIS A 875 -35.01 30.55 -17.74
N THR A 876 -33.75 30.77 -18.11
CA THR A 876 -32.72 30.89 -17.08
C THR A 876 -32.85 32.19 -16.30
N MET A 877 -33.42 33.24 -16.92
CA MET A 877 -33.77 34.43 -16.18
C MET A 877 -34.88 34.16 -15.18
N ILE A 878 -35.83 33.28 -15.55
CA ILE A 878 -36.89 32.87 -14.63
C ILE A 878 -36.31 32.05 -13.49
N HIS A 879 -35.31 31.21 -13.78
CA HIS A 879 -34.64 30.43 -12.74
C HIS A 879 -33.90 31.34 -11.76
N GLU A 880 -33.22 32.37 -12.27
CA GLU A 880 -32.54 33.29 -11.37
C GLU A 880 -33.52 34.20 -10.61
N ILE A 881 -34.67 34.50 -11.21
CA ILE A 881 -35.73 35.23 -10.49
C ILE A 881 -36.26 34.38 -9.35
N GLY A 882 -36.47 33.09 -9.58
CA GLY A 882 -36.86 32.18 -8.52
C GLY A 882 -35.80 32.02 -7.45
N HIS A 883 -34.53 32.06 -7.84
CA HIS A 883 -33.45 32.03 -6.84
C HIS A 883 -33.43 33.31 -6.00
N SER A 884 -33.73 34.45 -6.62
CA SER A 884 -33.81 35.70 -5.87
C SER A 884 -35.13 35.88 -5.14
N LEU A 885 -36.11 34.99 -5.36
CA LEU A 885 -37.38 35.05 -4.66
C LEU A 885 -37.50 33.99 -3.58
N GLY A 886 -36.38 33.40 -3.18
CA GLY A 886 -36.36 32.49 -2.05
C GLY A 886 -36.69 31.04 -2.34
N LEU A 887 -36.56 30.60 -3.58
CA LEU A 887 -36.81 29.21 -3.94
C LEU A 887 -35.48 28.49 -4.16
N TYR A 888 -35.32 27.36 -3.49
CA TYR A 888 -34.11 26.57 -3.64
C TYR A 888 -34.21 25.70 -4.90
N HIS A 889 -33.09 25.03 -5.22
CA HIS A 889 -33.11 24.03 -6.27
C HIS A 889 -33.89 22.81 -5.82
N VAL A 890 -34.45 22.08 -6.80
CA VAL A 890 -35.22 20.88 -6.48
C VAL A 890 -34.31 19.77 -6.01
N PHE A 891 -33.05 19.74 -6.47
CA PHE A 891 -32.08 18.76 -6.05
C PHE A 891 -31.22 19.23 -4.88
N ARG A 892 -31.74 20.17 -4.07
CA ARG A 892 -30.99 20.65 -2.91
C ARG A 892 -30.84 19.55 -1.86
N GLY A 893 -31.88 18.77 -1.65
CA GLY A 893 -31.86 17.70 -0.67
C GLY A 893 -31.16 16.44 -1.12
N ILE A 894 -30.70 16.36 -2.36
CA ILE A 894 -30.00 15.18 -2.85
C ILE A 894 -28.61 15.59 -3.34
N SER A 895 -28.56 16.47 -4.35
CA SER A 895 -27.28 16.86 -4.93
C SER A 895 -26.51 17.83 -4.04
N GLU A 896 -27.19 18.82 -3.45
CA GLU A 896 -26.53 19.82 -2.61
C GLU A 896 -26.46 19.38 -1.16
N ILE A 897 -25.91 18.19 -0.93
CA ILE A 897 -25.74 17.63 0.40
C ILE A 897 -24.27 17.25 0.56
N GLN A 898 -23.58 17.86 1.52
CA GLN A 898 -22.16 17.60 1.70
C GLN A 898 -21.89 16.27 2.39
N SER A 899 -22.83 15.76 3.18
CA SER A 899 -22.64 14.52 3.92
C SER A 899 -24.00 13.96 4.30
N CYS A 900 -24.14 12.64 4.21
CA CYS A 900 -25.42 11.96 4.42
C CYS A 900 -25.89 11.99 5.86
N SER A 901 -25.05 12.42 6.80
CA SER A 901 -25.45 12.63 8.19
C SER A 901 -25.91 14.06 8.46
N ASP A 902 -26.48 14.72 7.44
CA ASP A 902 -26.99 16.07 7.61
C ASP A 902 -28.24 16.05 8.51
N PRO A 903 -28.49 17.15 9.24
CA PRO A 903 -29.74 17.24 10.01
C PRO A 903 -31.00 17.27 9.15
N CYS A 904 -30.89 17.72 7.90
CA CYS A 904 -32.04 17.80 7.02
C CYS A 904 -31.63 17.39 5.60
N MET A 905 -32.39 16.47 5.03
CA MET A 905 -32.05 15.88 3.73
C MET A 905 -33.33 15.36 3.10
N GLU A 906 -33.68 15.87 1.92
CA GLU A 906 -34.98 15.61 1.31
C GLU A 906 -35.00 14.20 0.72
N THR A 907 -35.38 13.23 1.56
CA THR A 907 -35.69 11.90 1.08
C THR A 907 -37.19 11.61 1.03
N GLU A 908 -37.99 12.39 1.76
CA GLU A 908 -39.43 12.35 1.77
C GLU A 908 -39.95 13.78 1.62
N PRO A 909 -41.04 13.99 0.87
CA PRO A 909 -41.58 15.35 0.74
C PRO A 909 -42.12 15.88 2.06
N SER A 910 -41.64 17.07 2.43
CA SER A 910 -41.99 17.67 3.71
C SER A 910 -41.93 19.19 3.58
N PHE A 911 -42.54 19.88 4.54
CA PHE A 911 -42.54 21.32 4.58
C PHE A 911 -41.36 21.91 5.35
N GLU A 912 -40.48 21.07 5.91
CA GLU A 912 -39.33 21.57 6.64
C GLU A 912 -38.06 20.78 6.34
N THR A 913 -38.00 20.11 5.19
CA THR A 913 -36.85 19.29 4.84
C THR A 913 -36.50 19.50 3.38
N GLY A 914 -35.24 19.82 3.11
CA GLY A 914 -34.78 20.02 1.75
C GLY A 914 -35.28 21.30 1.13
N ASP A 915 -36.21 21.18 0.17
CA ASP A 915 -36.78 22.34 -0.50
C ASP A 915 -37.90 22.99 0.30
N LEU A 916 -38.32 22.37 1.41
CA LEU A 916 -39.40 22.85 2.29
C LEU A 916 -40.71 23.04 1.53
N CYS A 917 -41.00 22.12 0.61
CA CYS A 917 -42.26 22.13 -0.13
C CYS A 917 -42.77 20.71 -0.25
N ASN A 918 -44.07 20.53 -0.06
CA ASN A 918 -44.67 19.21 -0.11
C ASN A 918 -44.79 18.71 -1.55
N ASP A 919 -45.03 19.60 -2.51
CA ASP A 919 -45.20 19.19 -3.89
C ASP A 919 -43.88 18.84 -4.56
N THR A 920 -42.76 19.31 -4.03
CA THR A 920 -41.45 19.04 -4.62
C THR A 920 -41.01 17.63 -4.21
N ASN A 921 -41.05 16.70 -5.16
CA ASN A 921 -40.52 15.38 -4.93
C ASN A 921 -38.99 15.43 -4.91
N PRO A 922 -38.34 14.50 -4.20
CA PRO A 922 -36.87 14.42 -4.26
C PRO A 922 -36.39 14.05 -5.65
N ALA A 923 -35.25 14.61 -6.03
CA ALA A 923 -34.71 14.40 -7.38
C ALA A 923 -33.20 14.57 -7.34
N PRO A 924 -32.44 13.77 -8.08
CA PRO A 924 -31.00 13.97 -8.16
C PRO A 924 -30.64 15.05 -9.19
N LYS A 925 -29.34 15.24 -9.38
CA LYS A 925 -28.84 16.23 -10.33
C LYS A 925 -28.83 15.61 -11.72
N HIS A 926 -29.79 15.99 -12.56
CA HIS A 926 -29.94 15.43 -13.89
C HIS A 926 -29.97 16.55 -14.92
N LYS A 927 -29.31 16.33 -16.05
CA LYS A 927 -29.25 17.31 -17.13
C LYS A 927 -30.28 17.04 -18.22
N SER A 928 -30.50 15.78 -18.57
CA SER A 928 -31.48 15.44 -19.59
C SER A 928 -32.90 15.54 -19.02
N CYS A 929 -33.83 15.96 -19.88
CA CYS A 929 -35.21 16.06 -19.47
C CYS A 929 -35.83 14.67 -19.34
N GLY A 930 -36.85 14.58 -18.50
CA GLY A 930 -37.48 13.30 -18.18
C GLY A 930 -36.95 12.73 -16.87
N ASP A 931 -37.45 11.55 -16.56
CA ASP A 931 -37.07 10.87 -15.32
C ASP A 931 -35.66 10.31 -15.45
N PRO A 932 -34.73 10.68 -14.56
CA PRO A 932 -33.37 10.16 -14.65
C PRO A 932 -33.29 8.72 -14.16
N GLY A 933 -32.24 8.03 -14.64
CA GLY A 933 -32.01 6.65 -14.29
C GLY A 933 -31.35 6.51 -12.93
N PRO A 934 -31.21 5.27 -12.49
CA PRO A 934 -30.58 5.02 -11.19
C PRO A 934 -29.07 5.21 -11.25
N GLY A 935 -28.48 5.30 -10.06
CA GLY A 935 -27.04 5.48 -9.98
C GLY A 935 -26.57 5.37 -8.55
N ASN A 936 -25.25 5.45 -8.38
CA ASN A 936 -24.61 5.39 -7.07
C ASN A 936 -24.38 6.76 -6.46
N ASP A 937 -24.84 7.83 -7.14
CA ASP A 937 -24.64 9.18 -6.63
C ASP A 937 -25.51 9.45 -5.41
N THR A 938 -26.74 8.92 -5.41
CA THR A 938 -27.65 9.13 -4.29
C THR A 938 -27.23 8.30 -3.09
N CYS A 939 -27.36 8.88 -1.90
CA CYS A 939 -26.90 8.25 -0.67
C CYS A 939 -27.99 7.50 0.07
N GLY A 940 -29.26 7.81 -0.17
CA GLY A 940 -30.33 7.23 0.62
C GLY A 940 -31.52 6.73 -0.17
N PHE A 941 -31.40 6.67 -1.49
CA PHE A 941 -32.49 6.20 -2.34
C PHE A 941 -31.90 5.66 -3.63
N HIS A 942 -32.70 4.88 -4.35
CA HIS A 942 -32.28 4.32 -5.63
C HIS A 942 -33.30 4.47 -6.75
N SER A 943 -34.59 4.60 -6.45
CA SER A 943 -35.63 4.73 -7.47
C SER A 943 -36.46 5.96 -7.18
N PHE A 944 -36.60 6.83 -8.19
CA PHE A 944 -37.34 8.07 -8.06
C PHE A 944 -38.48 8.10 -9.07
N PHE A 945 -39.66 8.47 -8.61
CA PHE A 945 -40.85 8.55 -9.46
C PHE A 945 -41.48 9.93 -9.30
N ASN A 946 -42.16 10.36 -10.37
CA ASN A 946 -42.77 11.69 -10.49
C ASN A 946 -41.75 12.80 -10.25
N THR A 947 -40.66 12.74 -10.99
CA THR A 947 -39.61 13.75 -10.89
C THR A 947 -40.11 15.07 -11.50
N PRO A 948 -40.05 16.18 -10.76
CA PRO A 948 -40.56 17.47 -11.29
C PRO A 948 -39.60 18.14 -12.28
N TYR A 949 -39.55 17.59 -13.50
CA TYR A 949 -38.75 18.23 -14.55
C TYR A 949 -39.46 19.40 -15.19
N ASN A 950 -40.78 19.54 -14.99
CA ASN A 950 -41.49 20.70 -15.48
C ASN A 950 -41.19 21.96 -14.67
N ASN A 951 -40.70 21.80 -13.44
CA ASN A 951 -40.36 22.93 -12.60
C ASN A 951 -39.09 23.61 -13.13
N PHE A 952 -39.01 24.92 -12.89
CA PHE A 952 -37.89 25.70 -13.42
C PHE A 952 -36.58 25.47 -12.67
N MET A 953 -36.65 24.89 -11.47
CA MET A 953 -35.45 24.72 -10.64
C MET A 953 -34.59 23.55 -11.07
N SER A 954 -35.06 22.72 -12.00
CA SER A 954 -34.24 21.64 -12.52
C SER A 954 -33.21 22.18 -13.51
N TYR A 955 -32.24 21.34 -13.87
CA TYR A 955 -31.21 21.69 -14.83
C TYR A 955 -31.53 21.16 -16.23
N ALA A 956 -32.81 21.09 -16.58
CA ALA A 956 -33.24 20.66 -17.90
C ALA A 956 -33.13 21.84 -18.88
N ASP A 957 -33.60 21.63 -20.11
CA ASP A 957 -33.48 22.64 -21.16
C ASP A 957 -34.60 23.65 -21.05
N ASP A 958 -34.71 24.53 -22.05
CA ASP A 958 -35.70 25.61 -22.00
C ASP A 958 -37.11 25.10 -22.26
N ASP A 959 -37.25 24.08 -23.12
CA ASP A 959 -38.58 23.61 -23.49
C ASP A 959 -39.25 22.78 -22.39
N CYS A 960 -38.47 22.08 -21.57
CA CYS A 960 -39.05 21.25 -20.53
C CYS A 960 -39.39 22.01 -19.25
N THR A 961 -38.99 23.28 -19.14
CA THR A 961 -39.32 24.11 -17.99
C THR A 961 -40.48 25.02 -18.38
N ASP A 962 -41.65 24.76 -17.83
CA ASP A 962 -42.82 25.52 -18.25
C ASP A 962 -43.62 26.12 -17.09
N SER A 963 -43.72 25.43 -15.95
CA SER A 963 -44.59 25.88 -14.87
C SER A 963 -43.95 25.59 -13.53
N PHE A 964 -44.42 26.32 -12.52
CA PHE A 964 -44.01 26.14 -11.14
C PHE A 964 -45.01 25.25 -10.41
N THR A 965 -44.53 24.58 -9.36
CA THR A 965 -45.43 23.86 -8.47
C THR A 965 -46.24 24.84 -7.64
N PRO A 966 -47.48 24.48 -7.25
CA PRO A 966 -48.27 25.41 -6.42
C PRO A 966 -47.73 25.63 -5.02
N ASN A 967 -46.85 24.78 -4.51
CA ASN A 967 -46.22 25.02 -3.22
C ASN A 967 -45.10 26.04 -3.28
N GLN A 968 -44.59 26.36 -4.48
CA GLN A 968 -43.50 27.32 -4.62
C GLN A 968 -44.00 28.73 -4.92
N VAL A 969 -45.30 28.91 -5.16
CA VAL A 969 -45.82 30.25 -5.36
C VAL A 969 -46.10 30.91 -4.02
N ALA A 970 -46.39 30.12 -2.98
CA ALA A 970 -46.62 30.66 -1.64
C ALA A 970 -45.36 31.26 -1.06
N ARG A 971 -44.20 30.65 -1.34
CA ARG A 971 -42.93 31.21 -0.88
C ARG A 971 -42.63 32.55 -1.56
N MET A 972 -42.96 32.65 -2.85
CA MET A 972 -42.78 33.91 -3.57
C MET A 972 -43.72 35.00 -3.02
N HIS A 973 -44.98 34.64 -2.78
CA HIS A 973 -45.93 35.60 -2.22
C HIS A 973 -45.60 35.97 -0.78
N CYS A 974 -44.88 35.11 -0.05
CA CYS A 974 -44.45 35.46 1.28
C CYS A 974 -43.21 36.35 1.25
N TYR A 975 -42.25 36.04 0.38
CA TYR A 975 -41.03 36.83 0.31
C TYR A 975 -41.25 38.19 -0.36
N LEU A 976 -42.33 38.36 -1.12
CA LEU A 976 -42.65 39.69 -1.61
C LEU A 976 -43.18 40.60 -0.51
N ASP A 977 -43.64 40.04 0.60
CA ASP A 977 -44.07 40.82 1.75
C ASP A 977 -43.03 40.89 2.86
N LEU A 978 -42.16 39.89 2.97
CA LEU A 978 -41.21 39.81 4.07
C LEU A 978 -40.04 40.76 3.87
N VAL A 979 -39.27 40.56 2.80
CA VAL A 979 -38.07 41.35 2.56
C VAL A 979 -38.31 42.35 1.45
N TYR A 980 -39.18 42.03 0.51
CA TYR A 980 -39.39 42.80 -0.71
C TYR A 980 -40.59 43.73 -0.61
N GLN A 981 -40.81 44.31 0.57
CA GLN A 981 -41.94 45.23 0.75
C GLN A 981 -41.75 46.52 -0.04
N GLY A 982 -40.52 47.03 -0.08
CA GLY A 982 -40.26 48.29 -0.76
C GLY A 982 -40.26 48.25 -2.27
N TRP A 983 -40.20 47.04 -2.87
CA TRP A 983 -40.19 46.95 -4.32
C TRP A 983 -41.56 47.20 -4.91
N GLN A 984 -42.61 46.68 -4.28
CA GLN A 984 -43.96 46.89 -4.79
C GLN A 984 -44.44 48.30 -4.43
N PRO A 985 -45.01 49.05 -5.38
CA PRO A 985 -45.52 50.38 -5.07
C PRO A 985 -46.91 50.39 -4.43
N SER A 986 -47.47 49.23 -4.12
CA SER A 986 -48.78 49.16 -3.49
C SER A 986 -48.69 49.63 -2.04
N ARG A 987 -49.73 50.32 -1.59
CA ARG A 987 -49.77 50.89 -0.25
C ARG A 987 -50.38 49.94 0.78
N LYS A 988 -50.75 48.73 0.38
CA LYS A 988 -51.31 47.77 1.33
C LYS A 988 -50.22 47.24 2.25
N PRO A 989 -50.38 47.32 3.57
CA PRO A 989 -49.36 46.80 4.48
C PRO A 989 -49.35 45.28 4.49
N ALA A 990 -48.31 44.73 5.10
CA ALA A 990 -48.18 43.29 5.21
C ALA A 990 -49.20 42.75 6.21
N PRO A 991 -49.97 41.73 5.86
CA PRO A 991 -50.98 41.19 6.78
C PRO A 991 -50.35 40.31 7.86
N VAL A 992 -51.15 40.07 8.90
CA VAL A 992 -50.75 39.18 9.98
C VAL A 992 -50.89 37.75 9.46
N ALA A 993 -49.76 37.06 9.30
CA ALA A 993 -49.73 35.76 8.64
C ALA A 993 -50.08 34.60 9.57
N LEU A 994 -50.31 34.86 10.85
CA LEU A 994 -50.63 33.81 11.80
C LEU A 994 -51.98 34.11 12.45
N ALA A 995 -52.76 33.04 12.67
CA ALA A 995 -54.06 33.17 13.29
C ALA A 995 -53.91 33.57 14.75
N PRO A 996 -54.83 34.39 15.28
CA PRO A 996 -54.79 34.74 16.70
C PRO A 996 -55.09 33.54 17.58
N GLN A 997 -54.49 33.55 18.77
CA GLN A 997 -54.67 32.49 19.75
C GLN A 997 -55.47 33.00 20.94
N VAL A 998 -56.29 32.12 21.50
CA VAL A 998 -57.07 32.44 22.69
C VAL A 998 -56.16 32.28 23.91
N LEU A 999 -56.01 33.35 24.68
CA LEU A 999 -55.15 33.32 25.86
C LEU A 999 -55.90 32.97 27.13
N GLY A 1000 -57.05 33.61 27.37
CA GLY A 1000 -57.83 33.30 28.55
C GLY A 1000 -59.31 33.44 28.27
N HIS A 1001 -60.11 32.85 29.16
CA HIS A 1001 -61.54 32.97 29.06
C HIS A 1001 -62.17 32.86 30.44
N THR A 1002 -63.38 33.40 30.57
CA THR A 1002 -64.18 33.28 31.78
C THR A 1002 -65.63 33.14 31.35
N THR A 1003 -66.54 33.33 32.31
CA THR A 1003 -67.97 33.21 32.03
C THR A 1003 -68.53 34.39 31.26
N ASP A 1004 -67.79 35.49 31.14
CA ASP A 1004 -68.30 36.69 30.49
C ASP A 1004 -67.45 37.15 29.32
N SER A 1005 -66.13 37.02 29.42
CA SER A 1005 -65.23 37.62 28.44
C SER A 1005 -64.16 36.61 28.02
N VAL A 1006 -63.62 36.84 26.82
CA VAL A 1006 -62.52 36.04 26.29
C VAL A 1006 -61.40 36.98 25.89
N THR A 1007 -60.20 36.74 26.43
CA THR A 1007 -59.02 37.56 26.18
C THR A 1007 -58.13 36.85 25.17
N LEU A 1008 -57.82 37.53 24.07
CA LEU A 1008 -57.02 36.93 23.02
C LEU A 1008 -56.02 37.94 22.47
N GLU A 1009 -55.00 37.41 21.80
CA GLU A 1009 -53.95 38.22 21.19
C GLU A 1009 -53.55 37.61 19.86
N TRP A 1010 -52.88 38.41 19.05
CA TRP A 1010 -52.37 37.97 17.75
C TRP A 1010 -50.92 38.39 17.59
N PHE A 1011 -50.25 37.75 16.64
CA PHE A 1011 -48.86 38.03 16.36
C PHE A 1011 -48.71 39.41 15.69
N PRO A 1012 -47.53 40.02 15.81
CA PRO A 1012 -47.22 41.19 14.97
C PRO A 1012 -47.12 40.79 13.50
N PRO A 1013 -47.33 41.73 12.58
CA PRO A 1013 -47.33 41.37 11.15
C PRO A 1013 -45.97 40.93 10.65
N ILE A 1014 -45.99 40.20 9.54
CA ILE A 1014 -44.83 39.43 9.10
C ILE A 1014 -43.70 40.31 8.58
N ASP A 1015 -43.95 41.58 8.26
CA ASP A 1015 -42.88 42.47 7.85
C ASP A 1015 -42.01 42.89 9.02
N GLY A 1016 -42.51 42.78 10.25
CA GLY A 1016 -41.77 43.16 11.43
C GLY A 1016 -41.81 44.63 11.77
N HIS A 1017 -42.46 45.46 10.95
CA HIS A 1017 -42.52 46.88 11.20
C HIS A 1017 -43.67 47.20 12.15
N PHE A 1018 -43.35 47.90 13.23
CA PHE A 1018 -44.34 48.29 14.23
C PHE A 1018 -44.82 49.71 14.05
N PHE A 1019 -44.46 50.36 12.94
CA PHE A 1019 -44.86 51.73 12.68
C PHE A 1019 -45.21 51.86 11.20
N GLU A 1020 -45.67 53.05 10.83
CA GLU A 1020 -46.09 53.30 9.45
C GLU A 1020 -44.88 53.36 8.52
N ARG A 1021 -44.99 52.70 7.37
CA ARG A 1021 -43.90 52.62 6.41
C ARG A 1021 -43.76 53.97 5.71
N GLU A 1022 -42.87 54.81 6.22
CA GLU A 1022 -42.60 56.13 5.65
C GLU A 1022 -41.17 56.18 5.15
N LEU A 1023 -41.00 56.51 3.88
CA LEU A 1023 -39.67 56.63 3.30
C LEU A 1023 -38.99 57.90 3.78
N GLY A 1024 -37.66 57.88 3.73
CA GLY A 1024 -36.86 59.01 4.16
C GLY A 1024 -36.92 59.30 5.64
N SER A 1025 -36.96 58.27 6.47
CA SER A 1025 -37.02 58.43 7.91
C SER A 1025 -36.40 57.20 8.56
N ALA A 1026 -36.38 57.20 9.90
CA ALA A 1026 -35.84 56.11 10.68
C ALA A 1026 -36.93 55.20 11.23
N CYS A 1027 -38.15 55.31 10.70
CA CYS A 1027 -39.28 54.55 11.21
C CYS A 1027 -39.22 53.07 10.87
N HIS A 1028 -38.39 52.66 9.92
CA HIS A 1028 -38.28 51.26 9.53
C HIS A 1028 -37.36 50.46 10.45
N LEU A 1029 -36.67 51.11 11.38
CA LEU A 1029 -35.81 50.42 12.32
C LEU A 1029 -36.28 50.52 13.76
N CYS A 1030 -37.37 51.24 14.02
CA CYS A 1030 -37.93 51.30 15.36
C CYS A 1030 -38.63 49.98 15.70
N LEU A 1031 -38.74 49.72 17.00
CA LEU A 1031 -39.42 48.53 17.50
C LEU A 1031 -40.58 48.96 18.40
N GLU A 1032 -41.30 47.96 18.91
CA GLU A 1032 -42.48 48.21 19.73
C GLU A 1032 -42.05 48.68 21.11
N GLY A 1033 -42.37 49.92 21.44
CA GLY A 1033 -41.97 50.52 22.68
C GLY A 1033 -40.96 51.66 22.56
N ARG A 1034 -40.88 52.30 21.39
CA ARG A 1034 -39.93 53.39 21.09
C ARG A 1034 -38.48 52.96 21.32
N ILE A 1035 -38.11 51.84 20.73
CA ILE A 1035 -36.76 51.28 20.85
C ILE A 1035 -36.17 51.21 19.45
N LEU A 1036 -35.00 51.82 19.28
CA LEU A 1036 -34.32 51.86 17.99
C LEU A 1036 -33.18 50.85 17.99
N VAL A 1037 -33.16 49.97 16.99
CA VAL A 1037 -32.14 48.96 16.85
C VAL A 1037 -31.50 49.13 15.48
N GLN A 1038 -30.18 49.33 15.45
CA GLN A 1038 -29.47 49.57 14.20
C GLN A 1038 -28.18 48.78 14.15
N TYR A 1039 -27.80 48.40 12.95
CA TYR A 1039 -26.55 47.72 12.68
C TYR A 1039 -25.51 48.73 12.21
N ALA A 1040 -24.33 48.21 11.85
CA ALA A 1040 -23.24 49.09 11.42
C ALA A 1040 -23.49 49.58 9.99
N SER A 1041 -23.50 50.90 9.82
CA SER A 1041 -23.66 51.46 8.49
C SER A 1041 -22.34 51.57 7.75
N ASN A 1042 -21.27 51.97 8.43
CA ASN A 1042 -19.95 52.13 7.85
C ASN A 1042 -18.92 51.42 8.69
N ALA A 1043 -17.95 50.78 8.04
CA ALA A 1043 -16.91 50.04 8.72
C ALA A 1043 -15.55 50.44 8.14
N SER A 1044 -14.59 50.71 9.03
CA SER A 1044 -13.25 51.10 8.62
C SER A 1044 -12.21 50.45 9.55
N SER A 1045 -11.03 50.20 9.00
CA SER A 1045 -9.93 49.62 9.74
C SER A 1045 -8.63 50.00 9.05
N PRO A 1046 -7.55 50.25 9.79
CA PRO A 1046 -6.27 50.55 9.13
C PRO A 1046 -5.68 49.32 8.46
N MET A 1047 -4.96 49.56 7.38
CA MET A 1047 -4.24 48.49 6.72
C MET A 1047 -3.06 48.06 7.59
N PRO A 1048 -2.76 46.77 7.66
CA PRO A 1048 -1.66 46.32 8.53
C PRO A 1048 -0.29 46.49 7.90
N CYS A 1049 -0.20 46.45 6.58
CA CYS A 1049 1.06 46.61 5.88
C CYS A 1049 1.32 48.05 5.47
N SER A 1050 0.44 48.98 5.81
CA SER A 1050 0.59 50.38 5.46
C SER A 1050 0.40 51.23 6.71
N PRO A 1051 1.09 52.37 6.81
CA PRO A 1051 0.92 53.22 7.99
C PRO A 1051 -0.42 53.94 8.02
N SER A 1052 -0.90 54.41 6.88
CA SER A 1052 -2.15 55.17 6.81
C SER A 1052 -3.02 54.66 5.65
N GLY A 1053 -3.17 53.34 5.57
CA GLY A 1053 -3.94 52.73 4.50
C GLY A 1053 -5.44 52.94 4.63
N HIS A 1054 -6.00 52.49 5.75
CA HIS A 1054 -7.42 52.66 6.11
C HIS A 1054 -8.35 52.02 5.07
N TRP A 1055 -8.25 50.71 4.94
CA TRP A 1055 -9.15 49.98 4.06
C TRP A 1055 -10.54 49.90 4.67
N SER A 1056 -11.54 49.70 3.82
CA SER A 1056 -12.92 49.67 4.27
C SER A 1056 -13.48 48.25 4.19
N PRO A 1057 -13.66 47.56 5.31
CA PRO A 1057 -14.32 46.26 5.28
C PRO A 1057 -15.81 46.41 5.03
N ARG A 1058 -16.40 45.33 4.52
CA ARG A 1058 -17.81 45.32 4.15
C ARG A 1058 -18.61 44.25 4.87
N GLU A 1059 -17.98 43.14 5.27
CA GLU A 1059 -18.68 42.02 5.88
C GLU A 1059 -19.12 42.28 7.31
N ALA A 1060 -18.65 43.36 7.93
CA ALA A 1060 -18.99 43.69 9.31
C ALA A 1060 -20.01 44.81 9.41
N GLU A 1061 -20.85 44.98 8.39
CA GLU A 1061 -21.84 46.05 8.39
C GLU A 1061 -23.24 45.57 8.77
N GLY A 1062 -23.78 44.63 7.99
CA GLY A 1062 -25.19 44.29 8.08
C GLY A 1062 -25.54 43.38 9.24
N HIS A 1063 -26.70 42.75 9.13
CA HIS A 1063 -27.15 41.81 10.14
C HIS A 1063 -26.28 40.55 10.09
N PRO A 1064 -26.10 39.87 11.23
CA PRO A 1064 -25.21 38.69 11.25
C PRO A 1064 -25.79 37.52 10.48
N ASP A 1065 -25.03 37.04 9.49
CA ASP A 1065 -25.46 35.97 8.60
C ASP A 1065 -24.32 34.98 8.43
N VAL A 1066 -24.25 33.98 9.31
CA VAL A 1066 -23.28 32.89 9.21
C VAL A 1066 -24.04 31.57 9.38
N GLU A 1067 -23.75 30.62 8.49
CA GLU A 1067 -24.43 29.32 8.57
C GLU A 1067 -23.93 28.50 9.75
N GLN A 1068 -22.62 28.49 9.99
CA GLN A 1068 -22.04 27.81 11.13
C GLN A 1068 -21.50 28.83 12.10
N PRO A 1069 -22.02 28.91 13.32
CA PRO A 1069 -21.62 29.98 14.24
C PRO A 1069 -20.24 29.79 14.86
N CYS A 1070 -19.62 28.61 14.74
CA CYS A 1070 -18.31 28.37 15.31
C CYS A 1070 -17.24 28.00 14.29
N LYS A 1071 -17.61 27.47 13.14
CA LYS A 1071 -16.64 27.23 12.08
C LYS A 1071 -16.22 28.55 11.46
N SER A 1072 -14.94 28.63 11.07
CA SER A 1072 -14.42 29.86 10.45
C SER A 1072 -15.04 30.05 9.07
N SER A 1073 -15.52 31.25 8.80
CA SER A 1073 -16.23 31.56 7.58
C SER A 1073 -15.57 32.74 6.87
N VAL A 1074 -16.16 33.15 5.76
CA VAL A 1074 -15.61 34.22 4.93
C VAL A 1074 -16.43 35.51 5.03
N ARG A 1075 -17.62 35.47 5.63
CA ARG A 1075 -18.47 36.65 5.76
C ARG A 1075 -18.20 37.43 7.05
N THR A 1076 -16.99 37.34 7.59
CA THR A 1076 -16.62 38.02 8.82
C THR A 1076 -15.35 38.82 8.59
N TRP A 1077 -15.16 39.84 9.42
CA TRP A 1077 -13.94 40.65 9.38
C TRP A 1077 -12.84 39.96 10.17
N SER A 1078 -11.65 39.92 9.60
CA SER A 1078 -10.49 39.37 10.29
C SER A 1078 -9.31 40.31 10.17
N PRO A 1079 -8.46 40.39 11.19
CA PRO A 1079 -7.25 41.23 11.07
C PRO A 1079 -6.27 40.74 10.04
N ASN A 1080 -6.18 39.43 9.81
CA ASN A 1080 -5.26 38.87 8.83
C ASN A 1080 -5.91 38.65 7.47
N SER A 1081 -7.19 38.95 7.30
CA SER A 1081 -7.84 38.87 6.00
C SER A 1081 -7.68 40.15 5.19
N ALA A 1082 -7.15 41.22 5.79
CA ALA A 1082 -6.96 42.47 5.09
C ALA A 1082 -5.72 42.49 4.21
N VAL A 1083 -4.86 41.48 4.31
CA VAL A 1083 -3.62 41.44 3.55
C VAL A 1083 -3.89 40.83 2.18
N ASN A 1084 -2.91 41.02 1.29
CA ASN A 1084 -2.92 40.36 0.00
C ASN A 1084 -2.73 38.86 0.19
N PRO A 1085 -3.33 38.03 -0.68
CA PRO A 1085 -3.10 36.58 -0.61
C PRO A 1085 -1.65 36.15 -0.87
N HIS A 1086 -0.84 36.98 -1.52
CA HIS A 1086 0.58 36.71 -1.71
C HIS A 1086 1.46 37.45 -0.72
N THR A 1087 0.91 37.85 0.43
CA THR A 1087 1.64 38.61 1.43
C THR A 1087 1.40 37.98 2.79
N VAL A 1088 2.48 37.77 3.54
CA VAL A 1088 2.38 37.21 4.90
C VAL A 1088 1.72 38.23 5.82
N PRO A 1089 0.68 37.86 6.55
CA PRO A 1089 0.00 38.81 7.44
C PRO A 1089 0.86 39.14 8.65
N PRO A 1090 1.03 40.42 8.97
CA PRO A 1090 1.81 40.79 10.16
C PRO A 1090 1.03 40.61 11.44
N ALA A 1091 1.77 40.36 12.51
CA ALA A 1091 1.17 40.30 13.83
C ALA A 1091 0.81 41.70 14.33
N CYS A 1092 -0.31 41.79 15.03
CA CYS A 1092 -0.75 43.07 15.56
C CYS A 1092 0.17 43.52 16.69
N PRO A 1093 0.27 44.84 16.93
CA PRO A 1093 1.20 45.34 17.95
C PRO A 1093 0.79 44.94 19.36
N GLU A 1094 1.75 45.13 20.29
CA GLU A 1094 1.56 44.63 21.65
C GLU A 1094 0.54 45.43 22.48
N PRO A 1095 0.72 46.75 22.74
CA PRO A 1095 -0.07 47.36 23.82
C PRO A 1095 -1.53 47.63 23.51
N GLN A 1096 -1.93 47.67 22.23
CA GLN A 1096 -3.33 47.89 21.91
C GLN A 1096 -3.86 46.86 20.93
N GLY A 1097 -2.98 46.29 20.10
CA GLY A 1097 -3.40 45.36 19.10
C GLY A 1097 -4.09 46.03 17.93
N CYS A 1098 -4.62 45.20 17.03
CA CYS A 1098 -5.39 45.71 15.91
C CYS A 1098 -6.75 46.18 16.41
N TYR A 1099 -7.44 46.96 15.58
CA TYR A 1099 -8.77 47.41 15.97
C TYR A 1099 -9.65 47.56 14.75
N LEU A 1100 -10.96 47.39 14.97
CA LEU A 1100 -11.97 47.58 13.95
C LEU A 1100 -12.88 48.72 14.36
N GLU A 1101 -13.04 49.71 13.48
CA GLU A 1101 -13.82 50.90 13.75
C GLU A 1101 -15.13 50.82 12.98
N LEU A 1102 -16.24 50.69 13.71
CA LEU A 1102 -17.57 50.67 13.12
C LEU A 1102 -18.27 52.00 13.35
N GLU A 1103 -19.11 52.37 12.40
CA GLU A 1103 -19.87 53.62 12.45
C GLU A 1103 -21.35 53.30 12.28
N PHE A 1104 -22.19 53.88 13.11
CA PHE A 1104 -23.63 53.71 13.04
C PHE A 1104 -24.26 54.92 12.36
N LEU A 1105 -25.39 54.67 11.68
CA LEU A 1105 -25.99 55.70 10.85
C LEU A 1105 -26.66 56.79 11.68
N TYR A 1106 -27.41 56.41 12.70
CA TYR A 1106 -28.13 57.39 13.52
C TYR A 1106 -27.48 57.50 14.89
N PRO A 1107 -26.82 58.62 15.20
CA PRO A 1107 -26.20 58.76 16.52
C PRO A 1107 -27.22 58.92 17.63
N LEU A 1108 -27.34 57.90 18.47
CA LEU A 1108 -28.32 57.87 19.55
C LEU A 1108 -27.63 57.60 20.87
N VAL A 1109 -28.35 57.87 21.95
CA VAL A 1109 -27.89 57.50 23.29
C VAL A 1109 -28.02 55.99 23.40
N PRO A 1110 -26.94 55.25 23.62
CA PRO A 1110 -27.03 53.80 23.59
C PRO A 1110 -27.51 53.24 24.93
N GLU A 1111 -28.13 52.06 24.84
CA GLU A 1111 -28.46 51.27 26.02
C GLU A 1111 -27.69 49.97 26.08
N SER A 1112 -27.58 49.25 24.96
CA SER A 1112 -26.80 48.01 24.97
C SER A 1112 -26.15 47.81 23.60
N LEU A 1113 -25.09 47.01 23.60
CA LEU A 1113 -24.32 46.73 22.39
C LEU A 1113 -24.15 45.22 22.27
N THR A 1114 -24.56 44.65 21.15
CA THR A 1114 -24.41 43.23 20.89
C THR A 1114 -23.49 43.03 19.70
N ILE A 1115 -22.41 42.26 19.91
CA ILE A 1115 -21.39 42.02 18.90
C ILE A 1115 -21.32 40.52 18.65
N TRP A 1116 -21.40 40.12 17.38
CA TRP A 1116 -21.40 38.71 17.01
C TRP A 1116 -19.98 38.27 16.73
N VAL A 1117 -19.28 37.82 17.77
CA VAL A 1117 -17.97 37.20 17.60
C VAL A 1117 -18.19 35.77 17.14
N THR A 1118 -17.68 35.44 15.96
CA THR A 1118 -17.98 34.15 15.35
C THR A 1118 -16.94 33.08 15.69
N PHE A 1119 -15.69 33.30 15.29
CA PHE A 1119 -14.64 32.31 15.44
C PHE A 1119 -13.53 32.86 16.31
N VAL A 1120 -13.13 32.07 17.32
CA VAL A 1120 -12.01 32.42 18.18
C VAL A 1120 -10.94 31.35 18.00
N SER A 1121 -9.69 31.72 18.30
CA SER A 1121 -8.61 30.75 18.30
C SER A 1121 -8.72 29.81 19.50
N THR A 1122 -8.03 28.68 19.40
CA THR A 1122 -8.12 27.65 20.44
C THR A 1122 -7.44 28.11 21.73
N ASP A 1123 -6.33 28.83 21.63
CA ASP A 1123 -5.59 29.31 22.78
C ASP A 1123 -5.40 30.81 22.68
N TRP A 1124 -5.45 31.47 23.83
CA TRP A 1124 -5.29 32.92 23.91
C TRP A 1124 -4.38 33.27 25.07
N ASP A 1125 -3.78 34.46 24.99
CA ASP A 1125 -2.91 34.94 26.06
C ASP A 1125 -3.73 35.47 27.23
N SER A 1126 -4.54 36.50 26.97
CA SER A 1126 -5.40 37.06 27.99
C SER A 1126 -6.68 36.23 28.12
N SER A 1127 -7.44 36.50 29.19
CA SER A 1127 -8.67 35.76 29.45
C SER A 1127 -9.75 36.10 28.43
N GLY A 1128 -9.81 37.36 28.01
CA GLY A 1128 -10.78 37.79 27.02
C GLY A 1128 -10.14 37.97 25.65
N ALA A 1129 -10.85 37.51 24.63
CA ALA A 1129 -10.34 37.66 23.27
C ALA A 1129 -10.43 39.10 22.80
N VAL A 1130 -11.54 39.77 23.07
CA VAL A 1130 -11.66 41.20 22.81
C VAL A 1130 -10.85 41.93 23.86
N ASN A 1131 -9.79 42.61 23.42
CA ASN A 1131 -8.89 43.26 24.36
C ASN A 1131 -9.50 44.51 24.96
N ASP A 1132 -10.17 45.32 24.14
CA ASP A 1132 -10.71 46.59 24.62
C ASP A 1132 -11.87 47.00 23.72
N ILE A 1133 -12.76 47.81 24.26
CA ILE A 1133 -13.87 48.40 23.50
C ILE A 1133 -13.94 49.87 23.84
N LYS A 1134 -13.87 50.72 22.81
CA LYS A 1134 -13.96 52.17 22.98
C LYS A 1134 -15.19 52.69 22.24
N LEU A 1135 -16.04 53.40 22.96
CA LEU A 1135 -17.20 54.05 22.37
C LEU A 1135 -16.81 55.46 21.96
N LEU A 1136 -16.98 55.75 20.67
CA LEU A 1136 -16.76 57.10 20.17
C LEU A 1136 -17.93 58.00 20.56
N ALA A 1137 -17.69 59.31 20.52
CA ALA A 1137 -18.68 60.28 20.92
C ALA A 1137 -18.57 61.52 20.03
N VAL A 1138 -19.66 62.30 20.01
CA VAL A 1138 -19.67 63.53 19.24
C VAL A 1138 -18.84 64.63 19.91
N SER A 1139 -18.55 64.48 21.20
CA SER A 1139 -17.74 65.44 21.94
C SER A 1139 -16.25 65.09 21.92
N GLY A 1140 -15.87 63.98 21.27
CA GLY A 1140 -14.50 63.55 21.21
C GLY A 1140 -14.02 62.75 22.40
N LYS A 1141 -14.91 62.45 23.35
CA LYS A 1141 -14.54 61.69 24.55
C LYS A 1141 -14.68 60.20 24.26
N ASN A 1142 -13.56 59.50 24.19
CA ASN A 1142 -13.57 58.05 23.97
C ASN A 1142 -13.87 57.35 25.29
N ILE A 1143 -15.05 56.73 25.39
CA ILE A 1143 -15.42 56.02 26.61
C ILE A 1143 -14.85 54.61 26.53
N SER A 1144 -14.01 54.25 27.50
CA SER A 1144 -13.33 52.96 27.48
C SER A 1144 -14.09 51.94 28.32
N LEU A 1145 -14.01 50.68 27.91
CA LEU A 1145 -14.58 49.56 28.64
C LEU A 1145 -13.51 48.50 28.82
N GLY A 1146 -13.72 47.64 29.81
CA GLY A 1146 -12.79 46.55 30.07
C GLY A 1146 -12.93 45.45 29.04
N PRO A 1147 -12.00 44.50 29.06
CA PRO A 1147 -12.11 43.34 28.17
C PRO A 1147 -13.25 42.42 28.59
N GLN A 1148 -13.80 41.70 27.62
CA GLN A 1148 -14.87 40.75 27.87
C GLN A 1148 -14.53 39.40 27.25
N ASN A 1149 -15.01 38.34 27.90
CA ASN A 1149 -14.85 36.99 27.39
C ASN A 1149 -15.97 36.72 26.39
N VAL A 1150 -15.60 36.21 25.22
CA VAL A 1150 -16.57 35.93 24.16
C VAL A 1150 -16.67 34.43 23.97
N PHE A 1151 -17.80 34.01 23.41
CA PHE A 1151 -18.06 32.62 23.07
C PHE A 1151 -18.17 32.46 21.57
N CYS A 1152 -18.07 31.20 21.14
CA CYS A 1152 -18.14 30.89 19.71
C CYS A 1152 -19.55 31.08 19.19
N ASP A 1153 -20.55 30.52 19.88
CA ASP A 1153 -21.92 30.53 19.41
C ASP A 1153 -22.69 31.75 19.89
N VAL A 1154 -22.72 31.95 21.20
CA VAL A 1154 -23.53 33.02 21.80
C VAL A 1154 -22.87 34.38 21.53
N PRO A 1155 -23.60 35.34 20.97
CA PRO A 1155 -23.01 36.65 20.74
C PRO A 1155 -22.78 37.43 22.02
N LEU A 1156 -21.73 38.24 22.01
CA LEU A 1156 -21.40 39.08 23.16
C LEU A 1156 -22.43 40.19 23.32
N THR A 1157 -22.84 40.44 24.57
CA THR A 1157 -23.80 41.48 24.88
C THR A 1157 -23.28 42.30 26.06
N ILE A 1158 -23.25 43.63 25.91
CA ILE A 1158 -22.77 44.53 26.94
C ILE A 1158 -23.84 45.57 27.23
N ARG A 1159 -24.18 45.73 28.50
CA ARG A 1159 -25.11 46.76 28.95
C ARG A 1159 -24.31 47.99 29.39
N LEU A 1160 -24.72 49.15 28.90
CA LEU A 1160 -23.98 50.40 29.12
C LEU A 1160 -24.70 51.26 30.15
N TRP A 1161 -23.95 51.72 31.15
CA TRP A 1161 -24.45 52.62 32.17
C TRP A 1161 -23.80 53.99 32.04
N ASP A 1162 -24.56 55.01 32.49
CA ASP A 1162 -24.15 56.43 32.60
C ASP A 1162 -23.49 57.00 31.34
N VAL A 1163 -23.89 56.50 30.17
CA VAL A 1163 -23.39 57.03 28.90
C VAL A 1163 -24.32 58.20 28.54
N GLY A 1164 -23.94 59.40 28.98
CA GLY A 1164 -24.70 60.60 28.70
C GLY A 1164 -24.44 61.24 27.37
N GLU A 1165 -23.52 60.70 26.58
CA GLU A 1165 -23.16 61.25 25.28
C GLU A 1165 -23.59 60.29 24.18
N GLU A 1166 -24.04 60.85 23.06
CA GLU A 1166 -24.46 60.03 21.93
C GLU A 1166 -23.26 59.35 21.28
N VAL A 1167 -23.46 58.09 20.88
CA VAL A 1167 -22.41 57.27 20.30
C VAL A 1167 -22.78 56.99 18.85
N TYR A 1168 -21.90 57.36 17.92
CA TYR A 1168 -22.11 57.15 16.50
C TYR A 1168 -21.30 55.98 15.96
N GLY A 1169 -20.48 55.34 16.79
CA GLY A 1169 -19.67 54.24 16.31
C GLY A 1169 -18.79 53.73 17.45
N ILE A 1170 -18.28 52.51 17.24
CA ILE A 1170 -17.49 51.82 18.25
C ILE A 1170 -16.13 51.47 17.66
N GLN A 1171 -15.21 51.10 18.54
CA GLN A 1171 -13.91 50.56 18.17
C GLN A 1171 -13.65 49.33 18.99
N ILE A 1172 -13.38 48.21 18.32
CA ILE A 1172 -13.12 46.93 18.96
C ILE A 1172 -11.63 46.67 18.81
N TYR A 1173 -10.89 46.81 19.90
CA TYR A 1173 -9.46 46.51 19.92
C TYR A 1173 -9.26 45.04 20.27
N THR A 1174 -8.66 44.29 19.36
CA THR A 1174 -8.39 42.88 19.54
C THR A 1174 -6.90 42.61 19.37
N LEU A 1175 -6.43 41.59 20.10
CA LEU A 1175 -5.06 41.13 20.01
C LEU A 1175 -4.94 39.82 19.24
N ASP A 1176 -6.02 39.05 19.11
CA ASP A 1176 -5.98 37.77 18.45
C ASP A 1176 -5.88 37.96 16.93
N GLU A 1177 -5.10 37.09 16.30
CA GLU A 1177 -4.89 37.19 14.86
C GLU A 1177 -6.08 36.70 14.06
N HIS A 1178 -6.79 35.67 14.55
CA HIS A 1178 -7.86 35.03 13.81
C HIS A 1178 -9.23 35.26 14.44
N LEU A 1179 -9.38 36.35 15.19
CA LEU A 1179 -10.70 36.71 15.71
C LEU A 1179 -11.58 37.20 14.57
N GLU A 1180 -12.78 36.65 14.47
CA GLU A 1180 -13.68 36.94 13.36
C GLU A 1180 -14.94 37.61 13.89
N ILE A 1181 -15.02 38.91 13.73
CA ILE A 1181 -16.21 39.67 14.09
C ILE A 1181 -17.15 39.68 12.90
N ASP A 1182 -18.42 39.36 13.13
CA ASP A 1182 -19.40 39.25 12.07
C ASP A 1182 -20.25 40.51 11.90
N ALA A 1183 -20.77 41.05 13.00
CA ALA A 1183 -21.70 42.17 12.92
C ALA A 1183 -21.70 42.90 14.26
N ALA A 1184 -22.53 43.93 14.35
CA ALA A 1184 -22.75 44.64 15.59
C ALA A 1184 -24.14 45.25 15.56
N MET A 1185 -24.66 45.56 16.75
CA MET A 1185 -26.00 46.12 16.87
C MET A 1185 -26.05 47.00 18.11
N LEU A 1186 -26.56 48.22 17.94
CA LEU A 1186 -26.64 49.19 19.04
C LEU A 1186 -28.10 49.39 19.41
N THR A 1187 -28.55 48.71 20.46
CA THR A 1187 -29.92 48.86 20.93
C THR A 1187 -30.02 50.12 21.78
N SER A 1188 -30.90 51.03 21.36
CA SER A 1188 -31.02 52.35 21.98
C SER A 1188 -31.87 52.27 23.24
N THR A 1189 -32.19 53.42 23.82
CA THR A 1189 -32.86 53.49 25.10
C THR A 1189 -34.36 53.22 24.94
N ALA A 1190 -35.10 53.38 26.04
CA ALA A 1190 -36.52 53.08 26.04
C ALA A 1190 -37.34 54.14 25.31
N ASP A 1191 -36.85 55.39 25.25
CA ASP A 1191 -37.53 56.47 24.55
C ASP A 1191 -36.50 57.23 23.72
N THR A 1192 -36.31 56.78 22.48
CA THR A 1192 -35.45 57.52 21.57
C THR A 1192 -36.18 58.75 21.05
N PRO A 1193 -35.49 59.87 20.83
CA PRO A 1193 -36.12 61.05 20.26
C PRO A 1193 -36.31 61.01 18.74
N LEU A 1194 -36.00 59.90 18.08
CA LEU A 1194 -36.14 59.80 16.63
C LEU A 1194 -37.37 59.02 16.20
N CYS A 1195 -37.86 58.10 17.02
CA CYS A 1195 -39.04 57.31 16.70
C CYS A 1195 -40.34 57.94 17.20
N LEU A 1196 -40.28 59.15 17.75
CA LEU A 1196 -41.48 59.79 18.27
C LEU A 1196 -42.38 60.27 17.15
N GLN A 1197 -41.83 60.58 15.99
CA GLN A 1197 -42.61 61.10 14.87
C GLN A 1197 -43.20 60.00 14.01
N CYS A 1198 -42.97 58.74 14.34
CA CYS A 1198 -43.52 57.62 13.58
C CYS A 1198 -44.87 57.23 14.19
N LYS A 1199 -45.93 57.32 13.40
CA LYS A 1199 -47.24 56.92 13.89
C LYS A 1199 -47.38 55.40 13.83
N PRO A 1200 -47.75 54.76 14.94
CA PRO A 1200 -47.86 53.30 14.94
C PRO A 1200 -49.08 52.83 14.15
N LEU A 1201 -48.96 51.64 13.58
CA LEU A 1201 -50.06 51.03 12.85
C LEU A 1201 -51.04 50.39 13.81
N LYS A 1202 -52.29 50.27 13.38
CA LYS A 1202 -53.38 49.83 14.24
C LYS A 1202 -54.00 48.55 13.70
N TYR A 1203 -54.77 47.89 14.54
CA TYR A 1203 -55.40 46.62 14.21
C TYR A 1203 -56.91 46.71 14.46
N LYS A 1204 -57.68 46.12 13.55
CA LYS A 1204 -59.13 46.02 13.72
C LYS A 1204 -59.56 44.56 13.59
N VAL A 1205 -60.30 44.07 14.58
CA VAL A 1205 -60.68 42.67 14.65
C VAL A 1205 -62.12 42.52 14.18
N VAL A 1206 -62.33 41.63 13.21
CA VAL A 1206 -63.64 41.36 12.62
C VAL A 1206 -64.04 39.93 12.97
N ARG A 1207 -65.25 39.79 13.48
CA ARG A 1207 -65.82 38.50 13.87
C ARG A 1207 -66.85 38.07 12.84
N ASP A 1208 -67.03 36.75 12.69
CA ASP A 1208 -67.98 36.22 11.70
C ASP A 1208 -69.44 36.49 12.11
N PRO A 1209 -69.83 36.41 13.38
CA PRO A 1209 -71.03 37.14 13.79
C PRO A 1209 -70.71 38.59 14.06
N PRO A 1210 -71.40 39.53 13.41
CA PRO A 1210 -71.04 40.95 13.56
C PRO A 1210 -71.35 41.49 14.95
N LEU A 1211 -70.42 42.29 15.45
CA LEU A 1211 -70.57 42.91 16.77
C LEU A 1211 -71.38 44.18 16.64
N GLN A 1212 -71.49 44.94 17.73
CA GLN A 1212 -72.18 46.21 17.71
C GLN A 1212 -71.30 47.27 17.05
N MET A 1213 -71.90 48.43 16.79
CA MET A 1213 -71.17 49.51 16.14
C MET A 1213 -70.15 50.16 17.08
N ASP A 1214 -70.41 50.10 18.38
CA ASP A 1214 -69.49 50.69 19.36
C ASP A 1214 -68.25 49.83 19.61
N VAL A 1215 -68.24 48.58 19.14
CA VAL A 1215 -67.12 47.69 19.35
C VAL A 1215 -66.28 47.54 18.08
N ALA A 1216 -66.92 47.41 16.92
CA ALA A 1216 -66.20 47.20 15.67
C ALA A 1216 -65.57 48.47 15.11
N SER A 1217 -65.96 49.65 15.61
CA SER A 1217 -65.44 50.90 15.08
C SER A 1217 -64.12 51.32 15.73
N ILE A 1218 -63.83 50.85 16.94
CA ILE A 1218 -62.62 51.27 17.63
C ILE A 1218 -61.40 50.56 17.04
N LEU A 1219 -60.24 51.16 17.26
CA LEU A 1219 -58.97 50.63 16.79
C LEU A 1219 -58.05 50.44 17.98
N HIS A 1220 -57.38 49.29 18.02
CA HIS A 1220 -56.55 48.91 19.17
C HIS A 1220 -55.09 49.19 18.86
N LEU A 1221 -54.46 50.02 19.70
CA LEU A 1221 -53.02 50.26 19.56
C LEU A 1221 -52.23 49.01 19.92
N ASN A 1222 -52.64 48.30 20.96
CA ASN A 1222 -51.99 47.06 21.36
C ASN A 1222 -52.56 45.90 20.54
N ARG A 1223 -52.07 44.69 20.82
CA ARG A 1223 -52.53 43.49 20.15
C ARG A 1223 -53.47 42.66 21.00
N LYS A 1224 -53.99 43.23 22.09
CA LYS A 1224 -54.82 42.52 23.04
C LYS A 1224 -56.28 42.89 22.84
N PHE A 1225 -57.15 41.87 22.80
CA PHE A 1225 -58.57 42.08 22.54
C PHE A 1225 -59.43 41.33 23.54
N VAL A 1226 -60.47 42.01 24.00
CA VAL A 1226 -61.48 41.43 24.90
C VAL A 1226 -62.86 41.84 24.41
N ASP A 1227 -63.81 40.92 24.52
CA ASP A 1227 -65.21 41.19 24.19
C ASP A 1227 -66.09 40.50 25.21
N MET A 1228 -67.28 41.06 25.42
CA MET A 1228 -68.19 40.54 26.44
C MET A 1228 -69.45 39.87 25.88
N ASP A 1229 -69.91 40.26 24.70
CA ASP A 1229 -71.16 39.74 24.14
C ASP A 1229 -70.88 38.40 23.47
N LEU A 1230 -71.07 37.32 24.23
CA LEU A 1230 -70.84 35.97 23.74
C LEU A 1230 -72.01 35.07 24.12
N ASN A 1231 -72.17 33.99 23.37
CA ASN A 1231 -73.19 32.99 23.65
C ASN A 1231 -72.51 31.66 23.97
N LEU A 1232 -73.16 30.86 24.82
CA LEU A 1232 -72.55 29.67 25.38
C LEU A 1232 -72.41 28.54 24.35
N GLY A 1233 -73.19 28.55 23.29
CA GLY A 1233 -73.17 27.44 22.35
C GLY A 1233 -72.66 27.78 20.96
N SER A 1234 -72.83 29.03 20.55
CA SER A 1234 -72.46 29.42 19.19
C SER A 1234 -70.95 29.55 19.04
N VAL A 1235 -70.44 29.15 17.88
CA VAL A 1235 -69.03 29.33 17.57
C VAL A 1235 -68.80 30.75 17.04
N TYR A 1236 -67.53 31.16 17.02
CA TYR A 1236 -67.16 32.47 16.52
C TYR A 1236 -65.85 32.37 15.77
N GLN A 1237 -65.79 32.96 14.58
CA GLN A 1237 -64.55 33.02 13.81
C GLN A 1237 -63.98 34.43 13.91
N TYR A 1238 -62.73 34.53 14.31
CA TYR A 1238 -62.05 35.82 14.50
C TYR A 1238 -60.95 35.99 13.47
N TRP A 1239 -60.87 37.18 12.86
CA TRP A 1239 -59.72 37.53 12.03
C TRP A 1239 -59.45 39.02 12.17
N VAL A 1240 -58.18 39.40 12.22
CA VAL A 1240 -57.79 40.78 12.49
C VAL A 1240 -57.05 41.34 11.28
N ILE A 1241 -57.53 42.49 10.78
CA ILE A 1241 -56.83 43.22 9.75
C ILE A 1241 -55.91 44.25 10.40
N THR A 1242 -54.88 44.65 9.66
CA THR A 1242 -53.83 45.53 10.17
C THR A 1242 -53.73 46.76 9.27
N ILE A 1243 -54.30 47.86 9.72
CA ILE A 1243 -54.29 49.09 8.94
C ILE A 1243 -53.11 49.96 9.35
N SER A 1244 -52.61 50.73 8.40
CA SER A 1244 -51.56 51.72 8.65
C SER A 1244 -52.15 53.13 8.69
N GLY A 1245 -52.84 53.53 7.64
CA GLY A 1245 -53.60 54.76 7.63
C GLY A 1245 -55.06 54.47 7.31
N THR A 1246 -55.56 55.05 6.23
CA THR A 1246 -56.89 54.69 5.74
C THR A 1246 -56.90 53.35 5.02
N GLU A 1247 -55.76 52.92 4.50
CA GLU A 1247 -55.68 51.68 3.73
C GLU A 1247 -55.81 50.46 4.64
N GLU A 1248 -56.58 49.48 4.19
CA GLU A 1248 -56.79 48.23 4.93
C GLU A 1248 -56.05 47.10 4.22
N SER A 1249 -55.30 46.33 5.00
CA SER A 1249 -54.51 45.23 4.45
C SER A 1249 -55.37 43.97 4.33
N GLU A 1250 -54.75 42.86 3.96
CA GLU A 1250 -55.45 41.60 3.85
C GLU A 1250 -55.80 41.06 5.23
N PRO A 1251 -56.91 40.33 5.36
CA PRO A 1251 -57.27 39.77 6.67
C PRO A 1251 -56.36 38.63 7.07
N SER A 1252 -56.23 38.46 8.39
CA SER A 1252 -55.53 37.33 8.97
C SER A 1252 -56.35 36.06 8.79
N PRO A 1253 -55.72 34.88 8.87
CA PRO A 1253 -56.50 33.65 8.93
C PRO A 1253 -57.39 33.59 10.15
N ALA A 1254 -58.59 33.05 9.98
CA ALA A 1254 -59.59 33.05 11.03
C ALA A 1254 -59.32 31.94 12.03
N VAL A 1255 -59.73 32.18 13.28
CA VAL A 1255 -59.62 31.22 14.36
C VAL A 1255 -61.03 30.92 14.86
N THR A 1256 -61.37 29.63 14.93
CA THR A 1256 -62.68 29.19 15.39
C THR A 1256 -62.63 28.97 16.91
N TYR A 1257 -63.44 29.73 17.63
CA TYR A 1257 -63.49 29.68 19.09
C TYR A 1257 -64.88 29.31 19.54
N ILE A 1258 -64.97 28.35 20.47
CA ILE A 1258 -66.22 27.93 21.06
C ILE A 1258 -66.19 28.33 22.53
N HIS A 1259 -67.24 29.00 22.99
CA HIS A 1259 -67.29 29.47 24.37
C HIS A 1259 -67.45 28.33 25.38
N GLY A 1260 -67.92 27.16 24.93
CA GLY A 1260 -68.07 26.02 25.81
C GLY A 1260 -66.91 25.04 25.72
N SER A 1261 -66.36 24.87 24.53
CA SER A 1261 -65.28 23.92 24.32
C SER A 1261 -63.94 24.58 24.67
N GLY A 1262 -62.84 23.87 24.46
CA GLY A 1262 -61.52 24.34 24.82
C GLY A 1262 -60.73 24.90 23.66
N TYR A 1263 -59.45 25.11 23.91
CA TYR A 1263 -58.52 25.69 22.94
C TYR A 1263 -57.12 25.21 23.33
N CYS A 1264 -56.09 25.86 22.78
CA CYS A 1264 -54.71 25.46 23.02
C CYS A 1264 -54.09 26.15 24.23
N GLY A 1265 -54.90 26.63 25.16
CA GLY A 1265 -54.38 27.24 26.37
C GLY A 1265 -55.27 26.95 27.59
N ASP A 1266 -56.24 26.07 27.41
CA ASP A 1266 -57.20 25.77 28.47
C ASP A 1266 -56.60 24.93 29.59
N GLY A 1267 -55.52 24.20 29.32
CA GLY A 1267 -54.97 23.27 30.28
C GLY A 1267 -55.54 21.87 30.21
N ILE A 1268 -56.42 21.60 29.25
CA ILE A 1268 -57.01 20.28 29.07
C ILE A 1268 -56.62 19.79 27.68
N ILE A 1269 -56.01 18.62 27.63
CA ILE A 1269 -55.56 18.06 26.35
C ILE A 1269 -56.74 17.39 25.65
N GLN A 1270 -56.99 17.78 24.41
CA GLN A 1270 -58.05 17.22 23.59
C GLN A 1270 -57.42 16.60 22.35
N LYS A 1271 -57.33 15.27 22.33
CA LYS A 1271 -56.65 14.58 21.23
C LYS A 1271 -57.51 14.45 19.99
N ASP A 1272 -58.79 14.83 20.04
CA ASP A 1272 -59.62 14.80 18.85
C ASP A 1272 -59.27 15.92 17.89
N GLN A 1273 -58.72 17.02 18.40
CA GLN A 1273 -58.34 18.16 17.59
C GLN A 1273 -56.88 18.12 17.15
N GLY A 1274 -56.15 17.05 17.47
CA GLY A 1274 -54.76 16.93 17.09
C GLY A 1274 -53.75 17.43 18.09
N GLU A 1275 -54.17 17.67 19.34
CA GLU A 1275 -53.28 18.22 20.36
C GLU A 1275 -52.46 17.10 20.97
N GLN A 1276 -51.13 17.16 20.82
CA GLN A 1276 -50.26 16.24 21.53
C GLN A 1276 -50.06 16.66 22.99
N CYS A 1277 -50.12 17.96 23.27
CA CYS A 1277 -49.99 18.47 24.62
C CYS A 1277 -50.75 19.78 24.73
N ASP A 1278 -51.10 20.14 25.96
CA ASP A 1278 -51.89 21.35 26.20
C ASP A 1278 -51.51 21.90 27.58
N ASP A 1279 -50.73 22.98 27.59
CA ASP A 1279 -50.42 23.72 28.79
C ASP A 1279 -50.89 25.17 28.59
N MET A 1280 -50.53 26.03 29.55
CA MET A 1280 -50.92 27.43 29.50
C MET A 1280 -49.74 28.36 29.26
N ASN A 1281 -48.64 27.84 28.69
CA ASN A 1281 -47.42 28.62 28.59
C ASN A 1281 -47.50 29.70 27.52
N LYS A 1282 -48.02 29.33 26.32
CA LYS A 1282 -47.98 30.15 25.10
C LYS A 1282 -46.56 30.65 24.78
N ILE A 1283 -45.57 29.80 25.06
CA ILE A 1283 -44.16 30.14 24.90
C ILE A 1283 -43.46 28.96 24.23
N ASN A 1284 -42.74 29.23 23.15
CA ASN A 1284 -42.08 28.17 22.38
C ASN A 1284 -40.81 27.65 23.05
N GLY A 1285 -40.30 28.32 24.08
CA GLY A 1285 -39.09 27.86 24.74
C GLY A 1285 -39.29 26.63 25.62
N ASP A 1286 -40.53 26.33 25.97
CA ASP A 1286 -40.83 25.17 26.79
C ASP A 1286 -40.89 23.92 25.92
N GLY A 1287 -41.16 22.77 26.55
CA GLY A 1287 -41.26 21.52 25.81
C GLY A 1287 -42.52 21.40 24.97
N CYS A 1288 -43.57 22.12 25.34
CA CYS A 1288 -44.82 22.14 24.58
C CYS A 1288 -45.04 23.53 24.04
N SER A 1289 -45.17 23.64 22.72
CA SER A 1289 -45.25 24.93 22.05
C SER A 1289 -46.65 25.53 22.21
N LEU A 1290 -46.84 26.71 21.64
CA LEU A 1290 -48.14 27.37 21.66
C LEU A 1290 -49.09 26.82 20.60
N PHE A 1291 -48.57 26.07 19.63
CA PHE A 1291 -49.39 25.45 18.58
C PHE A 1291 -49.80 24.03 18.94
N CYS A 1292 -49.88 23.72 20.23
CA CYS A 1292 -50.35 22.43 20.76
C CYS A 1292 -49.50 21.25 20.29
N ARG A 1293 -48.23 21.48 20.01
CA ARG A 1293 -47.32 20.42 19.60
C ARG A 1293 -46.10 20.41 20.52
N GLN A 1294 -45.70 19.22 20.94
CA GLN A 1294 -44.51 19.09 21.77
C GLN A 1294 -43.25 19.23 20.93
N GLU A 1295 -42.19 19.70 21.56
CA GLU A 1295 -40.95 20.00 20.86
C GLU A 1295 -40.17 18.72 20.58
N VAL A 1296 -39.03 18.87 19.91
CA VAL A 1296 -38.16 17.74 19.62
C VAL A 1296 -37.47 17.31 20.91
N SER A 1297 -37.44 15.99 21.14
CA SER A 1297 -36.85 15.35 22.32
C SER A 1297 -37.47 15.86 23.62
N PHE A 1298 -38.80 15.75 23.69
CA PHE A 1298 -39.56 16.07 24.88
C PHE A 1298 -40.75 15.14 24.96
N ASN A 1299 -41.30 15.01 26.16
CA ASN A 1299 -42.45 14.14 26.38
C ASN A 1299 -43.24 14.66 27.57
N CYS A 1300 -44.54 14.83 27.40
CA CYS A 1300 -45.42 15.36 28.43
C CYS A 1300 -46.33 14.25 28.92
N ILE A 1301 -46.41 14.09 30.24
CA ILE A 1301 -47.00 12.89 30.82
C ILE A 1301 -48.13 13.22 31.80
N ASP A 1302 -48.83 14.33 31.59
CA ASP A 1302 -49.88 14.71 32.53
C ASP A 1302 -50.96 15.49 31.81
N GLU A 1303 -52.09 15.63 32.50
CA GLU A 1303 -53.21 16.42 31.97
C GLU A 1303 -52.90 17.92 31.78
N PRO A 1304 -52.22 18.64 32.68
CA PRO A 1304 -51.80 20.00 32.33
C PRO A 1304 -50.52 20.08 31.52
N SER A 1305 -50.00 18.93 31.05
CA SER A 1305 -48.89 18.81 30.11
C SER A 1305 -47.59 19.41 30.67
N ARG A 1306 -47.15 18.85 31.79
CA ARG A 1306 -45.79 19.08 32.23
C ARG A 1306 -44.87 18.12 31.49
N CYS A 1307 -43.78 18.66 30.94
CA CYS A 1307 -42.95 17.90 30.03
C CYS A 1307 -41.52 17.81 30.58
N TYR A 1308 -40.83 16.75 30.18
CA TYR A 1308 -39.48 16.50 30.66
C TYR A 1308 -38.60 16.08 29.49
N PHE A 1309 -37.30 16.28 29.67
CA PHE A 1309 -36.30 15.94 28.67
C PHE A 1309 -35.83 14.51 28.90
N HIS A 1310 -35.86 13.69 27.85
CA HIS A 1310 -35.68 12.25 28.00
C HIS A 1310 -34.39 11.70 27.42
N ASP A 1311 -33.60 12.50 26.70
CA ASP A 1311 -32.37 11.97 26.11
C ASP A 1311 -31.30 11.73 27.18
N GLY A 1312 -31.12 12.69 28.09
CA GLY A 1312 -30.17 12.50 29.17
C GLY A 1312 -30.71 11.76 30.37
N ASP A 1313 -32.00 11.43 30.36
CA ASP A 1313 -32.61 10.72 31.48
C ASP A 1313 -32.22 9.25 31.47
N GLY A 1314 -32.21 8.66 32.64
CA GLY A 1314 -31.77 7.29 32.83
C GLY A 1314 -32.85 6.23 32.79
N VAL A 1315 -34.07 6.57 32.40
CA VAL A 1315 -35.18 5.62 32.35
C VAL A 1315 -35.55 5.39 30.90
N CYS A 1316 -35.53 4.12 30.47
CA CYS A 1316 -35.86 3.76 29.11
C CYS A 1316 -37.38 3.70 28.93
N GLU A 1317 -37.85 4.12 27.76
CA GLU A 1317 -39.26 4.16 27.44
C GLU A 1317 -39.58 3.18 26.32
N GLU A 1318 -40.86 3.14 25.93
CA GLU A 1318 -41.28 2.29 24.82
C GLU A 1318 -40.77 2.85 23.49
N PHE A 1319 -40.93 4.16 23.29
CA PHE A 1319 -40.51 4.82 22.06
C PHE A 1319 -39.02 5.16 22.03
N GLU A 1320 -38.34 5.11 23.18
CA GLU A 1320 -36.96 5.56 23.29
C GLU A 1320 -35.95 4.53 22.82
N GLN A 1321 -36.40 3.32 22.47
CA GLN A 1321 -35.47 2.24 22.16
C GLN A 1321 -34.79 2.45 20.80
N LYS A 1322 -35.56 2.85 19.79
CA LYS A 1322 -35.03 2.95 18.43
C LYS A 1322 -34.37 4.29 18.14
N THR A 1323 -34.54 5.29 19.00
CA THR A 1323 -33.97 6.61 18.77
C THR A 1323 -32.78 6.89 19.69
N SER A 1324 -32.95 6.77 21.00
CA SER A 1324 -31.88 7.04 21.96
C SER A 1324 -31.12 5.75 22.23
N ILE A 1325 -29.97 5.58 21.57
CA ILE A 1325 -29.12 4.42 21.82
C ILE A 1325 -28.30 4.57 23.10
N LYS A 1326 -28.26 5.77 23.66
CA LYS A 1326 -27.43 6.06 24.83
C LYS A 1326 -28.15 5.85 26.14
N ASP A 1327 -29.38 5.35 26.13
CA ASP A 1327 -30.10 5.11 27.37
C ASP A 1327 -30.67 3.70 27.48
N CYS A 1328 -31.18 3.14 26.37
CA CYS A 1328 -31.74 1.80 26.37
C CYS A 1328 -30.74 0.75 25.92
N GLY A 1329 -29.48 1.12 25.70
CA GLY A 1329 -28.49 0.19 25.24
C GLY A 1329 -28.43 0.11 23.73
N VAL A 1330 -27.73 -0.93 23.26
CA VAL A 1330 -27.49 -1.11 21.83
C VAL A 1330 -28.78 -1.59 21.16
N TYR A 1331 -29.11 -0.98 20.02
CA TYR A 1331 -30.31 -1.34 19.29
C TYR A 1331 -30.09 -2.63 18.52
N THR A 1332 -30.81 -3.68 18.92
CA THR A 1332 -30.80 -4.92 18.15
C THR A 1332 -31.58 -4.72 16.85
N PRO A 1333 -31.01 -5.03 15.70
CA PRO A 1333 -31.75 -4.91 14.45
C PRO A 1333 -32.82 -5.99 14.34
N GLN A 1334 -33.78 -5.76 13.44
CA GLN A 1334 -34.93 -6.64 13.30
C GLN A 1334 -34.56 -8.00 12.71
N GLY A 1335 -33.46 -8.09 11.98
CA GLY A 1335 -33.06 -9.35 11.38
C GLY A 1335 -32.05 -10.16 12.15
N PHE A 1336 -31.50 -9.61 13.24
CA PHE A 1336 -30.44 -10.26 13.99
C PHE A 1336 -30.78 -10.27 15.48
N LEU A 1337 -29.86 -10.77 16.30
CA LEU A 1337 -30.05 -10.77 17.73
C LEU A 1337 -28.69 -10.73 18.42
N ASP A 1338 -28.58 -9.90 19.45
CA ASP A 1338 -27.33 -9.74 20.19
C ASP A 1338 -27.38 -10.59 21.46
N GLN A 1339 -26.26 -11.25 21.75
CA GLN A 1339 -26.12 -12.10 22.93
C GLN A 1339 -24.86 -11.66 23.67
N TRP A 1340 -24.98 -11.47 24.97
CA TRP A 1340 -23.90 -10.91 25.77
C TRP A 1340 -23.10 -12.01 26.45
N ALA A 1341 -21.94 -11.61 26.97
CA ALA A 1341 -20.98 -12.56 27.53
C ALA A 1341 -21.43 -13.07 28.88
N SER A 1342 -21.16 -14.36 29.14
CA SER A 1342 -21.42 -14.98 30.42
C SER A 1342 -20.21 -15.83 30.81
N ASN A 1343 -19.90 -15.81 32.11
CA ASN A 1343 -18.73 -16.47 32.70
C ASN A 1343 -17.44 -16.04 32.01
N ALA A 1344 -17.24 -14.72 31.97
CA ALA A 1344 -16.07 -14.13 31.33
C ALA A 1344 -14.90 -14.05 32.29
N SER A 1345 -13.70 -14.31 31.78
CA SER A 1345 -12.49 -14.24 32.56
C SER A 1345 -11.59 -13.13 32.04
N VAL A 1346 -10.83 -12.52 32.94
CA VAL A 1346 -9.92 -11.44 32.59
C VAL A 1346 -8.50 -11.93 32.84
N SER A 1347 -7.51 -11.10 32.49
CA SER A 1347 -6.11 -11.44 32.70
C SER A 1347 -5.60 -10.94 34.04
N HIS A 1348 -5.75 -9.65 34.30
CA HIS A 1348 -5.21 -9.03 35.51
C HIS A 1348 -6.32 -8.85 36.56
N GLN A 1349 -6.81 -9.99 37.04
CA GLN A 1349 -7.85 -9.99 38.05
C GLN A 1349 -7.29 -9.54 39.40
N ASP A 1350 -8.07 -8.71 40.10
CA ASP A 1350 -7.63 -8.15 41.36
C ASP A 1350 -8.84 -7.98 42.27
N GLN A 1351 -8.56 -7.69 43.54
CA GLN A 1351 -9.63 -7.45 44.51
C GLN A 1351 -10.40 -6.18 44.17
N GLN A 1352 -9.71 -5.15 43.66
CA GLN A 1352 -10.38 -3.90 43.33
C GLN A 1352 -11.24 -4.04 42.08
N CYS A 1353 -10.71 -4.68 41.05
CA CYS A 1353 -11.48 -4.92 39.82
C CYS A 1353 -11.60 -6.40 39.53
N PRO A 1354 -12.69 -7.05 39.92
CA PRO A 1354 -12.90 -8.46 39.58
C PRO A 1354 -13.41 -8.59 38.14
N GLY A 1355 -13.64 -9.83 37.74
CA GLY A 1355 -13.98 -10.15 36.36
C GLY A 1355 -15.44 -10.41 36.06
N TRP A 1356 -16.35 -10.21 37.00
CA TRP A 1356 -17.76 -10.41 36.75
C TRP A 1356 -18.48 -9.15 36.30
N VAL A 1357 -17.75 -8.05 36.07
CA VAL A 1357 -18.38 -6.80 35.66
C VAL A 1357 -18.84 -6.85 34.21
N ILE A 1358 -18.28 -7.75 33.39
CA ILE A 1358 -18.65 -7.85 31.99
C ILE A 1358 -19.96 -8.61 31.79
N ILE A 1359 -20.49 -9.23 32.84
CA ILE A 1359 -21.66 -10.08 32.73
C ILE A 1359 -22.90 -9.22 32.56
N GLY A 1360 -23.70 -9.53 31.53
CA GLY A 1360 -24.96 -8.85 31.30
C GLY A 1360 -24.82 -7.59 30.46
N GLN A 1361 -25.97 -7.00 30.18
CA GLN A 1361 -25.99 -5.75 29.42
C GLN A 1361 -25.48 -4.61 30.30
N PRO A 1362 -24.50 -3.85 29.86
CA PRO A 1362 -24.00 -2.72 30.66
C PRO A 1362 -24.98 -1.55 30.64
N ALA A 1363 -24.86 -0.72 31.67
CA ALA A 1363 -25.66 0.50 31.74
C ALA A 1363 -25.14 1.53 30.74
N ALA A 1364 -26.04 2.09 29.95
CA ALA A 1364 -25.67 3.02 28.90
C ALA A 1364 -25.48 4.45 29.40
N SER A 1365 -25.72 4.70 30.70
CA SER A 1365 -25.59 6.05 31.24
C SER A 1365 -24.14 6.50 31.40
N GLN A 1366 -23.17 5.59 31.29
CA GLN A 1366 -21.77 5.96 31.44
C GLN A 1366 -21.26 6.62 30.17
N VAL A 1367 -20.89 7.89 30.27
CA VAL A 1367 -20.48 8.67 29.10
C VAL A 1367 -19.03 8.33 28.74
N CYS A 1368 -18.66 8.68 27.51
CA CYS A 1368 -17.29 8.53 27.05
C CYS A 1368 -16.37 9.49 27.80
N ARG A 1369 -15.18 9.01 28.18
CA ARG A 1369 -14.22 9.80 28.93
C ARG A 1369 -13.17 10.35 27.97
N THR A 1370 -13.06 11.67 27.92
CA THR A 1370 -12.10 12.35 27.05
C THR A 1370 -10.92 12.80 27.90
N LYS A 1371 -9.73 12.26 27.58
CA LYS A 1371 -8.45 12.57 28.24
C LYS A 1371 -8.51 12.28 29.74
N VAL A 1372 -8.76 11.03 30.06
CA VAL A 1372 -8.93 10.59 31.44
C VAL A 1372 -7.56 10.47 32.09
N ILE A 1373 -7.40 11.13 33.24
CA ILE A 1373 -6.12 11.17 33.95
C ILE A 1373 -6.01 10.04 34.97
N ASP A 1374 -7.04 9.82 35.78
CA ASP A 1374 -7.02 8.82 36.83
C ASP A 1374 -8.24 7.93 36.75
N LEU A 1375 -8.11 6.72 37.29
CA LEU A 1375 -9.18 5.73 37.31
C LEU A 1375 -9.43 5.23 38.73
N SER A 1376 -9.38 6.13 39.71
CA SER A 1376 -9.63 5.81 41.10
C SER A 1376 -11.07 6.05 41.53
N GLU A 1377 -11.94 6.43 40.59
CA GLU A 1377 -13.34 6.74 40.89
C GLU A 1377 -14.17 5.46 40.97
N GLY A 1378 -15.49 5.61 40.97
CA GLY A 1378 -16.38 4.46 40.96
C GLY A 1378 -16.64 3.91 39.58
N ILE A 1379 -15.56 3.57 38.86
CA ILE A 1379 -15.67 3.03 37.51
C ILE A 1379 -15.55 1.51 37.47
N SER A 1380 -15.10 0.89 38.56
CA SER A 1380 -14.94 -0.55 38.60
C SER A 1380 -16.27 -1.29 38.78
N GLN A 1381 -17.31 -0.60 39.26
CA GLN A 1381 -18.60 -1.23 39.45
C GLN A 1381 -19.33 -1.50 38.15
N HIS A 1382 -19.02 -0.75 37.09
CA HIS A 1382 -19.73 -0.89 35.82
C HIS A 1382 -18.78 -1.07 34.63
N ALA A 1383 -17.48 -1.22 34.86
CA ALA A 1383 -16.52 -1.42 33.79
C ALA A 1383 -15.33 -2.20 34.34
N TRP A 1384 -14.33 -2.43 33.51
CA TRP A 1384 -13.11 -3.13 33.93
C TRP A 1384 -11.92 -2.53 33.22
N TYR A 1385 -10.90 -2.19 33.99
CA TYR A 1385 -9.60 -1.76 33.52
C TYR A 1385 -8.54 -2.55 34.27
N PRO A 1386 -7.32 -2.66 33.74
CA PRO A 1386 -6.25 -3.34 34.51
C PRO A 1386 -5.83 -2.50 35.71
N CYS A 1387 -5.95 -3.10 36.91
CA CYS A 1387 -5.63 -2.41 38.15
C CYS A 1387 -4.34 -2.88 38.80
N THR A 1388 -3.86 -4.09 38.49
CA THR A 1388 -2.61 -4.57 39.07
C THR A 1388 -1.42 -3.82 38.50
N ILE A 1389 -1.48 -3.40 37.24
CA ILE A 1389 -0.40 -2.69 36.57
C ILE A 1389 -0.79 -1.23 36.43
N SER A 1390 0.07 -0.34 36.90
CA SER A 1390 -0.21 1.09 36.88
C SER A 1390 0.17 1.68 35.53
N TYR A 1391 0.08 3.02 35.42
CA TYR A 1391 0.40 3.69 34.16
C TYR A 1391 1.88 3.61 33.75
N PRO A 1392 2.88 3.93 34.59
CA PRO A 1392 4.26 3.98 34.05
C PRO A 1392 4.85 2.61 33.75
N TYR A 1393 4.54 1.58 34.53
CA TYR A 1393 5.04 0.24 34.24
C TYR A 1393 4.44 -0.30 32.94
N SER A 1394 3.17 -0.05 32.70
CA SER A 1394 2.54 -0.44 31.44
C SER A 1394 3.07 0.39 30.28
N GLN A 1395 3.42 1.65 30.52
CA GLN A 1395 3.96 2.49 29.47
C GLN A 1395 5.37 2.06 29.06
N LEU A 1396 6.19 1.67 30.04
CA LEU A 1396 7.58 1.36 29.76
C LEU A 1396 7.81 -0.10 29.38
N ALA A 1397 7.10 -1.03 30.02
CA ALA A 1397 7.32 -2.45 29.77
C ALA A 1397 6.73 -2.92 28.45
N GLN A 1398 5.62 -2.30 28.01
CA GLN A 1398 4.88 -2.63 26.80
C GLN A 1398 4.41 -4.10 26.81
N THR A 1399 3.59 -4.40 27.81
CA THR A 1399 3.03 -5.73 27.98
C THR A 1399 1.69 -5.83 27.25
N THR A 1400 0.94 -6.90 27.51
CA THR A 1400 -0.36 -7.10 26.88
C THR A 1400 -1.35 -7.57 27.94
N PHE A 1401 -2.62 -7.18 27.75
CA PHE A 1401 -3.72 -7.62 28.61
C PHE A 1401 -4.85 -8.12 27.73
N TRP A 1402 -5.47 -9.21 28.16
CA TRP A 1402 -6.50 -9.87 27.38
C TRP A 1402 -7.74 -10.12 28.23
N LEU A 1403 -8.86 -10.29 27.55
CA LEU A 1403 -10.14 -10.60 28.19
C LEU A 1403 -10.78 -11.72 27.38
N ARG A 1404 -10.96 -12.88 28.01
CA ARG A 1404 -11.56 -14.05 27.36
C ARG A 1404 -13.02 -14.11 27.82
N ALA A 1405 -13.92 -13.59 26.99
CA ALA A 1405 -15.34 -13.58 27.30
C ALA A 1405 -15.98 -14.84 26.73
N TYR A 1406 -16.47 -15.71 27.60
CA TYR A 1406 -17.19 -16.90 27.18
C TYR A 1406 -18.65 -16.53 26.92
N PHE A 1407 -19.41 -17.49 26.40
CA PHE A 1407 -20.81 -17.26 26.11
C PHE A 1407 -21.60 -18.47 26.63
N SER A 1408 -22.90 -18.46 26.35
CA SER A 1408 -23.81 -19.50 26.83
C SER A 1408 -24.33 -20.36 25.68
N GLN A 1409 -24.91 -19.73 24.67
CA GLN A 1409 -25.44 -20.47 23.52
C GLN A 1409 -24.45 -20.39 22.38
N PRO A 1410 -23.92 -21.51 21.90
CA PRO A 1410 -22.95 -21.45 20.81
C PRO A 1410 -23.60 -21.18 19.46
N MET A 1411 -23.45 -19.96 18.96
CA MET A 1411 -24.09 -19.52 17.73
C MET A 1411 -23.05 -18.89 16.82
N VAL A 1412 -23.43 -18.72 15.55
CA VAL A 1412 -22.55 -18.07 14.59
C VAL A 1412 -22.48 -16.57 14.88
N ALA A 1413 -21.41 -15.95 14.40
CA ALA A 1413 -21.14 -14.54 14.68
C ALA A 1413 -21.38 -13.71 13.43
N ALA A 1414 -22.25 -12.71 13.55
CA ALA A 1414 -22.47 -11.75 12.49
C ALA A 1414 -21.73 -10.44 12.71
N ALA A 1415 -21.68 -9.97 13.96
CA ALA A 1415 -20.94 -8.78 14.31
C ALA A 1415 -20.54 -8.89 15.78
N VAL A 1416 -19.42 -8.27 16.12
CA VAL A 1416 -18.90 -8.26 17.48
C VAL A 1416 -19.05 -6.86 18.04
N ILE A 1417 -19.81 -6.73 19.12
CA ILE A 1417 -20.09 -5.44 19.74
C ILE A 1417 -19.25 -5.34 21.00
N VAL A 1418 -18.37 -4.34 21.04
CA VAL A 1418 -17.54 -4.05 22.20
C VAL A 1418 -17.93 -2.68 22.74
N HIS A 1419 -18.38 -2.64 23.98
CA HIS A 1419 -18.81 -1.39 24.60
C HIS A 1419 -17.75 -0.91 25.58
N LEU A 1420 -17.30 0.32 25.40
CA LEU A 1420 -16.25 0.92 26.21
C LEU A 1420 -16.77 2.21 26.80
N VAL A 1421 -16.43 2.46 28.07
CA VAL A 1421 -16.78 3.73 28.70
C VAL A 1421 -15.74 4.81 28.42
N THR A 1422 -14.62 4.48 27.78
CA THR A 1422 -13.60 5.46 27.43
C THR A 1422 -12.87 5.00 26.18
N ASP A 1423 -12.22 5.95 25.52
CA ASP A 1423 -11.36 5.65 24.39
C ASP A 1423 -9.94 5.32 24.79
N GLY A 1424 -9.60 5.47 26.07
CA GLY A 1424 -8.27 5.20 26.55
C GLY A 1424 -7.27 6.31 26.31
N THR A 1425 -7.71 7.49 25.89
CA THR A 1425 -6.80 8.60 25.66
C THR A 1425 -6.34 9.20 26.98
N TYR A 1426 -5.03 9.35 27.14
CA TYR A 1426 -4.46 9.93 28.34
C TYR A 1426 -4.40 11.45 28.21
N TYR A 1427 -4.24 12.11 29.36
CA TYR A 1427 -4.16 13.56 29.37
C TYR A 1427 -2.87 14.05 28.71
N GLY A 1428 -1.78 13.31 28.88
CA GLY A 1428 -0.52 13.65 28.25
C GLY A 1428 -0.36 12.99 26.90
N ASP A 1429 -0.67 11.71 26.81
CA ASP A 1429 -0.51 10.95 25.57
C ASP A 1429 -1.67 11.27 24.62
N GLN A 1430 -1.34 11.85 23.47
CA GLN A 1430 -2.33 12.15 22.44
C GLN A 1430 -2.31 11.15 21.30
N LYS A 1431 -1.48 10.11 21.38
CA LYS A 1431 -1.43 9.08 20.35
C LYS A 1431 -2.65 8.17 20.45
N GLN A 1432 -3.22 7.84 19.30
CA GLN A 1432 -4.35 6.92 19.26
C GLN A 1432 -3.91 5.49 19.56
N GLU A 1433 -4.85 4.68 20.01
CA GLU A 1433 -4.59 3.28 20.33
C GLU A 1433 -5.58 2.38 19.62
N THR A 1434 -5.12 1.19 19.27
CA THR A 1434 -5.87 0.24 18.46
C THR A 1434 -5.97 -1.09 19.19
N ILE A 1435 -7.18 -1.62 19.30
CA ILE A 1435 -7.41 -2.90 19.96
C ILE A 1435 -7.58 -3.98 18.90
N SER A 1436 -7.39 -5.23 19.33
CA SER A 1436 -7.53 -6.40 18.46
C SER A 1436 -8.71 -7.23 18.94
N VAL A 1437 -9.58 -7.59 18.01
CA VAL A 1437 -10.79 -8.34 18.31
C VAL A 1437 -10.61 -9.74 17.74
N GLN A 1438 -10.23 -10.68 18.60
CA GLN A 1438 -10.13 -12.08 18.21
C GLN A 1438 -11.45 -12.79 18.47
N LEU A 1439 -11.59 -13.98 17.90
CA LEU A 1439 -12.77 -14.81 18.08
C LEU A 1439 -12.34 -16.26 18.19
N LEU A 1440 -12.99 -17.01 19.07
CA LEU A 1440 -12.65 -18.40 19.35
C LEU A 1440 -13.88 -19.28 19.14
N ASP A 1441 -13.63 -20.52 18.75
CA ASP A 1441 -14.70 -21.48 18.49
C ASP A 1441 -14.29 -22.84 19.04
N THR A 1442 -15.27 -23.74 19.09
CA THR A 1442 -15.03 -25.10 19.56
C THR A 1442 -14.23 -25.88 18.53
N LYS A 1443 -13.47 -26.87 19.04
CA LYS A 1443 -12.61 -27.82 18.30
C LYS A 1443 -11.73 -27.16 17.22
N ASP A 1444 -11.30 -25.92 17.49
CA ASP A 1444 -10.45 -25.18 16.58
C ASP A 1444 -9.73 -24.10 17.40
N GLN A 1445 -8.74 -23.47 16.79
CA GLN A 1445 -7.92 -22.52 17.53
C GLN A 1445 -8.60 -21.16 17.64
N SER A 1446 -8.80 -20.48 16.51
CA SER A 1446 -9.25 -19.09 16.53
C SER A 1446 -9.80 -18.71 15.16
N HIS A 1447 -10.37 -17.50 15.12
CA HIS A 1447 -10.82 -16.85 13.89
C HIS A 1447 -10.57 -15.35 14.07
N ASP A 1448 -9.45 -14.86 13.59
CA ASP A 1448 -9.12 -13.45 13.74
C ASP A 1448 -9.97 -12.60 12.81
N LEU A 1449 -10.38 -11.42 13.30
CA LEU A 1449 -11.19 -10.50 12.52
C LEU A 1449 -10.47 -9.21 12.15
N GLY A 1450 -9.44 -8.82 12.89
CA GLY A 1450 -8.71 -7.61 12.59
C GLY A 1450 -8.55 -6.70 13.80
N LEU A 1451 -8.18 -5.45 13.55
CA LEU A 1451 -7.90 -4.49 14.60
C LEU A 1451 -8.63 -3.19 14.31
N HIS A 1452 -9.08 -2.52 15.36
CA HIS A 1452 -9.89 -1.31 15.21
C HIS A 1452 -9.53 -0.28 16.26
N VAL A 1453 -9.70 0.99 15.89
CA VAL A 1453 -9.39 2.13 16.75
C VAL A 1453 -10.60 2.47 17.61
N LEU A 1454 -10.41 3.22 18.68
CA LEU A 1454 -11.47 3.59 19.61
C LEU A 1454 -11.97 4.99 19.29
N SER A 1455 -13.29 5.14 19.27
CA SER A 1455 -13.92 6.43 19.05
C SER A 1455 -15.14 6.57 19.95
N CYS A 1456 -15.36 7.81 20.44
CA CYS A 1456 -16.51 8.10 21.34
C CYS A 1456 -17.78 8.34 20.52
N ARG A 1457 -17.67 8.37 19.18
CA ARG A 1457 -18.87 8.71 18.37
C ARG A 1457 -19.94 7.66 18.67
N ASN A 1458 -19.55 6.38 18.73
CA ASN A 1458 -20.51 5.34 19.15
C ASN A 1458 -19.85 4.59 20.31
N ASN A 1459 -20.45 4.62 21.50
CA ASN A 1459 -19.78 3.98 22.67
C ASN A 1459 -19.62 2.49 22.38
N PRO A 1460 -20.65 1.76 21.89
CA PRO A 1460 -20.45 0.37 21.46
C PRO A 1460 -19.74 0.42 20.09
N LEU A 1461 -18.71 -0.40 19.91
CA LEU A 1461 -18.00 -0.46 18.60
C LEU A 1461 -18.42 -1.76 17.90
N ILE A 1462 -18.94 -1.66 16.67
CA ILE A 1462 -19.43 -2.88 15.98
C ILE A 1462 -18.36 -3.35 15.00
N ILE A 1463 -17.92 -4.61 15.15
CA ILE A 1463 -16.85 -5.17 14.27
C ILE A 1463 -17.53 -6.13 13.27
N PRO A 1464 -17.72 -5.82 11.96
CA PRO A 1464 -18.37 -6.80 11.08
C PRO A 1464 -17.52 -8.05 10.93
N VAL A 1465 -18.16 -9.21 11.11
CA VAL A 1465 -17.46 -10.48 11.03
C VAL A 1465 -17.36 -10.89 9.57
N VAL A 1466 -16.14 -10.93 9.04
CA VAL A 1466 -15.92 -11.36 7.67
C VAL A 1466 -15.89 -12.88 7.61
N HIS A 1467 -16.64 -13.45 6.69
CA HIS A 1467 -16.69 -14.90 6.51
C HIS A 1467 -16.85 -15.19 5.03
N ASP A 1468 -16.00 -16.06 4.50
CA ASP A 1468 -16.11 -16.48 3.11
C ASP A 1468 -17.11 -17.62 3.04
N LEU A 1469 -18.01 -17.56 2.07
CA LEU A 1469 -19.12 -18.50 2.00
C LEU A 1469 -18.69 -19.86 1.50
N SER A 1470 -17.48 -19.98 0.93
CA SER A 1470 -16.92 -21.29 0.64
C SER A 1470 -16.58 -22.03 1.91
N GLN A 1471 -16.10 -21.32 2.93
CA GLN A 1471 -15.85 -21.93 4.22
C GLN A 1471 -17.17 -22.19 4.93
N PRO A 1472 -17.41 -23.39 5.45
CA PRO A 1472 -18.62 -23.64 6.22
C PRO A 1472 -18.60 -22.89 7.56
N PHE A 1473 -19.80 -22.66 8.09
CA PHE A 1473 -19.94 -21.87 9.30
C PHE A 1473 -19.45 -22.65 10.52
N TYR A 1474 -19.29 -21.91 11.62
CA TYR A 1474 -18.76 -22.47 12.85
C TYR A 1474 -19.48 -21.84 14.02
N HIS A 1475 -19.59 -22.59 15.12
CA HIS A 1475 -20.22 -22.08 16.33
C HIS A 1475 -19.16 -21.32 17.13
N SER A 1476 -19.25 -19.99 17.10
CA SER A 1476 -18.37 -19.15 17.91
C SER A 1476 -18.74 -19.29 19.38
N GLN A 1477 -17.74 -19.49 20.22
CA GLN A 1477 -18.00 -19.75 21.63
C GLN A 1477 -17.40 -18.70 22.56
N ALA A 1478 -16.19 -18.23 22.26
CA ALA A 1478 -15.52 -17.25 23.11
C ALA A 1478 -14.95 -16.14 22.25
N VAL A 1479 -14.83 -14.96 22.85
CA VAL A 1479 -14.26 -13.78 22.19
C VAL A 1479 -13.10 -13.30 23.04
N ARG A 1480 -11.92 -13.21 22.45
CA ARG A 1480 -10.74 -12.70 23.12
C ARG A 1480 -10.49 -11.28 22.65
N VAL A 1481 -10.41 -10.34 23.59
CA VAL A 1481 -10.09 -8.95 23.29
C VAL A 1481 -8.76 -8.64 23.96
N SER A 1482 -7.75 -8.34 23.15
CA SER A 1482 -6.40 -8.10 23.64
C SER A 1482 -5.93 -6.71 23.25
N PHE A 1483 -5.27 -6.03 24.20
CA PHE A 1483 -4.77 -4.69 23.97
C PHE A 1483 -3.55 -4.45 24.84
N SER A 1484 -2.77 -3.43 24.47
CA SER A 1484 -1.56 -3.09 25.20
C SER A 1484 -1.64 -1.78 25.97
N SER A 1485 -2.57 -0.91 25.62
CA SER A 1485 -2.72 0.34 26.37
C SER A 1485 -3.44 0.07 27.69
N PRO A 1486 -2.97 0.66 28.79
CA PRO A 1486 -3.56 0.37 30.11
C PRO A 1486 -4.87 1.07 30.37
N LEU A 1487 -5.25 2.05 29.54
CA LEU A 1487 -6.40 2.90 29.82
C LEU A 1487 -7.67 2.41 29.13
N VAL A 1488 -7.64 1.22 28.51
CA VAL A 1488 -8.84 0.66 27.90
C VAL A 1488 -9.76 0.16 29.01
N ALA A 1489 -10.98 0.66 29.06
CA ALA A 1489 -12.00 0.20 29.99
C ALA A 1489 -13.18 -0.33 29.20
N ILE A 1490 -13.55 -1.58 29.47
CA ILE A 1490 -14.60 -2.27 28.75
C ILE A 1490 -15.74 -2.53 29.72
N SER A 1491 -16.95 -2.10 29.35
CA SER A 1491 -18.13 -2.32 30.19
C SER A 1491 -18.91 -3.56 29.81
N GLY A 1492 -18.79 -4.02 28.56
CA GLY A 1492 -19.46 -5.22 28.11
C GLY A 1492 -19.16 -5.55 26.67
N VAL A 1493 -19.09 -6.84 26.34
CA VAL A 1493 -18.86 -7.31 24.98
C VAL A 1493 -20.00 -8.22 24.58
N ALA A 1494 -20.46 -8.08 23.34
CA ALA A 1494 -21.60 -8.82 22.83
C ALA A 1494 -21.22 -9.56 21.57
N LEU A 1495 -22.19 -10.28 21.00
CA LEU A 1495 -21.98 -11.07 19.80
C LEU A 1495 -23.30 -11.14 19.04
N ARG A 1496 -23.28 -10.76 17.77
CA ARG A 1496 -24.49 -10.72 16.96
C ARG A 1496 -24.65 -12.03 16.18
N SER A 1497 -25.85 -12.60 16.25
CA SER A 1497 -26.19 -13.84 15.57
C SER A 1497 -27.50 -13.66 14.82
N PHE A 1498 -27.94 -14.74 14.18
CA PHE A 1498 -29.22 -14.77 13.48
C PHE A 1498 -30.26 -15.38 14.41
N ASP A 1499 -31.29 -14.60 14.74
CA ASP A 1499 -32.35 -15.11 15.60
C ASP A 1499 -33.25 -16.11 14.90
N ASN A 1500 -33.17 -16.22 13.57
CA ASN A 1500 -34.07 -17.07 12.80
C ASN A 1500 -33.53 -18.48 12.61
N PHE A 1501 -32.30 -18.61 12.10
CA PHE A 1501 -31.79 -19.91 11.70
C PHE A 1501 -30.38 -20.14 12.23
N ASP A 1502 -30.04 -21.43 12.36
CA ASP A 1502 -28.68 -21.87 12.61
C ASP A 1502 -28.16 -22.52 11.34
N PRO A 1503 -27.09 -21.99 10.73
CA PRO A 1503 -26.63 -22.55 9.44
C PRO A 1503 -25.72 -23.76 9.58
N VAL A 1504 -25.40 -24.18 10.80
CA VAL A 1504 -24.59 -25.38 10.98
C VAL A 1504 -25.45 -26.64 10.82
N THR A 1505 -26.65 -26.63 11.39
CA THR A 1505 -27.53 -27.80 11.30
C THR A 1505 -28.15 -27.93 9.91
N LEU A 1506 -28.33 -26.83 9.19
CA LEU A 1506 -28.81 -26.92 7.82
C LEU A 1506 -27.75 -27.52 6.90
N SER A 1507 -26.48 -27.23 7.17
CA SER A 1507 -25.35 -27.76 6.41
C SER A 1507 -24.73 -28.98 7.08
N SER A 1508 -25.55 -29.79 7.76
CA SER A 1508 -25.06 -30.98 8.46
C SER A 1508 -24.65 -32.08 7.49
N ASP A 1531 -50.17 -25.14 -18.86
CA ASP A 1531 -49.97 -26.06 -19.97
C ASP A 1531 -49.11 -25.42 -21.04
N CYS A 1532 -48.02 -26.09 -21.39
CA CYS A 1532 -47.10 -25.55 -22.39
C CYS A 1532 -47.69 -25.72 -23.80
N PRO A 1533 -47.45 -24.76 -24.69
CA PRO A 1533 -47.88 -24.93 -26.08
C PRO A 1533 -47.00 -25.93 -26.82
N GLU A 1534 -47.47 -26.31 -28.01
CA GLU A 1534 -46.68 -27.19 -28.87
C GLU A 1534 -45.46 -26.45 -29.39
N LEU A 1535 -44.30 -27.09 -29.30
CA LEU A 1535 -43.02 -26.50 -29.70
C LEU A 1535 -42.56 -27.14 -31.00
N ALA A 1536 -42.17 -26.31 -31.96
CA ALA A 1536 -41.69 -26.77 -33.26
C ALA A 1536 -40.31 -26.18 -33.51
N VAL A 1537 -39.34 -27.06 -33.78
CA VAL A 1537 -37.97 -26.66 -34.07
C VAL A 1537 -37.66 -27.06 -35.51
N GLU A 1538 -37.19 -26.11 -36.31
CA GLU A 1538 -36.88 -26.38 -37.71
C GLU A 1538 -35.58 -27.18 -37.83
N ASN A 1539 -35.56 -28.07 -38.82
CA ASN A 1539 -34.42 -28.95 -39.16
C ASN A 1539 -34.02 -29.83 -37.97
N ALA A 1540 -35.00 -30.53 -37.42
CA ALA A 1540 -34.78 -31.36 -36.25
C ALA A 1540 -35.72 -32.57 -36.32
N SER A 1541 -35.74 -33.36 -35.26
CA SER A 1541 -36.57 -34.55 -35.16
C SER A 1541 -37.11 -34.63 -33.73
N LEU A 1542 -38.38 -34.30 -33.56
CA LEU A 1542 -39.01 -34.25 -32.23
C LEU A 1542 -39.59 -35.62 -31.89
N ASN A 1543 -38.70 -36.56 -31.62
CA ASN A 1543 -39.09 -37.94 -31.30
C ASN A 1543 -39.34 -38.07 -29.80
N CYS A 1544 -40.40 -37.41 -29.35
CA CYS A 1544 -40.83 -37.50 -27.96
C CYS A 1544 -42.35 -37.64 -27.94
N SER A 1545 -42.83 -38.31 -26.88
CA SER A 1545 -44.24 -38.68 -26.77
C SER A 1545 -44.89 -38.02 -25.56
N SER A 1546 -44.62 -36.73 -25.36
CA SER A 1546 -45.28 -35.98 -24.29
C SER A 1546 -46.70 -35.66 -24.76
N SER A 1547 -47.62 -36.59 -24.51
CA SER A 1547 -49.01 -36.42 -24.93
C SER A 1547 -49.70 -35.33 -24.11
N ASP A 1548 -49.45 -35.29 -22.81
CA ASP A 1548 -49.95 -34.24 -21.94
C ASP A 1548 -48.82 -33.28 -21.61
N ARG A 1549 -49.01 -32.01 -21.99
CA ARG A 1549 -47.97 -30.99 -21.82
C ARG A 1549 -48.17 -30.25 -20.49
N TYR A 1550 -48.14 -31.01 -19.41
CA TYR A 1550 -48.31 -30.48 -18.07
C TYR A 1550 -46.95 -30.12 -17.48
N HIS A 1551 -46.92 -29.81 -16.19
CA HIS A 1551 -45.67 -29.48 -15.50
C HIS A 1551 -44.85 -30.76 -15.34
N GLY A 1552 -43.90 -30.95 -16.24
CA GLY A 1552 -43.11 -32.16 -16.24
C GLY A 1552 -43.17 -32.91 -17.56
N ALA A 1553 -43.46 -32.19 -18.65
CA ALA A 1553 -43.51 -32.77 -19.98
C ALA A 1553 -42.10 -32.85 -20.54
N GLN A 1554 -41.45 -33.99 -20.30
CA GLN A 1554 -40.09 -34.21 -20.77
C GLN A 1554 -40.11 -34.54 -22.26
N CYS A 1555 -39.41 -33.72 -23.06
CA CYS A 1555 -39.26 -33.99 -24.48
C CYS A 1555 -37.80 -33.95 -24.87
N THR A 1556 -37.47 -34.60 -25.97
CA THR A 1556 -36.11 -34.65 -26.50
C THR A 1556 -36.06 -34.02 -27.88
N VAL A 1557 -35.06 -33.18 -28.12
CA VAL A 1557 -34.88 -32.49 -29.39
C VAL A 1557 -33.50 -32.82 -29.93
N SER A 1558 -33.46 -33.34 -31.15
CA SER A 1558 -32.20 -33.71 -31.81
C SER A 1558 -32.18 -33.14 -33.22
N CYS A 1559 -31.07 -32.51 -33.59
CA CYS A 1559 -30.90 -31.99 -34.93
C CYS A 1559 -30.58 -33.11 -35.91
N ARG A 1560 -30.73 -32.81 -37.19
CA ARG A 1560 -30.47 -33.79 -38.25
C ARG A 1560 -28.98 -33.77 -38.60
N THR A 1561 -28.62 -34.51 -39.66
CA THR A 1561 -27.24 -34.55 -40.10
C THR A 1561 -26.86 -33.25 -40.79
N GLY A 1562 -25.62 -32.81 -40.54
CA GLY A 1562 -25.15 -31.55 -41.09
C GLY A 1562 -25.65 -30.32 -40.38
N TYR A 1563 -26.29 -30.47 -39.22
CA TYR A 1563 -26.86 -29.35 -38.49
C TYR A 1563 -26.37 -29.40 -37.05
N VAL A 1564 -25.90 -28.26 -36.55
CA VAL A 1564 -25.41 -28.14 -35.19
C VAL A 1564 -26.51 -27.50 -34.35
N LEU A 1565 -26.40 -27.68 -33.03
CA LEU A 1565 -27.45 -27.27 -32.10
C LEU A 1565 -27.05 -25.99 -31.38
N GLN A 1566 -27.97 -25.03 -31.34
CA GLN A 1566 -27.82 -23.80 -30.57
C GLN A 1566 -28.84 -23.78 -29.46
N ILE A 1567 -28.40 -23.39 -28.26
CA ILE A 1567 -29.24 -23.36 -27.07
C ILE A 1567 -29.23 -21.95 -26.50
N ARG A 1568 -30.43 -21.39 -26.29
CA ARG A 1568 -30.61 -20.14 -25.56
C ARG A 1568 -31.55 -20.44 -24.40
N ARG A 1569 -30.99 -20.58 -23.21
CA ARG A 1569 -31.78 -21.02 -22.07
C ARG A 1569 -32.62 -19.87 -21.51
N ASP A 1570 -33.74 -20.23 -20.88
CA ASP A 1570 -34.64 -19.28 -20.25
C ASP A 1570 -34.68 -19.44 -18.73
N ASP A 1571 -35.02 -20.64 -18.25
CA ASP A 1571 -35.13 -20.90 -16.82
C ASP A 1571 -34.60 -22.31 -16.55
N GLU A 1572 -33.54 -22.40 -15.74
CA GLU A 1572 -32.90 -23.68 -15.49
C GLU A 1572 -32.11 -23.59 -14.18
N LEU A 1573 -31.89 -24.75 -13.57
CA LEU A 1573 -31.08 -24.88 -12.37
C LEU A 1573 -29.75 -25.58 -12.62
N ILE A 1574 -29.79 -26.79 -13.20
CA ILE A 1574 -28.59 -27.58 -13.44
C ILE A 1574 -28.56 -27.94 -14.92
N LYS A 1575 -27.36 -28.28 -15.40
CA LYS A 1575 -27.16 -28.65 -16.79
C LYS A 1575 -26.51 -30.02 -16.86
N SER A 1576 -26.79 -30.72 -17.96
CA SER A 1576 -26.19 -32.02 -18.22
C SER A 1576 -25.71 -32.04 -19.66
N GLN A 1577 -24.60 -32.76 -19.88
CA GLN A 1577 -23.99 -32.87 -21.20
C GLN A 1577 -24.72 -33.95 -21.96
N THR A 1578 -25.80 -33.57 -22.63
CA THR A 1578 -26.59 -34.53 -23.39
C THR A 1578 -25.87 -34.96 -24.66
N GLY A 1579 -25.18 -34.03 -25.31
CA GLY A 1579 -24.46 -34.34 -26.52
C GLY A 1579 -25.04 -33.62 -27.72
N PRO A 1580 -25.23 -34.35 -28.83
CA PRO A 1580 -25.84 -33.73 -30.01
C PRO A 1580 -27.32 -33.42 -29.83
N SER A 1581 -28.00 -34.15 -28.95
CA SER A 1581 -29.40 -33.92 -28.66
C SER A 1581 -29.52 -33.08 -27.37
N VAL A 1582 -30.75 -32.83 -26.95
CA VAL A 1582 -31.01 -32.04 -25.76
C VAL A 1582 -32.36 -32.47 -25.21
N THR A 1583 -32.61 -32.16 -23.94
CA THR A 1583 -33.89 -32.41 -23.30
C THR A 1583 -34.54 -31.07 -22.96
N VAL A 1584 -35.76 -30.86 -23.45
CA VAL A 1584 -36.52 -29.65 -23.20
C VAL A 1584 -37.72 -30.02 -22.34
N THR A 1585 -37.92 -29.30 -21.25
CA THR A 1585 -38.94 -29.61 -20.25
C THR A 1585 -39.90 -28.44 -20.09
N CYS A 1586 -41.17 -28.78 -19.84
CA CYS A 1586 -42.21 -27.78 -19.65
C CYS A 1586 -42.20 -27.25 -18.22
N THR A 1587 -42.31 -25.92 -18.09
CA THR A 1587 -42.34 -25.29 -16.77
C THR A 1587 -43.22 -24.04 -16.85
N GLU A 1588 -44.35 -24.09 -16.14
CA GLU A 1588 -45.28 -22.96 -15.96
C GLU A 1588 -45.82 -22.41 -17.28
N GLY A 1589 -46.12 -23.32 -18.21
CA GLY A 1589 -46.68 -22.92 -19.49
C GLY A 1589 -45.68 -22.45 -20.52
N LYS A 1590 -44.39 -22.62 -20.28
CA LYS A 1590 -43.35 -22.27 -21.25
C LYS A 1590 -42.25 -23.32 -21.19
N TRP A 1591 -41.53 -23.46 -22.30
CA TRP A 1591 -40.40 -24.37 -22.33
C TRP A 1591 -39.16 -23.71 -21.75
N ASN A 1592 -38.34 -24.51 -21.08
CA ASN A 1592 -37.20 -23.98 -20.34
C ASN A 1592 -36.06 -23.51 -21.24
N LYS A 1593 -35.99 -24.01 -22.47
CA LYS A 1593 -34.91 -23.67 -23.39
C LYS A 1593 -35.49 -23.23 -24.72
N GLN A 1594 -34.67 -22.55 -25.51
CA GLN A 1594 -34.99 -22.21 -26.89
C GLN A 1594 -33.87 -22.78 -27.76
N VAL A 1595 -34.13 -23.91 -28.37
CA VAL A 1595 -33.15 -24.58 -29.21
C VAL A 1595 -33.37 -24.18 -30.66
N ALA A 1596 -32.29 -24.23 -31.44
CA ALA A 1596 -32.33 -23.85 -32.84
C ALA A 1596 -31.24 -24.61 -33.57
N CYS A 1597 -31.64 -25.47 -34.51
CA CYS A 1597 -30.68 -26.25 -35.30
C CYS A 1597 -30.24 -25.42 -36.50
N GLU A 1598 -29.27 -24.56 -36.26
CA GLU A 1598 -28.69 -23.76 -37.33
C GLU A 1598 -27.80 -24.65 -38.22
N PRO A 1599 -27.74 -24.36 -39.52
CA PRO A 1599 -26.85 -25.12 -40.39
C PRO A 1599 -25.38 -24.82 -40.10
N VAL A 1600 -24.52 -25.79 -40.44
CA VAL A 1600 -23.10 -25.61 -40.26
C VAL A 1600 -22.57 -24.56 -41.23
N ASP A 1601 -21.53 -23.85 -40.81
CA ASP A 1601 -20.98 -22.74 -41.58
C ASP A 1601 -19.62 -23.15 -42.13
N CYS A 1602 -19.59 -23.48 -43.42
CA CYS A 1602 -18.32 -23.67 -44.09
C CYS A 1602 -17.60 -22.33 -44.24
N SER A 1603 -16.28 -22.37 -44.26
CA SER A 1603 -15.50 -21.16 -44.44
C SER A 1603 -15.58 -20.69 -45.89
N ILE A 1604 -15.38 -19.38 -46.07
CA ILE A 1604 -15.32 -18.82 -47.43
C ILE A 1604 -14.05 -19.29 -48.10
N PRO A 1605 -14.13 -19.86 -49.32
CA PRO A 1605 -12.93 -20.44 -49.94
C PRO A 1605 -11.95 -19.38 -50.45
N ASP A 1606 -10.84 -19.22 -49.74
CA ASP A 1606 -9.77 -18.31 -50.11
C ASP A 1606 -8.58 -19.04 -50.71
N HIS A 1607 -8.03 -19.99 -49.96
CA HIS A 1607 -6.94 -20.84 -50.42
C HIS A 1607 -7.24 -22.26 -49.96
N HIS A 1608 -6.22 -23.12 -50.03
CA HIS A 1608 -6.13 -24.46 -49.44
C HIS A 1608 -7.09 -25.48 -50.04
N GLN A 1609 -7.93 -25.11 -51.01
CA GLN A 1609 -8.79 -26.06 -51.71
C GLN A 1609 -8.36 -26.24 -53.16
N VAL A 1610 -8.34 -25.15 -53.94
CA VAL A 1610 -7.83 -25.16 -55.30
C VAL A 1610 -6.71 -24.14 -55.39
N TYR A 1611 -5.57 -24.55 -55.94
CA TYR A 1611 -4.43 -23.65 -56.09
C TYR A 1611 -4.63 -22.77 -57.31
N ALA A 1612 -4.54 -21.45 -57.11
CA ALA A 1612 -4.60 -20.41 -58.14
C ALA A 1612 -5.92 -20.48 -58.93
N ALA A 1613 -7.02 -20.21 -58.22
CA ALA A 1613 -8.33 -20.19 -58.83
C ALA A 1613 -9.21 -19.18 -58.11
N SER A 1614 -10.26 -18.74 -58.80
CA SER A 1614 -11.21 -17.77 -58.28
C SER A 1614 -12.50 -18.48 -57.91
N PHE A 1615 -12.98 -18.21 -56.69
CA PHE A 1615 -14.17 -18.85 -56.15
C PHE A 1615 -15.32 -17.85 -56.14
N SER A 1616 -16.46 -18.24 -56.71
CA SER A 1616 -17.65 -17.39 -56.76
C SER A 1616 -18.84 -18.27 -56.38
N CYS A 1617 -19.16 -18.30 -55.10
CA CYS A 1617 -20.30 -19.08 -54.63
C CYS A 1617 -21.60 -18.32 -54.89
N PRO A 1618 -22.53 -18.87 -55.67
CA PRO A 1618 -23.77 -18.13 -55.98
C PRO A 1618 -24.83 -18.24 -54.91
N GLU A 1619 -24.72 -19.18 -53.97
CA GLU A 1619 -25.75 -19.39 -52.97
C GLU A 1619 -25.30 -18.96 -51.57
N GLY A 1620 -24.18 -19.49 -51.09
CA GLY A 1620 -23.72 -19.14 -49.76
C GLY A 1620 -22.68 -20.13 -49.27
N THR A 1621 -22.42 -20.09 -47.97
CA THR A 1621 -21.44 -20.96 -47.32
C THR A 1621 -22.10 -21.76 -46.20
N THR A 1622 -23.29 -22.29 -46.44
CA THR A 1622 -24.00 -23.11 -45.47
C THR A 1622 -24.05 -24.54 -45.95
N PHE A 1623 -24.74 -25.38 -45.18
CA PHE A 1623 -24.86 -26.80 -45.51
C PHE A 1623 -25.74 -26.99 -46.74
N GLY A 1624 -25.28 -27.81 -47.68
CA GLY A 1624 -25.97 -28.05 -48.92
C GLY A 1624 -25.61 -27.11 -50.04
N SER A 1625 -24.97 -25.99 -49.74
CA SER A 1625 -24.58 -25.05 -50.77
C SER A 1625 -23.36 -25.57 -51.54
N GLN A 1626 -23.31 -25.22 -52.82
CA GLN A 1626 -22.21 -25.60 -53.70
C GLN A 1626 -21.58 -24.34 -54.29
N CYS A 1627 -20.26 -24.34 -54.38
CA CYS A 1627 -19.50 -23.20 -54.88
C CYS A 1627 -18.77 -23.57 -56.16
N SER A 1628 -18.59 -22.58 -57.02
CA SER A 1628 -17.99 -22.75 -58.32
C SER A 1628 -16.65 -22.02 -58.38
N PHE A 1629 -15.62 -22.72 -58.86
CA PHE A 1629 -14.29 -22.14 -59.02
C PHE A 1629 -13.88 -22.18 -60.48
N GLN A 1630 -13.17 -21.14 -60.91
CA GLN A 1630 -12.63 -21.06 -62.25
C GLN A 1630 -11.13 -20.81 -62.18
N CYS A 1631 -10.37 -21.50 -63.05
CA CYS A 1631 -8.88 -21.40 -62.99
C CYS A 1631 -8.37 -20.06 -63.51
N ARG A 1632 -7.09 -19.77 -63.26
CA ARG A 1632 -6.45 -18.53 -63.79
C ARG A 1632 -6.20 -18.74 -65.29
N HIS A 1633 -5.98 -17.66 -66.05
CA HIS A 1633 -5.85 -17.78 -67.53
C HIS A 1633 -4.68 -18.70 -67.92
N PRO A 1634 -3.46 -18.63 -67.33
CA PRO A 1634 -2.41 -19.62 -67.62
C PRO A 1634 -2.80 -21.05 -67.21
N ALA A 1635 -3.45 -21.22 -66.06
CA ALA A 1635 -3.81 -22.57 -65.56
C ALA A 1635 -4.88 -23.21 -66.44
N GLN A 1636 -4.80 -24.53 -66.65
CA GLN A 1636 -5.84 -25.26 -67.43
C GLN A 1636 -6.77 -25.93 -66.41
N LEU A 1637 -7.77 -26.70 -66.86
CA LEU A 1637 -8.60 -27.42 -65.90
C LEU A 1637 -8.79 -28.85 -66.37
N LYS A 1638 -8.52 -29.81 -65.48
CA LYS A 1638 -8.71 -31.23 -65.78
C LYS A 1638 -9.68 -31.81 -64.77
N GLY A 1639 -10.68 -32.54 -65.27
CA GLY A 1639 -11.73 -33.08 -64.41
C GLY A 1639 -13.12 -32.69 -64.86
N ASN A 1640 -14.07 -33.61 -64.75
CA ASN A 1640 -15.41 -33.37 -65.28
C ASN A 1640 -16.21 -32.39 -64.42
N ASN A 1641 -16.22 -32.58 -63.11
CA ASN A 1641 -17.03 -31.77 -62.20
C ASN A 1641 -16.14 -30.76 -61.49
N SER A 1642 -16.54 -29.49 -61.53
CA SER A 1642 -15.76 -28.41 -60.93
C SER A 1642 -16.55 -27.67 -59.86
N LEU A 1643 -17.19 -28.40 -58.95
CA LEU A 1643 -17.98 -27.81 -57.88
C LEU A 1643 -17.46 -28.29 -56.53
N LEU A 1644 -17.48 -27.39 -55.55
CA LEU A 1644 -17.10 -27.72 -54.19
C LEU A 1644 -18.34 -27.73 -53.31
N THR A 1645 -18.55 -28.82 -52.59
CA THR A 1645 -19.76 -29.04 -51.81
C THR A 1645 -19.45 -28.90 -50.32
N CYS A 1646 -20.22 -28.06 -49.63
CA CYS A 1646 -20.10 -27.92 -48.18
C CYS A 1646 -20.78 -29.14 -47.55
N MET A 1647 -19.98 -30.11 -47.14
CA MET A 1647 -20.48 -31.40 -46.67
C MET A 1647 -21.01 -31.29 -45.25
N GLU A 1648 -21.42 -32.44 -44.70
CA GLU A 1648 -21.98 -32.48 -43.35
C GLU A 1648 -20.92 -32.31 -42.27
N ASP A 1649 -19.64 -32.42 -42.61
CA ASP A 1649 -18.55 -32.25 -41.66
C ASP A 1649 -18.24 -30.79 -41.37
N GLY A 1650 -18.86 -29.85 -42.08
CA GLY A 1650 -18.54 -28.45 -41.95
C GLY A 1650 -17.40 -28.00 -42.83
N LEU A 1651 -16.87 -28.86 -43.68
CA LEU A 1651 -15.76 -28.54 -44.55
C LEU A 1651 -16.18 -28.73 -46.01
N TRP A 1652 -15.43 -28.08 -46.90
CA TRP A 1652 -15.67 -28.25 -48.32
C TRP A 1652 -15.20 -29.63 -48.78
N SER A 1653 -15.80 -30.10 -49.87
CA SER A 1653 -15.50 -31.43 -50.37
C SER A 1653 -14.19 -31.43 -51.15
N PHE A 1654 -13.76 -32.62 -51.55
CA PHE A 1654 -12.54 -32.75 -52.33
C PHE A 1654 -12.77 -32.24 -53.76
N PRO A 1655 -11.85 -31.44 -54.31
CA PRO A 1655 -12.01 -30.97 -55.69
C PRO A 1655 -11.77 -32.10 -56.69
N GLU A 1656 -12.83 -32.46 -57.43
CA GLU A 1656 -12.72 -33.50 -58.43
C GLU A 1656 -11.96 -33.03 -59.67
N ALA A 1657 -11.87 -31.73 -59.89
CA ALA A 1657 -11.16 -31.14 -61.02
C ALA A 1657 -10.06 -30.23 -60.51
N LEU A 1658 -8.86 -30.38 -61.06
CA LEU A 1658 -7.68 -29.64 -60.64
C LEU A 1658 -7.32 -28.60 -61.69
N CYS A 1659 -6.97 -27.41 -61.23
CA CYS A 1659 -6.34 -26.41 -62.09
C CYS A 1659 -4.87 -26.80 -62.28
N GLU A 1660 -4.58 -27.51 -63.37
CA GLU A 1660 -3.21 -27.84 -63.70
C GLU A 1660 -2.50 -26.62 -64.27
N LEU A 1661 -1.38 -26.25 -63.66
CA LEU A 1661 -0.63 -25.07 -64.07
C LEU A 1661 0.41 -25.48 -65.11
N MET A 1662 0.26 -24.96 -66.32
CA MET A 1662 1.20 -25.21 -67.41
C MET A 1662 1.58 -23.87 -68.03
N CYS A 1663 2.87 -23.56 -68.05
CA CYS A 1663 3.33 -22.33 -68.69
C CYS A 1663 3.26 -22.47 -70.20
N LEU A 1664 2.91 -21.38 -70.86
CA LEU A 1664 2.66 -21.37 -72.30
C LEU A 1664 3.98 -21.26 -73.06
N ALA A 1665 3.88 -20.96 -74.36
CA ALA A 1665 5.05 -20.80 -75.20
C ALA A 1665 5.84 -19.57 -74.79
N PRO A 1666 7.17 -19.67 -74.68
CA PRO A 1666 7.95 -18.51 -74.27
C PRO A 1666 8.02 -17.47 -75.38
N PRO A 1667 8.20 -16.20 -75.04
CA PRO A 1667 8.38 -15.17 -76.06
C PRO A 1667 9.72 -15.34 -76.76
N PRO A 1668 9.78 -15.14 -78.07
CA PRO A 1668 11.05 -15.29 -78.79
C PRO A 1668 12.03 -14.17 -78.51
N VAL A 1669 13.06 -14.46 -77.73
CA VAL A 1669 14.11 -13.48 -77.47
C VAL A 1669 14.98 -13.34 -78.71
N PRO A 1670 15.18 -12.12 -79.22
CA PRO A 1670 16.01 -11.95 -80.41
C PRO A 1670 17.48 -12.24 -80.12
N ASN A 1671 18.22 -12.51 -81.20
CA ASN A 1671 19.65 -12.86 -81.19
C ASN A 1671 19.93 -14.07 -80.30
N ALA A 1672 19.08 -15.08 -80.40
CA ALA A 1672 19.19 -16.26 -79.56
C ALA A 1672 18.96 -17.52 -80.38
N ASP A 1673 19.58 -18.60 -79.93
CA ASP A 1673 19.44 -19.93 -80.52
C ASP A 1673 18.80 -20.85 -79.49
N LEU A 1674 17.72 -21.52 -79.89
CA LEU A 1674 16.98 -22.43 -79.01
C LEU A 1674 17.63 -23.80 -79.12
N GLN A 1675 18.53 -24.09 -78.16
CA GLN A 1675 19.17 -25.40 -78.13
C GLN A 1675 18.18 -26.49 -77.74
N THR A 1676 17.27 -26.20 -76.83
CA THR A 1676 16.21 -27.14 -76.48
C THR A 1676 15.12 -27.08 -77.55
N ALA A 1677 14.88 -28.23 -78.19
CA ALA A 1677 13.90 -28.29 -79.27
C ALA A 1677 12.47 -28.18 -78.77
N ARG A 1678 12.21 -28.56 -77.52
CA ARG A 1678 10.86 -28.53 -76.96
C ARG A 1678 10.39 -27.13 -76.62
N CYS A 1679 11.30 -26.14 -76.55
CA CYS A 1679 10.92 -24.79 -76.17
C CYS A 1679 10.21 -24.04 -77.29
N ARG A 1680 10.23 -24.56 -78.52
CA ARG A 1680 9.49 -23.95 -79.62
C ARG A 1680 8.02 -24.35 -79.63
N GLU A 1681 7.61 -25.27 -78.78
CA GLU A 1681 6.22 -25.70 -78.68
C GLU A 1681 5.47 -24.78 -77.72
N ASN A 1682 4.27 -25.19 -77.32
CA ASN A 1682 3.46 -24.41 -76.38
C ASN A 1682 3.24 -25.09 -75.04
N LYS A 1683 3.35 -26.42 -74.99
CA LYS A 1683 3.12 -27.17 -73.76
C LYS A 1683 4.43 -27.26 -72.97
N HIS A 1684 4.48 -26.60 -71.82
CA HIS A 1684 5.64 -26.67 -70.93
C HIS A 1684 5.16 -26.79 -69.49
N LYS A 1685 5.78 -27.70 -68.75
CA LYS A 1685 5.48 -27.83 -67.33
C LYS A 1685 6.23 -26.76 -66.53
N VAL A 1686 5.71 -26.48 -65.33
CA VAL A 1686 6.32 -25.47 -64.47
C VAL A 1686 7.61 -26.03 -63.88
N GLY A 1687 8.69 -25.28 -64.03
CA GLY A 1687 10.00 -25.73 -63.62
C GLY A 1687 10.87 -26.29 -64.72
N SER A 1688 10.52 -26.04 -65.99
CA SER A 1688 11.34 -26.48 -67.10
C SER A 1688 12.58 -25.61 -67.22
N PHE A 1689 13.55 -26.09 -68.01
CA PHE A 1689 14.82 -25.40 -68.21
C PHE A 1689 15.10 -25.31 -69.71
N CYS A 1690 14.98 -24.12 -70.29
CA CYS A 1690 15.34 -23.92 -71.69
C CYS A 1690 16.69 -23.19 -71.75
N LYS A 1691 17.63 -23.78 -72.49
CA LYS A 1691 18.95 -23.20 -72.65
C LYS A 1691 19.00 -22.41 -73.96
N TYR A 1692 19.26 -21.11 -73.85
CA TYR A 1692 19.38 -20.24 -75.01
C TYR A 1692 20.84 -19.85 -75.20
N LYS A 1693 21.34 -20.03 -76.41
CA LYS A 1693 22.71 -19.68 -76.75
C LYS A 1693 22.71 -18.35 -77.51
N CYS A 1694 23.46 -17.37 -77.02
CA CYS A 1694 23.50 -16.08 -77.69
C CYS A 1694 24.23 -16.19 -79.02
N LYS A 1695 23.73 -15.47 -80.02
CA LYS A 1695 24.33 -15.46 -81.34
C LYS A 1695 25.66 -14.71 -81.30
N PRO A 1696 26.58 -15.00 -82.24
CA PRO A 1696 27.83 -14.25 -82.30
C PRO A 1696 27.62 -12.76 -82.55
N GLY A 1697 28.41 -11.94 -81.86
CA GLY A 1697 28.14 -10.53 -81.75
C GLY A 1697 27.23 -10.16 -80.60
N TYR A 1698 26.69 -11.15 -79.88
CA TYR A 1698 25.77 -10.92 -78.78
C TYR A 1698 26.16 -11.82 -77.61
N HIS A 1699 25.79 -11.41 -76.41
CA HIS A 1699 26.12 -12.18 -75.21
C HIS A 1699 25.13 -11.84 -74.10
N VAL A 1700 24.99 -12.76 -73.17
CA VAL A 1700 24.19 -12.51 -71.96
C VAL A 1700 24.96 -11.54 -71.07
N PRO A 1701 24.31 -10.50 -70.52
CA PRO A 1701 25.02 -9.54 -69.68
C PRO A 1701 25.56 -10.15 -68.39
N GLY A 1702 26.69 -9.61 -67.94
CA GLY A 1702 27.35 -10.12 -66.75
C GLY A 1702 28.85 -10.23 -66.92
N SER A 1703 29.30 -10.38 -68.16
CA SER A 1703 30.72 -10.54 -68.49
C SER A 1703 31.23 -9.32 -69.24
N SER A 1704 32.50 -9.02 -69.03
CA SER A 1704 33.15 -7.88 -69.68
C SER A 1704 33.62 -8.28 -71.08
N ARG A 1705 34.43 -7.41 -71.70
CA ARG A 1705 34.91 -7.65 -73.05
C ARG A 1705 36.03 -8.68 -73.12
N LYS A 1706 36.58 -9.10 -71.99
CA LYS A 1706 37.64 -10.10 -72.00
C LYS A 1706 37.08 -11.51 -72.13
N SER A 1707 36.23 -11.92 -71.21
CA SER A 1707 35.64 -13.24 -71.21
C SER A 1707 34.26 -13.20 -71.84
N LYS A 1708 33.95 -14.21 -72.66
CA LYS A 1708 32.69 -14.28 -73.38
C LYS A 1708 31.87 -15.45 -72.85
N LYS A 1709 30.67 -15.16 -72.38
CA LYS A 1709 29.68 -16.17 -72.02
C LYS A 1709 28.42 -15.91 -72.83
N ARG A 1710 27.89 -16.95 -73.47
CA ARG A 1710 26.79 -16.78 -74.40
C ARG A 1710 25.63 -17.74 -74.18
N ALA A 1711 25.68 -18.57 -73.13
CA ALA A 1711 24.62 -19.53 -72.86
C ALA A 1711 23.96 -19.19 -71.53
N PHE A 1712 22.62 -19.18 -71.51
CA PHE A 1712 21.89 -18.91 -70.29
C PHE A 1712 20.65 -19.78 -70.24
N LYS A 1713 20.04 -19.83 -69.05
CA LYS A 1713 18.88 -20.66 -68.77
C LYS A 1713 17.66 -19.81 -68.46
N THR A 1714 16.51 -20.22 -68.97
CA THR A 1714 15.23 -19.62 -68.59
C THR A 1714 14.30 -20.70 -68.04
N GLN A 1715 13.59 -20.35 -66.99
CA GLN A 1715 12.71 -21.28 -66.27
C GLN A 1715 11.33 -20.68 -66.08
N CYS A 1716 10.32 -21.55 -66.06
CA CYS A 1716 8.96 -21.12 -65.75
C CYS A 1716 8.84 -20.79 -64.26
N THR A 1717 8.24 -19.65 -63.95
CA THR A 1717 8.02 -19.27 -62.57
C THR A 1717 6.75 -19.95 -62.04
N GLN A 1718 6.50 -19.75 -60.74
CA GLN A 1718 5.29 -20.28 -60.12
C GLN A 1718 4.04 -19.51 -60.54
N ASP A 1719 4.20 -18.28 -61.04
CA ASP A 1719 3.07 -17.53 -61.57
C ASP A 1719 2.58 -18.11 -62.88
N GLY A 1720 3.47 -18.65 -63.70
CA GLY A 1720 3.13 -19.18 -65.01
C GLY A 1720 3.76 -18.46 -66.18
N SER A 1721 4.67 -17.52 -65.94
CA SER A 1721 5.37 -16.82 -67.00
C SER A 1721 6.86 -17.08 -66.88
N TRP A 1722 7.55 -17.08 -68.03
CA TRP A 1722 8.97 -17.35 -68.07
C TRP A 1722 9.76 -16.17 -67.50
N GLN A 1723 10.89 -16.48 -66.87
CA GLN A 1723 11.78 -15.43 -66.37
C GLN A 1723 12.48 -14.72 -67.53
N GLU A 1724 12.63 -13.41 -67.39
CA GLU A 1724 13.16 -12.58 -68.47
C GLU A 1724 14.66 -12.76 -68.63
N GLY A 1725 15.10 -12.75 -69.88
CA GLY A 1725 16.51 -12.84 -70.21
C GLY A 1725 16.77 -12.60 -71.69
N ALA A 1726 17.73 -11.73 -72.00
CA ALA A 1726 18.02 -11.38 -73.39
C ALA A 1726 19.51 -11.19 -73.57
N CYS A 1727 19.95 -11.36 -74.81
CA CYS A 1727 21.35 -11.14 -75.17
C CYS A 1727 21.51 -9.72 -75.68
N VAL A 1728 22.49 -9.00 -75.13
CA VAL A 1728 22.81 -7.65 -75.58
C VAL A 1728 23.94 -7.77 -76.59
N PRO A 1729 24.07 -6.84 -77.54
CA PRO A 1729 25.22 -6.87 -78.45
C PRO A 1729 26.53 -6.59 -77.73
N VAL A 1730 27.59 -7.23 -78.22
CA VAL A 1730 28.90 -7.05 -77.62
C VAL A 1730 29.44 -5.68 -78.02
N THR A 1731 29.77 -4.87 -77.01
CA THR A 1731 30.29 -3.53 -77.24
C THR A 1731 31.72 -3.62 -77.79
N CYS A 1732 31.98 -2.87 -78.84
CA CYS A 1732 33.33 -2.80 -79.41
C CYS A 1732 34.27 -2.11 -78.42
N ASP A 1733 35.55 -2.47 -78.51
CA ASP A 1733 36.55 -1.92 -77.59
C ASP A 1733 36.75 -0.44 -77.88
N PRO A 1734 36.89 0.39 -76.84
CA PRO A 1734 37.10 1.82 -77.08
C PRO A 1734 38.47 2.08 -77.68
N PRO A 1735 38.59 3.12 -78.51
CA PRO A 1735 39.89 3.43 -79.12
C PRO A 1735 40.85 4.01 -78.11
N PRO A 1736 42.15 4.04 -78.42
CA PRO A 1736 43.08 4.80 -77.59
C PRO A 1736 42.76 6.28 -77.66
N PRO A 1737 43.04 7.04 -76.59
CA PRO A 1737 42.61 8.45 -76.55
C PRO A 1737 43.46 9.41 -77.37
N LYS A 1738 44.34 8.90 -78.23
CA LYS A 1738 45.11 9.75 -79.13
C LYS A 1738 44.22 10.40 -80.17
N PHE A 1739 43.23 9.67 -80.70
CA PHE A 1739 42.32 10.19 -81.71
C PHE A 1739 40.88 10.13 -81.24
N HIS A 1740 40.67 10.19 -79.92
CA HIS A 1740 39.33 10.18 -79.35
C HIS A 1740 38.86 11.61 -79.12
N GLY A 1741 37.57 11.83 -79.34
CA GLY A 1741 37.02 13.17 -79.30
C GLY A 1741 36.72 13.68 -80.69
N LEU A 1742 37.60 13.38 -81.64
CA LEU A 1742 37.36 13.63 -83.05
C LEU A 1742 36.96 12.36 -83.80
N TYR A 1743 36.75 11.27 -83.08
CA TYR A 1743 36.36 10.00 -83.71
C TYR A 1743 34.93 10.07 -84.23
N GLN A 1744 34.68 9.37 -85.33
CA GLN A 1744 33.35 9.27 -85.91
C GLN A 1744 33.13 7.81 -86.33
N CYS A 1745 32.59 7.02 -85.41
CA CYS A 1745 32.24 5.65 -85.70
C CYS A 1745 30.94 5.60 -86.50
N THR A 1746 30.79 4.54 -87.30
CA THR A 1746 29.57 4.39 -88.09
C THR A 1746 28.37 4.04 -87.20
N ASN A 1747 28.57 3.16 -86.23
CA ASN A 1747 27.49 2.72 -85.36
C ASN A 1747 27.79 2.97 -83.89
N GLY A 1748 28.92 3.58 -83.56
CA GLY A 1748 29.22 3.93 -82.18
C GLY A 1748 29.65 2.76 -81.33
N PHE A 1749 28.88 2.45 -80.30
CA PHE A 1749 29.14 1.34 -79.41
C PHE A 1749 28.32 0.10 -79.77
N GLN A 1750 27.59 0.15 -80.88
CA GLN A 1750 26.80 -0.99 -81.33
C GLN A 1750 27.69 -1.97 -82.10
N PHE A 1751 27.09 -3.08 -82.52
CA PHE A 1751 27.82 -4.09 -83.26
C PHE A 1751 28.09 -3.62 -84.69
N ASN A 1752 29.22 -4.09 -85.24
CA ASN A 1752 29.71 -3.77 -86.58
C ASN A 1752 29.90 -2.25 -86.76
N SER A 1753 30.52 -1.62 -85.78
CA SER A 1753 30.76 -0.19 -85.82
C SER A 1753 32.15 0.08 -86.38
N GLU A 1754 32.21 0.73 -87.54
CA GLU A 1754 33.47 1.07 -88.18
C GLU A 1754 33.89 2.46 -87.72
N CYS A 1755 35.00 2.54 -86.99
CA CYS A 1755 35.45 3.80 -86.40
C CYS A 1755 36.59 4.37 -87.22
N ARG A 1756 36.43 5.63 -87.65
CA ARG A 1756 37.44 6.30 -88.47
C ARG A 1756 37.26 7.80 -88.31
N ILE A 1757 38.36 8.50 -88.03
CA ILE A 1757 38.34 9.95 -87.90
C ILE A 1757 38.30 10.59 -89.28
N LYS A 1758 38.03 11.89 -89.32
CA LYS A 1758 37.96 12.63 -90.58
C LYS A 1758 39.36 12.84 -91.16
N LEU A 1768 47.00 3.20 -95.84
CA LEU A 1768 48.06 3.12 -94.84
C LEU A 1768 47.49 2.89 -93.45
N GLY A 1769 48.13 2.01 -92.70
CA GLY A 1769 47.71 1.70 -91.34
C GLY A 1769 46.39 0.97 -91.26
N SER A 1770 45.38 1.62 -90.68
CA SER A 1770 44.04 1.04 -90.52
C SER A 1770 43.03 2.11 -90.88
N ASN A 1771 42.65 2.17 -92.16
CA ASN A 1771 41.65 3.12 -92.62
C ASN A 1771 40.24 2.70 -92.21
N VAL A 1772 39.99 1.41 -92.07
CA VAL A 1772 38.71 0.90 -91.61
C VAL A 1772 38.97 -0.08 -90.48
N ILE A 1773 38.23 0.06 -89.38
CA ILE A 1773 38.34 -0.81 -88.22
C ILE A 1773 37.09 -1.69 -88.19
N HIS A 1774 37.29 -2.99 -88.32
CA HIS A 1774 36.19 -3.95 -88.37
C HIS A 1774 35.96 -4.50 -86.97
N CYS A 1775 34.85 -4.09 -86.34
CA CYS A 1775 34.45 -4.62 -85.04
C CYS A 1775 33.72 -5.94 -85.30
N ARG A 1776 34.47 -7.04 -85.21
CA ARG A 1776 33.96 -8.34 -85.59
C ARG A 1776 33.15 -8.94 -84.43
N LYS A 1777 32.80 -10.23 -84.57
CA LYS A 1777 31.92 -10.89 -83.60
C LYS A 1777 32.62 -11.10 -82.26
N ASP A 1778 33.94 -11.27 -82.27
CA ASP A 1778 34.70 -11.36 -81.03
C ASP A 1778 35.01 -10.00 -80.42
N GLY A 1779 34.73 -8.91 -81.12
CA GLY A 1779 35.00 -7.59 -80.59
C GLY A 1779 36.46 -7.20 -80.58
N THR A 1780 37.31 -7.92 -81.32
CA THR A 1780 38.73 -7.65 -81.33
C THR A 1780 39.04 -6.42 -82.18
N TRP A 1781 39.89 -5.54 -81.65
CA TRP A 1781 40.36 -4.38 -82.37
C TRP A 1781 41.53 -4.81 -83.25
N ASN A 1782 41.33 -4.80 -84.58
CA ASN A 1782 42.36 -5.28 -85.49
C ASN A 1782 43.54 -4.33 -85.58
N GLY A 1783 43.28 -3.03 -85.53
CA GLY A 1783 44.35 -2.06 -85.63
C GLY A 1783 44.09 -0.78 -84.86
N SER A 1784 45.13 -0.24 -84.23
CA SER A 1784 45.02 1.03 -83.52
C SER A 1784 44.93 2.18 -84.51
N PHE A 1785 44.50 3.34 -84.00
CA PHE A 1785 44.40 4.53 -84.82
C PHE A 1785 45.79 5.03 -85.20
N HIS A 1786 45.98 5.34 -86.48
CA HIS A 1786 47.25 5.77 -87.01
C HIS A 1786 47.16 7.23 -87.47
N VAL A 1787 48.26 7.95 -87.29
CA VAL A 1787 48.31 9.35 -87.69
C VAL A 1787 48.57 9.47 -89.19
N ASN A 1802 42.79 24.66 -64.29
CA ASN A 1802 41.65 24.86 -63.41
C ASN A 1802 42.10 25.46 -62.09
N SER A 1803 41.19 26.20 -61.44
CA SER A 1803 41.52 26.83 -60.16
C SER A 1803 41.62 25.79 -59.05
N ASN A 1804 40.70 24.83 -59.02
CA ASN A 1804 40.72 23.81 -57.97
C ASN A 1804 41.54 22.59 -58.40
N LEU A 1805 41.28 22.07 -59.59
CA LEU A 1805 42.05 20.94 -60.11
C LEU A 1805 43.41 21.41 -60.60
N LYS A 1806 44.46 20.73 -60.16
CA LYS A 1806 45.82 21.03 -60.59
C LYS A 1806 46.42 19.78 -61.21
N LEU A 1807 47.06 19.94 -62.37
CA LEU A 1807 47.73 18.84 -63.04
C LEU A 1807 49.06 19.35 -63.59
N GLN A 1808 50.13 18.64 -63.26
CA GLN A 1808 51.48 19.00 -63.69
C GLN A 1808 52.02 17.89 -64.58
N CYS A 1809 51.70 17.99 -65.87
CA CYS A 1809 52.23 17.01 -66.82
C CYS A 1809 53.68 17.34 -67.16
N PRO A 1810 54.52 16.33 -67.39
CA PRO A 1810 55.90 16.61 -67.78
C PRO A 1810 56.03 17.18 -69.19
N ASP A 1811 55.26 16.65 -70.15
CA ASP A 1811 55.33 17.15 -71.51
C ASP A 1811 54.60 18.47 -71.68
N GLY A 1812 53.52 18.69 -70.94
CA GLY A 1812 52.77 19.92 -71.04
C GLY A 1812 51.89 19.98 -72.29
N TYR A 1813 52.25 20.85 -73.23
CA TYR A 1813 51.52 20.94 -74.49
C TYR A 1813 51.87 19.81 -75.44
N ALA A 1814 52.98 19.13 -75.23
CA ALA A 1814 53.30 17.94 -76.00
C ALA A 1814 52.46 16.76 -75.53
N ILE A 1815 52.36 15.75 -76.39
CA ILE A 1815 51.51 14.60 -76.14
C ILE A 1815 52.34 13.45 -75.62
N GLY A 1816 51.67 12.45 -75.05
CA GLY A 1816 52.30 11.19 -74.69
C GLY A 1816 52.55 10.98 -73.22
N SER A 1817 52.19 11.92 -72.36
CA SER A 1817 52.48 11.83 -70.94
C SER A 1817 51.19 11.83 -70.12
N GLU A 1818 51.11 10.92 -69.16
CA GLU A 1818 50.06 10.98 -68.16
C GLU A 1818 50.31 12.12 -67.19
N CYS A 1819 49.24 12.78 -66.78
CA CYS A 1819 49.34 13.90 -65.85
C CYS A 1819 48.73 13.51 -64.51
N ALA A 1820 49.40 13.93 -63.43
CA ALA A 1820 48.89 13.66 -62.09
C ALA A 1820 47.68 14.53 -61.81
N THR A 1821 46.52 13.90 -61.65
CA THR A 1821 45.24 14.60 -61.52
C THR A 1821 44.80 14.54 -60.07
N SER A 1822 44.87 15.68 -59.38
CA SER A 1822 44.42 15.78 -58.00
C SER A 1822 43.98 17.21 -57.73
N CYS A 1823 43.14 17.36 -56.71
CA CYS A 1823 42.63 18.67 -56.33
C CYS A 1823 43.63 19.35 -55.40
N LEU A 1824 43.27 20.54 -54.90
CA LEU A 1824 44.15 21.24 -53.96
C LEU A 1824 44.22 20.52 -52.62
N ASP A 1825 43.10 19.97 -52.17
CA ASP A 1825 43.04 19.24 -50.91
C ASP A 1825 42.83 17.76 -51.18
N HIS A 1826 43.46 16.92 -50.37
CA HIS A 1826 43.39 15.48 -50.55
C HIS A 1826 42.03 14.90 -50.15
N ASN A 1827 41.24 15.64 -49.37
CA ASN A 1827 39.94 15.14 -48.93
C ASN A 1827 38.92 15.12 -50.06
N SER A 1828 39.14 15.89 -51.13
CA SER A 1828 38.23 15.95 -52.26
C SER A 1828 38.74 15.06 -53.39
N GLU A 1829 37.79 14.48 -54.14
CA GLU A 1829 38.10 13.61 -55.26
C GLU A 1829 37.53 14.21 -56.53
N SER A 1830 38.34 14.26 -57.57
CA SER A 1830 37.92 14.81 -58.86
C SER A 1830 37.21 13.74 -59.68
N ILE A 1831 36.08 14.12 -60.28
CA ILE A 1831 35.32 13.24 -61.15
C ILE A 1831 34.94 13.97 -62.42
N ILE A 1832 34.67 13.20 -63.47
CA ILE A 1832 34.31 13.74 -64.77
C ILE A 1832 32.79 13.79 -64.85
N LEU A 1833 32.24 15.00 -64.89
CA LEU A 1833 30.80 15.22 -65.06
C LEU A 1833 30.59 16.19 -66.21
N PRO A 1834 30.60 15.68 -67.46
CA PRO A 1834 30.44 16.57 -68.61
C PRO A 1834 29.00 16.91 -68.97
N MET A 1835 28.02 16.20 -68.42
CA MET A 1835 26.62 16.44 -68.77
C MET A 1835 25.94 17.45 -67.85
N ASN A 1836 26.61 18.59 -67.64
CA ASN A 1836 26.10 19.75 -66.89
C ASN A 1836 25.70 19.39 -65.47
N VAL A 1837 26.51 18.56 -64.80
CA VAL A 1837 26.27 18.15 -63.42
C VAL A 1837 27.36 18.73 -62.55
N THR A 1838 26.97 19.45 -61.50
CA THR A 1838 27.91 20.09 -60.59
C THR A 1838 28.23 19.15 -59.43
N VAL A 1839 28.87 19.70 -58.39
CA VAL A 1839 29.28 18.91 -57.23
C VAL A 1839 28.07 18.45 -56.43
N ARG A 1840 27.15 19.36 -56.13
CA ARG A 1840 26.02 19.08 -55.28
C ARG A 1840 24.79 18.58 -56.04
N ASP A 1841 24.86 18.52 -57.37
CA ASP A 1841 23.72 18.14 -58.18
C ASP A 1841 23.60 16.63 -58.39
N ILE A 1842 24.54 15.85 -57.87
CA ILE A 1842 24.49 14.39 -58.08
C ILE A 1842 23.42 13.80 -57.16
N PRO A 1843 22.65 12.81 -57.62
CA PRO A 1843 21.83 12.02 -56.71
C PRO A 1843 22.64 10.86 -56.12
N HIS A 1844 22.02 10.17 -55.17
CA HIS A 1844 22.71 9.09 -54.47
C HIS A 1844 22.84 7.84 -55.33
N TRP A 1845 21.90 7.61 -56.26
CA TRP A 1845 21.97 6.42 -57.11
C TRP A 1845 22.89 6.59 -58.31
N LEU A 1846 23.37 7.79 -58.57
CA LEU A 1846 24.28 8.02 -59.69
C LEU A 1846 25.65 7.43 -59.38
N ASN A 1847 26.30 6.91 -60.41
CA ASN A 1847 27.62 6.29 -60.28
C ASN A 1847 28.58 6.99 -61.23
N PRO A 1848 29.18 8.10 -60.80
CA PRO A 1848 30.18 8.77 -61.65
C PRO A 1848 31.46 7.96 -61.73
N THR A 1849 32.20 8.19 -62.80
CA THR A 1849 33.42 7.45 -63.07
C THR A 1849 34.62 8.12 -62.41
N ARG A 1850 35.68 7.35 -62.22
CA ARG A 1850 36.91 7.86 -61.64
C ARG A 1850 37.62 8.76 -62.65
N VAL A 1851 38.52 9.61 -62.13
CA VAL A 1851 39.19 10.58 -62.97
C VAL A 1851 40.27 9.89 -63.82
N GLU A 1852 40.21 10.11 -65.12
CA GLU A 1852 41.23 9.62 -66.03
C GLU A 1852 42.30 10.69 -66.21
N ARG A 1853 43.56 10.25 -66.21
CA ARG A 1853 44.68 11.17 -66.39
C ARG A 1853 44.70 11.68 -67.82
N VAL A 1854 44.63 13.01 -67.97
CA VAL A 1854 44.31 13.65 -69.24
C VAL A 1854 45.51 13.58 -70.19
N VAL A 1855 45.52 12.59 -71.06
CA VAL A 1855 46.55 12.52 -72.09
C VAL A 1855 46.13 13.42 -73.26
N CYS A 1856 47.06 14.28 -73.67
CA CYS A 1856 46.73 15.27 -74.74
C CYS A 1856 46.35 14.55 -76.04
N THR A 1857 45.13 14.76 -76.52
CA THR A 1857 44.71 14.19 -77.84
C THR A 1857 45.37 15.06 -78.92
N ALA A 1858 45.36 14.62 -80.18
CA ALA A 1858 46.08 15.38 -81.23
C ALA A 1858 45.56 16.82 -81.23
N GLY A 1859 46.46 17.80 -81.39
CA GLY A 1859 46.06 19.22 -81.29
C GLY A 1859 45.58 19.55 -79.88
N LEU A 1860 44.38 20.13 -79.75
CA LEU A 1860 43.85 20.53 -78.42
C LEU A 1860 43.58 19.26 -77.59
N LYS A 1861 43.60 19.36 -76.25
CA LYS A 1861 43.22 18.20 -75.42
C LYS A 1861 41.78 17.81 -75.79
N TRP A 1862 41.01 18.74 -76.35
CA TRP A 1862 39.62 18.47 -76.83
C TRP A 1862 38.63 18.04 -75.73
N TYR A 1863 37.99 16.87 -75.87
CA TYR A 1863 36.89 16.48 -74.94
C TYR A 1863 37.29 16.42 -73.46
N PRO A 1864 38.41 15.81 -73.02
CA PRO A 1864 38.79 15.87 -71.60
C PRO A 1864 39.05 17.34 -71.24
N HIS A 1865 38.54 17.81 -70.10
CA HIS A 1865 38.68 19.26 -69.78
C HIS A 1865 38.80 19.51 -68.26
N PRO A 1866 39.81 20.27 -67.74
CA PRO A 1866 39.87 20.58 -66.30
C PRO A 1866 38.64 21.30 -65.73
N ALA A 1867 38.09 22.28 -66.46
CA ALA A 1867 36.92 23.00 -66.00
C ALA A 1867 35.70 22.09 -65.91
N LEU A 1868 35.63 21.09 -66.79
CA LEU A 1868 34.54 20.13 -66.73
C LEU A 1868 34.74 19.12 -65.61
N ILE A 1869 35.99 18.84 -65.23
CA ILE A 1869 36.27 17.92 -64.14
C ILE A 1869 36.02 18.64 -62.82
N HIS A 1870 35.14 18.08 -61.99
CA HIS A 1870 34.70 18.71 -60.77
C HIS A 1870 35.27 17.98 -59.56
N CYS A 1871 35.85 18.73 -58.63
CA CYS A 1871 36.32 18.18 -57.36
C CYS A 1871 35.14 18.12 -56.40
N VAL A 1872 34.71 16.90 -56.05
CA VAL A 1872 33.56 16.69 -55.19
C VAL A 1872 34.05 16.11 -53.87
N LYS A 1873 33.13 15.91 -52.93
CA LYS A 1873 33.45 15.38 -51.60
C LYS A 1873 33.89 13.92 -51.72
N GLY A 1874 35.19 13.69 -51.57
CA GLY A 1874 35.73 12.37 -51.75
C GLY A 1874 35.42 11.44 -50.59
N CYS A 1875 35.69 10.16 -50.80
CA CYS A 1875 35.43 9.14 -49.80
C CYS A 1875 36.45 9.22 -48.67
N GLU A 1876 36.07 8.64 -47.53
CA GLU A 1876 36.88 8.66 -46.32
C GLU A 1876 37.07 7.24 -45.83
N PRO A 1877 38.21 6.94 -45.15
CA PRO A 1877 38.48 5.56 -44.73
C PRO A 1877 37.57 5.04 -43.63
N PHE A 1878 36.30 4.82 -43.95
CA PHE A 1878 35.32 4.25 -43.03
C PHE A 1878 34.64 3.03 -43.65
N MET A 1879 35.34 2.31 -44.52
CA MET A 1879 34.76 1.19 -45.25
C MET A 1879 34.92 -0.10 -44.45
N GLY A 1880 33.82 -0.81 -44.27
CA GLY A 1880 33.84 -2.11 -43.61
C GLY A 1880 34.18 -2.10 -42.14
N ASP A 1881 33.71 -1.09 -41.40
CA ASP A 1881 33.95 -1.02 -39.96
C ASP A 1881 32.68 -1.20 -39.15
N ASN A 1882 31.64 -1.76 -39.77
CA ASN A 1882 30.31 -2.00 -39.19
C ASN A 1882 29.63 -0.72 -38.70
N TYR A 1883 30.01 0.42 -39.25
CA TYR A 1883 29.46 1.72 -38.90
C TYR A 1883 28.90 2.37 -40.16
N CYS A 1884 27.66 2.84 -40.09
CA CYS A 1884 27.04 3.50 -41.23
C CYS A 1884 27.39 4.98 -41.20
N ASP A 1885 27.81 5.49 -42.36
CA ASP A 1885 28.18 6.89 -42.51
C ASP A 1885 27.21 7.56 -43.47
N ALA A 1886 26.56 8.64 -43.00
CA ALA A 1886 25.58 9.32 -43.83
C ALA A 1886 26.24 10.12 -44.95
N ILE A 1887 27.48 10.57 -44.74
CA ILE A 1887 28.18 11.32 -45.78
C ILE A 1887 28.56 10.40 -46.94
N ASN A 1888 28.98 9.17 -46.62
CA ASN A 1888 29.34 8.19 -47.63
C ASN A 1888 28.23 7.19 -47.91
N ASN A 1889 26.99 7.56 -47.60
CA ASN A 1889 25.83 6.72 -47.93
C ASN A 1889 25.37 7.03 -49.36
N ARG A 1890 26.20 6.58 -50.30
CA ARG A 1890 25.98 6.85 -51.71
C ARG A 1890 26.66 5.77 -52.53
N ALA A 1891 26.30 5.72 -53.82
CA ALA A 1891 26.86 4.72 -54.73
C ALA A 1891 28.27 5.05 -55.19
N PHE A 1892 28.75 6.27 -54.94
CA PHE A 1892 30.09 6.64 -55.37
C PHE A 1892 31.15 5.97 -54.50
N CYS A 1893 30.92 5.87 -53.19
CA CYS A 1893 31.85 5.26 -52.27
C CYS A 1893 31.46 3.83 -51.89
N ASN A 1894 30.77 3.14 -52.81
CA ASN A 1894 30.38 1.72 -52.69
C ASN A 1894 29.50 1.45 -51.48
N TYR A 1895 28.67 2.44 -51.11
CA TYR A 1895 27.72 2.37 -49.99
C TYR A 1895 28.38 2.03 -48.67
N ASP A 1896 29.57 2.62 -48.45
CA ASP A 1896 30.37 2.48 -47.23
C ASP A 1896 30.72 1.02 -46.94
N GLY A 1897 31.00 0.26 -48.00
CA GLY A 1897 31.27 -1.15 -47.85
C GLY A 1897 30.08 -1.98 -47.47
N GLY A 1898 28.86 -1.48 -47.69
CA GLY A 1898 27.66 -2.17 -47.27
C GLY A 1898 27.36 -2.07 -45.79
N ASP A 1899 28.01 -1.15 -45.07
CA ASP A 1899 27.81 -1.04 -43.63
C ASP A 1899 26.47 -0.41 -43.27
N CYS A 1900 25.81 0.28 -44.20
CA CYS A 1900 24.52 0.89 -43.93
C CYS A 1900 23.35 -0.03 -44.24
N CYS A 1901 23.60 -1.23 -44.76
CA CYS A 1901 22.54 -2.16 -45.12
C CYS A 1901 22.64 -3.42 -44.27
N THR A 1902 21.48 -3.90 -43.80
CA THR A 1902 21.43 -4.99 -42.83
C THR A 1902 21.91 -6.31 -43.42
N SER A 1903 21.72 -6.52 -44.72
CA SER A 1903 22.13 -7.78 -45.35
C SER A 1903 23.63 -7.88 -45.55
N THR A 1904 24.38 -6.80 -45.37
CA THR A 1904 25.83 -6.81 -45.59
C THR A 1904 26.62 -6.44 -44.34
N VAL A 1905 26.03 -6.58 -43.16
CA VAL A 1905 26.70 -6.33 -41.90
C VAL A 1905 26.68 -7.63 -41.10
N LYS A 1906 27.86 -8.01 -40.57
CA LYS A 1906 27.99 -9.25 -39.82
C LYS A 1906 27.19 -9.25 -38.53
N THR A 1907 26.94 -8.07 -37.95
CA THR A 1907 26.18 -7.97 -36.72
C THR A 1907 24.68 -7.93 -36.96
N LYS A 1908 24.25 -7.88 -38.23
CA LYS A 1908 22.83 -7.83 -38.64
C LYS A 1908 22.09 -6.65 -38.00
N LYS A 1909 22.77 -5.51 -37.92
CA LYS A 1909 22.17 -4.31 -37.35
C LYS A 1909 22.83 -3.09 -37.98
N VAL A 1910 22.14 -1.96 -37.90
CA VAL A 1910 22.64 -0.70 -38.42
C VAL A 1910 22.83 0.26 -37.25
N THR A 1911 24.05 0.78 -37.10
CA THR A 1911 24.39 1.71 -36.02
C THR A 1911 25.09 2.92 -36.65
N PRO A 1912 24.36 3.96 -37.14
CA PRO A 1912 25.01 5.08 -37.83
C PRO A 1912 25.92 5.91 -36.91
N PHE A 1913 26.88 6.64 -37.50
CA PHE A 1913 27.83 7.44 -36.69
C PHE A 1913 27.13 8.55 -35.88
N PRO A 1914 26.11 9.29 -36.39
CA PRO A 1914 25.36 10.22 -35.54
C PRO A 1914 24.06 9.60 -34.99
N MET A 1915 23.88 9.65 -33.68
CA MET A 1915 22.64 9.10 -33.04
C MET A 1915 21.46 9.97 -33.49
N SER A 1916 21.74 11.12 -34.10
CA SER A 1916 20.67 12.03 -34.54
C SER A 1916 20.19 11.76 -35.96
N CYS A 1917 20.86 10.91 -36.72
CA CYS A 1917 20.40 10.60 -38.07
C CYS A 1917 19.26 9.60 -38.02
N ASP A 1918 18.18 9.89 -38.73
CA ASP A 1918 17.03 9.00 -38.79
C ASP A 1918 17.33 7.80 -39.67
N LEU A 1919 16.79 6.64 -39.29
CA LEU A 1919 17.09 5.39 -39.97
C LEU A 1919 16.48 5.30 -41.37
N GLN A 1920 15.54 6.17 -41.70
CA GLN A 1920 14.94 6.22 -43.04
C GLN A 1920 15.31 7.49 -43.79
N GLY A 1921 16.38 8.17 -43.38
CA GLY A 1921 16.76 9.42 -44.00
C GLY A 1921 18.11 9.42 -44.68
N ASP A 1922 19.07 10.15 -44.09
CA ASP A 1922 20.37 10.32 -44.72
C ASP A 1922 21.22 9.07 -44.62
N CYS A 1923 21.17 8.39 -43.48
CA CYS A 1923 21.97 7.19 -43.21
C CYS A 1923 21.19 5.90 -43.45
N ALA A 1924 20.26 5.91 -44.39
CA ALA A 1924 19.43 4.76 -44.68
C ALA A 1924 20.10 3.86 -45.72
N CYS A 1925 19.66 2.60 -45.75
CA CYS A 1925 20.12 1.65 -46.75
C CYS A 1925 19.43 1.97 -48.07
N ARG A 1926 20.12 2.70 -48.93
CA ARG A 1926 19.61 3.06 -50.25
C ARG A 1926 20.28 2.26 -51.36
N ASP A 1927 20.74 1.04 -51.05
CA ASP A 1927 21.38 0.19 -52.03
C ASP A 1927 20.34 -0.77 -52.61
N PRO A 1928 20.06 -0.71 -53.91
CA PRO A 1928 19.10 -1.66 -54.51
C PRO A 1928 19.65 -3.08 -54.62
N GLN A 1929 20.96 -3.29 -54.47
CA GLN A 1929 21.55 -4.62 -54.59
C GLN A 1929 21.45 -5.43 -53.30
N ALA A 1930 20.90 -4.86 -52.24
CA ALA A 1930 20.75 -5.56 -50.98
C ALA A 1930 19.48 -6.40 -51.00
N GLN A 1931 19.11 -6.97 -49.85
CA GLN A 1931 17.94 -7.82 -49.73
C GLN A 1931 16.69 -7.04 -49.35
N GLU A 1932 16.77 -5.71 -49.30
CA GLU A 1932 15.58 -4.91 -49.04
C GLU A 1932 14.63 -4.85 -50.22
N HIS A 1933 15.11 -5.16 -51.43
CA HIS A 1933 14.28 -5.13 -52.62
C HIS A 1933 14.46 -6.41 -53.42
N PRO B 410 16.66 -64.44 -39.91
CA PRO B 410 16.13 -63.94 -38.65
C PRO B 410 15.47 -62.57 -38.80
N SER B 411 15.64 -61.71 -37.81
CA SER B 411 15.10 -60.35 -37.82
C SER B 411 16.25 -59.35 -37.86
N ARG B 412 16.19 -58.43 -38.80
CA ARG B 412 17.20 -57.40 -38.97
C ARG B 412 16.54 -56.02 -38.91
N ALA B 413 17.29 -55.03 -38.44
CA ALA B 413 16.77 -53.69 -38.20
C ALA B 413 17.65 -52.65 -38.85
N LEU B 414 17.10 -51.44 -38.98
CA LEU B 414 17.82 -50.31 -39.54
C LEU B 414 18.24 -49.37 -38.42
N TYR B 415 19.48 -48.87 -38.49
CA TYR B 415 19.93 -47.84 -37.57
C TYR B 415 20.00 -46.51 -38.31
N PHE B 416 19.09 -45.60 -37.94
CA PHE B 416 19.07 -44.25 -38.50
C PHE B 416 19.90 -43.34 -37.62
N SER B 417 20.94 -42.74 -38.20
CA SER B 417 21.73 -41.74 -37.50
C SER B 417 21.22 -40.35 -37.84
N GLY B 418 21.78 -39.35 -37.16
CA GLY B 418 21.40 -37.97 -37.39
C GLY B 418 22.17 -37.28 -38.49
N ARG B 419 23.04 -37.99 -39.19
CA ARG B 419 23.88 -37.39 -40.23
C ARG B 419 23.12 -37.11 -41.52
N GLY B 420 21.92 -37.63 -41.69
CA GLY B 420 21.15 -37.36 -42.89
C GLY B 420 20.61 -38.60 -43.57
N GLU B 421 20.67 -39.73 -42.88
CA GLU B 421 20.20 -40.99 -43.45
C GLU B 421 18.67 -41.05 -43.36
N GLN B 422 18.03 -41.20 -44.50
CA GLN B 422 16.58 -41.36 -44.56
C GLN B 422 16.22 -42.08 -45.84
N LEU B 423 15.00 -42.62 -45.87
CA LEU B 423 14.55 -43.44 -46.99
C LEU B 423 13.32 -42.80 -47.64
N ARG B 424 12.78 -43.50 -48.65
CA ARG B 424 11.61 -43.05 -49.37
C ARG B 424 10.92 -44.27 -49.94
N LEU B 425 9.60 -44.36 -49.75
CA LEU B 425 8.84 -45.47 -50.30
C LEU B 425 8.73 -45.33 -51.81
N ARG B 426 8.78 -46.45 -52.51
CA ARG B 426 8.72 -46.44 -53.96
C ARG B 426 7.31 -46.10 -54.44
N ALA B 427 7.22 -45.71 -55.72
CA ALA B 427 5.98 -45.22 -56.29
C ALA B 427 4.98 -46.32 -56.61
N ASP B 428 5.37 -47.59 -56.55
CA ASP B 428 4.46 -48.67 -56.92
C ASP B 428 3.44 -49.00 -55.85
N LEU B 429 3.56 -48.43 -54.66
CA LEU B 429 2.62 -48.67 -53.56
C LEU B 429 1.57 -47.57 -53.55
N GLU B 430 0.30 -47.97 -53.46
CA GLU B 430 -0.79 -47.02 -53.33
C GLU B 430 -0.87 -46.55 -51.88
N LEU B 431 -0.75 -45.25 -51.67
CA LEU B 431 -0.81 -44.70 -50.33
C LEU B 431 -2.24 -44.80 -49.79
N PRO B 432 -2.43 -45.04 -48.49
CA PRO B 432 -3.79 -45.15 -47.95
C PRO B 432 -4.48 -43.80 -47.92
N ARG B 433 -5.79 -43.82 -48.19
CA ARG B 433 -6.56 -42.60 -48.37
C ARG B 433 -7.55 -42.33 -47.25
N ASP B 434 -8.37 -43.32 -46.88
CA ASP B 434 -9.43 -43.11 -45.89
C ASP B 434 -9.00 -43.48 -44.48
N ALA B 435 -8.58 -44.73 -44.28
CA ALA B 435 -8.19 -45.23 -42.97
C ALA B 435 -6.82 -45.88 -43.08
N PHE B 436 -6.02 -45.74 -42.03
CA PHE B 436 -4.69 -46.34 -42.05
C PHE B 436 -4.26 -46.71 -40.64
N THR B 437 -3.29 -47.61 -40.58
CA THR B 437 -2.74 -48.09 -39.32
C THR B 437 -1.25 -48.33 -39.52
N LEU B 438 -0.43 -47.59 -38.77
CA LEU B 438 1.01 -47.73 -38.79
C LEU B 438 1.45 -48.46 -37.53
N GLN B 439 2.25 -49.51 -37.69
CA GLN B 439 2.74 -50.32 -36.58
C GLN B 439 4.26 -50.46 -36.73
N VAL B 440 5.01 -49.82 -35.84
CA VAL B 440 6.46 -49.79 -35.96
C VAL B 440 7.08 -50.19 -34.63
N TRP B 441 7.95 -51.20 -34.65
CA TRP B 441 8.81 -51.52 -33.53
C TRP B 441 10.04 -50.63 -33.61
N LEU B 442 10.18 -49.71 -32.65
CA LEU B 442 11.28 -48.76 -32.70
C LEU B 442 12.03 -48.76 -31.38
N ARG B 443 13.32 -48.46 -31.46
CA ARG B 443 14.18 -48.26 -30.30
C ARG B 443 14.76 -46.86 -30.44
N ALA B 444 14.17 -45.89 -29.75
CA ALA B 444 14.65 -44.53 -29.80
C ALA B 444 15.94 -44.38 -29.00
N GLU B 445 16.83 -43.52 -29.49
CA GLU B 445 18.07 -43.25 -28.77
C GLU B 445 17.82 -42.14 -27.76
N GLY B 446 18.89 -41.67 -27.11
CA GLY B 446 18.75 -40.71 -26.04
C GLY B 446 18.34 -39.32 -26.47
N GLY B 447 19.19 -38.64 -27.21
CA GLY B 447 18.90 -37.28 -27.63
C GLY B 447 18.55 -37.15 -29.10
N GLN B 448 17.26 -36.97 -29.38
CA GLN B 448 16.81 -36.67 -30.73
C GLN B 448 16.77 -35.16 -30.93
N ARG B 449 16.44 -34.73 -32.13
CA ARG B 449 16.18 -33.32 -32.36
C ARG B 449 14.76 -32.99 -31.89
N SER B 450 14.45 -31.69 -31.86
CA SER B 450 13.12 -31.28 -31.40
C SER B 450 12.00 -31.68 -32.36
N PRO B 451 12.01 -31.34 -33.69
CA PRO B 451 10.86 -31.74 -34.51
C PRO B 451 11.00 -33.11 -35.15
N ALA B 452 11.93 -33.93 -34.65
CA ALA B 452 12.37 -35.16 -35.32
C ALA B 452 11.24 -36.16 -35.54
N VAL B 453 11.16 -36.68 -36.76
CA VAL B 453 10.07 -37.55 -37.17
C VAL B 453 10.60 -38.96 -37.39
N ILE B 454 9.67 -39.91 -37.51
CA ILE B 454 9.98 -41.31 -37.76
C ILE B 454 9.43 -41.76 -39.11
N THR B 455 8.15 -41.48 -39.36
CA THR B 455 7.50 -41.85 -40.61
C THR B 455 6.47 -40.78 -40.94
N GLY B 456 6.57 -40.19 -42.12
CA GLY B 456 5.68 -39.12 -42.52
C GLY B 456 5.14 -39.35 -43.91
N LEU B 457 4.02 -38.66 -44.19
CA LEU B 457 3.40 -38.66 -45.51
C LEU B 457 3.29 -37.20 -45.94
N TYR B 458 4.20 -36.77 -46.81
CA TYR B 458 4.36 -35.37 -47.14
C TYR B 458 3.87 -35.05 -48.55
N ASP B 459 3.67 -33.75 -48.77
CA ASP B 459 3.24 -33.21 -50.06
C ASP B 459 4.45 -32.61 -50.75
N LYS B 460 4.72 -33.05 -51.99
CA LYS B 460 5.88 -32.58 -52.73
C LYS B 460 5.56 -31.82 -54.01
N CYS B 461 4.28 -31.72 -54.40
CA CYS B 461 3.90 -30.98 -55.59
C CYS B 461 3.14 -29.70 -55.26
N SER B 462 3.07 -29.32 -53.99
CA SER B 462 2.29 -28.17 -53.57
C SER B 462 3.17 -27.19 -52.81
N TYR B 463 2.78 -25.92 -52.86
CA TYR B 463 3.53 -24.86 -52.20
C TYR B 463 2.66 -23.92 -51.37
N ILE B 464 1.34 -24.01 -51.48
CA ILE B 464 0.46 -23.20 -50.63
C ILE B 464 0.51 -23.72 -49.19
N SER B 465 0.49 -25.04 -49.01
CA SER B 465 0.55 -25.63 -47.68
C SER B 465 1.34 -26.92 -47.76
N ARG B 466 2.49 -26.95 -47.10
CA ARG B 466 3.35 -28.12 -47.08
C ARG B 466 3.19 -28.97 -45.83
N ASP B 467 2.22 -28.64 -44.97
CA ASP B 467 2.01 -29.33 -43.71
C ASP B 467 0.79 -30.26 -43.77
N ARG B 468 0.59 -30.89 -44.92
CA ARG B 468 -0.52 -31.81 -45.09
C ARG B 468 -0.15 -33.21 -44.61
N GLY B 469 -1.13 -34.11 -44.63
CA GLY B 469 -0.90 -35.50 -44.32
C GLY B 469 -0.75 -35.77 -42.84
N TRP B 470 -0.12 -36.90 -42.55
CA TRP B 470 0.12 -37.38 -41.20
C TRP B 470 1.61 -37.57 -40.97
N VAL B 471 2.03 -37.39 -39.72
CA VAL B 471 3.45 -37.48 -39.37
C VAL B 471 3.57 -37.99 -37.95
N VAL B 472 4.34 -39.06 -37.76
CA VAL B 472 4.63 -39.64 -36.46
C VAL B 472 6.06 -39.30 -36.11
N GLY B 473 6.32 -39.02 -34.84
CA GLY B 473 7.68 -38.73 -34.44
C GLY B 473 7.84 -38.55 -32.95
N ILE B 474 8.96 -37.93 -32.58
CA ILE B 474 9.29 -37.62 -31.20
C ILE B 474 9.51 -36.12 -31.09
N HIS B 475 8.76 -35.47 -30.20
CA HIS B 475 8.87 -34.01 -30.08
C HIS B 475 8.50 -33.59 -28.67
N THR B 476 8.94 -32.39 -28.31
CA THR B 476 8.71 -31.86 -26.96
C THR B 476 7.38 -31.11 -26.92
N ILE B 477 6.58 -31.39 -25.89
CA ILE B 477 5.29 -30.72 -25.76
C ILE B 477 5.44 -29.27 -25.38
N SER B 478 6.56 -28.90 -24.75
CA SER B 478 6.86 -27.51 -24.40
C SER B 478 7.99 -27.05 -25.33
N ASP B 479 7.60 -26.42 -26.44
CA ASP B 479 8.57 -25.98 -27.43
C ASP B 479 9.43 -24.82 -26.95
N GLN B 480 8.98 -24.08 -25.93
CA GLN B 480 9.74 -22.95 -25.43
C GLN B 480 10.92 -23.38 -24.56
N ASP B 481 10.91 -24.62 -24.04
CA ASP B 481 11.96 -25.06 -23.14
C ASP B 481 12.56 -26.41 -23.51
N ASN B 482 11.94 -27.16 -24.44
CA ASN B 482 12.25 -28.56 -24.82
C ASN B 482 12.62 -29.44 -23.62
N LYS B 483 11.70 -29.50 -22.67
CA LYS B 483 11.96 -30.21 -21.42
C LYS B 483 11.74 -31.71 -21.56
N ASP B 484 10.50 -32.12 -21.83
CA ASP B 484 10.16 -33.54 -21.88
C ASP B 484 9.75 -33.94 -23.29
N PRO B 485 10.49 -34.82 -23.95
CA PRO B 485 10.10 -35.27 -25.29
C PRO B 485 9.19 -36.50 -25.25
N ARG B 486 8.06 -36.43 -25.97
CA ARG B 486 7.11 -37.53 -26.04
C ARG B 486 6.90 -37.93 -27.49
N TYR B 487 6.37 -39.13 -27.68
CA TYR B 487 5.90 -39.54 -28.99
C TYR B 487 4.68 -38.73 -29.38
N PHE B 488 4.63 -38.31 -30.64
CA PHE B 488 3.49 -37.54 -31.12
C PHE B 488 3.10 -37.99 -32.52
N PHE B 489 1.84 -37.73 -32.84
CA PHE B 489 1.20 -38.14 -34.09
C PHE B 489 0.34 -36.95 -34.54
N SER B 490 0.80 -36.24 -35.56
CA SER B 490 0.11 -35.07 -36.07
C SER B 490 -0.61 -35.40 -37.37
N LEU B 491 -1.75 -34.73 -37.56
CA LEU B 491 -2.59 -34.99 -38.72
C LEU B 491 -3.22 -33.69 -39.20
N LYS B 492 -3.26 -33.53 -40.53
CA LYS B 492 -3.96 -32.42 -41.15
C LYS B 492 -4.38 -32.88 -42.54
N THR B 493 -5.68 -33.11 -42.73
CA THR B 493 -6.20 -33.54 -44.01
C THR B 493 -6.30 -32.35 -44.97
N ASP B 494 -6.60 -32.66 -46.24
CA ASP B 494 -6.74 -31.60 -47.23
C ASP B 494 -8.00 -30.79 -47.03
N ARG B 495 -9.06 -31.41 -46.51
CA ARG B 495 -10.31 -30.68 -46.26
C ARG B 495 -10.22 -29.78 -45.04
N ALA B 496 -9.45 -30.18 -44.03
CA ALA B 496 -9.42 -29.46 -42.77
C ALA B 496 -8.58 -28.19 -42.89
N ARG B 497 -8.57 -27.42 -41.80
CA ARG B 497 -7.87 -26.15 -41.76
C ARG B 497 -6.89 -26.02 -40.61
N GLN B 498 -6.74 -27.06 -39.78
CA GLN B 498 -5.91 -26.96 -38.59
C GLN B 498 -5.21 -28.28 -38.33
N VAL B 499 -3.89 -28.24 -38.24
CA VAL B 499 -3.11 -29.43 -37.94
C VAL B 499 -3.22 -29.72 -36.45
N THR B 500 -3.63 -30.94 -36.12
CA THR B 500 -3.82 -31.32 -34.72
C THR B 500 -2.86 -32.46 -34.36
N THR B 501 -2.27 -32.34 -33.18
CA THR B 501 -1.26 -33.27 -32.69
C THR B 501 -1.83 -34.12 -31.57
N ILE B 502 -1.28 -35.32 -31.43
CA ILE B 502 -1.61 -36.23 -30.34
C ILE B 502 -0.30 -36.61 -29.65
N ASN B 503 -0.24 -36.43 -28.33
CA ASN B 503 0.98 -36.68 -27.58
C ASN B 503 0.86 -37.99 -26.80
N ALA B 504 1.91 -38.30 -26.05
CA ALA B 504 1.92 -39.44 -25.16
C ALA B 504 1.70 -38.96 -23.72
N HIS B 505 1.83 -39.87 -22.76
CA HIS B 505 1.60 -39.56 -21.36
C HIS B 505 2.88 -39.55 -20.54
N ARG B 506 4.03 -39.86 -21.14
CA ARG B 506 5.27 -39.97 -20.40
C ARG B 506 6.43 -39.70 -21.35
N SER B 507 7.55 -39.27 -20.79
CA SER B 507 8.78 -39.18 -21.57
C SER B 507 9.22 -40.57 -22.02
N TYR B 508 9.70 -40.66 -23.25
CA TYR B 508 10.03 -41.94 -23.85
C TYR B 508 11.28 -42.54 -23.22
N LEU B 509 11.35 -43.86 -23.24
CA LEU B 509 12.50 -44.57 -22.70
C LEU B 509 13.60 -44.63 -23.76
N PRO B 510 14.81 -44.17 -23.45
CA PRO B 510 15.88 -44.13 -24.45
C PRO B 510 16.59 -45.45 -24.69
N GLY B 511 16.15 -46.55 -24.09
CA GLY B 511 16.81 -47.82 -24.30
C GLY B 511 15.87 -49.00 -24.33
N GLN B 512 14.59 -48.75 -24.57
CA GLN B 512 13.58 -49.79 -24.56
C GLN B 512 12.87 -49.83 -25.91
N TRP B 513 12.49 -51.04 -26.32
CA TRP B 513 11.75 -51.22 -27.56
C TRP B 513 10.30 -50.86 -27.34
N VAL B 514 9.78 -49.97 -28.19
CA VAL B 514 8.41 -49.49 -28.10
C VAL B 514 7.69 -49.87 -29.39
N TYR B 515 6.53 -50.52 -29.24
CA TYR B 515 5.67 -50.87 -30.38
C TYR B 515 4.67 -49.73 -30.58
N LEU B 516 5.08 -48.74 -31.37
CA LEU B 516 4.25 -47.58 -31.62
C LEU B 516 3.21 -47.91 -32.68
N ALA B 517 1.96 -47.52 -32.41
CA ALA B 517 0.86 -47.80 -33.33
C ALA B 517 0.00 -46.57 -33.48
N ALA B 518 -0.18 -46.10 -34.71
CA ALA B 518 -1.05 -44.97 -35.00
C ALA B 518 -2.20 -45.43 -35.88
N THR B 519 -3.43 -45.17 -35.44
CA THR B 519 -4.60 -45.57 -36.21
C THR B 519 -5.46 -44.35 -36.53
N TYR B 520 -6.07 -44.37 -37.72
CA TYR B 520 -7.02 -43.34 -38.09
C TYR B 520 -8.08 -43.97 -38.98
N ASP B 521 -9.34 -43.83 -38.57
CA ASP B 521 -10.47 -44.46 -39.26
C ASP B 521 -11.31 -43.47 -40.07
N GLY B 522 -11.34 -42.20 -39.66
CA GLY B 522 -12.18 -41.23 -40.35
C GLY B 522 -12.84 -40.27 -39.39
N GLN B 523 -13.05 -40.70 -38.15
CA GLN B 523 -13.58 -39.82 -37.11
C GLN B 523 -12.57 -39.59 -36.00
N PHE B 524 -12.05 -40.64 -35.39
CA PHE B 524 -11.10 -40.54 -34.28
C PHE B 524 -9.76 -41.11 -34.70
N MET B 525 -8.69 -40.39 -34.41
CA MET B 525 -7.33 -40.90 -34.52
C MET B 525 -6.83 -41.29 -33.14
N LYS B 526 -6.16 -42.44 -33.05
CA LYS B 526 -5.72 -43.01 -31.79
C LYS B 526 -4.24 -43.33 -31.85
N LEU B 527 -3.58 -43.22 -30.70
CA LEU B 527 -2.17 -43.56 -30.57
C LEU B 527 -1.99 -44.61 -29.47
N TYR B 528 -1.30 -45.69 -29.80
CA TYR B 528 -1.00 -46.77 -28.87
C TYR B 528 0.50 -46.83 -28.65
N VAL B 529 0.93 -46.66 -27.40
CA VAL B 529 2.30 -46.88 -26.99
C VAL B 529 2.34 -48.18 -26.22
N ASN B 530 3.01 -49.19 -26.79
CA ASN B 530 3.19 -50.53 -26.21
C ASN B 530 1.86 -51.21 -25.90
N GLY B 531 0.85 -50.99 -26.74
CA GLY B 531 -0.41 -51.70 -26.66
C GLY B 531 -1.52 -50.98 -25.92
N ALA B 532 -1.20 -50.00 -25.09
CA ALA B 532 -2.21 -49.24 -24.38
C ALA B 532 -2.53 -47.96 -25.14
N GLN B 533 -3.81 -47.65 -25.24
CA GLN B 533 -4.23 -46.42 -25.91
C GLN B 533 -3.91 -45.24 -25.02
N VAL B 534 -3.14 -44.29 -25.55
CA VAL B 534 -2.66 -43.15 -24.78
C VAL B 534 -3.50 -41.91 -25.04
N ALA B 535 -3.71 -41.56 -26.29
CA ALA B 535 -4.52 -40.39 -26.59
C ALA B 535 -5.27 -40.58 -27.90
N THR B 536 -6.48 -40.05 -27.95
CA THR B 536 -7.39 -40.16 -29.07
C THR B 536 -8.03 -38.79 -29.29
N SER B 537 -8.03 -38.32 -30.53
CA SER B 537 -8.65 -37.05 -30.86
C SER B 537 -9.64 -37.22 -31.99
N GLY B 538 -10.74 -36.47 -31.92
CA GLY B 538 -11.80 -36.59 -32.91
C GLY B 538 -12.08 -35.31 -33.68
N GLU B 539 -11.03 -34.58 -34.04
CA GLU B 539 -11.18 -33.35 -34.80
C GLU B 539 -11.00 -33.54 -36.30
N GLN B 540 -10.15 -34.48 -36.72
CA GLN B 540 -9.96 -34.71 -38.14
C GLN B 540 -11.06 -35.60 -38.70
N VAL B 541 -11.62 -35.19 -39.84
CA VAL B 541 -12.70 -35.90 -40.49
C VAL B 541 -12.33 -36.11 -41.96
N GLY B 542 -12.86 -37.19 -42.53
CA GLY B 542 -12.66 -37.46 -43.95
C GLY B 542 -11.32 -38.11 -44.25
N GLY B 543 -11.12 -38.40 -45.53
CA GLY B 543 -9.86 -38.93 -45.98
C GLY B 543 -8.75 -37.88 -45.96
N ILE B 544 -7.50 -38.37 -45.95
CA ILE B 544 -6.38 -37.46 -45.81
C ILE B 544 -6.03 -36.74 -47.11
N PHE B 545 -6.40 -37.29 -48.27
CA PHE B 545 -6.22 -36.58 -49.52
C PHE B 545 -7.27 -37.02 -50.53
N SER B 546 -7.45 -36.18 -51.55
CA SER B 546 -8.26 -36.55 -52.70
C SER B 546 -7.54 -37.64 -53.51
N PRO B 547 -8.29 -38.53 -54.17
CA PRO B 547 -7.64 -39.52 -55.05
C PRO B 547 -7.02 -38.92 -56.31
N LEU B 548 -7.36 -37.67 -56.66
CA LEU B 548 -6.74 -37.04 -57.82
C LEU B 548 -5.28 -36.73 -57.58
N THR B 549 -4.92 -36.37 -56.35
CA THR B 549 -3.54 -36.07 -55.97
C THR B 549 -2.89 -37.26 -55.28
N GLN B 550 -3.23 -38.47 -55.72
CA GLN B 550 -2.68 -39.69 -55.13
C GLN B 550 -1.19 -39.84 -55.45
N LYS B 551 -0.80 -39.56 -56.69
CA LYS B 551 0.58 -39.73 -57.11
C LYS B 551 1.50 -38.64 -56.58
N CYS B 552 0.95 -37.54 -56.06
CA CYS B 552 1.76 -36.43 -55.57
C CYS B 552 2.26 -36.66 -54.13
N LYS B 553 1.46 -37.31 -53.29
CA LYS B 553 1.88 -37.60 -51.92
C LYS B 553 3.02 -38.60 -51.91
N VAL B 554 3.97 -38.40 -50.99
CA VAL B 554 5.08 -39.34 -50.85
C VAL B 554 5.17 -39.75 -49.38
N LEU B 555 5.79 -40.89 -49.14
CA LEU B 555 5.97 -41.43 -47.80
C LEU B 555 7.46 -41.51 -47.50
N MET B 556 7.88 -40.88 -46.41
CA MET B 556 9.27 -40.82 -46.01
C MET B 556 9.45 -41.52 -44.68
N LEU B 557 10.59 -42.21 -44.54
CA LEU B 557 10.90 -42.98 -43.34
C LEU B 557 12.18 -42.44 -42.71
N GLY B 558 12.11 -42.14 -41.42
CA GLY B 558 13.28 -41.71 -40.69
C GLY B 558 13.64 -40.24 -40.80
N GLY B 559 12.87 -39.47 -41.56
CA GLY B 559 13.19 -38.06 -41.72
C GLY B 559 12.21 -37.39 -42.64
N SER B 560 12.48 -36.12 -42.91
CA SER B 560 11.64 -35.28 -43.76
C SER B 560 12.52 -34.55 -44.76
N ALA B 561 11.89 -33.71 -45.58
CA ALA B 561 12.63 -32.93 -46.56
C ALA B 561 13.45 -31.82 -45.90
N LEU B 562 13.02 -31.36 -44.73
CA LEU B 562 13.73 -30.33 -43.98
C LEU B 562 14.78 -30.90 -43.03
N ASN B 563 15.15 -32.18 -43.22
CA ASN B 563 16.16 -32.90 -42.44
C ASN B 563 15.80 -32.95 -40.95
N HIS B 564 14.62 -33.48 -40.67
CA HIS B 564 14.23 -33.83 -39.30
C HIS B 564 14.59 -35.29 -39.06
N ASN B 565 15.90 -35.51 -38.92
CA ASN B 565 16.45 -36.87 -38.91
C ASN B 565 16.12 -37.57 -37.59
N TYR B 566 16.11 -38.90 -37.66
CA TYR B 566 15.81 -39.76 -36.53
C TYR B 566 17.07 -40.53 -36.14
N ARG B 567 17.25 -40.75 -34.85
CA ARG B 567 18.38 -41.51 -34.32
C ARG B 567 17.83 -42.71 -33.56
N GLY B 568 17.95 -43.90 -34.12
CA GLY B 568 17.54 -45.09 -33.42
C GLY B 568 17.31 -46.25 -34.37
N TYR B 569 16.76 -47.32 -33.80
CA TYR B 569 16.51 -48.55 -34.54
C TYR B 569 15.05 -48.62 -34.98
N ILE B 570 14.85 -49.06 -36.22
CA ILE B 570 13.52 -49.39 -36.75
C ILE B 570 13.55 -50.85 -37.14
N GLU B 571 12.61 -51.64 -36.61
CA GLU B 571 12.71 -53.10 -36.66
C GLU B 571 11.74 -53.74 -37.65
N HIS B 572 10.44 -53.44 -37.54
CA HIS B 572 9.44 -54.07 -38.42
C HIS B 572 8.45 -53.00 -38.85
N PHE B 573 8.59 -52.52 -40.09
CA PHE B 573 7.68 -51.49 -40.59
C PHE B 573 6.38 -52.14 -41.04
N SER B 574 5.27 -51.48 -40.78
CA SER B 574 3.97 -52.01 -41.16
C SER B 574 2.98 -50.88 -41.37
N LEU B 575 2.30 -50.91 -42.51
CA LEU B 575 1.29 -49.92 -42.87
C LEU B 575 0.07 -50.65 -43.42
N TRP B 576 -1.10 -50.29 -42.92
CA TRP B 576 -2.35 -50.95 -43.28
C TRP B 576 -3.25 -49.99 -44.03
N LYS B 577 -4.10 -50.55 -44.90
CA LYS B 577 -5.06 -49.77 -45.66
C LYS B 577 -6.39 -49.59 -44.93
N VAL B 578 -6.54 -50.19 -43.74
CA VAL B 578 -7.75 -50.05 -42.95
C VAL B 578 -7.35 -49.84 -41.49
N ALA B 579 -8.29 -49.31 -40.71
CA ALA B 579 -8.06 -49.06 -39.29
C ALA B 579 -8.32 -50.32 -38.48
N ARG B 580 -7.37 -50.70 -37.65
CA ARG B 580 -7.48 -51.87 -36.79
C ARG B 580 -7.67 -51.43 -35.35
N THR B 581 -8.53 -52.15 -34.63
CA THR B 581 -8.83 -51.82 -33.24
C THR B 581 -7.74 -52.38 -32.33
N GLN B 582 -7.96 -52.31 -31.01
CA GLN B 582 -6.90 -52.60 -30.04
C GLN B 582 -6.55 -54.08 -30.01
N ARG B 583 -7.54 -54.96 -30.22
CA ARG B 583 -7.30 -56.40 -30.21
C ARG B 583 -6.38 -56.81 -31.36
N GLU B 584 -6.59 -56.23 -32.54
CA GLU B 584 -5.71 -56.52 -33.67
C GLU B 584 -4.32 -55.93 -33.46
N ILE B 585 -4.23 -54.80 -32.75
CA ILE B 585 -2.93 -54.21 -32.42
C ILE B 585 -2.14 -55.14 -31.50
N LEU B 586 -2.79 -55.69 -30.47
CA LEU B 586 -2.12 -56.64 -29.60
C LEU B 586 -1.82 -57.96 -30.31
N SER B 587 -2.66 -58.35 -31.27
CA SER B 587 -2.37 -59.57 -32.02
C SER B 587 -1.16 -59.39 -32.93
N ASP B 588 -1.05 -58.22 -33.56
CA ASP B 588 0.13 -57.93 -34.37
C ASP B 588 1.37 -57.70 -33.52
N MET B 589 1.20 -57.27 -32.27
CA MET B 589 2.32 -57.21 -31.35
C MET B 589 2.80 -58.61 -30.98
N GLU B 590 1.87 -59.49 -30.63
CA GLU B 590 2.24 -60.81 -30.16
C GLU B 590 2.70 -61.73 -31.28
N THR B 591 2.29 -61.49 -32.53
CA THR B 591 2.76 -62.33 -33.62
C THR B 591 4.03 -61.82 -34.28
N HIS B 592 4.49 -60.63 -33.91
CA HIS B 592 5.66 -59.91 -34.49
C HIS B 592 5.39 -59.72 -35.98
N GLY B 593 6.36 -60.01 -36.85
CA GLY B 593 6.23 -59.76 -38.28
C GLY B 593 5.91 -60.96 -39.14
N ALA B 594 5.78 -62.16 -38.56
CA ALA B 594 5.44 -63.36 -39.30
C ALA B 594 3.95 -63.31 -39.62
N HIS B 595 3.61 -62.58 -40.67
CA HIS B 595 2.23 -62.33 -41.04
C HIS B 595 2.03 -62.67 -42.52
N THR B 596 0.84 -63.19 -42.84
CA THR B 596 0.51 -63.56 -44.20
C THR B 596 0.06 -62.33 -44.99
N ALA B 597 -0.25 -62.55 -46.26
CA ALA B 597 -0.67 -61.47 -47.15
C ALA B 597 -2.17 -61.25 -47.03
N LEU B 598 -2.58 -60.00 -46.84
CA LEU B 598 -3.97 -59.61 -46.72
C LEU B 598 -4.23 -58.42 -47.63
N PRO B 599 -5.46 -58.30 -48.16
CA PRO B 599 -5.78 -57.10 -48.96
C PRO B 599 -5.77 -55.81 -48.16
N GLN B 600 -6.07 -55.87 -46.87
CA GLN B 600 -5.94 -54.69 -46.04
C GLN B 600 -4.49 -54.38 -45.72
N LEU B 601 -3.63 -55.39 -45.72
CA LEU B 601 -2.21 -55.22 -45.44
C LEU B 601 -1.54 -54.57 -46.63
N LEU B 602 -1.22 -53.28 -46.50
CA LEU B 602 -0.57 -52.57 -47.60
C LEU B 602 0.92 -52.91 -47.66
N LEU B 603 1.66 -52.64 -46.59
CA LEU B 603 3.08 -52.91 -46.55
C LEU B 603 3.44 -53.59 -45.23
N GLN B 604 4.22 -54.66 -45.31
CA GLN B 604 4.76 -55.34 -44.12
C GLN B 604 6.22 -55.63 -44.42
N GLU B 605 7.10 -54.73 -43.98
CA GLU B 605 8.51 -54.77 -44.35
C GLU B 605 9.34 -55.20 -43.15
N ASN B 606 10.03 -56.33 -43.30
CA ASN B 606 11.15 -56.71 -42.44
C ASN B 606 12.41 -56.55 -43.27
N TRP B 607 13.44 -55.94 -42.68
CA TRP B 607 14.58 -55.44 -43.44
C TRP B 607 15.52 -56.58 -43.81
N ASP B 608 15.12 -57.31 -44.85
CA ASP B 608 16.01 -58.25 -45.52
C ASP B 608 16.43 -57.79 -46.91
N ASN B 609 15.62 -56.94 -47.55
CA ASN B 609 15.97 -56.36 -48.85
C ASN B 609 15.32 -54.98 -48.90
N VAL B 610 16.10 -53.95 -48.54
CA VAL B 610 15.58 -52.59 -48.50
C VAL B 610 15.32 -52.06 -49.91
N LYS B 611 16.19 -52.40 -50.85
CA LYS B 611 16.12 -51.86 -52.21
C LYS B 611 14.92 -52.37 -53.01
N HIS B 612 14.24 -53.43 -52.54
CA HIS B 612 13.10 -53.95 -53.29
C HIS B 612 11.89 -53.02 -53.17
N ALA B 613 11.70 -52.41 -52.00
CA ALA B 613 10.57 -51.53 -51.77
C ALA B 613 10.93 -50.10 -51.40
N TRP B 614 12.14 -49.87 -50.90
CA TRP B 614 12.55 -48.55 -50.46
C TRP B 614 13.73 -48.05 -51.30
N SER B 615 13.85 -46.74 -51.40
CA SER B 615 14.98 -46.12 -52.07
C SER B 615 15.54 -45.00 -51.20
N PRO B 616 16.86 -44.87 -51.11
CA PRO B 616 17.45 -43.79 -50.32
C PRO B 616 17.38 -42.47 -51.09
N MET B 617 17.82 -41.41 -50.41
CA MET B 617 17.99 -40.13 -51.08
C MET B 617 19.13 -40.23 -52.08
N LYS B 618 18.98 -39.52 -53.20
CA LYS B 618 20.01 -39.57 -54.25
C LYS B 618 21.28 -38.84 -53.82
N ASP B 619 21.17 -37.89 -52.91
CA ASP B 619 22.33 -37.23 -52.33
C ASP B 619 22.77 -37.84 -51.01
N GLY B 620 21.86 -38.50 -50.30
CA GLY B 620 22.17 -39.14 -49.04
C GLY B 620 22.60 -40.58 -49.21
N SER B 621 22.58 -41.31 -48.11
CA SER B 621 22.95 -42.71 -48.08
C SER B 621 21.93 -43.51 -47.27
N SER B 622 21.85 -44.80 -47.57
CA SER B 622 20.92 -45.67 -46.86
C SER B 622 21.42 -45.94 -45.44
N PRO B 623 20.52 -46.09 -44.47
CA PRO B 623 20.94 -46.46 -43.11
C PRO B 623 21.46 -47.89 -43.06
N LYS B 624 22.33 -48.14 -42.10
CA LYS B 624 22.98 -49.44 -41.98
C LYS B 624 22.05 -50.47 -41.35
N VAL B 625 22.12 -51.70 -41.84
CA VAL B 625 21.30 -52.81 -41.37
C VAL B 625 22.11 -53.61 -40.35
N GLU B 626 21.53 -53.79 -39.17
CA GLU B 626 22.15 -54.54 -38.09
C GLU B 626 21.20 -55.64 -37.62
N PHE B 627 21.68 -56.42 -36.64
CA PHE B 627 20.92 -57.52 -36.06
C PHE B 627 20.48 -57.14 -34.65
N SER B 628 19.19 -57.28 -34.38
CA SER B 628 18.63 -57.01 -33.07
C SER B 628 17.37 -57.83 -32.88
N ASN B 629 17.02 -58.05 -31.61
CA ASN B 629 15.84 -58.83 -31.25
C ASN B 629 14.90 -57.98 -30.40
N ALA B 630 13.68 -57.80 -30.88
CA ALA B 630 12.69 -57.04 -30.12
C ALA B 630 12.13 -57.85 -28.95
N HIS B 631 11.98 -59.16 -29.12
CA HIS B 631 11.49 -60.02 -28.05
C HIS B 631 12.64 -60.64 -27.27
N GLY B 632 13.56 -59.79 -26.78
CA GLY B 632 14.71 -60.28 -26.05
C GLY B 632 14.39 -60.79 -24.66
N PHE B 633 13.42 -60.16 -24.00
CA PHE B 633 12.98 -60.59 -22.68
C PHE B 633 11.46 -60.71 -22.67
N LEU B 634 10.97 -61.77 -22.04
CA LEU B 634 9.54 -61.98 -21.85
C LEU B 634 9.12 -61.75 -20.42
N LEU B 635 10.03 -61.25 -19.58
CA LEU B 635 9.72 -60.88 -18.20
C LEU B 635 10.51 -59.64 -17.85
N ASP B 636 9.81 -58.56 -17.50
CA ASP B 636 10.47 -57.30 -17.22
C ASP B 636 11.12 -57.36 -15.84
N THR B 637 12.45 -57.24 -15.82
CA THR B 637 13.22 -57.37 -14.59
C THR B 637 13.44 -56.05 -13.88
N SER B 638 12.87 -54.95 -14.38
CA SER B 638 13.09 -53.62 -13.82
C SER B 638 11.84 -53.19 -13.08
N LEU B 639 12.02 -52.83 -11.80
CA LEU B 639 10.92 -52.32 -10.98
C LEU B 639 11.16 -50.84 -10.72
N GLU B 640 10.16 -50.03 -11.03
CA GLU B 640 10.27 -48.59 -10.85
C GLU B 640 10.14 -48.24 -9.36
N PRO B 641 11.03 -47.42 -8.82
CA PRO B 641 10.83 -46.91 -7.46
C PRO B 641 9.65 -45.96 -7.40
N PRO B 642 9.04 -45.78 -6.21
CA PRO B 642 7.85 -44.92 -6.12
C PRO B 642 8.14 -43.43 -6.30
N LEU B 643 7.10 -42.60 -6.11
CA LEU B 643 7.22 -41.17 -6.35
C LEU B 643 8.13 -40.47 -5.35
N CYS B 644 8.29 -41.01 -4.14
CA CYS B 644 9.23 -40.45 -3.19
C CYS B 644 10.11 -41.52 -2.58
N GLY B 645 10.41 -42.58 -3.35
CA GLY B 645 11.43 -43.54 -3.00
C GLY B 645 12.73 -43.26 -3.76
N GLN B 646 13.74 -44.07 -3.43
CA GLN B 646 15.07 -43.85 -4.00
C GLN B 646 15.75 -45.10 -4.52
N THR B 647 15.40 -46.30 -4.06
CA THR B 647 16.16 -47.49 -4.39
C THR B 647 15.19 -48.60 -4.78
N LEU B 648 15.73 -49.80 -4.95
CA LEU B 648 14.91 -50.95 -5.36
C LEU B 648 14.02 -51.44 -4.24
N CYS B 649 14.48 -51.36 -3.00
CA CYS B 649 13.72 -51.89 -1.87
C CYS B 649 12.68 -50.92 -1.35
N ASP B 650 12.57 -49.74 -1.94
CA ASP B 650 11.45 -48.85 -1.65
C ASP B 650 10.21 -49.21 -2.46
N ASN B 651 10.31 -50.19 -3.36
CA ASN B 651 9.16 -50.71 -4.08
C ASN B 651 8.21 -51.41 -3.10
N THR B 652 6.92 -51.38 -3.44
CA THR B 652 5.89 -51.88 -2.53
C THR B 652 5.97 -53.39 -2.36
N GLU B 653 6.20 -54.13 -3.44
CA GLU B 653 6.15 -55.59 -3.39
C GLU B 653 7.48 -56.22 -2.99
N VAL B 654 8.53 -55.44 -2.81
CA VAL B 654 9.81 -55.97 -2.35
C VAL B 654 9.99 -55.78 -0.86
N ILE B 655 9.52 -54.66 -0.32
CA ILE B 655 9.61 -54.44 1.13
C ILE B 655 8.62 -55.33 1.86
N ALA B 656 7.52 -55.74 1.21
CA ALA B 656 6.56 -56.62 1.85
C ALA B 656 7.08 -58.04 1.94
N SER B 657 7.98 -58.43 1.04
CA SER B 657 8.60 -59.74 1.11
C SER B 657 9.56 -59.88 2.28
N TYR B 658 10.11 -58.77 2.76
CA TYR B 658 10.93 -58.76 3.96
C TYR B 658 10.11 -58.56 5.23
N ASN B 659 8.79 -58.40 5.11
CA ASN B 659 7.90 -58.28 6.26
C ASN B 659 7.17 -59.58 6.57
N GLN B 660 6.59 -60.22 5.56
CA GLN B 660 5.86 -61.46 5.79
C GLN B 660 6.80 -62.62 6.07
N LEU B 661 7.87 -62.74 5.30
CA LEU B 661 8.80 -63.85 5.46
C LEU B 661 9.71 -63.62 6.67
N SER B 662 10.24 -64.73 7.18
CA SER B 662 11.18 -64.70 8.29
C SER B 662 12.55 -65.23 7.93
N SER B 663 12.73 -65.78 6.73
CA SER B 663 14.03 -66.30 6.31
C SER B 663 14.98 -65.22 5.85
N PHE B 664 14.50 -64.00 5.62
CA PHE B 664 15.35 -62.90 5.19
C PHE B 664 15.91 -62.09 6.35
N ARG B 665 15.54 -62.42 7.58
CA ARG B 665 15.92 -61.67 8.77
C ARG B 665 16.84 -62.48 9.67
N GLN B 666 17.77 -63.21 9.06
CA GLN B 666 18.74 -64.01 9.78
C GLN B 666 19.74 -63.12 10.51
N PRO B 667 20.40 -63.62 11.56
CA PRO B 667 21.43 -62.81 12.22
C PRO B 667 22.62 -62.52 11.31
N LYS B 668 22.96 -61.24 11.20
CA LYS B 668 23.99 -60.76 10.30
C LYS B 668 25.01 -59.94 11.07
N VAL B 669 26.29 -60.17 10.79
CA VAL B 669 27.40 -59.45 11.40
C VAL B 669 27.90 -58.41 10.39
N VAL B 670 27.94 -57.15 10.80
CA VAL B 670 28.41 -56.05 9.96
C VAL B 670 29.68 -55.49 10.55
N ARG B 671 30.74 -55.45 9.75
CA ARG B 671 32.02 -54.91 10.20
C ARG B 671 32.01 -53.39 10.10
N TYR B 672 32.57 -52.73 11.11
CA TYR B 672 32.66 -51.28 11.10
C TYR B 672 33.87 -50.84 11.90
N ARG B 673 34.34 -49.62 11.61
CA ARG B 673 35.56 -49.11 12.19
C ARG B 673 35.31 -47.76 12.84
N VAL B 674 36.18 -47.41 13.77
CA VAL B 674 36.20 -46.11 14.42
C VAL B 674 37.57 -45.50 14.19
N VAL B 675 37.60 -44.32 13.58
CA VAL B 675 38.83 -43.65 13.20
C VAL B 675 39.25 -42.73 14.34
N ASN B 676 40.32 -43.11 15.04
CA ASN B 676 40.81 -42.34 16.17
C ASN B 676 42.08 -41.60 15.78
N LEU B 677 42.07 -40.28 15.93
CA LEU B 677 43.20 -39.44 15.58
C LEU B 677 44.12 -39.28 16.77
N TYR B 678 45.43 -39.42 16.52
CA TYR B 678 46.45 -39.27 17.54
C TYR B 678 47.55 -38.37 17.03
N GLU B 679 48.40 -37.91 17.95
CA GLU B 679 49.59 -37.16 17.60
C GLU B 679 50.72 -38.14 17.28
N ASP B 680 51.95 -37.63 17.20
CA ASP B 680 53.10 -38.45 16.89
C ASP B 680 53.76 -39.05 18.13
N ASP B 681 53.02 -39.17 19.24
CA ASP B 681 53.57 -39.71 20.47
C ASP B 681 52.67 -40.71 21.18
N HIS B 682 51.46 -40.95 20.66
CA HIS B 682 50.50 -41.95 21.16
C HIS B 682 50.12 -41.68 22.63
N LYS B 683 49.58 -40.48 22.86
CA LYS B 683 49.19 -40.10 24.21
C LYS B 683 47.82 -39.44 24.34
N ASN B 684 47.25 -38.86 23.28
CA ASN B 684 45.99 -38.13 23.39
C ASN B 684 45.04 -38.61 22.30
N PRO B 685 43.88 -39.15 22.64
CA PRO B 685 42.91 -39.57 21.63
C PRO B 685 41.89 -38.48 21.31
N THR B 686 41.09 -38.77 20.28
CA THR B 686 39.90 -37.97 20.01
C THR B 686 38.71 -38.44 20.84
N VAL B 687 38.60 -39.76 21.02
CA VAL B 687 37.63 -40.37 21.92
C VAL B 687 38.37 -41.41 22.76
N THR B 688 38.07 -41.43 24.05
CA THR B 688 38.77 -42.34 24.96
C THR B 688 38.35 -43.77 24.71
N ARG B 689 39.19 -44.70 25.20
CA ARG B 689 38.95 -46.13 24.98
C ARG B 689 37.73 -46.62 25.74
N GLU B 690 37.45 -46.06 26.90
CA GLU B 690 36.26 -46.48 27.65
C GLU B 690 34.99 -45.98 26.98
N GLN B 691 35.07 -44.85 26.25
CA GLN B 691 33.92 -44.38 25.47
C GLN B 691 33.59 -45.36 24.34
N VAL B 692 34.62 -45.86 23.66
CA VAL B 692 34.43 -46.84 22.59
C VAL B 692 33.91 -48.16 23.16
N ASP B 693 34.44 -48.56 24.32
CA ASP B 693 34.03 -49.81 24.95
C ASP B 693 32.58 -49.73 25.42
N PHE B 694 32.15 -48.58 25.94
CA PHE B 694 30.76 -48.43 26.35
C PHE B 694 29.84 -48.32 25.15
N GLN B 695 30.28 -47.61 24.11
CA GLN B 695 29.44 -47.39 22.94
C GLN B 695 29.23 -48.67 22.14
N HIS B 696 30.24 -49.54 22.08
CA HIS B 696 30.09 -50.80 21.36
C HIS B 696 29.08 -51.72 22.04
N HIS B 697 29.13 -51.81 23.36
CA HIS B 697 28.17 -52.65 24.08
C HIS B 697 26.77 -52.04 24.07
N GLN B 698 26.67 -50.71 24.10
CA GLN B 698 25.37 -50.07 24.01
C GLN B 698 24.79 -50.18 22.60
N LEU B 699 25.65 -50.24 21.59
CA LEU B 699 25.20 -50.43 20.22
C LEU B 699 24.75 -51.87 19.99
N ALA B 700 25.51 -52.84 20.51
CA ALA B 700 25.13 -54.24 20.36
C ALA B 700 23.93 -54.60 21.23
N GLU B 701 23.68 -53.85 22.30
CA GLU B 701 22.51 -54.10 23.13
C GLU B 701 21.23 -53.70 22.42
N ALA B 702 21.26 -52.59 21.69
CA ALA B 702 20.06 -52.09 21.02
C ALA B 702 19.77 -52.78 19.69
N PHE B 703 20.67 -53.64 19.21
CA PHE B 703 20.45 -54.33 17.93
C PHE B 703 20.45 -55.84 18.06
N LYS B 704 20.69 -56.40 19.25
CA LYS B 704 20.69 -57.85 19.41
C LYS B 704 19.30 -58.45 19.32
N GLN B 705 18.25 -57.64 19.52
CA GLN B 705 16.88 -58.09 19.37
C GLN B 705 16.38 -58.00 17.94
N TYR B 706 17.21 -57.49 17.02
CA TYR B 706 16.82 -57.31 15.62
C TYR B 706 17.73 -58.08 14.67
N ASN B 707 18.42 -59.11 15.18
CA ASN B 707 19.31 -59.99 14.41
C ASN B 707 20.43 -59.23 13.72
N ILE B 708 20.94 -58.17 14.36
CA ILE B 708 22.03 -57.37 13.83
C ILE B 708 23.15 -57.34 14.86
N SER B 709 24.35 -57.74 14.45
CA SER B 709 25.53 -57.68 15.30
C SER B 709 26.60 -56.84 14.61
N TRP B 710 27.38 -56.11 15.40
CA TRP B 710 28.40 -55.21 14.89
C TRP B 710 29.77 -55.67 15.33
N GLU B 711 30.68 -55.81 14.37
CA GLU B 711 32.07 -56.16 14.64
C GLU B 711 32.91 -54.89 14.58
N LEU B 712 33.49 -54.51 15.71
CA LEU B 712 34.23 -53.26 15.85
C LEU B 712 35.71 -53.49 15.59
N ASP B 713 36.30 -52.67 14.72
CA ASP B 713 37.74 -52.71 14.45
C ASP B 713 38.28 -51.28 14.50
N VAL B 714 38.76 -50.86 15.66
CA VAL B 714 39.21 -49.48 15.85
C VAL B 714 40.51 -49.25 15.10
N LEU B 715 40.52 -48.28 14.19
CA LEU B 715 41.70 -47.91 13.45
C LEU B 715 42.21 -46.58 13.95
N GLU B 716 43.49 -46.53 14.31
CA GLU B 716 44.13 -45.34 14.86
C GLU B 716 45.10 -44.77 13.83
N VAL B 717 44.96 -43.49 13.53
CA VAL B 717 45.85 -42.78 12.61
C VAL B 717 46.60 -41.73 13.41
N SER B 718 47.94 -41.77 13.32
CA SER B 718 48.80 -40.86 14.04
C SER B 718 49.27 -39.77 13.08
N ASN B 719 48.74 -38.56 13.25
CA ASN B 719 49.14 -37.42 12.43
C ASN B 719 48.87 -36.16 13.23
N SER B 720 49.94 -35.46 13.63
CA SER B 720 49.79 -34.25 14.43
C SER B 720 49.30 -33.06 13.62
N SER B 721 49.43 -33.11 12.29
CA SER B 721 48.88 -32.05 11.46
C SER B 721 47.36 -32.06 11.48
N LEU B 722 46.76 -33.26 11.44
CA LEU B 722 45.32 -33.39 11.46
C LEU B 722 44.76 -33.31 12.88
N ARG B 723 45.53 -33.74 13.87
CA ARG B 723 45.00 -33.87 15.23
C ARG B 723 44.82 -32.51 15.91
N ARG B 724 45.79 -31.61 15.73
CA ARG B 724 45.78 -30.35 16.47
C ARG B 724 44.75 -29.35 15.94
N ARG B 725 44.26 -29.53 14.71
CA ARG B 725 43.36 -28.56 14.10
C ARG B 725 41.91 -28.96 14.29
N LEU B 726 41.03 -27.98 14.09
CA LEU B 726 39.60 -28.18 14.23
C LEU B 726 39.03 -28.87 13.01
N ILE B 727 38.21 -29.90 13.23
CA ILE B 727 37.52 -30.62 12.17
C ILE B 727 36.04 -30.31 12.28
N LEU B 728 35.45 -29.82 11.19
CA LEU B 728 34.03 -29.48 11.16
C LEU B 728 33.34 -30.24 10.03
N ALA B 729 32.06 -30.54 10.25
CA ALA B 729 31.28 -31.36 9.33
C ALA B 729 30.19 -30.57 8.63
N ASN B 730 29.32 -29.90 9.39
CA ASN B 730 28.21 -29.15 8.79
C ASN B 730 28.62 -27.77 8.31
N CYS B 731 29.85 -27.34 8.58
CA CYS B 731 30.31 -26.03 8.15
C CYS B 731 30.73 -26.10 6.69
N ASP B 732 29.99 -25.42 5.82
CA ASP B 732 30.33 -25.34 4.41
C ASP B 732 31.52 -24.41 4.20
N ILE B 733 32.25 -24.65 3.12
CA ILE B 733 33.43 -23.84 2.82
C ILE B 733 33.11 -22.59 2.02
N SER B 734 31.96 -22.54 1.34
CA SER B 734 31.59 -21.36 0.57
C SER B 734 31.14 -20.22 1.47
N LYS B 735 30.44 -20.54 2.55
CA LYS B 735 29.94 -19.52 3.47
C LYS B 735 31.04 -18.95 4.37
N ILE B 736 32.21 -19.58 4.43
CA ILE B 736 33.34 -18.99 5.14
C ILE B 736 33.82 -17.74 4.42
N GLY B 737 33.92 -17.80 3.08
CA GLY B 737 34.28 -16.62 2.33
C GLY B 737 33.14 -15.63 2.16
N ASP B 738 31.90 -16.13 2.17
CA ASP B 738 30.75 -15.25 2.07
C ASP B 738 30.56 -14.47 3.37
N GLU B 739 30.03 -13.24 3.24
CA GLU B 739 29.74 -12.42 4.40
C GLU B 739 28.42 -12.76 5.06
N ASN B 740 27.64 -13.65 4.46
CA ASN B 740 26.40 -14.10 5.09
C ASN B 740 26.73 -15.01 6.27
N CYS B 741 26.17 -14.71 7.43
CA CYS B 741 26.42 -15.49 8.62
C CYS B 741 25.68 -16.83 8.56
N ASP B 742 26.20 -17.80 9.31
CA ASP B 742 25.61 -19.12 9.39
C ASP B 742 26.05 -19.77 10.69
N PRO B 743 25.17 -20.47 11.41
CA PRO B 743 25.54 -21.02 12.72
C PRO B 743 26.49 -22.20 12.65
N GLU B 744 26.67 -22.82 11.47
CA GLU B 744 27.55 -23.98 11.39
C GLU B 744 29.02 -23.59 11.47
N CYS B 745 29.36 -22.36 11.07
CA CYS B 745 30.74 -21.88 11.10
C CYS B 745 30.81 -20.70 12.05
N ASN B 746 31.00 -20.99 13.35
CA ASN B 746 31.15 -19.94 14.35
C ASN B 746 32.05 -20.49 15.46
N HIS B 747 33.35 -20.21 15.35
CA HIS B 747 34.33 -20.69 16.31
C HIS B 747 35.46 -19.68 16.43
N THR B 748 36.24 -19.83 17.50
CA THR B 748 37.49 -19.08 17.62
C THR B 748 38.55 -19.58 16.64
N LEU B 749 38.46 -20.83 16.21
CA LEU B 749 39.35 -21.39 15.21
C LEU B 749 38.83 -21.22 13.80
N THR B 750 37.68 -20.56 13.63
CA THR B 750 37.20 -20.14 12.32
C THR B 750 37.12 -18.63 12.19
N GLY B 751 37.49 -17.89 13.23
CA GLY B 751 37.41 -16.45 13.19
C GLY B 751 36.01 -15.88 13.26
N HIS B 752 35.06 -16.67 13.77
CA HIS B 752 33.62 -16.36 13.81
C HIS B 752 33.11 -16.01 12.40
N ASP B 753 33.25 -17.00 11.51
CA ASP B 753 32.94 -16.88 10.07
C ASP B 753 33.71 -15.74 9.41
N GLY B 754 34.96 -15.55 9.84
CA GLY B 754 35.79 -14.47 9.33
C GLY B 754 35.29 -13.09 9.69
N GLY B 755 34.70 -12.94 10.88
CA GLY B 755 34.16 -11.66 11.29
C GLY B 755 32.81 -11.31 10.70
N ASP B 756 32.16 -12.24 10.02
CA ASP B 756 30.89 -11.99 9.35
C ASP B 756 29.68 -12.37 10.20
N CYS B 757 29.89 -12.84 11.43
CA CYS B 757 28.80 -13.15 12.34
C CYS B 757 28.80 -12.32 13.61
N ARG B 758 29.89 -11.62 13.92
CA ARG B 758 29.97 -10.85 15.14
C ARG B 758 29.15 -9.56 15.02
N HIS B 759 28.70 -9.06 16.18
CA HIS B 759 27.93 -7.83 16.24
C HIS B 759 28.80 -6.58 16.14
N LEU B 760 30.13 -6.72 16.23
CA LEU B 760 31.03 -5.59 16.13
C LEU B 760 31.18 -5.08 14.71
N ARG B 761 30.84 -5.88 13.71
CA ARG B 761 30.95 -5.48 12.32
C ARG B 761 29.74 -4.65 11.89
N ASP B 775 46.89 -11.05 15.32
CA ASP B 775 46.08 -10.67 16.46
C ASP B 775 44.83 -11.55 16.54
N MET B 776 44.28 -11.70 17.75
CA MET B 776 43.09 -12.52 17.93
C MET B 776 41.84 -11.82 17.42
N ASP B 777 41.82 -10.49 17.42
CA ASP B 777 40.65 -9.73 17.00
C ASP B 777 40.83 -9.03 15.66
N CYS B 778 42.06 -8.86 15.18
CA CYS B 778 42.32 -8.19 13.92
C CYS B 778 42.56 -9.18 12.79
N ASN B 779 42.10 -10.42 12.94
CA ASN B 779 42.26 -11.47 11.95
C ASN B 779 41.00 -11.67 11.11
N TYR B 780 40.02 -10.78 11.23
CA TYR B 780 38.76 -10.94 10.52
C TYR B 780 38.94 -10.65 9.03
N GLU B 781 38.48 -11.57 8.19
CA GLU B 781 38.65 -11.44 6.75
C GLU B 781 37.55 -10.57 6.16
N ASP B 786 46.85 -11.76 9.36
CA ASP B 786 47.08 -10.41 8.87
C ASP B 786 47.78 -10.44 7.52
N GLY B 787 47.18 -11.12 6.55
CA GLY B 787 47.77 -11.25 5.23
C GLY B 787 49.04 -12.08 5.21
N GLY B 788 49.05 -13.22 5.92
CA GLY B 788 50.21 -14.07 6.02
C GLY B 788 51.12 -13.79 7.20
N GLU B 789 50.87 -12.71 7.94
CA GLU B 789 51.68 -12.43 9.13
C GLU B 789 51.28 -13.32 10.29
N CYS B 790 49.99 -13.64 10.42
CA CYS B 790 49.50 -14.51 11.48
C CYS B 790 49.36 -15.96 11.06
N CYS B 791 49.68 -16.30 9.81
CA CYS B 791 49.57 -17.67 9.33
C CYS B 791 50.91 -18.35 9.09
N ASP B 792 51.98 -17.58 8.92
CA ASP B 792 53.29 -18.17 8.70
C ASP B 792 53.80 -18.79 9.99
N PRO B 793 54.36 -20.00 9.96
CA PRO B 793 54.81 -20.65 11.20
C PRO B 793 56.02 -19.99 11.86
N GLU B 794 56.77 -19.16 11.13
CA GLU B 794 57.93 -18.50 11.73
C GLU B 794 57.53 -17.35 12.66
N ILE B 795 56.31 -16.84 12.55
CA ILE B 795 55.86 -15.75 13.41
C ILE B 795 55.07 -16.32 14.58
N THR B 796 53.98 -17.01 14.28
CA THR B 796 53.12 -17.60 15.31
C THR B 796 52.63 -18.95 14.81
N ASN B 797 51.89 -19.66 15.66
CA ASN B 797 51.33 -20.95 15.27
C ASN B 797 50.20 -20.76 14.27
N VAL B 798 50.10 -21.71 13.33
CA VAL B 798 49.09 -21.62 12.27
C VAL B 798 47.70 -21.86 12.84
N THR B 799 47.56 -22.78 13.78
CA THR B 799 46.25 -23.13 14.33
C THR B 799 45.67 -22.05 15.23
N GLN B 800 46.44 -21.03 15.61
CA GLN B 800 45.94 -20.01 16.51
C GLN B 800 45.09 -18.97 15.77
N THR B 801 45.69 -18.27 14.81
CA THR B 801 45.08 -17.09 14.21
C THR B 801 45.22 -17.09 12.68
N CYS B 802 44.94 -18.22 12.03
CA CYS B 802 44.89 -18.27 10.57
C CYS B 802 43.56 -18.85 10.12
N PHE B 803 42.82 -18.09 9.31
CA PHE B 803 41.52 -18.51 8.80
C PHE B 803 41.41 -18.27 7.30
N ASP B 804 42.52 -18.29 6.58
CA ASP B 804 42.50 -18.05 5.15
C ASP B 804 41.94 -19.27 4.42
N PRO B 805 40.94 -19.10 3.56
CA PRO B 805 40.37 -20.27 2.87
C PRO B 805 41.26 -20.86 1.80
N ASP B 806 42.22 -20.11 1.27
CA ASP B 806 43.12 -20.60 0.24
C ASP B 806 44.54 -20.82 0.75
N SER B 807 44.75 -20.79 2.07
CA SER B 807 46.05 -21.07 2.63
C SER B 807 46.40 -22.55 2.50
N PRO B 808 47.67 -22.88 2.31
CA PRO B 808 48.08 -24.30 2.38
C PRO B 808 47.85 -24.92 3.74
N HIS B 809 47.99 -24.14 4.82
CA HIS B 809 47.71 -24.61 6.18
C HIS B 809 46.73 -23.66 6.83
N ARG B 810 45.66 -24.21 7.39
CA ARG B 810 44.63 -23.42 8.05
C ARG B 810 44.18 -24.15 9.31
N ALA B 811 43.27 -23.52 10.04
CA ALA B 811 42.80 -24.06 11.31
C ALA B 811 41.59 -24.97 11.16
N TYR B 812 40.59 -24.55 10.38
CA TYR B 812 39.42 -25.37 10.15
C TYR B 812 39.67 -26.36 9.02
N LEU B 813 39.09 -27.55 9.14
CA LEU B 813 39.20 -28.57 8.11
C LEU B 813 37.86 -29.26 7.94
N ASP B 814 37.37 -29.31 6.70
CA ASP B 814 36.13 -30.01 6.40
C ASP B 814 36.34 -31.51 6.49
N VAL B 815 35.25 -32.24 6.75
CA VAL B 815 35.35 -33.69 6.91
C VAL B 815 35.62 -34.39 5.58
N ASN B 816 35.19 -33.80 4.46
CA ASN B 816 35.47 -34.40 3.15
C ASN B 816 36.93 -34.32 2.81
N GLU B 817 37.60 -33.23 3.18
CA GLU B 817 39.03 -33.13 2.96
C GLU B 817 39.81 -34.06 3.89
N LEU B 818 39.27 -34.29 5.10
CA LEU B 818 39.86 -35.28 5.99
C LEU B 818 39.74 -36.69 5.42
N LYS B 819 38.60 -37.00 4.80
CA LYS B 819 38.43 -38.29 4.14
C LYS B 819 39.30 -38.41 2.90
N ASN B 820 39.53 -37.30 2.20
CA ASN B 820 40.43 -37.29 1.06
C ASN B 820 41.87 -37.51 1.49
N ILE B 821 42.26 -36.94 2.63
CA ILE B 821 43.62 -37.14 3.14
C ILE B 821 43.80 -38.57 3.63
N LEU B 822 42.83 -39.09 4.39
CA LEU B 822 42.97 -40.44 4.94
C LEU B 822 42.88 -41.51 3.86
N LYS B 823 41.86 -41.43 3.00
CA LYS B 823 41.61 -42.34 1.88
C LYS B 823 41.53 -43.80 2.33
N LEU B 824 40.53 -44.10 3.15
CA LEU B 824 40.34 -45.42 3.72
C LEU B 824 39.62 -46.32 2.73
N ASP B 825 39.17 -47.48 3.21
CA ASP B 825 38.37 -48.39 2.42
C ASP B 825 36.95 -48.46 2.99
N GLY B 826 35.96 -48.22 2.15
CA GLY B 826 34.58 -48.24 2.59
C GLY B 826 33.82 -49.45 2.08
N SER B 827 34.43 -50.21 1.18
CA SER B 827 33.78 -51.38 0.62
C SER B 827 33.76 -52.54 1.60
N THR B 828 34.71 -52.59 2.53
CA THR B 828 34.82 -53.70 3.48
C THR B 828 34.54 -53.29 4.92
N HIS B 829 34.24 -52.01 5.16
CA HIS B 829 34.00 -51.54 6.52
C HIS B 829 33.11 -50.31 6.46
N LEU B 830 32.52 -49.96 7.60
CA LEU B 830 31.82 -48.70 7.78
C LEU B 830 32.74 -47.77 8.56
N ASN B 831 33.02 -46.60 7.99
CA ASN B 831 33.95 -45.65 8.59
C ASN B 831 33.20 -44.64 9.43
N ILE B 832 33.67 -44.44 10.66
CA ILE B 832 33.09 -43.47 11.58
C ILE B 832 34.14 -42.40 11.87
N PHE B 833 33.81 -41.15 11.58
CA PHE B 833 34.69 -40.02 11.82
C PHE B 833 34.10 -39.13 12.91
N PHE B 834 34.90 -38.16 13.35
CA PHE B 834 34.52 -37.27 14.43
C PHE B 834 34.81 -35.83 14.03
N ALA B 835 33.91 -34.93 14.43
CA ALA B 835 34.05 -33.51 14.08
C ALA B 835 33.31 -32.66 15.10
N LYS B 836 34.00 -31.65 15.62
CA LYS B 836 33.36 -30.65 16.48
C LYS B 836 32.63 -29.64 15.62
N SER B 837 31.39 -29.31 16.00
CA SER B 837 30.58 -28.36 15.25
C SER B 837 29.90 -27.42 16.22
N SER B 838 29.67 -26.18 15.75
CA SER B 838 29.03 -25.17 16.58
C SER B 838 27.54 -25.44 16.76
N GLU B 839 26.91 -26.10 15.78
CA GLU B 839 25.47 -26.38 15.87
C GLU B 839 25.20 -27.48 16.89
N GLU B 840 25.77 -28.66 16.65
CA GLU B 840 25.84 -29.84 17.53
C GLU B 840 24.50 -30.34 18.08
N GLU B 841 23.37 -29.90 17.50
CA GLU B 841 22.07 -30.46 17.87
C GLU B 841 21.96 -31.89 17.37
N LEU B 842 22.51 -32.17 16.20
CA LEU B 842 22.68 -33.51 15.67
C LEU B 842 24.16 -33.75 15.42
N ALA B 843 24.47 -34.89 14.82
CA ALA B 843 25.81 -35.21 14.40
C ALA B 843 26.01 -34.73 12.96
N GLY B 844 27.06 -35.22 12.30
CA GLY B 844 27.27 -34.88 10.92
C GLY B 844 26.29 -35.56 9.99
N VAL B 845 26.32 -35.16 8.72
CA VAL B 845 25.39 -35.67 7.72
C VAL B 845 25.83 -37.07 7.32
N ALA B 846 24.99 -38.06 7.59
CA ALA B 846 25.30 -39.43 7.22
C ALA B 846 25.09 -39.64 5.73
N THR B 847 25.70 -40.72 5.22
CA THR B 847 25.60 -41.07 3.82
C THR B 847 24.53 -42.15 3.63
N TRP B 848 23.53 -41.84 2.81
CA TRP B 848 22.47 -42.78 2.52
C TRP B 848 23.01 -43.91 1.63
N PRO B 849 22.39 -45.10 1.69
CA PRO B 849 22.84 -46.20 0.81
C PRO B 849 22.63 -45.96 -0.67
N TRP B 850 21.72 -45.06 -1.06
CA TRP B 850 21.50 -44.77 -2.47
C TRP B 850 22.38 -43.65 -3.00
N ASP B 851 23.28 -43.10 -2.17
CA ASP B 851 24.24 -42.13 -2.66
C ASP B 851 25.36 -42.83 -3.44
N LYS B 852 26.12 -42.03 -4.17
CA LYS B 852 27.29 -42.55 -4.86
C LYS B 852 28.45 -42.85 -3.90
N GLU B 853 28.40 -42.29 -2.69
CA GLU B 853 29.44 -42.47 -1.69
C GLU B 853 29.07 -43.54 -0.66
N ALA B 854 28.30 -44.54 -1.07
CA ALA B 854 27.92 -45.61 -0.15
C ALA B 854 29.11 -46.52 0.17
N LEU B 855 29.92 -46.82 -0.84
CA LEU B 855 31.08 -47.69 -0.66
C LEU B 855 32.40 -46.97 -0.91
N MET B 856 32.38 -45.69 -1.24
CA MET B 856 33.61 -44.97 -1.50
C MET B 856 34.28 -44.56 -0.19
N HIS B 857 35.48 -44.01 -0.32
CA HIS B 857 36.24 -43.56 0.84
C HIS B 857 35.74 -42.23 1.41
N LEU B 858 34.88 -41.52 0.68
CA LEU B 858 34.29 -40.28 1.16
C LEU B 858 33.00 -40.49 1.92
N GLY B 859 32.63 -41.74 2.18
CA GLY B 859 31.35 -42.05 2.78
C GLY B 859 31.51 -42.66 4.17
N GLY B 860 30.51 -42.42 5.01
CA GLY B 860 30.54 -42.95 6.37
C GLY B 860 29.62 -42.13 7.26
N ILE B 861 29.86 -42.26 8.56
CA ILE B 861 29.08 -41.58 9.59
C ILE B 861 30.00 -40.59 10.30
N VAL B 862 29.58 -39.33 10.36
CA VAL B 862 30.33 -38.30 11.05
C VAL B 862 29.59 -37.98 12.35
N LEU B 863 30.32 -38.07 13.47
CA LEU B 863 29.76 -37.92 14.79
C LEU B 863 30.47 -36.79 15.55
N ASN B 864 29.97 -36.51 16.75
CA ASN B 864 30.61 -35.56 17.65
C ASN B 864 31.48 -36.31 18.65
N PRO B 865 32.78 -36.02 18.74
CA PRO B 865 33.64 -36.78 19.67
C PRO B 865 33.38 -36.49 21.15
N SER B 866 32.72 -35.38 21.48
CA SER B 866 32.41 -35.09 22.88
C SER B 866 31.09 -35.71 23.32
N PHE B 867 30.35 -36.32 22.40
CA PHE B 867 29.14 -37.06 22.75
C PHE B 867 29.25 -38.55 22.49
N TYR B 868 30.28 -38.99 21.78
CA TYR B 868 30.50 -40.40 21.50
C TYR B 868 30.93 -41.12 22.77
N GLY B 869 30.06 -41.98 23.29
CA GLY B 869 30.36 -42.75 24.48
C GLY B 869 29.82 -42.20 25.78
N MET B 870 29.32 -40.96 25.76
CA MET B 870 28.74 -40.38 26.98
C MET B 870 27.41 -41.05 27.28
N PRO B 871 27.11 -41.30 28.55
CA PRO B 871 25.81 -41.93 28.90
C PRO B 871 24.61 -41.04 28.65
N GLY B 872 24.77 -39.73 28.54
CA GLY B 872 23.65 -38.85 28.30
C GLY B 872 23.27 -38.70 26.84
N HIS B 873 24.17 -39.00 25.92
CA HIS B 873 23.94 -38.88 24.48
C HIS B 873 24.43 -40.11 23.75
N THR B 874 24.12 -41.29 24.28
CA THR B 874 24.59 -42.53 23.65
C THR B 874 23.75 -42.90 22.44
N HIS B 875 22.45 -42.59 22.44
CA HIS B 875 21.55 -43.06 21.39
C HIS B 875 21.66 -42.27 20.10
N THR B 876 22.29 -41.10 20.11
CA THR B 876 22.37 -40.30 18.89
C THR B 876 23.35 -40.86 17.86
N MET B 877 24.17 -41.84 18.24
CA MET B 877 24.89 -42.62 17.25
C MET B 877 23.98 -43.61 16.55
N ILE B 878 23.03 -44.20 17.29
CA ILE B 878 22.15 -45.24 16.75
C ILE B 878 21.24 -44.65 15.67
N HIS B 879 20.73 -43.44 15.90
CA HIS B 879 20.01 -42.71 14.87
C HIS B 879 20.88 -42.45 13.65
N GLU B 880 22.15 -42.13 13.88
CA GLU B 880 23.09 -41.98 12.76
C GLU B 880 23.41 -43.33 12.12
N ILE B 881 23.20 -44.44 12.82
CA ILE B 881 23.21 -45.74 12.16
C ILE B 881 22.00 -45.85 11.23
N GLY B 882 20.84 -45.41 11.70
CA GLY B 882 19.62 -45.56 10.92
C GLY B 882 19.58 -44.67 9.69
N HIS B 883 20.29 -43.54 9.72
CA HIS B 883 20.44 -42.76 8.51
C HIS B 883 21.41 -43.41 7.54
N SER B 884 22.34 -44.21 8.05
CA SER B 884 23.28 -44.93 7.19
C SER B 884 22.73 -46.26 6.69
N LEU B 885 21.55 -46.66 7.12
CA LEU B 885 20.98 -47.94 6.73
C LEU B 885 19.66 -47.80 5.98
N GLY B 886 19.32 -46.62 5.50
CA GLY B 886 18.17 -46.44 4.64
C GLY B 886 16.87 -46.08 5.33
N LEU B 887 16.90 -45.70 6.60
CA LEU B 887 15.71 -45.32 7.33
C LEU B 887 15.60 -43.80 7.39
N TYR B 888 14.45 -43.27 6.99
CA TYR B 888 14.20 -41.84 7.05
C TYR B 888 13.79 -41.42 8.46
N HIS B 889 13.62 -40.12 8.66
CA HIS B 889 13.02 -39.63 9.88
C HIS B 889 11.52 -39.92 9.88
N VAL B 890 10.95 -40.04 11.08
CA VAL B 890 9.52 -40.29 11.20
C VAL B 890 8.71 -39.07 10.79
N PHE B 891 9.28 -37.87 10.94
CA PHE B 891 8.60 -36.64 10.56
C PHE B 891 8.96 -36.20 9.14
N ARG B 892 9.49 -37.10 8.31
CA ARG B 892 9.86 -36.74 6.94
C ARG B 892 8.64 -36.47 6.09
N GLY B 893 7.54 -37.16 6.35
CA GLY B 893 6.31 -36.93 5.63
C GLY B 893 5.47 -35.77 6.14
N ILE B 894 5.88 -35.11 7.21
CA ILE B 894 5.16 -33.96 7.74
C ILE B 894 6.08 -32.75 7.83
N SER B 895 7.15 -32.88 8.61
CA SER B 895 8.02 -31.73 8.88
C SER B 895 8.89 -31.39 7.67
N GLU B 896 9.48 -32.40 7.04
CA GLU B 896 10.36 -32.17 5.89
C GLU B 896 9.58 -32.16 4.58
N ILE B 897 8.54 -31.33 4.53
CA ILE B 897 7.70 -31.18 3.36
C ILE B 897 7.85 -29.73 2.89
N GLN B 898 8.46 -29.54 1.72
CA GLN B 898 8.74 -28.20 1.23
C GLN B 898 7.48 -27.49 0.71
N SER B 899 6.45 -28.24 0.31
CA SER B 899 5.24 -27.66 -0.22
C SER B 899 4.12 -28.68 -0.09
N CYS B 900 2.91 -28.19 0.25
CA CYS B 900 1.78 -29.08 0.50
C CYS B 900 1.24 -29.74 -0.76
N SER B 901 1.68 -29.32 -1.94
CA SER B 901 1.39 -29.99 -3.20
C SER B 901 2.45 -31.01 -3.59
N ASP B 902 3.10 -31.63 -2.60
CA ASP B 902 4.15 -32.60 -2.84
C ASP B 902 3.58 -33.86 -3.49
N PRO B 903 4.42 -34.62 -4.23
CA PRO B 903 3.97 -35.93 -4.74
C PRO B 903 3.59 -36.92 -3.66
N CYS B 904 4.22 -36.86 -2.49
CA CYS B 904 3.80 -37.68 -1.37
C CYS B 904 3.91 -36.87 -0.09
N MET B 905 2.90 -37.01 0.77
CA MET B 905 2.88 -36.37 2.08
C MET B 905 2.15 -37.31 3.03
N GLU B 906 2.82 -37.71 4.11
CA GLU B 906 2.33 -38.79 4.96
C GLU B 906 1.20 -38.27 5.83
N THR B 907 -0.01 -38.29 5.26
CA THR B 907 -1.23 -38.07 6.03
C THR B 907 -1.90 -39.38 6.45
N GLU B 908 -1.56 -40.48 5.78
CA GLU B 908 -2.04 -41.82 6.08
C GLU B 908 -0.86 -42.77 6.05
N PRO B 909 -0.81 -43.76 6.96
CA PRO B 909 0.29 -44.73 6.92
C PRO B 909 0.23 -45.60 5.67
N SER B 910 1.35 -45.64 4.95
CA SER B 910 1.45 -46.40 3.71
C SER B 910 2.90 -46.81 3.50
N PHE B 911 3.10 -47.76 2.58
CA PHE B 911 4.43 -48.24 2.23
C PHE B 911 5.09 -47.44 1.12
N GLU B 912 4.43 -46.40 0.61
CA GLU B 912 4.98 -45.60 -0.48
C GLU B 912 4.83 -44.10 -0.23
N THR B 913 4.60 -43.69 1.02
CA THR B 913 4.36 -42.28 1.32
C THR B 913 5.08 -41.92 2.62
N GLY B 914 5.84 -40.82 2.58
CA GLY B 914 6.49 -40.30 3.77
C GLY B 914 7.68 -41.12 4.23
N ASP B 915 7.52 -41.82 5.35
CA ASP B 915 8.54 -42.72 5.86
C ASP B 915 8.55 -44.08 5.15
N LEU B 916 7.53 -44.34 4.32
CA LEU B 916 7.34 -45.60 3.60
C LEU B 916 7.30 -46.80 4.53
N CYS B 917 6.64 -46.63 5.68
CA CYS B 917 6.43 -47.72 6.63
C CYS B 917 5.03 -47.59 7.20
N ASN B 918 4.30 -48.72 7.22
CA ASN B 918 2.92 -48.70 7.68
C ASN B 918 2.82 -48.56 9.20
N ASP B 919 3.81 -49.08 9.94
CA ASP B 919 3.77 -49.00 11.39
C ASP B 919 4.08 -47.60 11.89
N THR B 920 4.83 -46.81 11.12
CA THR B 920 5.21 -45.47 11.53
C THR B 920 4.04 -44.52 11.31
N ASN B 921 3.42 -44.08 12.40
CA ASN B 921 2.36 -43.09 12.30
C ASN B 921 2.93 -41.73 11.93
N PRO B 922 2.16 -40.89 11.24
CA PRO B 922 2.61 -39.52 10.95
C PRO B 922 2.79 -38.70 12.22
N ALA B 923 3.84 -37.89 12.23
CA ALA B 923 4.19 -37.08 13.40
C ALA B 923 4.88 -35.82 12.92
N PRO B 924 4.72 -34.71 13.64
CA PRO B 924 5.49 -33.51 13.30
C PRO B 924 6.86 -33.50 13.98
N LYS B 925 7.63 -32.44 13.76
CA LYS B 925 8.94 -32.30 14.36
C LYS B 925 8.77 -31.89 15.83
N HIS B 926 9.00 -32.84 16.74
CA HIS B 926 8.81 -32.59 18.16
C HIS B 926 10.05 -33.01 18.93
N LYS B 927 10.33 -32.28 20.02
CA LYS B 927 11.44 -32.56 20.90
C LYS B 927 11.01 -33.15 22.23
N SER B 928 9.83 -32.78 22.73
CA SER B 928 9.33 -33.34 23.97
C SER B 928 8.77 -34.74 23.72
N CYS B 929 8.88 -35.59 24.74
CA CYS B 929 8.40 -36.96 24.62
C CYS B 929 6.87 -37.00 24.69
N GLY B 930 6.30 -38.08 24.15
CA GLY B 930 4.86 -38.22 24.10
C GLY B 930 4.24 -37.53 22.90
N ASP B 931 2.91 -37.56 22.86
CA ASP B 931 2.19 -36.96 21.76
C ASP B 931 2.22 -35.44 21.86
N PRO B 932 2.59 -34.73 20.79
CA PRO B 932 2.67 -33.27 20.85
C PRO B 932 1.30 -32.62 20.76
N GLY B 933 1.27 -31.33 21.07
CA GLY B 933 0.06 -30.55 21.02
C GLY B 933 -0.32 -30.15 19.61
N PRO B 934 -1.57 -29.71 19.43
CA PRO B 934 -2.02 -29.29 18.09
C PRO B 934 -1.40 -27.97 17.67
N GLY B 935 -1.33 -27.77 16.36
CA GLY B 935 -0.79 -26.54 15.81
C GLY B 935 -1.17 -26.37 14.35
N ASN B 936 -0.95 -25.16 13.85
CA ASN B 936 -1.20 -24.83 12.46
C ASN B 936 0.01 -25.04 11.57
N ASP B 937 1.10 -25.58 12.12
CA ASP B 937 2.30 -25.84 11.33
C ASP B 937 2.07 -26.96 10.33
N THR B 938 1.30 -27.98 10.71
CA THR B 938 0.97 -29.07 9.81
C THR B 938 -0.03 -28.59 8.77
N CYS B 939 0.20 -28.97 7.51
CA CYS B 939 -0.60 -28.44 6.40
C CYS B 939 -1.88 -29.23 6.16
N GLY B 940 -2.02 -30.42 6.73
CA GLY B 940 -3.17 -31.24 6.43
C GLY B 940 -3.77 -32.02 7.58
N PHE B 941 -3.30 -31.77 8.80
CA PHE B 941 -3.84 -32.47 9.96
C PHE B 941 -3.70 -31.59 11.18
N HIS B 942 -4.47 -31.91 12.22
CA HIS B 942 -4.46 -31.12 13.44
C HIS B 942 -4.33 -31.98 14.69
N SER B 943 -4.74 -33.25 14.60
CA SER B 943 -4.76 -34.15 15.75
C SER B 943 -4.05 -35.45 15.39
N PHE B 944 -2.92 -35.70 16.05
CA PHE B 944 -2.15 -36.93 15.86
C PHE B 944 -2.26 -37.80 17.11
N PHE B 945 -2.60 -39.07 16.90
CA PHE B 945 -2.67 -40.05 17.98
C PHE B 945 -1.69 -41.18 17.71
N ASN B 946 -1.14 -41.74 18.80
CA ASN B 946 -0.17 -42.83 18.78
C ASN B 946 1.07 -42.48 17.95
N THR B 947 1.60 -41.29 18.19
CA THR B 947 2.82 -40.85 17.53
C THR B 947 4.00 -41.70 18.00
N PRO B 948 4.88 -42.15 17.08
CA PRO B 948 6.01 -42.99 17.49
C PRO B 948 7.10 -42.20 18.21
N TYR B 949 6.84 -41.81 19.46
CA TYR B 949 7.87 -41.14 20.24
C TYR B 949 8.94 -42.11 20.73
N ASN B 950 8.61 -43.40 20.80
CA ASN B 950 9.55 -44.42 21.26
C ASN B 950 10.57 -44.81 20.20
N ASN B 951 10.34 -44.43 18.94
CA ASN B 951 11.27 -44.78 17.87
C ASN B 951 12.50 -43.90 17.94
N PHE B 952 13.61 -44.43 17.41
CA PHE B 952 14.87 -43.69 17.38
C PHE B 952 14.85 -42.53 16.38
N MET B 953 13.98 -42.58 15.38
CA MET B 953 14.00 -41.59 14.31
C MET B 953 13.46 -40.23 14.73
N SER B 954 12.79 -40.13 15.87
CA SER B 954 12.37 -38.85 16.37
C SER B 954 13.55 -38.11 17.01
N TYR B 955 13.34 -36.82 17.27
CA TYR B 955 14.37 -35.98 17.91
C TYR B 955 14.24 -35.96 19.42
N ALA B 956 13.72 -37.03 20.02
CA ALA B 956 13.56 -37.11 21.46
C ALA B 956 14.91 -37.36 22.14
N ASP B 957 14.89 -37.39 23.46
CA ASP B 957 16.11 -37.51 24.25
C ASP B 957 16.54 -38.98 24.33
N ASP B 958 17.53 -39.25 25.18
CA ASP B 958 18.10 -40.60 25.27
C ASP B 958 17.14 -41.58 25.95
N ASP B 959 16.36 -41.10 26.93
CA ASP B 959 15.53 -42.00 27.72
C ASP B 959 14.30 -42.48 26.96
N CYS B 960 13.68 -41.61 26.18
CA CYS B 960 12.42 -41.95 25.52
C CYS B 960 12.60 -42.69 24.20
N THR B 961 13.83 -42.88 23.73
CA THR B 961 14.10 -43.65 22.52
C THR B 961 14.58 -45.04 22.94
N ASP B 962 13.81 -46.06 22.58
CA ASP B 962 14.13 -47.40 23.07
C ASP B 962 14.22 -48.45 21.97
N SER B 963 13.35 -48.39 20.97
CA SER B 963 13.18 -49.52 20.06
C SER B 963 12.78 -49.03 18.68
N PHE B 964 12.95 -49.91 17.70
CA PHE B 964 12.51 -49.70 16.32
C PHE B 964 11.17 -50.39 16.08
N THR B 965 10.38 -49.80 15.21
CA THR B 965 9.17 -50.46 14.74
C THR B 965 9.54 -51.66 13.86
N PRO B 966 8.74 -52.73 13.87
CA PRO B 966 9.07 -53.92 13.08
C PRO B 966 9.00 -53.71 11.56
N ASN B 967 8.36 -52.65 11.08
CA ASN B 967 8.40 -52.32 9.67
C ASN B 967 9.67 -51.58 9.26
N GLN B 968 10.45 -51.11 10.22
CA GLN B 968 11.73 -50.47 9.94
C GLN B 968 12.91 -51.43 10.04
N VAL B 969 12.67 -52.69 10.38
CA VAL B 969 13.73 -53.68 10.37
C VAL B 969 13.79 -54.42 9.04
N ALA B 970 12.71 -54.40 8.25
CA ALA B 970 12.74 -54.97 6.91
C ALA B 970 13.67 -54.18 6.00
N ARG B 971 13.64 -52.85 6.10
CA ARG B 971 14.57 -52.02 5.33
C ARG B 971 16.00 -52.21 5.80
N MET B 972 16.19 -52.41 7.11
CA MET B 972 17.52 -52.65 7.65
C MET B 972 18.09 -53.97 7.16
N HIS B 973 17.26 -55.01 7.09
CA HIS B 973 17.72 -56.29 6.56
C HIS B 973 17.72 -56.32 5.04
N CYS B 974 17.15 -55.32 4.39
CA CYS B 974 17.18 -55.24 2.93
C CYS B 974 18.41 -54.50 2.42
N TYR B 975 18.75 -53.37 3.03
CA TYR B 975 19.88 -52.59 2.56
C TYR B 975 21.22 -53.23 2.89
N LEU B 976 21.26 -54.17 3.83
CA LEU B 976 22.47 -54.93 4.07
C LEU B 976 22.69 -56.04 3.05
N ASP B 977 21.67 -56.35 2.25
CA ASP B 977 21.80 -57.25 1.12
C ASP B 977 21.91 -56.52 -0.21
N LEU B 978 21.35 -55.32 -0.30
CA LEU B 978 21.34 -54.57 -1.55
C LEU B 978 22.66 -53.84 -1.78
N VAL B 979 23.00 -52.92 -0.88
CA VAL B 979 24.18 -52.07 -1.05
C VAL B 979 25.36 -52.57 -0.22
N TYR B 980 25.09 -53.09 0.97
CA TYR B 980 26.13 -53.41 1.95
C TYR B 980 26.47 -54.90 1.97
N GLN B 981 26.50 -55.53 0.79
CA GLN B 981 26.85 -56.95 0.72
C GLN B 981 28.32 -57.18 1.05
N GLY B 982 29.20 -56.25 0.69
CA GLY B 982 30.62 -56.42 0.95
C GLY B 982 31.02 -56.19 2.39
N TRP B 983 30.17 -55.54 3.18
CA TRP B 983 30.48 -55.30 4.58
C TRP B 983 30.43 -56.59 5.38
N GLN B 984 29.37 -57.37 5.23
CA GLN B 984 29.20 -58.56 6.03
C GLN B 984 30.10 -59.69 5.51
N PRO B 985 30.82 -60.36 6.40
CA PRO B 985 31.75 -61.42 5.97
C PRO B 985 31.09 -62.76 5.68
N SER B 986 29.76 -62.85 5.77
CA SER B 986 29.07 -64.09 5.45
C SER B 986 29.08 -64.33 3.94
N ARG B 987 29.31 -65.59 3.55
CA ARG B 987 29.39 -65.96 2.15
C ARG B 987 28.03 -66.30 1.55
N LYS B 988 26.95 -66.12 2.30
CA LYS B 988 25.61 -66.35 1.78
C LYS B 988 25.26 -65.28 0.76
N PRO B 989 24.92 -65.64 -0.48
CA PRO B 989 24.60 -64.63 -1.49
C PRO B 989 23.23 -64.01 -1.24
N ALA B 990 22.94 -62.98 -2.02
CA ALA B 990 21.66 -62.28 -1.90
C ALA B 990 20.53 -63.16 -2.43
N PRO B 991 19.43 -63.30 -1.69
CA PRO B 991 18.34 -64.16 -2.15
C PRO B 991 17.46 -63.47 -3.17
N VAL B 992 16.62 -64.28 -3.81
CA VAL B 992 15.62 -63.76 -4.75
C VAL B 992 14.49 -63.15 -3.92
N ALA B 993 14.36 -61.83 -3.99
CA ALA B 993 13.43 -61.12 -3.12
C ALA B 993 11.99 -61.14 -3.61
N LEU B 994 11.72 -61.69 -4.80
CA LEU B 994 10.38 -61.73 -5.34
C LEU B 994 10.00 -63.16 -5.68
N ALA B 995 8.70 -63.45 -5.55
CA ALA B 995 8.19 -64.76 -5.90
C ALA B 995 8.25 -64.96 -7.42
N PRO B 996 8.48 -66.20 -7.87
CA PRO B 996 8.47 -66.47 -9.32
C PRO B 996 7.08 -66.26 -9.92
N GLN B 997 7.07 -65.79 -11.15
CA GLN B 997 5.81 -65.53 -11.86
C GLN B 997 5.58 -66.60 -12.91
N VAL B 998 4.33 -67.01 -13.05
CA VAL B 998 3.94 -68.02 -14.03
C VAL B 998 3.70 -67.30 -15.36
N LEU B 999 4.42 -67.72 -16.39
CA LEU B 999 4.30 -67.09 -17.70
C LEU B 999 3.25 -67.77 -18.57
N GLY B 1000 3.36 -69.09 -18.73
CA GLY B 1000 2.41 -69.84 -19.52
C GLY B 1000 2.34 -71.27 -19.04
N HIS B 1001 1.38 -72.00 -19.58
CA HIS B 1001 1.17 -73.39 -19.20
C HIS B 1001 0.46 -74.11 -20.33
N THR B 1002 0.48 -75.44 -20.25
CA THR B 1002 -0.27 -76.28 -21.17
C THR B 1002 -0.86 -77.43 -20.37
N THR B 1003 -1.30 -78.47 -21.07
CA THR B 1003 -1.91 -79.62 -20.42
C THR B 1003 -0.90 -80.50 -19.68
N ASP B 1004 0.40 -80.32 -19.91
CA ASP B 1004 1.38 -81.19 -19.29
C ASP B 1004 2.46 -80.40 -18.53
N SER B 1005 2.80 -79.21 -19.01
CA SER B 1005 3.90 -78.46 -18.44
C SER B 1005 3.48 -77.02 -18.14
N VAL B 1006 4.21 -76.40 -17.20
CA VAL B 1006 4.02 -75.01 -16.83
C VAL B 1006 5.38 -74.33 -16.81
N THR B 1007 5.51 -73.23 -17.54
CA THR B 1007 6.76 -72.48 -17.64
C THR B 1007 6.75 -71.35 -16.63
N LEU B 1008 7.83 -71.22 -15.85
CA LEU B 1008 7.93 -70.15 -14.86
C LEU B 1008 9.29 -69.49 -14.91
N GLU B 1009 9.30 -68.19 -14.71
CA GLU B 1009 10.53 -67.41 -14.58
C GLU B 1009 10.48 -66.59 -13.31
N TRP B 1010 11.66 -66.25 -12.81
CA TRP B 1010 11.81 -65.44 -11.61
C TRP B 1010 12.79 -64.31 -11.87
N PHE B 1011 12.84 -63.39 -10.93
CA PHE B 1011 13.72 -62.24 -11.02
C PHE B 1011 15.15 -62.62 -10.70
N PRO B 1012 16.13 -61.81 -11.11
CA PRO B 1012 17.49 -61.96 -10.59
C PRO B 1012 17.54 -61.60 -9.10
N PRO B 1013 18.60 -62.01 -8.38
CA PRO B 1013 18.70 -61.65 -6.96
C PRO B 1013 18.81 -60.15 -6.73
N ILE B 1014 18.51 -59.75 -5.50
CA ILE B 1014 18.15 -58.37 -5.19
C ILE B 1014 19.34 -57.42 -5.34
N ASP B 1015 20.57 -57.90 -5.14
CA ASP B 1015 21.73 -57.04 -5.30
C ASP B 1015 22.02 -56.70 -6.77
N GLY B 1016 21.45 -57.44 -7.71
CA GLY B 1016 21.62 -57.15 -9.11
C GLY B 1016 22.83 -57.81 -9.77
N HIS B 1017 23.66 -58.48 -8.99
CA HIS B 1017 24.83 -59.14 -9.55
C HIS B 1017 24.43 -60.41 -10.28
N PHE B 1018 24.92 -60.58 -11.50
CA PHE B 1018 24.65 -61.77 -12.29
C PHE B 1018 25.80 -62.76 -12.30
N PHE B 1019 26.80 -62.55 -11.44
CA PHE B 1019 27.96 -63.43 -11.38
C PHE B 1019 28.37 -63.64 -9.93
N GLU B 1020 29.31 -64.55 -9.73
CA GLU B 1020 29.83 -64.84 -8.40
C GLU B 1020 30.67 -63.67 -7.90
N ARG B 1021 30.49 -63.32 -6.63
CA ARG B 1021 31.17 -62.18 -6.02
C ARG B 1021 32.62 -62.56 -5.74
N GLU B 1022 33.48 -62.27 -6.70
CA GLU B 1022 34.92 -62.51 -6.58
C GLU B 1022 35.64 -61.17 -6.43
N LEU B 1023 36.42 -61.04 -5.36
CA LEU B 1023 37.17 -59.81 -5.13
C LEU B 1023 38.39 -59.74 -6.06
N GLY B 1024 38.85 -58.52 -6.30
CA GLY B 1024 39.97 -58.29 -7.19
C GLY B 1024 39.69 -58.59 -8.65
N SER B 1025 38.50 -58.27 -9.13
CA SER B 1025 38.14 -58.51 -10.52
C SER B 1025 37.06 -57.51 -10.92
N ALA B 1026 36.59 -57.64 -12.16
CA ALA B 1026 35.54 -56.78 -12.70
C ALA B 1026 34.18 -57.46 -12.69
N CYS B 1027 34.03 -58.58 -11.97
CA CYS B 1027 32.81 -59.38 -11.99
C CYS B 1027 31.64 -58.70 -11.29
N HIS B 1028 31.88 -57.64 -10.52
CA HIS B 1028 30.81 -56.90 -9.88
C HIS B 1028 30.21 -55.84 -10.78
N LEU B 1029 30.70 -55.72 -12.02
CA LEU B 1029 30.16 -54.77 -12.99
C LEU B 1029 29.64 -55.44 -14.25
N CYS B 1030 29.87 -56.74 -14.43
CA CYS B 1030 29.34 -57.45 -15.59
C CYS B 1030 27.84 -57.63 -15.45
N LEU B 1031 27.17 -57.75 -16.60
CA LEU B 1031 25.74 -57.98 -16.65
C LEU B 1031 25.44 -59.34 -17.28
N GLU B 1032 24.15 -59.63 -17.41
CA GLU B 1032 23.69 -60.92 -17.93
C GLU B 1032 23.94 -60.96 -19.44
N GLY B 1033 24.97 -61.69 -19.85
CA GLY B 1033 25.28 -61.82 -21.26
C GLY B 1033 26.67 -61.30 -21.60
N ARG B 1034 27.56 -61.28 -20.60
CA ARG B 1034 28.95 -60.83 -20.72
C ARG B 1034 29.03 -59.39 -21.24
N ILE B 1035 28.37 -58.49 -20.51
CA ILE B 1035 28.33 -57.08 -20.86
C ILE B 1035 28.85 -56.28 -19.68
N LEU B 1036 29.93 -55.52 -19.90
CA LEU B 1036 30.52 -54.70 -18.85
C LEU B 1036 29.96 -53.29 -18.94
N VAL B 1037 29.32 -52.84 -17.86
CA VAL B 1037 28.78 -51.50 -17.76
C VAL B 1037 29.50 -50.80 -16.62
N GLN B 1038 30.20 -49.71 -16.94
CA GLN B 1038 31.03 -49.02 -15.96
C GLN B 1038 30.80 -47.51 -16.05
N TYR B 1039 31.07 -46.85 -14.92
CA TYR B 1039 30.94 -45.41 -14.80
C TYR B 1039 32.34 -44.77 -14.83
N ALA B 1040 32.36 -43.46 -14.63
CA ALA B 1040 33.62 -42.72 -14.66
C ALA B 1040 34.36 -42.89 -13.34
N SER B 1041 35.62 -43.35 -13.41
CA SER B 1041 36.41 -43.53 -12.20
C SER B 1041 37.20 -42.26 -11.84
N ASN B 1042 37.81 -41.64 -12.85
CA ASN B 1042 38.62 -40.44 -12.65
C ASN B 1042 38.12 -39.34 -13.59
N ALA B 1043 38.04 -38.12 -13.09
CA ALA B 1043 37.60 -36.98 -13.87
C ALA B 1043 38.59 -35.82 -13.71
N SER B 1044 38.85 -35.11 -14.82
CA SER B 1044 39.74 -33.96 -14.80
C SER B 1044 39.19 -32.88 -15.70
N SER B 1045 39.50 -31.62 -15.37
CA SER B 1045 39.08 -30.47 -16.14
C SER B 1045 40.06 -29.34 -15.89
N PRO B 1046 40.43 -28.56 -16.91
CA PRO B 1046 41.34 -27.44 -16.67
C PRO B 1046 40.68 -26.33 -15.87
N MET B 1047 41.51 -25.64 -15.09
CA MET B 1047 41.01 -24.49 -14.33
C MET B 1047 40.75 -23.33 -15.28
N PRO B 1048 39.65 -22.60 -15.09
CA PRO B 1048 39.31 -21.51 -16.03
C PRO B 1048 40.09 -20.23 -15.76
N CYS B 1049 40.47 -20.00 -14.50
CA CYS B 1049 41.20 -18.79 -14.12
C CYS B 1049 42.70 -19.03 -13.97
N SER B 1050 43.17 -20.20 -14.39
CA SER B 1050 44.58 -20.56 -14.30
C SER B 1050 45.02 -21.15 -15.62
N PRO B 1051 46.29 -20.97 -16.00
CA PRO B 1051 46.75 -21.51 -17.29
C PRO B 1051 46.89 -23.02 -17.28
N SER B 1052 47.44 -23.60 -16.21
CA SER B 1052 47.69 -25.03 -16.12
C SER B 1052 47.23 -25.56 -14.77
N GLY B 1053 46.00 -25.22 -14.38
CA GLY B 1053 45.46 -25.64 -13.11
C GLY B 1053 45.14 -27.12 -13.01
N HIS B 1054 44.22 -27.59 -13.86
CA HIS B 1054 43.76 -28.98 -13.94
C HIS B 1054 43.21 -29.48 -12.60
N TRP B 1055 42.12 -28.83 -12.17
CA TRP B 1055 41.44 -29.25 -10.95
C TRP B 1055 40.68 -30.56 -11.20
N SER B 1056 40.40 -31.27 -10.12
CA SER B 1056 39.76 -32.57 -10.22
C SER B 1056 38.31 -32.49 -9.78
N PRO B 1057 37.35 -32.58 -10.70
CA PRO B 1057 35.95 -32.68 -10.28
C PRO B 1057 35.65 -34.03 -9.67
N ARG B 1058 34.67 -34.04 -8.78
CA ARG B 1058 34.31 -35.24 -8.03
C ARG B 1058 32.88 -35.69 -8.25
N GLU B 1059 31.94 -34.77 -8.45
CA GLU B 1059 30.53 -35.12 -8.59
C GLU B 1059 30.18 -35.70 -9.95
N ALA B 1060 31.11 -35.71 -10.90
CA ALA B 1060 30.85 -36.20 -12.25
C ALA B 1060 31.42 -37.60 -12.49
N GLU B 1061 31.71 -38.34 -11.42
CA GLU B 1061 32.32 -39.66 -11.54
C GLU B 1061 31.29 -40.79 -11.47
N GLY B 1062 30.55 -40.90 -10.36
CA GLY B 1062 29.79 -42.08 -10.05
C GLY B 1062 28.47 -42.19 -10.81
N HIS B 1063 27.56 -42.97 -10.22
CA HIS B 1063 26.26 -43.18 -10.82
C HIS B 1063 25.42 -41.90 -10.71
N PRO B 1064 24.51 -41.66 -11.65
CA PRO B 1064 23.76 -40.39 -11.66
C PRO B 1064 22.78 -40.30 -10.50
N ASP B 1065 22.93 -39.24 -9.70
CA ASP B 1065 22.11 -39.02 -8.51
C ASP B 1065 21.62 -37.57 -8.51
N VAL B 1066 20.49 -37.33 -9.18
CA VAL B 1066 19.83 -36.04 -9.16
C VAL B 1066 18.35 -36.27 -8.87
N GLU B 1067 17.81 -35.52 -7.91
CA GLU B 1067 16.41 -35.68 -7.56
C GLU B 1067 15.50 -35.04 -8.60
N GLN B 1068 15.86 -33.87 -9.08
CA GLN B 1068 15.11 -33.19 -10.15
C GLN B 1068 16.01 -33.09 -11.38
N PRO B 1069 15.73 -33.83 -12.45
CA PRO B 1069 16.66 -33.89 -13.58
C PRO B 1069 16.64 -32.67 -14.50
N CYS B 1070 15.89 -31.60 -14.18
CA CYS B 1070 15.94 -30.38 -14.97
C CYS B 1070 16.25 -29.14 -14.16
N LYS B 1071 15.94 -29.12 -12.86
CA LYS B 1071 16.37 -28.04 -11.99
C LYS B 1071 17.87 -28.12 -11.77
N SER B 1072 18.54 -26.97 -11.73
CA SER B 1072 19.98 -26.92 -11.52
C SER B 1072 20.33 -27.37 -10.11
N SER B 1073 21.29 -28.28 -10.00
CA SER B 1073 21.65 -28.84 -8.70
C SER B 1073 23.14 -28.66 -8.40
N VAL B 1074 23.59 -29.26 -7.30
CA VAL B 1074 24.98 -29.10 -6.85
C VAL B 1074 25.81 -30.36 -7.09
N ARG B 1075 25.18 -31.50 -7.41
CA ARG B 1075 25.89 -32.76 -7.61
C ARG B 1075 26.32 -32.98 -9.05
N THR B 1076 26.51 -31.90 -9.81
CA THR B 1076 26.90 -31.99 -11.21
C THR B 1076 28.15 -31.15 -11.43
N TRP B 1077 28.80 -31.38 -12.57
CA TRP B 1077 29.97 -30.60 -12.97
C TRP B 1077 29.54 -29.43 -13.85
N SER B 1078 30.02 -28.24 -13.52
CA SER B 1078 29.74 -27.07 -14.32
C SER B 1078 31.03 -26.34 -14.63
N PRO B 1079 31.13 -25.72 -15.81
CA PRO B 1079 32.30 -24.87 -16.10
C PRO B 1079 32.41 -23.66 -15.20
N ASN B 1080 31.29 -23.10 -14.75
CA ASN B 1080 31.31 -21.93 -13.88
C ASN B 1080 31.27 -22.28 -12.40
N SER B 1081 31.23 -23.57 -12.06
CA SER B 1081 31.33 -23.98 -10.66
C SER B 1081 32.78 -24.20 -10.23
N ALA B 1082 33.72 -24.18 -11.16
CA ALA B 1082 35.13 -24.38 -10.85
C ALA B 1082 35.80 -23.13 -10.31
N VAL B 1083 35.15 -21.97 -10.39
CA VAL B 1083 35.77 -20.73 -9.96
C VAL B 1083 35.59 -20.54 -8.46
N ASN B 1084 36.36 -19.61 -7.91
CA ASN B 1084 36.15 -19.15 -6.55
C ASN B 1084 34.83 -18.38 -6.47
N PRO B 1085 34.13 -18.44 -5.33
CA PRO B 1085 32.90 -17.64 -5.18
C PRO B 1085 33.13 -16.12 -5.23
N HIS B 1086 34.36 -15.65 -5.00
CA HIS B 1086 34.68 -14.23 -5.08
C HIS B 1086 35.39 -13.88 -6.38
N THR B 1087 35.16 -14.64 -7.44
CA THR B 1087 35.80 -14.42 -8.73
C THR B 1087 34.74 -14.55 -9.82
N VAL B 1088 34.74 -13.62 -10.76
CA VAL B 1088 33.82 -13.68 -11.90
C VAL B 1088 34.19 -14.88 -12.77
N PRO B 1089 33.25 -15.75 -13.12
CA PRO B 1089 33.57 -16.88 -13.99
C PRO B 1089 33.79 -16.42 -15.42
N PRO B 1090 34.85 -16.87 -16.07
CA PRO B 1090 35.13 -16.44 -17.44
C PRO B 1090 34.36 -17.27 -18.46
N ALA B 1091 34.17 -16.66 -19.63
CA ALA B 1091 33.54 -17.36 -20.74
C ALA B 1091 34.49 -18.38 -21.34
N CYS B 1092 33.93 -19.48 -21.82
CA CYS B 1092 34.73 -20.51 -22.45
C CYS B 1092 35.19 -20.04 -23.83
N PRO B 1093 36.33 -20.55 -24.32
CA PRO B 1093 36.83 -20.11 -25.63
C PRO B 1093 35.94 -20.52 -26.79
N GLU B 1094 36.12 -19.82 -27.91
CA GLU B 1094 35.22 -20.02 -29.05
C GLU B 1094 35.43 -21.35 -29.79
N PRO B 1095 36.59 -21.66 -30.37
CA PRO B 1095 36.62 -22.75 -31.36
C PRO B 1095 36.54 -24.17 -30.78
N GLN B 1096 36.74 -24.35 -29.47
CA GLN B 1096 36.63 -25.68 -28.90
C GLN B 1096 35.73 -25.69 -27.66
N GLY B 1097 35.70 -24.60 -26.91
CA GLY B 1097 34.93 -24.54 -25.69
C GLY B 1097 35.62 -25.21 -24.53
N CYS B 1098 35.02 -25.05 -23.35
CA CYS B 1098 35.51 -25.73 -22.16
C CYS B 1098 35.15 -27.21 -22.24
N TYR B 1099 36.05 -28.07 -21.76
CA TYR B 1099 35.84 -29.50 -21.88
C TYR B 1099 36.00 -30.18 -20.53
N LEU B 1100 35.31 -31.31 -20.39
CA LEU B 1100 35.44 -32.19 -19.25
C LEU B 1100 36.06 -33.50 -19.70
N GLU B 1101 37.12 -33.92 -19.03
CA GLU B 1101 37.84 -35.15 -19.37
C GLU B 1101 37.49 -36.21 -18.33
N LEU B 1102 36.71 -37.20 -18.74
CA LEU B 1102 36.36 -38.31 -17.88
C LEU B 1102 37.20 -39.52 -18.24
N GLU B 1103 37.61 -40.28 -17.23
CA GLU B 1103 38.43 -41.46 -17.42
C GLU B 1103 37.73 -42.66 -16.80
N PHE B 1104 37.74 -43.78 -17.52
CA PHE B 1104 37.12 -45.00 -17.06
C PHE B 1104 38.17 -45.95 -16.49
N LEU B 1105 37.75 -46.78 -15.55
CA LEU B 1105 38.69 -47.65 -14.84
C LEU B 1105 39.18 -48.78 -15.72
N TYR B 1106 38.27 -49.43 -16.44
CA TYR B 1106 38.63 -50.58 -17.27
C TYR B 1106 38.55 -50.20 -18.74
N PRO B 1107 39.67 -50.13 -19.46
CA PRO B 1107 39.63 -49.80 -20.89
C PRO B 1107 39.06 -50.96 -21.70
N LEU B 1108 37.93 -50.71 -22.35
CA LEU B 1108 37.22 -51.73 -23.12
C LEU B 1108 36.86 -51.18 -24.49
N VAL B 1109 36.60 -52.08 -25.42
CA VAL B 1109 36.06 -51.69 -26.72
C VAL B 1109 34.61 -51.29 -26.49
N PRO B 1110 34.25 -50.04 -26.74
CA PRO B 1110 32.92 -49.56 -26.36
C PRO B 1110 31.86 -49.95 -27.38
N GLU B 1111 30.64 -50.06 -26.89
CA GLU B 1111 29.47 -50.23 -27.73
C GLU B 1111 28.49 -49.08 -27.62
N SER B 1112 28.30 -48.52 -26.43
CA SER B 1112 27.45 -47.35 -26.27
C SER B 1112 28.02 -46.46 -25.18
N LEU B 1113 27.67 -45.17 -25.26
CA LEU B 1113 28.10 -44.18 -24.30
C LEU B 1113 26.90 -43.34 -23.89
N THR B 1114 26.57 -43.34 -22.60
CA THR B 1114 25.43 -42.59 -22.10
C THR B 1114 25.91 -41.51 -21.15
N ILE B 1115 25.48 -40.28 -21.38
CA ILE B 1115 25.86 -39.12 -20.59
C ILE B 1115 24.61 -38.48 -20.03
N TRP B 1116 24.58 -38.25 -18.72
CA TRP B 1116 23.43 -37.64 -18.06
C TRP B 1116 23.63 -36.14 -17.96
N VAL B 1117 23.29 -35.45 -19.05
CA VAL B 1117 23.29 -34.00 -19.06
C VAL B 1117 22.04 -33.53 -18.32
N THR B 1118 22.23 -32.87 -17.18
CA THR B 1118 21.10 -32.54 -16.32
C THR B 1118 20.45 -31.21 -16.72
N PHE B 1119 21.20 -30.12 -16.65
CA PHE B 1119 20.64 -28.79 -16.84
C PHE B 1119 21.28 -28.11 -18.04
N VAL B 1120 20.44 -27.57 -18.92
CA VAL B 1120 20.87 -26.80 -20.09
C VAL B 1120 20.29 -25.40 -19.97
N SER B 1121 21.01 -24.41 -20.48
CA SER B 1121 20.47 -23.06 -20.57
C SER B 1121 19.32 -23.01 -21.55
N THR B 1122 18.43 -22.02 -21.37
CA THR B 1122 17.20 -21.92 -22.14
C THR B 1122 17.45 -21.61 -23.62
N ASP B 1123 18.55 -20.94 -23.95
CA ASP B 1123 18.89 -20.62 -25.32
C ASP B 1123 20.34 -20.95 -25.59
N TRP B 1124 20.62 -21.35 -26.83
CA TRP B 1124 21.97 -21.71 -27.24
C TRP B 1124 22.23 -21.13 -28.62
N ASP B 1125 23.52 -20.95 -28.93
CA ASP B 1125 23.90 -20.46 -30.26
C ASP B 1125 23.84 -21.58 -31.29
N SER B 1126 24.64 -22.61 -31.11
CA SER B 1126 24.57 -23.80 -31.96
C SER B 1126 23.35 -24.63 -31.61
N SER B 1127 22.99 -25.53 -32.52
CA SER B 1127 21.82 -26.38 -32.31
C SER B 1127 22.04 -27.39 -31.19
N GLY B 1128 23.27 -27.85 -31.00
CA GLY B 1128 23.60 -28.78 -29.94
C GLY B 1128 24.28 -28.09 -28.77
N ALA B 1129 23.89 -28.48 -27.56
CA ALA B 1129 24.53 -27.93 -26.37
C ALA B 1129 25.94 -28.47 -26.20
N VAL B 1130 26.11 -29.78 -26.34
CA VAL B 1130 27.44 -30.38 -26.34
C VAL B 1130 28.04 -30.18 -27.72
N ASN B 1131 29.16 -29.45 -27.78
CA ASN B 1131 29.74 -29.09 -29.07
C ASN B 1131 30.41 -30.27 -29.74
N ASP B 1132 31.17 -31.05 -28.98
CA ASP B 1132 31.94 -32.14 -29.57
C ASP B 1132 32.22 -33.18 -28.50
N ILE B 1133 32.37 -34.43 -28.94
CA ILE B 1133 32.75 -35.52 -28.03
C ILE B 1133 33.92 -36.27 -28.65
N LYS B 1134 35.04 -36.28 -27.95
CA LYS B 1134 36.25 -36.96 -28.43
C LYS B 1134 36.52 -38.17 -27.55
N LEU B 1135 36.50 -39.35 -28.16
CA LEU B 1135 36.87 -40.57 -27.47
C LEU B 1135 38.39 -40.69 -27.50
N LEU B 1136 38.98 -40.83 -26.33
CA LEU B 1136 40.41 -41.07 -26.22
C LEU B 1136 40.72 -42.51 -26.56
N ALA B 1137 42.02 -42.81 -26.67
CA ALA B 1137 42.44 -44.15 -27.01
C ALA B 1137 43.77 -44.43 -26.34
N VAL B 1138 44.09 -45.72 -26.18
CA VAL B 1138 45.39 -46.11 -25.64
C VAL B 1138 46.50 -45.84 -26.65
N SER B 1139 46.16 -45.81 -27.94
CA SER B 1139 47.11 -45.49 -28.99
C SER B 1139 47.15 -44.00 -29.31
N GLY B 1140 46.34 -43.19 -28.66
CA GLY B 1140 46.37 -41.74 -28.85
C GLY B 1140 45.50 -41.22 -29.98
N LYS B 1141 44.76 -42.07 -30.66
CA LYS B 1141 43.91 -41.64 -31.77
C LYS B 1141 42.59 -41.12 -31.22
N ASN B 1142 42.43 -39.80 -31.23
CA ASN B 1142 41.22 -39.15 -30.70
C ASN B 1142 40.11 -39.29 -31.74
N ILE B 1143 39.16 -40.16 -31.47
CA ILE B 1143 38.02 -40.34 -32.37
C ILE B 1143 37.02 -39.21 -32.11
N SER B 1144 36.73 -38.43 -33.14
CA SER B 1144 35.90 -37.24 -33.00
C SER B 1144 34.46 -37.54 -33.37
N LEU B 1145 33.52 -36.99 -32.60
CA LEU B 1145 32.10 -37.09 -32.87
C LEU B 1145 31.49 -35.71 -32.72
N GLY B 1146 30.56 -35.39 -33.63
CA GLY B 1146 29.98 -34.07 -33.72
C GLY B 1146 28.99 -33.77 -32.61
N PRO B 1147 28.32 -32.62 -32.71
CA PRO B 1147 27.37 -32.23 -31.66
C PRO B 1147 26.11 -33.08 -31.67
N GLN B 1148 25.57 -33.30 -30.47
CA GLN B 1148 24.30 -33.98 -30.29
C GLN B 1148 23.35 -33.10 -29.48
N ASN B 1149 22.07 -33.17 -29.82
CA ASN B 1149 21.05 -32.38 -29.15
C ASN B 1149 20.63 -33.12 -27.88
N VAL B 1150 20.94 -32.54 -26.72
CA VAL B 1150 20.60 -33.17 -25.45
C VAL B 1150 19.28 -32.60 -24.94
N PHE B 1151 18.62 -33.38 -24.09
CA PHE B 1151 17.40 -32.98 -23.43
C PHE B 1151 17.65 -32.86 -21.93
N CYS B 1152 16.73 -32.17 -21.25
CA CYS B 1152 16.86 -31.98 -19.81
C CYS B 1152 16.67 -33.29 -19.06
N ASP B 1153 15.61 -34.02 -19.36
CA ASP B 1153 15.26 -35.22 -18.61
C ASP B 1153 15.94 -36.47 -19.16
N VAL B 1154 15.76 -36.74 -20.45
CA VAL B 1154 16.28 -37.97 -21.06
C VAL B 1154 17.80 -37.85 -21.21
N PRO B 1155 18.57 -38.82 -20.72
CA PRO B 1155 20.02 -38.77 -20.90
C PRO B 1155 20.42 -39.00 -22.36
N LEU B 1156 21.52 -38.37 -22.74
CA LEU B 1156 22.08 -38.58 -24.08
C LEU B 1156 22.65 -39.98 -24.20
N THR B 1157 22.34 -40.66 -25.30
CA THR B 1157 22.85 -42.00 -25.57
C THR B 1157 23.41 -42.04 -26.98
N ILE B 1158 24.65 -42.51 -27.12
CA ILE B 1158 25.34 -42.54 -28.40
C ILE B 1158 25.76 -43.98 -28.68
N ARG B 1159 25.43 -44.46 -29.87
CA ARG B 1159 25.87 -45.77 -30.34
C ARG B 1159 27.17 -45.61 -31.12
N LEU B 1160 28.17 -46.42 -30.78
CA LEU B 1160 29.52 -46.27 -31.32
C LEU B 1160 29.79 -47.40 -32.32
N TRP B 1161 29.97 -47.03 -33.58
CA TRP B 1161 30.36 -47.96 -34.63
C TRP B 1161 31.86 -47.86 -34.89
N ASP B 1162 32.42 -48.96 -35.41
CA ASP B 1162 33.79 -49.12 -35.96
C ASP B 1162 34.90 -48.60 -35.04
N VAL B 1163 34.68 -48.58 -33.73
CA VAL B 1163 35.75 -48.22 -32.80
C VAL B 1163 36.57 -49.47 -32.51
N GLY B 1164 37.64 -49.68 -33.28
CA GLY B 1164 38.49 -50.83 -33.08
C GLY B 1164 39.52 -50.70 -31.98
N GLU B 1165 39.65 -49.52 -31.39
CA GLU B 1165 40.62 -49.26 -30.34
C GLU B 1165 39.91 -49.16 -28.99
N GLU B 1166 40.60 -49.60 -27.94
CA GLU B 1166 40.06 -49.51 -26.59
C GLU B 1166 40.01 -48.05 -26.14
N VAL B 1167 38.91 -47.67 -25.51
CA VAL B 1167 38.69 -46.31 -25.05
C VAL B 1167 38.71 -46.32 -23.53
N TYR B 1168 39.65 -45.57 -22.96
CA TYR B 1168 39.78 -45.47 -21.51
C TYR B 1168 39.19 -44.18 -20.95
N GLY B 1169 38.66 -43.31 -21.79
CA GLY B 1169 38.10 -42.07 -21.32
C GLY B 1169 37.58 -41.24 -22.48
N ILE B 1170 36.75 -40.26 -22.13
CA ILE B 1170 36.10 -39.39 -23.09
C ILE B 1170 36.39 -37.94 -22.73
N GLN B 1171 36.18 -37.07 -23.70
CA GLN B 1171 36.27 -35.62 -23.51
C GLN B 1171 35.02 -34.99 -24.09
N ILE B 1172 34.35 -34.18 -23.27
CA ILE B 1172 33.10 -33.53 -23.63
C ILE B 1172 33.40 -32.04 -23.78
N TYR B 1173 33.46 -31.56 -25.02
CA TYR B 1173 33.69 -30.16 -25.32
C TYR B 1173 32.35 -29.45 -25.48
N THR B 1174 32.14 -28.40 -24.70
CA THR B 1174 30.92 -27.62 -24.74
C THR B 1174 31.26 -26.14 -24.72
N LEU B 1175 30.33 -25.34 -25.24
CA LEU B 1175 30.41 -23.89 -25.19
C LEU B 1175 29.45 -23.28 -24.18
N ASP B 1176 28.53 -24.06 -23.63
CA ASP B 1176 27.56 -23.53 -22.69
C ASP B 1176 28.22 -23.26 -21.35
N GLU B 1177 27.85 -22.14 -20.73
CA GLU B 1177 28.42 -21.77 -19.44
C GLU B 1177 27.81 -22.59 -18.31
N HIS B 1178 26.51 -22.88 -18.39
CA HIS B 1178 25.78 -23.49 -17.29
C HIS B 1178 25.34 -24.92 -17.59
N LEU B 1179 26.07 -25.61 -18.47
CA LEU B 1179 25.79 -27.02 -18.70
C LEU B 1179 26.22 -27.84 -17.49
N GLU B 1180 25.40 -28.81 -17.11
CA GLU B 1180 25.60 -29.58 -15.89
C GLU B 1180 25.63 -31.07 -16.22
N ILE B 1181 26.82 -31.61 -16.40
CA ILE B 1181 27.00 -33.04 -16.61
C ILE B 1181 27.04 -33.74 -15.26
N ASP B 1182 26.25 -34.81 -15.13
CA ASP B 1182 26.12 -35.54 -13.87
C ASP B 1182 26.94 -36.81 -13.83
N ALA B 1183 26.93 -37.60 -14.90
CA ALA B 1183 27.57 -38.92 -14.87
C ALA B 1183 27.92 -39.33 -16.28
N ALA B 1184 28.48 -40.54 -16.38
CA ALA B 1184 28.77 -41.15 -17.68
C ALA B 1184 28.75 -42.66 -17.51
N MET B 1185 28.50 -43.35 -18.61
CA MET B 1185 28.43 -44.81 -18.58
C MET B 1185 28.91 -45.33 -19.92
N LEU B 1186 29.84 -46.29 -19.88
CA LEU B 1186 30.40 -46.89 -21.09
C LEU B 1186 29.96 -48.35 -21.15
N THR B 1187 28.92 -48.61 -21.95
CA THR B 1187 28.44 -49.97 -22.12
C THR B 1187 29.30 -50.68 -23.15
N SER B 1188 29.92 -51.79 -22.73
CA SER B 1188 30.83 -52.53 -23.58
C SER B 1188 30.07 -53.41 -24.57
N THR B 1189 30.80 -54.21 -25.34
CA THR B 1189 30.22 -54.98 -26.43
C THR B 1189 29.54 -56.24 -25.92
N ALA B 1190 29.20 -57.15 -26.84
CA ALA B 1190 28.42 -58.33 -26.48
C ALA B 1190 29.26 -59.35 -25.72
N ASP B 1191 30.54 -59.46 -26.02
CA ASP B 1191 31.42 -60.42 -25.33
C ASP B 1191 32.75 -59.73 -25.01
N THR B 1192 32.81 -59.12 -23.83
CA THR B 1192 34.04 -58.50 -23.38
C THR B 1192 35.05 -59.58 -22.97
N PRO B 1193 36.35 -59.33 -23.17
CA PRO B 1193 37.37 -60.29 -22.74
C PRO B 1193 37.73 -60.21 -21.26
N LEU B 1194 37.01 -59.44 -20.46
CA LEU B 1194 37.30 -59.33 -19.03
C LEU B 1194 36.28 -60.04 -18.14
N CYS B 1195 35.05 -60.24 -18.63
CA CYS B 1195 34.03 -60.97 -17.89
C CYS B 1195 34.01 -62.46 -18.22
N LEU B 1196 34.98 -62.93 -19.01
CA LEU B 1196 35.03 -64.34 -19.37
C LEU B 1196 35.48 -65.22 -18.22
N GLN B 1197 36.17 -64.66 -17.23
CA GLN B 1197 36.64 -65.41 -16.08
C GLN B 1197 35.67 -65.38 -14.90
N CYS B 1198 34.52 -64.73 -15.06
CA CYS B 1198 33.52 -64.65 -14.00
C CYS B 1198 32.58 -65.83 -14.10
N LYS B 1199 32.54 -66.66 -13.06
CA LYS B 1199 31.65 -67.81 -13.06
C LYS B 1199 30.25 -67.37 -12.69
N PRO B 1200 29.24 -67.70 -13.50
CA PRO B 1200 27.87 -67.28 -13.19
C PRO B 1200 27.29 -68.06 -12.02
N LEU B 1201 26.30 -67.46 -11.38
CA LEU B 1201 25.61 -68.08 -10.27
C LEU B 1201 24.38 -68.84 -10.77
N LYS B 1202 24.06 -69.94 -10.10
CA LYS B 1202 23.07 -70.89 -10.59
C LYS B 1202 21.88 -70.96 -9.64
N TYR B 1203 20.69 -71.08 -10.21
CA TYR B 1203 19.44 -71.12 -9.46
C TYR B 1203 18.90 -72.55 -9.42
N LYS B 1204 18.44 -72.96 -8.24
CA LYS B 1204 17.82 -74.27 -8.06
C LYS B 1204 16.40 -74.09 -7.53
N VAL B 1205 15.44 -74.78 -8.15
CA VAL B 1205 14.03 -74.60 -7.84
C VAL B 1205 13.53 -75.80 -7.03
N VAL B 1206 12.95 -75.53 -5.88
CA VAL B 1206 12.38 -76.54 -4.99
C VAL B 1206 10.86 -76.38 -4.99
N ARG B 1207 10.19 -77.53 -4.88
CA ARG B 1207 8.73 -77.60 -4.88
C ARG B 1207 8.28 -78.26 -3.59
N ASP B 1208 7.10 -77.85 -3.10
CA ASP B 1208 6.60 -78.36 -1.83
C ASP B 1208 6.15 -79.82 -1.94
N PRO B 1209 5.54 -80.28 -3.03
CA PRO B 1209 5.65 -81.70 -3.37
C PRO B 1209 6.96 -81.96 -4.10
N PRO B 1210 7.86 -82.75 -3.51
CA PRO B 1210 9.22 -82.86 -4.06
C PRO B 1210 9.26 -83.55 -5.42
N LEU B 1211 10.16 -83.07 -6.26
CA LEU B 1211 10.35 -83.59 -7.60
C LEU B 1211 11.21 -84.85 -7.56
N GLN B 1212 11.47 -85.41 -8.73
CA GLN B 1212 12.39 -86.54 -8.82
C GLN B 1212 13.83 -86.07 -8.65
N MET B 1213 14.72 -87.03 -8.40
CA MET B 1213 16.13 -86.73 -8.24
C MET B 1213 16.79 -86.31 -9.55
N ASP B 1214 16.22 -86.73 -10.69
CA ASP B 1214 16.77 -86.36 -11.98
C ASP B 1214 16.43 -84.92 -12.38
N VAL B 1215 15.48 -84.29 -11.69
CA VAL B 1215 15.03 -82.94 -12.00
C VAL B 1215 15.50 -81.95 -10.95
N ALA B 1216 15.40 -82.32 -9.67
CA ALA B 1216 15.73 -81.40 -8.59
C ALA B 1216 17.23 -81.22 -8.40
N SER B 1217 18.05 -82.14 -8.91
CA SER B 1217 19.49 -82.06 -8.69
C SER B 1217 20.18 -81.06 -9.63
N ILE B 1218 19.63 -80.86 -10.83
CA ILE B 1218 20.32 -80.02 -11.81
C ILE B 1218 20.20 -78.55 -11.43
N LEU B 1219 21.12 -77.76 -11.97
CA LEU B 1219 21.20 -76.33 -11.70
C LEU B 1219 20.97 -75.57 -12.98
N HIS B 1220 20.11 -74.56 -12.92
CA HIS B 1220 19.70 -73.80 -14.10
C HIS B 1220 20.51 -72.51 -14.19
N LEU B 1221 21.25 -72.36 -15.28
CA LEU B 1221 21.96 -71.11 -15.51
C LEU B 1221 20.99 -69.99 -15.86
N ASN B 1222 20.00 -70.28 -16.71
CA ASN B 1222 18.96 -69.32 -17.00
C ASN B 1222 17.91 -69.31 -15.90
N ARG B 1223 17.01 -68.34 -15.97
CA ARG B 1223 15.95 -68.19 -14.99
C ARG B 1223 14.64 -68.84 -15.43
N LYS B 1224 14.66 -69.61 -16.51
CA LYS B 1224 13.48 -70.25 -17.06
C LYS B 1224 13.41 -71.70 -16.57
N PHE B 1225 12.23 -72.12 -16.11
CA PHE B 1225 12.06 -73.48 -15.59
C PHE B 1225 10.77 -74.09 -16.12
N VAL B 1226 10.86 -75.36 -16.51
CA VAL B 1226 9.72 -76.16 -16.93
C VAL B 1226 9.77 -77.50 -16.24
N ASP B 1227 8.60 -78.02 -15.89
CA ASP B 1227 8.47 -79.34 -15.28
C ASP B 1227 7.31 -80.07 -15.94
N MET B 1228 7.37 -81.40 -15.94
CA MET B 1228 6.41 -82.22 -16.65
C MET B 1228 5.43 -82.97 -15.74
N ASP B 1229 5.88 -83.47 -14.60
CA ASP B 1229 5.04 -84.32 -13.76
C ASP B 1229 4.14 -83.43 -12.90
N LEU B 1230 2.89 -83.25 -13.34
CA LEU B 1230 1.92 -82.43 -12.65
C LEU B 1230 0.59 -83.15 -12.59
N ASN B 1231 -0.24 -82.75 -11.61
CA ASN B 1231 -1.57 -83.30 -11.43
C ASN B 1231 -2.59 -82.17 -11.44
N LEU B 1232 -3.79 -82.46 -11.95
CA LEU B 1232 -4.78 -81.44 -12.24
C LEU B 1232 -5.45 -80.86 -10.99
N GLY B 1233 -5.32 -81.50 -9.83
CA GLY B 1233 -6.02 -81.02 -8.66
C GLY B 1233 -5.14 -80.41 -7.59
N SER B 1234 -3.95 -80.99 -7.40
CA SER B 1234 -3.09 -80.60 -6.28
C SER B 1234 -2.41 -79.26 -6.54
N VAL B 1235 -2.15 -78.53 -5.45
CA VAL B 1235 -1.41 -77.29 -5.54
C VAL B 1235 0.09 -77.59 -5.48
N TYR B 1236 0.88 -76.61 -5.90
CA TYR B 1236 2.34 -76.73 -5.88
C TYR B 1236 2.93 -75.40 -5.47
N GLN B 1237 3.76 -75.41 -4.43
CA GLN B 1237 4.44 -74.19 -3.98
C GLN B 1237 5.88 -74.23 -4.46
N TYR B 1238 6.26 -73.24 -5.27
CA TYR B 1238 7.59 -73.18 -5.87
C TYR B 1238 8.40 -72.09 -5.19
N TRP B 1239 9.64 -72.40 -4.83
CA TRP B 1239 10.58 -71.39 -4.39
C TRP B 1239 11.96 -71.72 -4.93
N VAL B 1240 12.72 -70.69 -5.28
CA VAL B 1240 14.00 -70.86 -5.96
C VAL B 1240 15.11 -70.28 -5.10
N ILE B 1241 16.14 -71.08 -4.83
CA ILE B 1241 17.34 -70.62 -4.16
C ILE B 1241 18.37 -70.26 -5.24
N THR B 1242 19.30 -69.39 -4.86
CA THR B 1242 20.29 -68.83 -5.78
C THR B 1242 21.69 -69.09 -5.23
N ILE B 1243 22.26 -70.21 -5.61
CA ILE B 1243 23.58 -70.57 -5.12
C ILE B 1243 24.64 -69.94 -6.03
N SER B 1244 25.80 -69.65 -5.45
CA SER B 1244 26.94 -69.18 -6.21
C SER B 1244 27.96 -70.30 -6.43
N GLY B 1245 28.46 -70.88 -5.34
CA GLY B 1245 29.29 -72.06 -5.41
C GLY B 1245 28.68 -73.19 -4.61
N THR B 1246 29.39 -73.64 -3.57
CA THR B 1246 28.82 -74.61 -2.65
C THR B 1246 27.79 -73.97 -1.73
N GLU B 1247 27.93 -72.68 -1.43
CA GLU B 1247 27.07 -72.00 -0.49
C GLU B 1247 25.67 -71.79 -1.09
N GLU B 1248 24.64 -72.08 -0.30
CA GLU B 1248 23.26 -71.94 -0.72
C GLU B 1248 22.63 -70.75 -0.01
N SER B 1249 21.97 -69.88 -0.77
CA SER B 1249 21.38 -68.68 -0.23
C SER B 1249 19.99 -68.97 0.36
N GLU B 1250 19.35 -67.92 0.86
CA GLU B 1250 18.02 -68.05 1.44
C GLU B 1250 16.98 -68.28 0.34
N PRO B 1251 15.94 -69.06 0.64
CA PRO B 1251 14.92 -69.33 -0.38
C PRO B 1251 14.06 -68.11 -0.70
N SER B 1252 13.55 -68.11 -1.93
CA SER B 1252 12.62 -67.08 -2.36
C SER B 1252 11.25 -67.30 -1.72
N PRO B 1253 10.41 -66.28 -1.69
CA PRO B 1253 8.99 -66.51 -1.33
C PRO B 1253 8.33 -67.45 -2.33
N ALA B 1254 7.49 -68.34 -1.81
CA ALA B 1254 6.90 -69.37 -2.64
C ALA B 1254 5.71 -68.83 -3.43
N VAL B 1255 5.45 -69.46 -4.58
CA VAL B 1255 4.30 -69.17 -5.40
C VAL B 1255 3.42 -70.42 -5.40
N THR B 1256 2.15 -70.25 -5.06
CA THR B 1256 1.18 -71.35 -5.04
C THR B 1256 0.49 -71.43 -6.39
N TYR B 1257 0.68 -72.53 -7.09
CA TYR B 1257 0.16 -72.73 -8.42
C TYR B 1257 -0.79 -73.92 -8.45
N ILE B 1258 -1.93 -73.74 -9.11
CA ILE B 1258 -2.91 -74.80 -9.33
C ILE B 1258 -2.94 -75.11 -10.82
N HIS B 1259 -2.78 -76.39 -11.16
CA HIS B 1259 -2.71 -76.78 -12.57
C HIS B 1259 -4.07 -76.70 -13.26
N GLY B 1260 -5.16 -76.56 -12.52
CA GLY B 1260 -6.47 -76.38 -13.12
C GLY B 1260 -6.93 -74.95 -13.13
N SER B 1261 -6.57 -74.19 -12.10
CA SER B 1261 -7.02 -72.80 -11.96
C SER B 1261 -6.09 -71.88 -12.76
N GLY B 1262 -6.32 -70.57 -12.64
CA GLY B 1262 -5.57 -69.58 -13.38
C GLY B 1262 -4.45 -68.96 -12.57
N TYR B 1263 -3.91 -67.88 -13.11
CA TYR B 1263 -2.79 -67.15 -12.51
C TYR B 1263 -2.83 -65.72 -13.05
N CYS B 1264 -1.72 -64.98 -12.87
CA CYS B 1264 -1.65 -63.59 -13.32
C CYS B 1264 -1.07 -63.44 -14.72
N GLY B 1265 -1.21 -64.47 -15.56
CA GLY B 1265 -0.84 -64.37 -16.95
C GLY B 1265 -1.77 -65.18 -17.84
N ASP B 1266 -2.87 -65.66 -17.27
CA ASP B 1266 -3.78 -66.53 -17.98
C ASP B 1266 -4.62 -65.78 -19.01
N GLY B 1267 -4.83 -64.48 -18.82
CA GLY B 1267 -5.73 -63.72 -19.63
C GLY B 1267 -7.17 -63.73 -19.16
N ILE B 1268 -7.46 -64.36 -18.02
CA ILE B 1268 -8.79 -64.39 -17.43
C ILE B 1268 -8.73 -63.68 -16.09
N ILE B 1269 -9.49 -62.60 -15.97
CA ILE B 1269 -9.50 -61.79 -14.75
C ILE B 1269 -10.35 -62.50 -13.70
N GLN B 1270 -9.77 -62.72 -12.52
CA GLN B 1270 -10.46 -63.34 -11.39
C GLN B 1270 -10.38 -62.36 -10.23
N LYS B 1271 -11.50 -61.68 -9.94
CA LYS B 1271 -11.51 -60.64 -8.92
C LYS B 1271 -11.43 -61.16 -7.50
N ASP B 1272 -11.58 -62.47 -7.28
CA ASP B 1272 -11.55 -63.01 -5.93
C ASP B 1272 -10.13 -63.01 -5.35
N GLN B 1273 -9.12 -63.17 -6.19
CA GLN B 1273 -7.74 -63.23 -5.74
C GLN B 1273 -7.09 -61.85 -5.66
N GLY B 1274 -7.82 -60.78 -5.96
CA GLY B 1274 -7.28 -59.44 -5.95
C GLY B 1274 -6.83 -58.91 -7.30
N GLU B 1275 -7.16 -59.60 -8.39
CA GLU B 1275 -6.73 -59.19 -9.72
C GLU B 1275 -7.61 -58.07 -10.21
N GLN B 1276 -7.08 -56.84 -10.26
CA GLN B 1276 -7.81 -55.74 -10.86
C GLN B 1276 -7.77 -55.80 -12.38
N CYS B 1277 -6.67 -56.27 -12.95
CA CYS B 1277 -6.57 -56.51 -14.39
C CYS B 1277 -5.68 -57.73 -14.60
N ASP B 1278 -5.87 -58.38 -15.76
CA ASP B 1278 -5.11 -59.60 -16.04
C ASP B 1278 -4.91 -59.68 -17.55
N ASP B 1279 -3.70 -59.38 -18.00
CA ASP B 1279 -3.26 -59.62 -19.36
C ASP B 1279 -2.09 -60.61 -19.33
N MET B 1280 -1.51 -60.86 -20.51
CA MET B 1280 -0.42 -61.81 -20.65
C MET B 1280 0.92 -61.12 -20.88
N ASN B 1281 1.02 -59.83 -20.57
CA ASN B 1281 2.20 -59.06 -20.94
C ASN B 1281 3.41 -59.42 -20.07
N LYS B 1282 3.20 -59.47 -18.74
CA LYS B 1282 4.27 -59.51 -17.73
C LYS B 1282 5.29 -58.37 -17.94
N ILE B 1283 4.78 -57.20 -18.34
CA ILE B 1283 5.60 -56.02 -18.62
C ILE B 1283 4.96 -54.84 -17.91
N ASN B 1284 5.76 -54.09 -17.15
CA ASN B 1284 5.25 -52.93 -16.42
C ASN B 1284 5.04 -51.70 -17.31
N GLY B 1285 5.52 -51.72 -18.55
CA GLY B 1285 5.36 -50.56 -19.43
C GLY B 1285 3.94 -50.39 -19.94
N ASP B 1286 3.13 -51.43 -19.89
CA ASP B 1286 1.75 -51.36 -20.35
C ASP B 1286 0.87 -50.76 -19.25
N GLY B 1287 -0.44 -50.70 -19.49
CA GLY B 1287 -1.35 -50.18 -18.50
C GLY B 1287 -1.68 -51.12 -17.37
N CYS B 1288 -1.33 -52.40 -17.50
CA CYS B 1288 -1.56 -53.39 -16.46
C CYS B 1288 -0.24 -54.06 -16.13
N SER B 1289 0.13 -54.02 -14.85
CA SER B 1289 1.44 -54.49 -14.42
C SER B 1289 1.49 -56.01 -14.35
N LEU B 1290 2.63 -56.53 -13.92
CA LEU B 1290 2.84 -57.97 -13.78
C LEU B 1290 2.35 -58.51 -12.44
N PHE B 1291 1.93 -57.63 -11.52
CA PHE B 1291 1.41 -58.04 -10.23
C PHE B 1291 -0.12 -57.98 -10.19
N CYS B 1292 -0.75 -58.13 -11.37
CA CYS B 1292 -2.21 -58.10 -11.55
C CYS B 1292 -2.84 -56.80 -11.05
N ARG B 1293 -2.10 -55.69 -11.13
CA ARG B 1293 -2.59 -54.40 -10.71
C ARG B 1293 -2.46 -53.40 -11.85
N GLN B 1294 -3.46 -52.54 -12.00
CA GLN B 1294 -3.41 -51.50 -13.02
C GLN B 1294 -2.45 -50.39 -12.59
N GLU B 1295 -1.92 -49.68 -13.58
CA GLU B 1295 -0.99 -48.60 -13.32
C GLU B 1295 -1.74 -47.35 -12.87
N VAL B 1296 -0.99 -46.30 -12.58
CA VAL B 1296 -1.57 -45.02 -12.19
C VAL B 1296 -2.13 -44.34 -13.43
N SER B 1297 -3.38 -43.85 -13.30
CA SER B 1297 -4.12 -43.16 -14.37
C SER B 1297 -4.30 -44.06 -15.60
N PHE B 1298 -4.95 -45.20 -15.37
CA PHE B 1298 -5.28 -46.14 -16.43
C PHE B 1298 -6.57 -46.86 -16.04
N ASN B 1299 -7.19 -47.51 -17.03
CA ASN B 1299 -8.41 -48.27 -16.79
C ASN B 1299 -8.52 -49.33 -17.86
N CYS B 1300 -8.86 -50.56 -17.46
CA CYS B 1300 -8.94 -51.70 -18.37
C CYS B 1300 -10.39 -52.16 -18.46
N ILE B 1301 -10.88 -52.39 -19.68
CA ILE B 1301 -12.30 -52.57 -19.94
C ILE B 1301 -12.60 -53.84 -20.71
N ASP B 1302 -11.82 -54.90 -20.50
CA ASP B 1302 -12.06 -56.14 -21.23
C ASP B 1302 -11.67 -57.33 -20.37
N GLU B 1303 -12.06 -58.52 -20.83
CA GLU B 1303 -11.71 -59.78 -20.19
C GLU B 1303 -10.25 -60.18 -20.45
N PRO B 1304 -9.65 -59.96 -21.63
CA PRO B 1304 -8.18 -60.00 -21.70
C PRO B 1304 -7.51 -58.71 -21.25
N SER B 1305 -8.28 -57.73 -20.78
CA SER B 1305 -7.81 -56.52 -20.10
C SER B 1305 -6.93 -55.65 -20.99
N ARG B 1306 -7.51 -55.20 -22.10
CA ARG B 1306 -6.92 -54.07 -22.81
C ARG B 1306 -7.22 -52.79 -22.04
N CYS B 1307 -6.23 -51.90 -21.97
CA CYS B 1307 -6.33 -50.73 -21.10
C CYS B 1307 -6.10 -49.46 -21.91
N TYR B 1308 -6.54 -48.34 -21.35
CA TYR B 1308 -6.43 -47.06 -22.03
C TYR B 1308 -6.15 -45.97 -21.02
N PHE B 1309 -5.67 -44.84 -21.54
CA PHE B 1309 -5.33 -43.67 -20.74
C PHE B 1309 -6.51 -42.71 -20.78
N HIS B 1310 -7.04 -42.37 -19.61
CA HIS B 1310 -8.33 -41.71 -19.50
C HIS B 1310 -8.26 -40.22 -19.20
N ASP B 1311 -7.07 -39.68 -18.90
CA ASP B 1311 -6.99 -38.26 -18.59
C ASP B 1311 -7.11 -37.38 -19.82
N GLY B 1312 -6.53 -37.79 -20.95
CA GLY B 1312 -6.57 -36.99 -22.15
C GLY B 1312 -7.72 -37.38 -23.06
N ASP B 1313 -8.45 -38.42 -22.70
CA ASP B 1313 -9.60 -38.84 -23.48
C ASP B 1313 -10.77 -37.88 -23.26
N GLY B 1314 -11.62 -37.78 -24.26
CA GLY B 1314 -12.72 -36.84 -24.27
C GLY B 1314 -14.01 -37.31 -23.66
N VAL B 1315 -14.02 -38.48 -23.02
CA VAL B 1315 -15.24 -39.05 -22.44
C VAL B 1315 -15.08 -39.11 -20.92
N CYS B 1316 -16.04 -38.53 -20.21
CA CYS B 1316 -16.03 -38.55 -18.75
C CYS B 1316 -16.70 -39.82 -18.24
N GLU B 1317 -16.13 -40.38 -17.18
CA GLU B 1317 -16.63 -41.60 -16.56
C GLU B 1317 -17.21 -41.28 -15.17
N GLU B 1318 -17.67 -42.33 -14.49
CA GLU B 1318 -18.20 -42.15 -13.14
C GLU B 1318 -17.08 -41.87 -12.15
N PHE B 1319 -15.97 -42.61 -12.24
CA PHE B 1319 -14.85 -42.45 -11.34
C PHE B 1319 -14.02 -41.21 -11.64
N GLU B 1320 -14.12 -40.68 -12.86
CA GLU B 1320 -13.27 -39.58 -13.29
C GLU B 1320 -13.76 -38.22 -12.82
N GLN B 1321 -14.93 -38.15 -12.18
CA GLN B 1321 -15.52 -36.87 -11.81
C GLN B 1321 -14.76 -36.22 -10.66
N LYS B 1322 -14.33 -37.01 -9.68
CA LYS B 1322 -13.64 -36.46 -8.52
C LYS B 1322 -12.15 -36.23 -8.74
N THR B 1323 -11.57 -36.81 -9.79
CA THR B 1323 -10.12 -36.75 -10.00
C THR B 1323 -9.73 -35.82 -11.13
N SER B 1324 -10.29 -36.03 -12.33
CA SER B 1324 -9.93 -35.21 -13.49
C SER B 1324 -10.92 -34.05 -13.59
N ILE B 1325 -10.49 -32.87 -13.11
CA ILE B 1325 -11.29 -31.67 -13.25
C ILE B 1325 -11.23 -31.13 -14.68
N LYS B 1326 -10.25 -31.57 -15.47
CA LYS B 1326 -10.04 -31.05 -16.81
C LYS B 1326 -10.79 -31.83 -17.88
N ASP B 1327 -11.60 -32.82 -17.51
CA ASP B 1327 -12.34 -33.60 -18.50
C ASP B 1327 -13.82 -33.69 -18.14
N CYS B 1328 -14.13 -33.63 -16.84
CA CYS B 1328 -15.49 -33.74 -16.36
C CYS B 1328 -16.03 -32.41 -15.84
N GLY B 1329 -15.40 -31.30 -16.20
CA GLY B 1329 -15.85 -30.00 -15.75
C GLY B 1329 -15.41 -29.69 -14.33
N VAL B 1330 -15.95 -28.58 -13.82
CA VAL B 1330 -15.60 -28.11 -12.48
C VAL B 1330 -16.21 -29.03 -11.44
N TYR B 1331 -15.41 -29.43 -10.46
CA TYR B 1331 -15.87 -30.31 -9.40
C TYR B 1331 -16.58 -29.47 -8.35
N THR B 1332 -17.91 -29.61 -8.28
CA THR B 1332 -18.68 -28.94 -7.24
C THR B 1332 -18.42 -29.62 -5.90
N PRO B 1333 -18.18 -28.86 -4.83
CA PRO B 1333 -18.11 -29.47 -3.50
C PRO B 1333 -19.44 -30.02 -3.04
N GLN B 1334 -19.37 -30.91 -2.04
CA GLN B 1334 -20.55 -31.65 -1.59
C GLN B 1334 -21.57 -30.75 -0.89
N GLY B 1335 -21.13 -29.63 -0.33
CA GLY B 1335 -22.02 -28.72 0.37
C GLY B 1335 -22.55 -27.57 -0.46
N PHE B 1336 -22.25 -27.51 -1.75
CA PHE B 1336 -22.63 -26.39 -2.58
C PHE B 1336 -23.22 -26.89 -3.90
N LEU B 1337 -23.64 -25.96 -4.75
CA LEU B 1337 -24.22 -26.31 -6.03
C LEU B 1337 -23.88 -25.21 -7.03
N ASP B 1338 -23.42 -25.60 -8.21
CA ASP B 1338 -23.07 -24.64 -9.25
C ASP B 1338 -24.24 -24.39 -10.19
N GLN B 1339 -24.37 -23.15 -10.64
CA GLN B 1339 -25.37 -22.76 -11.63
C GLN B 1339 -24.68 -21.94 -12.70
N TRP B 1340 -24.89 -22.30 -13.95
CA TRP B 1340 -24.24 -21.64 -15.07
C TRP B 1340 -25.16 -20.60 -15.70
N ALA B 1341 -24.56 -19.69 -16.46
CA ALA B 1341 -25.27 -18.51 -16.95
C ALA B 1341 -26.24 -18.86 -18.07
N SER B 1342 -27.33 -18.12 -18.12
CA SER B 1342 -28.33 -18.24 -19.17
C SER B 1342 -28.75 -16.84 -19.61
N ASN B 1343 -29.12 -16.72 -20.89
CA ASN B 1343 -29.41 -15.44 -21.56
C ASN B 1343 -28.25 -14.45 -21.40
N ALA B 1344 -27.05 -14.92 -21.77
CA ALA B 1344 -25.85 -14.10 -21.62
C ALA B 1344 -25.75 -13.09 -22.75
N SER B 1345 -25.57 -11.82 -22.40
CA SER B 1345 -25.45 -10.74 -23.35
C SER B 1345 -24.03 -10.18 -23.33
N VAL B 1346 -23.50 -9.87 -24.50
CA VAL B 1346 -22.14 -9.36 -24.63
C VAL B 1346 -22.17 -7.97 -25.25
N SER B 1347 -20.99 -7.35 -25.37
CA SER B 1347 -20.88 -5.98 -25.87
C SER B 1347 -20.52 -5.94 -27.35
N HIS B 1348 -19.39 -6.54 -27.71
CA HIS B 1348 -18.89 -6.50 -29.09
C HIS B 1348 -19.36 -7.74 -29.86
N GLN B 1349 -20.68 -7.90 -29.92
CA GLN B 1349 -21.27 -9.03 -30.61
C GLN B 1349 -21.17 -8.84 -32.12
N ASP B 1350 -20.85 -9.92 -32.83
CA ASP B 1350 -20.64 -9.87 -34.27
C ASP B 1350 -21.11 -11.18 -34.88
N GLN B 1351 -21.04 -11.25 -36.21
CA GLN B 1351 -21.38 -12.48 -36.92
C GLN B 1351 -20.34 -13.58 -36.68
N GLN B 1352 -19.06 -13.20 -36.58
CA GLN B 1352 -18.01 -14.18 -36.35
C GLN B 1352 -18.11 -14.77 -34.94
N CYS B 1353 -18.29 -13.91 -33.93
CA CYS B 1353 -18.45 -14.37 -32.55
C CYS B 1353 -19.76 -13.89 -31.97
N PRO B 1354 -20.77 -14.76 -31.87
CA PRO B 1354 -22.02 -14.36 -31.21
C PRO B 1354 -21.96 -14.58 -29.70
N GLY B 1355 -23.03 -14.19 -29.00
CA GLY B 1355 -23.05 -14.19 -27.54
C GLY B 1355 -23.78 -15.35 -26.87
N TRP B 1356 -24.22 -16.36 -27.62
CA TRP B 1356 -24.91 -17.50 -27.01
C TRP B 1356 -23.96 -18.64 -26.65
N VAL B 1357 -22.65 -18.44 -26.78
CA VAL B 1357 -21.70 -19.51 -26.50
C VAL B 1357 -21.48 -19.70 -25.00
N ILE B 1358 -21.82 -18.71 -24.19
CA ILE B 1358 -21.61 -18.78 -22.74
C ILE B 1358 -22.63 -19.66 -22.05
N ILE B 1359 -23.71 -20.02 -22.72
CA ILE B 1359 -24.82 -20.73 -22.10
C ILE B 1359 -24.43 -22.19 -21.86
N GLY B 1360 -24.70 -22.68 -20.66
CA GLY B 1360 -24.45 -24.06 -20.32
C GLY B 1360 -23.03 -24.30 -19.83
N GLN B 1361 -22.79 -25.54 -19.44
CA GLN B 1361 -21.47 -25.95 -18.97
C GLN B 1361 -20.51 -26.02 -20.14
N PRO B 1362 -19.39 -25.32 -20.11
CA PRO B 1362 -18.45 -25.36 -21.24
C PRO B 1362 -17.70 -26.67 -21.29
N ALA B 1363 -17.19 -26.96 -22.48
CA ALA B 1363 -16.33 -28.13 -22.64
C ALA B 1363 -14.98 -27.88 -21.97
N ALA B 1364 -14.58 -28.80 -21.10
CA ALA B 1364 -13.30 -28.71 -20.42
C ALA B 1364 -12.15 -29.27 -21.26
N SER B 1365 -12.45 -29.77 -22.46
CA SER B 1365 -11.44 -30.36 -23.33
C SER B 1365 -10.53 -29.32 -23.96
N GLN B 1366 -10.88 -28.04 -23.91
CA GLN B 1366 -10.06 -27.01 -24.53
C GLN B 1366 -8.86 -26.70 -23.63
N VAL B 1367 -7.66 -26.94 -24.15
CA VAL B 1367 -6.44 -26.72 -23.38
C VAL B 1367 -6.13 -25.23 -23.31
N CYS B 1368 -5.27 -24.86 -22.38
CA CYS B 1368 -4.84 -23.47 -22.23
C CYS B 1368 -4.01 -23.03 -23.43
N ARG B 1369 -4.09 -21.74 -23.74
CA ARG B 1369 -3.35 -21.16 -24.85
C ARG B 1369 -2.12 -20.43 -24.30
N THR B 1370 -0.93 -20.92 -24.67
CA THR B 1370 0.33 -20.39 -24.18
C THR B 1370 0.90 -19.45 -25.25
N LYS B 1371 0.82 -18.15 -24.97
CA LYS B 1371 1.31 -17.05 -25.82
C LYS B 1371 0.67 -17.11 -27.22
N VAL B 1372 -0.66 -17.02 -27.23
CA VAL B 1372 -1.43 -17.16 -28.45
C VAL B 1372 -1.29 -15.89 -29.29
N ILE B 1373 -0.89 -16.06 -30.54
CA ILE B 1373 -0.63 -14.93 -31.43
C ILE B 1373 -1.89 -14.56 -32.21
N ASP B 1374 -2.59 -15.54 -32.77
CA ASP B 1374 -3.75 -15.30 -33.62
C ASP B 1374 -4.92 -16.15 -33.15
N LEU B 1375 -6.13 -15.66 -33.44
CA LEU B 1375 -7.37 -16.35 -33.08
C LEU B 1375 -8.25 -16.51 -34.31
N SER B 1376 -7.65 -16.97 -35.41
CA SER B 1376 -8.36 -17.22 -36.66
C SER B 1376 -8.93 -18.63 -36.74
N GLU B 1377 -8.78 -19.43 -35.69
CA GLU B 1377 -9.25 -20.80 -35.68
C GLU B 1377 -10.74 -20.84 -35.33
N GLY B 1378 -11.29 -22.04 -35.16
CA GLY B 1378 -12.67 -22.19 -34.77
C GLY B 1378 -12.85 -22.19 -33.26
N ILE B 1379 -12.48 -21.09 -32.62
CA ILE B 1379 -12.50 -21.00 -31.17
C ILE B 1379 -13.80 -20.31 -30.74
N SER B 1380 -14.37 -19.49 -31.62
CA SER B 1380 -15.61 -18.78 -31.31
C SER B 1380 -16.81 -19.70 -31.21
N GLN B 1381 -16.74 -20.92 -31.77
CA GLN B 1381 -17.83 -21.86 -31.66
C GLN B 1381 -17.94 -22.47 -30.26
N HIS B 1382 -16.85 -22.46 -29.50
CA HIS B 1382 -16.86 -22.98 -28.13
C HIS B 1382 -16.40 -21.96 -27.10
N ALA B 1383 -16.19 -20.70 -27.49
CA ALA B 1383 -15.75 -19.67 -26.57
C ALA B 1383 -16.24 -18.32 -27.09
N TRP B 1384 -15.77 -17.24 -26.47
CA TRP B 1384 -16.10 -15.89 -26.93
C TRP B 1384 -14.96 -14.95 -26.60
N TYR B 1385 -14.43 -14.28 -27.62
CA TYR B 1385 -13.47 -13.20 -27.52
C TYR B 1385 -13.96 -12.08 -28.42
N PRO B 1386 -13.57 -10.82 -28.17
CA PRO B 1386 -14.03 -9.73 -29.05
C PRO B 1386 -13.40 -9.80 -30.43
N CYS B 1387 -14.25 -9.68 -31.46
CA CYS B 1387 -13.82 -9.79 -32.85
C CYS B 1387 -13.96 -8.50 -33.65
N THR B 1388 -14.81 -7.57 -33.21
CA THR B 1388 -14.96 -6.30 -33.91
C THR B 1388 -13.71 -5.43 -33.75
N ILE B 1389 -13.08 -5.49 -32.59
CA ILE B 1389 -11.89 -4.70 -32.29
C ILE B 1389 -10.68 -5.63 -32.34
N SER B 1390 -9.72 -5.30 -33.21
CA SER B 1390 -8.55 -6.13 -33.41
C SER B 1390 -7.46 -5.76 -32.42
N TYR B 1391 -6.25 -6.29 -32.64
CA TYR B 1391 -5.11 -6.04 -31.75
C TYR B 1391 -4.63 -4.58 -31.70
N PRO B 1392 -4.34 -3.88 -32.82
CA PRO B 1392 -3.71 -2.56 -32.66
C PRO B 1392 -4.66 -1.47 -32.19
N TYR B 1393 -5.94 -1.51 -32.60
CA TYR B 1393 -6.91 -0.53 -32.12
C TYR B 1393 -7.17 -0.68 -30.63
N SER B 1394 -7.22 -1.92 -30.14
CA SER B 1394 -7.36 -2.16 -28.71
C SER B 1394 -6.11 -1.75 -27.95
N GLN B 1395 -4.94 -1.99 -28.53
CA GLN B 1395 -3.69 -1.67 -27.85
C GLN B 1395 -3.45 -0.16 -27.77
N LEU B 1396 -3.89 0.58 -28.79
CA LEU B 1396 -3.64 2.02 -28.82
C LEU B 1396 -4.76 2.80 -28.14
N ALA B 1397 -6.02 2.51 -28.49
CA ALA B 1397 -7.14 3.29 -27.98
C ALA B 1397 -7.43 3.02 -26.50
N GLN B 1398 -7.06 1.84 -26.00
CA GLN B 1398 -7.27 1.42 -24.61
C GLN B 1398 -8.76 1.48 -24.23
N THR B 1399 -9.56 0.73 -24.99
CA THR B 1399 -10.99 0.67 -24.77
C THR B 1399 -11.29 -0.42 -23.74
N THR B 1400 -12.57 -0.74 -23.56
CA THR B 1400 -12.99 -1.75 -22.60
C THR B 1400 -14.07 -2.63 -23.21
N PHE B 1401 -14.06 -3.90 -22.82
CA PHE B 1401 -15.06 -4.87 -23.24
C PHE B 1401 -15.67 -5.51 -22.00
N TRP B 1402 -16.96 -5.84 -22.08
CA TRP B 1402 -17.65 -6.45 -20.96
C TRP B 1402 -18.55 -7.56 -21.45
N LEU B 1403 -18.84 -8.48 -20.53
CA LEU B 1403 -19.73 -9.62 -20.75
C LEU B 1403 -20.74 -9.59 -19.60
N ARG B 1404 -21.97 -9.17 -19.90
CA ARG B 1404 -23.02 -9.02 -18.90
C ARG B 1404 -23.95 -10.24 -18.97
N ALA B 1405 -23.50 -11.33 -18.35
CA ALA B 1405 -24.26 -12.56 -18.40
C ALA B 1405 -25.34 -12.58 -17.34
N TYR B 1406 -26.53 -13.03 -17.73
CA TYR B 1406 -27.66 -13.16 -16.82
C TYR B 1406 -27.67 -14.56 -16.21
N PHE B 1407 -28.66 -14.82 -15.37
CA PHE B 1407 -28.89 -16.13 -14.79
C PHE B 1407 -30.38 -16.41 -14.79
N SER B 1408 -30.76 -17.59 -14.31
CA SER B 1408 -32.14 -18.03 -14.34
C SER B 1408 -32.76 -18.12 -12.94
N GLN B 1409 -32.15 -18.90 -12.05
CA GLN B 1409 -32.67 -19.05 -10.70
C GLN B 1409 -32.00 -18.05 -9.78
N PRO B 1410 -32.74 -17.16 -9.12
CA PRO B 1410 -32.10 -16.18 -8.25
C PRO B 1410 -31.68 -16.78 -6.92
N MET B 1411 -30.37 -17.00 -6.74
CA MET B 1411 -29.81 -17.56 -5.54
C MET B 1411 -28.69 -16.68 -5.03
N VAL B 1412 -28.26 -16.94 -3.79
CA VAL B 1412 -27.13 -16.20 -3.24
C VAL B 1412 -25.84 -16.69 -3.88
N ALA B 1413 -24.81 -15.85 -3.82
CA ALA B 1413 -23.52 -16.13 -4.42
C ALA B 1413 -22.51 -16.48 -3.35
N ALA B 1414 -21.96 -17.69 -3.43
CA ALA B 1414 -20.87 -18.11 -2.56
C ALA B 1414 -19.51 -18.00 -3.22
N ALA B 1415 -19.42 -18.31 -4.50
CA ALA B 1415 -18.22 -18.11 -5.29
C ALA B 1415 -18.64 -17.95 -6.75
N VAL B 1416 -17.80 -17.25 -7.50
CA VAL B 1416 -18.04 -17.03 -8.92
C VAL B 1416 -16.96 -17.77 -9.70
N ILE B 1417 -17.39 -18.70 -10.55
CA ILE B 1417 -16.47 -19.49 -11.37
C ILE B 1417 -16.44 -18.88 -12.76
N VAL B 1418 -15.25 -18.53 -13.23
CA VAL B 1418 -15.03 -18.06 -14.58
C VAL B 1418 -14.07 -19.03 -15.26
N HIS B 1419 -14.53 -19.66 -16.33
CA HIS B 1419 -13.76 -20.65 -17.07
C HIS B 1419 -13.38 -20.03 -18.40
N LEU B 1420 -12.07 -19.92 -18.65
CA LEU B 1420 -11.52 -19.30 -19.84
C LEU B 1420 -10.69 -20.30 -20.63
N VAL B 1421 -10.70 -20.16 -21.95
CA VAL B 1421 -9.87 -21.00 -22.81
C VAL B 1421 -8.44 -20.49 -22.93
N THR B 1422 -8.16 -19.28 -22.44
CA THR B 1422 -6.84 -18.70 -22.54
C THR B 1422 -6.62 -17.74 -21.37
N ASP B 1423 -5.34 -17.45 -21.10
CA ASP B 1423 -4.97 -16.44 -20.14
C ASP B 1423 -4.84 -15.05 -20.77
N GLY B 1424 -4.94 -14.95 -22.09
CA GLY B 1424 -4.80 -13.69 -22.77
C GLY B 1424 -3.37 -13.22 -22.98
N THR B 1425 -2.38 -14.06 -22.69
CA THR B 1425 -0.99 -13.66 -22.88
C THR B 1425 -0.63 -13.66 -24.35
N TYR B 1426 -0.04 -12.56 -24.82
CA TYR B 1426 0.36 -12.44 -26.21
C TYR B 1426 1.76 -13.02 -26.41
N TYR B 1427 2.07 -13.33 -27.68
CA TYR B 1427 3.39 -13.87 -28.01
C TYR B 1427 4.48 -12.82 -27.81
N GLY B 1428 4.21 -11.56 -28.18
CA GLY B 1428 5.15 -10.49 -27.97
C GLY B 1428 4.99 -9.82 -26.63
N ASP B 1429 3.76 -9.44 -26.29
CA ASP B 1429 3.48 -8.76 -25.03
C ASP B 1429 3.52 -9.76 -23.89
N GLN B 1430 4.48 -9.58 -22.99
CA GLN B 1430 4.64 -10.44 -21.82
C GLN B 1430 4.01 -9.85 -20.57
N LYS B 1431 3.36 -8.70 -20.68
CA LYS B 1431 2.74 -8.07 -19.52
C LYS B 1431 1.46 -8.80 -19.14
N GLN B 1432 1.33 -9.12 -17.85
CA GLN B 1432 0.12 -9.78 -17.37
C GLN B 1432 -1.06 -8.82 -17.39
N GLU B 1433 -2.24 -9.38 -17.61
CA GLU B 1433 -3.48 -8.61 -17.63
C GLU B 1433 -4.42 -9.12 -16.55
N THR B 1434 -5.13 -8.19 -15.92
CA THR B 1434 -5.97 -8.48 -14.77
C THR B 1434 -7.40 -8.12 -15.10
N ILE B 1435 -8.31 -9.07 -14.91
CA ILE B 1435 -9.72 -8.86 -15.22
C ILE B 1435 -10.47 -8.57 -13.93
N SER B 1436 -11.70 -8.07 -14.07
CA SER B 1436 -12.53 -7.70 -12.94
C SER B 1436 -13.81 -8.52 -12.97
N VAL B 1437 -14.16 -9.10 -11.82
CA VAL B 1437 -15.38 -9.90 -11.72
C VAL B 1437 -16.39 -9.13 -10.86
N GLN B 1438 -17.29 -8.41 -11.51
CA GLN B 1438 -18.34 -7.70 -10.80
C GLN B 1438 -19.52 -8.65 -10.58
N LEU B 1439 -20.54 -8.15 -9.88
CA LEU B 1439 -21.72 -8.94 -9.59
C LEU B 1439 -22.92 -8.01 -9.51
N LEU B 1440 -24.05 -8.46 -10.04
CA LEU B 1440 -25.26 -7.65 -10.07
C LEU B 1440 -26.39 -8.42 -9.39
N ASP B 1441 -27.35 -7.66 -8.88
CA ASP B 1441 -28.44 -8.23 -8.11
C ASP B 1441 -29.74 -7.52 -8.45
N THR B 1442 -30.84 -8.09 -7.98
CA THR B 1442 -32.16 -7.50 -8.21
C THR B 1442 -32.34 -6.25 -7.36
N LYS B 1443 -32.94 -5.22 -7.98
CA LYS B 1443 -33.34 -3.91 -7.39
C LYS B 1443 -32.24 -3.25 -6.56
N ASP B 1444 -30.98 -3.48 -6.93
CA ASP B 1444 -29.84 -2.83 -6.30
C ASP B 1444 -28.73 -2.74 -7.32
N GLN B 1445 -27.65 -2.05 -6.97
CA GLN B 1445 -26.62 -1.76 -7.96
C GLN B 1445 -25.68 -2.93 -8.18
N SER B 1446 -24.90 -3.28 -7.16
CA SER B 1446 -23.80 -4.23 -7.31
C SER B 1446 -23.27 -4.61 -5.94
N HIS B 1447 -22.40 -5.62 -5.94
CA HIS B 1447 -21.58 -5.98 -4.78
C HIS B 1447 -20.24 -6.41 -5.36
N ASP B 1448 -19.25 -5.50 -5.32
CA ASP B 1448 -17.97 -5.76 -5.99
C ASP B 1448 -17.17 -6.83 -5.27
N LEU B 1449 -16.44 -7.62 -6.07
CA LEU B 1449 -15.61 -8.70 -5.53
C LEU B 1449 -14.12 -8.46 -5.68
N GLY B 1450 -13.71 -7.55 -6.55
CA GLY B 1450 -12.31 -7.27 -6.79
C GLY B 1450 -11.86 -7.64 -8.18
N LEU B 1451 -10.57 -7.90 -8.30
CA LEU B 1451 -9.94 -8.21 -9.57
C LEU B 1451 -9.04 -9.43 -9.42
N HIS B 1452 -8.78 -10.10 -10.54
CA HIS B 1452 -7.95 -11.32 -10.50
C HIS B 1452 -7.15 -11.45 -11.79
N VAL B 1453 -5.95 -12.02 -11.65
CA VAL B 1453 -5.08 -12.28 -12.77
C VAL B 1453 -5.38 -13.68 -13.30
N LEU B 1454 -4.97 -13.94 -14.55
CA LEU B 1454 -5.33 -15.23 -15.21
C LEU B 1454 -4.24 -16.29 -14.99
N SER B 1455 -4.62 -17.50 -14.59
CA SER B 1455 -3.65 -18.61 -14.43
C SER B 1455 -4.11 -19.79 -15.28
N CYS B 1456 -3.20 -20.39 -16.06
CA CYS B 1456 -3.55 -21.56 -16.92
C CYS B 1456 -3.96 -22.74 -16.04
N ARG B 1457 -3.24 -22.95 -14.93
CA ARG B 1457 -3.55 -24.11 -14.06
C ARG B 1457 -4.97 -23.95 -13.51
N ASN B 1458 -5.33 -22.73 -13.10
CA ASN B 1458 -6.72 -22.47 -12.63
C ASN B 1458 -7.53 -21.87 -13.78
N ASN B 1459 -7.76 -22.66 -14.84
CA ASN B 1459 -8.61 -22.18 -15.97
C ASN B 1459 -10.03 -21.89 -15.44
N PRO B 1460 -10.65 -22.73 -14.58
CA PRO B 1460 -11.93 -22.38 -13.97
C PRO B 1460 -11.60 -21.52 -12.74
N LEU B 1461 -11.23 -20.25 -12.98
CA LEU B 1461 -10.82 -19.35 -11.87
C LEU B 1461 -12.02 -19.18 -10.92
N ILE B 1462 -11.76 -19.26 -9.61
CA ILE B 1462 -12.87 -19.17 -8.61
C ILE B 1462 -12.70 -17.88 -7.81
N ILE B 1463 -13.74 -17.05 -7.74
CA ILE B 1463 -13.67 -15.75 -7.02
C ILE B 1463 -14.41 -15.88 -5.68
N PRO B 1464 -13.76 -15.93 -4.49
CA PRO B 1464 -14.53 -16.05 -3.25
C PRO B 1464 -15.35 -14.78 -3.01
N VAL B 1465 -16.68 -14.91 -2.94
CA VAL B 1465 -17.50 -13.74 -2.66
C VAL B 1465 -17.21 -13.29 -1.24
N VAL B 1466 -16.74 -12.05 -1.10
CA VAL B 1466 -16.43 -11.48 0.21
C VAL B 1466 -17.67 -10.76 0.72
N HIS B 1467 -18.12 -11.16 1.90
CA HIS B 1467 -19.39 -10.68 2.43
C HIS B 1467 -19.34 -10.70 3.94
N ASP B 1468 -19.90 -9.66 4.56
CA ASP B 1468 -20.03 -9.58 6.01
C ASP B 1468 -21.42 -10.02 6.42
N LEU B 1469 -21.49 -10.81 7.49
CA LEU B 1469 -22.77 -11.32 7.95
C LEU B 1469 -23.59 -10.27 8.70
N SER B 1470 -22.97 -9.16 9.13
CA SER B 1470 -23.73 -8.06 9.71
C SER B 1470 -24.61 -7.39 8.66
N GLN B 1471 -24.11 -7.28 7.44
CA GLN B 1471 -24.94 -6.80 6.33
C GLN B 1471 -25.94 -7.89 5.94
N PRO B 1472 -27.19 -7.52 5.64
CA PRO B 1472 -28.15 -8.53 5.16
C PRO B 1472 -27.80 -9.04 3.77
N PHE B 1473 -28.27 -10.26 3.50
CA PHE B 1473 -27.94 -10.98 2.28
C PHE B 1473 -28.66 -10.37 1.08
N TYR B 1474 -28.22 -10.79 -0.12
CA TYR B 1474 -28.79 -10.32 -1.37
C TYR B 1474 -28.92 -11.49 -2.33
N HIS B 1475 -29.92 -11.41 -3.20
CA HIS B 1475 -30.13 -12.43 -4.23
C HIS B 1475 -29.41 -12.01 -5.50
N SER B 1476 -28.35 -12.73 -5.85
CA SER B 1476 -27.58 -12.42 -7.05
C SER B 1476 -28.37 -12.79 -8.29
N GLN B 1477 -28.28 -11.94 -9.31
CA GLN B 1477 -29.05 -12.17 -10.53
C GLN B 1477 -28.19 -12.21 -11.78
N ALA B 1478 -27.16 -11.37 -11.87
CA ALA B 1478 -26.35 -11.28 -13.07
C ALA B 1478 -24.89 -11.07 -12.69
N VAL B 1479 -24.00 -11.45 -13.60
CA VAL B 1479 -22.56 -11.33 -13.41
C VAL B 1479 -22.00 -10.55 -14.60
N ARG B 1480 -21.27 -9.48 -14.31
CA ARG B 1480 -20.61 -8.67 -15.33
C ARG B 1480 -19.11 -8.87 -15.21
N VAL B 1481 -18.47 -9.25 -16.33
CA VAL B 1481 -17.02 -9.45 -16.38
C VAL B 1481 -16.44 -8.43 -17.34
N SER B 1482 -15.53 -7.60 -16.86
CA SER B 1482 -14.95 -6.53 -17.67
C SER B 1482 -13.46 -6.73 -17.83
N PHE B 1483 -12.97 -6.49 -19.05
CA PHE B 1483 -11.56 -6.61 -19.35
C PHE B 1483 -11.22 -5.66 -20.49
N SER B 1484 -9.97 -5.17 -20.50
CA SER B 1484 -9.52 -4.21 -21.49
C SER B 1484 -8.59 -4.80 -22.53
N SER B 1485 -7.93 -5.92 -22.24
CA SER B 1485 -7.10 -6.57 -23.23
C SER B 1485 -7.97 -7.37 -24.21
N PRO B 1486 -7.62 -7.38 -25.50
CA PRO B 1486 -8.46 -8.08 -26.48
C PRO B 1486 -8.30 -9.58 -26.48
N LEU B 1487 -7.24 -10.12 -25.87
CA LEU B 1487 -6.94 -11.54 -25.97
C LEU B 1487 -7.63 -12.38 -24.90
N VAL B 1488 -8.36 -11.76 -23.97
CA VAL B 1488 -9.11 -12.52 -22.98
C VAL B 1488 -10.34 -13.12 -23.65
N ALA B 1489 -10.43 -14.45 -23.61
CA ALA B 1489 -11.57 -15.17 -24.15
C ALA B 1489 -12.26 -15.94 -23.04
N ILE B 1490 -13.57 -15.77 -22.91
CA ILE B 1490 -14.35 -16.35 -21.84
C ILE B 1490 -15.15 -17.52 -22.41
N SER B 1491 -14.99 -18.69 -21.81
CA SER B 1491 -15.78 -19.84 -22.21
C SER B 1491 -17.07 -19.97 -21.41
N GLY B 1492 -17.05 -19.58 -20.14
CA GLY B 1492 -18.28 -19.62 -19.36
C GLY B 1492 -18.19 -19.15 -17.92
N VAL B 1493 -19.17 -18.37 -17.47
CA VAL B 1493 -19.22 -17.91 -16.10
C VAL B 1493 -20.26 -18.72 -15.33
N ALA B 1494 -20.12 -18.76 -14.01
CA ALA B 1494 -20.98 -19.57 -13.17
C ALA B 1494 -21.25 -18.84 -11.86
N LEU B 1495 -21.94 -19.52 -10.95
CA LEU B 1495 -22.31 -18.96 -9.66
C LEU B 1495 -22.53 -20.11 -8.69
N ARG B 1496 -21.79 -20.10 -7.58
CA ARG B 1496 -21.88 -21.16 -6.58
C ARG B 1496 -22.85 -20.75 -5.48
N SER B 1497 -23.77 -21.65 -5.13
CA SER B 1497 -24.76 -21.37 -4.10
C SER B 1497 -24.87 -22.53 -3.12
N PHE B 1498 -25.82 -22.43 -2.18
CA PHE B 1498 -26.06 -23.45 -1.18
C PHE B 1498 -27.25 -24.29 -1.61
N ASP B 1499 -27.04 -25.61 -1.69
CA ASP B 1499 -28.15 -26.53 -1.91
C ASP B 1499 -28.84 -26.94 -0.62
N ASN B 1500 -28.27 -26.56 0.53
CA ASN B 1500 -28.85 -26.87 1.84
C ASN B 1500 -29.96 -25.89 2.21
N PHE B 1501 -29.63 -24.61 2.25
CA PHE B 1501 -30.53 -23.57 2.72
C PHE B 1501 -30.45 -22.37 1.80
N ASP B 1502 -31.51 -21.58 1.78
CA ASP B 1502 -31.50 -20.27 1.12
C ASP B 1502 -31.69 -19.19 2.18
N PRO B 1503 -30.75 -18.27 2.37
CA PRO B 1503 -30.88 -17.26 3.43
C PRO B 1503 -31.66 -16.01 3.06
N VAL B 1504 -32.33 -15.99 1.91
CA VAL B 1504 -33.13 -14.83 1.54
C VAL B 1504 -34.60 -15.01 1.87
N THR B 1505 -35.16 -16.21 1.64
CA THR B 1505 -36.58 -16.45 1.85
C THR B 1505 -36.99 -16.44 3.33
N LEU B 1506 -36.03 -16.63 4.23
CA LEU B 1506 -36.28 -16.65 5.67
C LEU B 1506 -36.07 -15.29 6.33
N SER B 1507 -35.21 -14.44 5.76
CA SER B 1507 -34.81 -13.19 6.39
C SER B 1507 -35.53 -12.01 5.75
N SER B 1508 -36.80 -12.24 5.41
CA SER B 1508 -37.70 -11.23 4.87
C SER B 1508 -38.11 -10.24 5.97
N ASP B 1531 -35.30 -31.63 37.16
CA ASP B 1531 -35.78 -30.88 38.31
C ASP B 1531 -34.63 -30.14 38.98
N CYS B 1532 -34.75 -28.82 39.08
CA CYS B 1532 -33.72 -28.03 39.73
C CYS B 1532 -33.82 -28.22 41.25
N PRO B 1533 -32.69 -28.23 41.95
CA PRO B 1533 -32.72 -28.30 43.41
C PRO B 1533 -33.07 -26.94 44.01
N GLU B 1534 -33.11 -26.89 45.34
CA GLU B 1534 -33.39 -25.64 46.03
C GLU B 1534 -32.20 -24.70 45.93
N LEU B 1535 -32.47 -23.46 45.53
CA LEU B 1535 -31.44 -22.45 45.38
C LEU B 1535 -31.51 -21.47 46.55
N ALA B 1536 -30.41 -21.32 47.27
CA ALA B 1536 -30.34 -20.49 48.45
C ALA B 1536 -29.33 -19.37 48.24
N VAL B 1537 -29.76 -18.14 48.48
CA VAL B 1537 -28.91 -16.96 48.35
C VAL B 1537 -28.84 -16.29 49.72
N GLU B 1538 -27.63 -16.09 50.21
CA GLU B 1538 -27.45 -15.43 51.50
C GLU B 1538 -27.76 -13.94 51.39
N ASN B 1539 -28.39 -13.41 52.44
CA ASN B 1539 -28.83 -12.01 52.54
C ASN B 1539 -29.74 -11.62 51.37
N ALA B 1540 -30.77 -12.45 51.14
CA ALA B 1540 -31.71 -12.22 50.05
C ALA B 1540 -33.11 -12.59 50.54
N SER B 1541 -34.08 -12.49 49.63
CA SER B 1541 -35.48 -12.80 49.93
C SER B 1541 -36.10 -13.48 48.72
N LEU B 1542 -36.43 -14.76 48.87
CA LEU B 1542 -37.02 -15.54 47.78
C LEU B 1542 -38.53 -15.39 47.83
N ASN B 1543 -39.01 -14.24 47.37
CA ASN B 1543 -40.44 -13.93 47.36
C ASN B 1543 -41.05 -14.38 46.02
N CYS B 1544 -41.05 -15.69 45.84
CA CYS B 1544 -41.57 -16.29 44.61
C CYS B 1544 -42.37 -17.54 44.95
N SER B 1545 -43.26 -17.90 44.04
CA SER B 1545 -44.20 -19.01 44.24
C SER B 1545 -43.85 -20.22 43.38
N SER B 1546 -42.55 -20.53 43.27
CA SER B 1546 -42.10 -21.67 42.48
C SER B 1546 -42.29 -22.93 43.31
N SER B 1547 -43.51 -23.49 43.28
CA SER B 1547 -43.79 -24.71 44.02
C SER B 1547 -43.15 -25.92 43.37
N ASP B 1548 -43.25 -26.03 42.05
CA ASP B 1548 -42.65 -27.12 41.29
C ASP B 1548 -41.47 -26.57 40.51
N ARG B 1549 -40.29 -27.16 40.71
CA ARG B 1549 -39.06 -26.68 40.09
C ARG B 1549 -38.79 -27.45 38.79
N TYR B 1550 -39.75 -27.38 37.88
CA TYR B 1550 -39.66 -28.07 36.60
C TYR B 1550 -39.08 -27.11 35.56
N HIS B 1551 -39.11 -27.52 34.29
CA HIS B 1551 -38.58 -26.71 33.20
C HIS B 1551 -39.49 -25.52 32.95
N GLY B 1552 -39.10 -24.36 33.48
CA GLY B 1552 -39.90 -23.17 33.36
C GLY B 1552 -40.30 -22.58 34.71
N ALA B 1553 -39.52 -22.89 35.73
CA ALA B 1553 -39.81 -22.46 37.09
C ALA B 1553 -39.16 -21.09 37.31
N GLN B 1554 -39.96 -20.03 37.14
CA GLN B 1554 -39.46 -18.67 37.31
C GLN B 1554 -39.49 -18.30 38.79
N CYS B 1555 -38.40 -17.74 39.28
CA CYS B 1555 -38.35 -17.19 40.63
C CYS B 1555 -37.62 -15.87 40.59
N THR B 1556 -37.72 -15.11 41.67
CA THR B 1556 -37.05 -13.82 41.79
C THR B 1556 -36.11 -13.82 42.97
N VAL B 1557 -34.96 -13.17 42.80
CA VAL B 1557 -33.99 -12.98 43.87
C VAL B 1557 -33.79 -11.48 44.03
N SER B 1558 -34.02 -10.99 45.24
CA SER B 1558 -33.87 -9.57 45.56
C SER B 1558 -33.04 -9.43 46.82
N CYS B 1559 -32.03 -8.58 46.78
CA CYS B 1559 -31.21 -8.32 47.95
C CYS B 1559 -31.93 -7.35 48.89
N ARG B 1560 -31.46 -7.32 50.14
CA ARG B 1560 -32.02 -6.43 51.14
C ARG B 1560 -31.32 -5.08 51.06
N THR B 1561 -31.64 -4.19 52.00
CA THR B 1561 -31.04 -2.86 52.00
C THR B 1561 -29.58 -2.92 52.43
N GLY B 1562 -28.75 -2.09 51.81
CA GLY B 1562 -27.33 -2.10 52.08
C GLY B 1562 -26.56 -3.22 51.42
N TYR B 1563 -27.16 -3.94 50.47
CA TYR B 1563 -26.51 -5.04 49.78
C TYR B 1563 -26.68 -4.86 48.27
N VAL B 1564 -25.58 -5.00 47.55
CA VAL B 1564 -25.58 -4.91 46.09
C VAL B 1564 -25.66 -6.32 45.53
N LEU B 1565 -26.06 -6.43 44.26
CA LEU B 1565 -26.31 -7.71 43.62
C LEU B 1565 -25.17 -8.05 42.66
N GLN B 1566 -24.65 -9.26 42.79
CA GLN B 1566 -23.64 -9.79 41.88
C GLN B 1566 -24.23 -10.95 41.10
N ILE B 1567 -24.04 -10.93 39.78
CA ILE B 1567 -24.63 -11.91 38.88
C ILE B 1567 -23.51 -12.59 38.10
N ARG B 1568 -23.51 -13.92 38.11
CA ARG B 1568 -22.61 -14.73 37.29
C ARG B 1568 -23.50 -15.64 36.44
N ARG B 1569 -23.70 -15.26 35.19
CA ARG B 1569 -24.61 -15.98 34.31
C ARG B 1569 -23.94 -17.24 33.76
N ASP B 1570 -24.74 -18.30 33.62
CA ASP B 1570 -24.28 -19.58 33.11
C ASP B 1570 -24.88 -19.93 31.75
N ASP B 1571 -26.21 -19.96 31.65
CA ASP B 1571 -26.89 -20.29 30.41
C ASP B 1571 -28.03 -19.31 30.21
N GLU B 1572 -27.94 -18.48 29.17
CA GLU B 1572 -28.94 -17.44 28.94
C GLU B 1572 -28.91 -17.05 27.48
N LEU B 1573 -30.05 -16.54 27.01
CA LEU B 1573 -30.21 -16.06 25.63
C LEU B 1573 -30.31 -14.54 25.55
N ILE B 1574 -31.18 -13.92 26.34
CA ILE B 1574 -31.35 -12.48 26.36
C ILE B 1574 -31.23 -12.00 27.80
N LYS B 1575 -30.88 -10.74 27.96
CA LYS B 1575 -30.67 -10.13 29.27
C LYS B 1575 -31.61 -8.94 29.43
N SER B 1576 -32.23 -8.84 30.60
CA SER B 1576 -33.18 -7.78 30.90
C SER B 1576 -32.79 -7.10 32.20
N GLN B 1577 -32.75 -5.77 32.18
CA GLN B 1577 -32.38 -4.98 33.36
C GLN B 1577 -33.61 -4.87 34.26
N THR B 1578 -33.74 -5.83 35.18
CA THR B 1578 -34.85 -5.80 36.12
C THR B 1578 -34.67 -4.71 37.17
N GLY B 1579 -33.43 -4.48 37.60
CA GLY B 1579 -33.13 -3.46 38.57
C GLY B 1579 -32.49 -4.01 39.83
N PRO B 1580 -33.05 -3.67 40.99
CA PRO B 1580 -32.50 -4.22 42.24
C PRO B 1580 -32.71 -5.71 42.40
N SER B 1581 -33.77 -6.25 41.80
CA SER B 1581 -34.04 -7.68 41.83
C SER B 1581 -33.57 -8.31 40.52
N VAL B 1582 -33.75 -9.64 40.42
CA VAL B 1582 -33.39 -10.38 39.23
C VAL B 1582 -34.30 -11.60 39.15
N THR B 1583 -34.42 -12.16 37.94
CA THR B 1583 -35.25 -13.33 37.68
C THR B 1583 -34.37 -14.52 37.36
N VAL B 1584 -34.54 -15.61 38.10
CA VAL B 1584 -33.77 -16.83 37.94
C VAL B 1584 -34.71 -17.92 37.43
N THR B 1585 -34.32 -18.58 36.35
CA THR B 1585 -35.15 -19.55 35.66
C THR B 1585 -34.51 -20.92 35.76
N CYS B 1586 -35.30 -21.92 36.14
CA CYS B 1586 -34.84 -23.31 36.15
C CYS B 1586 -34.81 -23.85 34.73
N THR B 1587 -33.67 -24.43 34.34
CA THR B 1587 -33.50 -24.96 32.99
C THR B 1587 -32.67 -26.23 33.05
N GLU B 1588 -33.33 -27.37 32.78
CA GLU B 1588 -32.70 -28.70 32.67
C GLU B 1588 -31.96 -29.11 33.95
N GLY B 1589 -32.61 -28.92 35.09
CA GLY B 1589 -32.06 -29.37 36.36
C GLY B 1589 -31.04 -28.46 36.99
N LYS B 1590 -30.77 -27.29 36.41
CA LYS B 1590 -29.85 -26.33 36.98
C LYS B 1590 -30.40 -24.92 36.76
N TRP B 1591 -30.10 -24.04 37.72
CA TRP B 1591 -30.51 -22.66 37.60
C TRP B 1591 -29.59 -21.92 36.64
N ASN B 1592 -30.17 -20.96 35.92
CA ASN B 1592 -29.45 -20.30 34.82
C ASN B 1592 -28.42 -19.31 35.32
N LYS B 1593 -28.59 -18.76 36.52
CA LYS B 1593 -27.71 -17.72 37.03
C LYS B 1593 -27.20 -18.11 38.42
N GLN B 1594 -26.06 -17.51 38.79
CA GLN B 1594 -25.50 -17.62 40.13
C GLN B 1594 -25.47 -16.22 40.72
N VAL B 1595 -26.42 -15.92 41.58
CA VAL B 1595 -26.51 -14.59 42.17
C VAL B 1595 -25.92 -14.62 43.58
N ALA B 1596 -25.45 -13.46 44.02
CA ALA B 1596 -24.81 -13.32 45.32
C ALA B 1596 -24.97 -11.89 45.80
N CYS B 1597 -25.67 -11.70 46.92
CA CYS B 1597 -25.86 -10.38 47.51
C CYS B 1597 -24.68 -10.06 48.41
N GLU B 1598 -23.63 -9.53 47.78
CA GLU B 1598 -22.47 -9.08 48.54
C GLU B 1598 -22.78 -7.76 49.25
N PRO B 1599 -22.20 -7.53 50.42
CA PRO B 1599 -22.40 -6.24 51.09
C PRO B 1599 -21.67 -5.12 50.37
N VAL B 1600 -22.16 -3.90 50.58
CA VAL B 1600 -21.51 -2.73 50.01
C VAL B 1600 -20.18 -2.51 50.73
N ASP B 1601 -19.20 -1.97 49.99
CA ASP B 1601 -17.87 -1.74 50.50
C ASP B 1601 -17.61 -0.24 50.56
N CYS B 1602 -17.64 0.32 51.77
CA CYS B 1602 -17.21 1.69 51.96
C CYS B 1602 -15.70 1.81 51.73
N SER B 1603 -15.28 3.00 51.31
CA SER B 1603 -13.87 3.22 51.08
C SER B 1603 -13.11 3.29 52.40
N ILE B 1604 -11.81 3.03 52.33
CA ILE B 1604 -10.97 3.15 53.52
C ILE B 1604 -10.83 4.62 53.90
N PRO B 1605 -11.13 5.00 55.14
CA PRO B 1605 -11.07 6.42 55.50
C PRO B 1605 -9.64 6.94 55.61
N ASP B 1606 -9.23 7.73 54.63
CA ASP B 1606 -7.94 8.41 54.65
C ASP B 1606 -8.10 9.89 54.92
N HIS B 1607 -8.90 10.58 54.11
CA HIS B 1607 -9.21 11.98 54.31
C HIS B 1607 -10.69 12.18 54.00
N HIS B 1608 -11.09 13.45 53.85
CA HIS B 1608 -12.39 13.93 53.39
C HIS B 1608 -13.55 13.67 54.34
N GLN B 1609 -13.32 13.00 55.48
CA GLN B 1609 -14.36 12.82 56.49
C GLN B 1609 -14.02 13.55 57.78
N VAL B 1610 -12.88 13.23 58.39
CA VAL B 1610 -12.36 13.94 59.55
C VAL B 1610 -10.95 14.40 59.22
N TYR B 1611 -10.70 15.70 59.34
CA TYR B 1611 -9.39 16.24 59.03
C TYR B 1611 -8.45 16.08 60.21
N ALA B 1612 -7.21 15.67 59.92
CA ALA B 1612 -6.12 15.51 60.89
C ALA B 1612 -6.48 14.53 62.01
N ALA B 1613 -6.73 13.29 61.61
CA ALA B 1613 -7.05 12.24 62.56
C ALA B 1613 -6.57 10.90 62.01
N SER B 1614 -6.42 9.93 62.91
CA SER B 1614 -5.99 8.59 62.55
C SER B 1614 -7.18 7.64 62.62
N PHE B 1615 -7.38 6.88 61.55
CA PHE B 1615 -8.50 5.95 61.41
C PHE B 1615 -7.98 4.52 61.59
N SER B 1616 -8.64 3.75 62.45
CA SER B 1616 -8.28 2.36 62.69
C SER B 1616 -9.56 1.57 62.91
N CYS B 1617 -10.07 0.96 61.85
CA CYS B 1617 -11.31 0.22 61.94
C CYS B 1617 -11.05 -1.14 62.57
N PRO B 1618 -11.70 -1.48 63.69
CA PRO B 1618 -11.46 -2.79 64.32
C PRO B 1618 -12.14 -3.94 63.60
N GLU B 1619 -13.12 -3.68 62.74
CA GLU B 1619 -13.89 -4.73 62.09
C GLU B 1619 -13.63 -4.81 60.59
N GLY B 1620 -13.79 -3.72 59.88
CA GLY B 1620 -13.58 -3.72 58.44
C GLY B 1620 -14.28 -2.54 57.80
N THR B 1621 -14.37 -2.61 56.46
CA THR B 1621 -14.99 -1.56 55.68
C THR B 1621 -16.18 -2.10 54.88
N THR B 1622 -17.02 -2.89 55.53
CA THR B 1622 -18.22 -3.45 54.91
C THR B 1622 -19.46 -2.83 55.55
N PHE B 1623 -20.63 -3.31 55.12
CA PHE B 1623 -21.88 -2.77 55.64
C PHE B 1623 -22.09 -3.20 57.09
N GLY B 1624 -22.45 -2.22 57.93
CA GLY B 1624 -22.63 -2.46 59.35
C GLY B 1624 -21.37 -2.32 60.19
N SER B 1625 -20.21 -2.31 59.56
CA SER B 1625 -18.96 -2.14 60.30
C SER B 1625 -18.81 -0.68 60.74
N GLN B 1626 -18.20 -0.51 61.92
CA GLN B 1626 -17.97 0.81 62.49
C GLN B 1626 -16.49 1.02 62.73
N CYS B 1627 -16.00 2.20 62.37
CA CYS B 1627 -14.59 2.53 62.42
C CYS B 1627 -14.33 3.60 63.47
N SER B 1628 -13.15 3.54 64.08
CA SER B 1628 -12.75 4.43 65.15
C SER B 1628 -11.70 5.41 64.66
N PHE B 1629 -11.92 6.70 64.90
CA PHE B 1629 -10.96 7.73 64.58
C PHE B 1629 -10.54 8.44 65.86
N GLN B 1630 -9.26 8.81 65.92
CA GLN B 1630 -8.72 9.53 67.07
C GLN B 1630 -7.89 10.71 66.59
N CYS B 1631 -8.01 11.84 67.28
CA CYS B 1631 -7.34 13.09 66.80
C CYS B 1631 -5.84 13.12 67.09
N ARG B 1632 -5.13 14.07 66.48
CA ARG B 1632 -3.68 14.25 66.73
C ARG B 1632 -3.51 14.95 68.08
N HIS B 1633 -2.31 14.94 68.67
CA HIS B 1633 -2.11 15.52 70.02
C HIS B 1633 -2.45 17.03 70.05
N PRO B 1634 -2.06 17.89 69.09
CA PRO B 1634 -2.52 19.29 69.08
C PRO B 1634 -4.04 19.42 68.94
N ALA B 1635 -4.65 18.60 68.09
CA ALA B 1635 -6.12 18.70 67.85
C ALA B 1635 -6.89 18.28 69.11
N GLN B 1636 -8.01 18.96 69.40
CA GLN B 1636 -8.87 18.59 70.55
C GLN B 1636 -10.02 17.74 70.02
N LEU B 1637 -10.91 17.25 70.89
CA LEU B 1637 -12.06 16.51 70.39
C LEU B 1637 -13.28 16.82 71.24
N LYS B 1638 -14.37 17.23 70.58
CA LYS B 1638 -15.63 17.53 71.24
C LYS B 1638 -16.74 16.71 70.60
N GLY B 1639 -17.48 15.97 71.39
CA GLY B 1639 -18.55 15.12 70.91
C GLY B 1639 -18.68 13.86 71.75
N ASN B 1640 -19.91 13.38 71.89
CA ASN B 1640 -20.17 12.22 72.73
C ASN B 1640 -19.72 10.92 72.05
N ASN B 1641 -19.92 10.80 70.74
CA ASN B 1641 -19.54 9.61 70.00
C ASN B 1641 -18.42 9.93 69.02
N SER B 1642 -17.47 9.00 68.90
CA SER B 1642 -16.33 9.15 68.01
C SER B 1642 -16.20 7.94 67.09
N LEU B 1643 -17.31 7.53 66.50
CA LEU B 1643 -17.35 6.39 65.59
C LEU B 1643 -17.95 6.80 64.26
N LEU B 1644 -17.49 6.14 63.20
CA LEU B 1644 -18.01 6.35 61.85
C LEU B 1644 -18.66 5.06 61.37
N THR B 1645 -19.91 5.17 60.90
CA THR B 1645 -20.69 4.02 60.48
C THR B 1645 -20.77 3.97 58.96
N CYS B 1646 -20.37 2.83 58.39
CA CYS B 1646 -20.54 2.59 56.96
C CYS B 1646 -22.01 2.31 56.70
N MET B 1647 -22.70 3.28 56.10
CA MET B 1647 -24.15 3.22 55.95
C MET B 1647 -24.54 2.31 54.78
N GLU B 1648 -25.84 2.26 54.52
CA GLU B 1648 -26.38 1.47 53.42
C GLU B 1648 -26.12 2.09 52.05
N ASP B 1649 -25.75 3.37 52.00
CA ASP B 1649 -25.53 4.07 50.75
C ASP B 1649 -24.16 3.81 50.15
N GLY B 1650 -23.30 3.05 50.83
CA GLY B 1650 -21.94 2.85 50.39
C GLY B 1650 -20.98 3.92 50.84
N LEU B 1651 -21.41 4.86 51.66
CA LEU B 1651 -20.58 5.94 52.16
C LEU B 1651 -20.60 5.95 53.68
N TRP B 1652 -19.56 6.53 54.26
CA TRP B 1652 -19.52 6.69 55.71
C TRP B 1652 -20.48 7.79 56.15
N SER B 1653 -20.93 7.70 57.40
CA SER B 1653 -21.90 8.64 57.92
C SER B 1653 -21.23 9.95 58.31
N PHE B 1654 -22.05 10.91 58.73
CA PHE B 1654 -21.53 12.19 59.19
C PHE B 1654 -20.85 12.04 60.54
N PRO B 1655 -19.66 12.58 60.73
CA PRO B 1655 -19.00 12.53 62.05
C PRO B 1655 -19.68 13.46 63.03
N GLU B 1656 -20.15 12.90 64.16
CA GLU B 1656 -20.77 13.71 65.20
C GLU B 1656 -19.75 14.48 66.03
N ALA B 1657 -18.48 14.08 65.97
CA ALA B 1657 -17.41 14.74 66.69
C ALA B 1657 -16.32 15.13 65.72
N LEU B 1658 -15.87 16.38 65.78
CA LEU B 1658 -14.84 16.90 64.89
C LEU B 1658 -13.57 17.22 65.67
N CYS B 1659 -12.43 16.86 65.09
CA CYS B 1659 -11.14 17.22 65.69
C CYS B 1659 -10.86 18.70 65.47
N GLU B 1660 -11.24 19.54 66.43
CA GLU B 1660 -11.00 20.98 66.33
C GLU B 1660 -9.52 21.25 66.54
N LEU B 1661 -8.90 21.93 65.58
CA LEU B 1661 -7.48 22.20 65.61
C LEU B 1661 -7.23 23.48 66.40
N MET B 1662 -6.56 23.34 67.56
CA MET B 1662 -6.25 24.47 68.43
C MET B 1662 -4.77 24.40 68.78
N CYS B 1663 -4.03 25.45 68.45
CA CYS B 1663 -2.62 25.50 68.82
C CYS B 1663 -2.46 25.79 70.30
N LEU B 1664 -1.42 25.21 70.90
CA LEU B 1664 -1.18 25.31 72.33
C LEU B 1664 -0.46 26.62 72.66
N ALA B 1665 0.04 26.73 73.89
CA ALA B 1665 0.76 27.91 74.31
C ALA B 1665 2.10 28.00 73.58
N PRO B 1666 2.52 29.20 73.16
CA PRO B 1666 3.79 29.33 72.45
C PRO B 1666 4.95 29.15 73.38
N PRO B 1667 6.10 28.66 72.89
CA PRO B 1667 7.29 28.59 73.73
C PRO B 1667 7.83 29.99 74.01
N PRO B 1668 8.50 30.18 75.15
CA PRO B 1668 9.03 31.52 75.47
C PRO B 1668 10.22 31.92 74.61
N VAL B 1669 9.99 32.87 73.71
CA VAL B 1669 11.08 33.40 72.89
C VAL B 1669 11.95 34.31 73.74
N PRO B 1670 13.26 34.10 73.78
CA PRO B 1670 14.13 34.95 74.60
C PRO B 1670 14.23 36.36 74.04
N ASN B 1671 14.45 37.32 74.97
CA ASN B 1671 14.66 38.74 74.68
C ASN B 1671 13.50 39.35 73.90
N ALA B 1672 12.28 38.97 74.27
CA ALA B 1672 11.08 39.45 73.59
C ALA B 1672 10.03 39.85 74.61
N ASP B 1673 9.15 40.76 74.19
CA ASP B 1673 8.04 41.25 74.99
C ASP B 1673 6.75 40.86 74.31
N LEU B 1674 5.85 40.23 75.06
CA LEU B 1674 4.55 39.80 74.55
C LEU B 1674 3.58 40.97 74.68
N GLN B 1675 3.39 41.72 73.60
CA GLN B 1675 2.47 42.86 73.64
C GLN B 1675 1.02 42.40 73.75
N THR B 1676 0.68 41.30 73.08
CA THR B 1676 -0.66 40.74 73.17
C THR B 1676 -0.80 39.96 74.47
N ALA B 1677 -1.78 40.35 75.29
CA ALA B 1677 -1.99 39.70 76.58
C ALA B 1677 -2.57 38.30 76.43
N ARG B 1678 -3.25 38.02 75.32
CA ARG B 1678 -3.85 36.71 75.11
C ARG B 1678 -2.86 35.66 74.67
N CYS B 1679 -1.63 36.05 74.29
CA CYS B 1679 -0.62 35.08 73.88
C CYS B 1679 -0.01 34.32 75.05
N ARG B 1680 -0.20 34.80 76.28
CA ARG B 1680 0.32 34.13 77.46
C ARG B 1680 -0.59 33.02 77.96
N GLU B 1681 -1.75 32.83 77.33
CA GLU B 1681 -2.68 31.77 77.69
C GLU B 1681 -2.30 30.48 76.97
N ASN B 1682 -3.16 29.47 77.07
CA ASN B 1682 -2.93 28.19 76.42
C ASN B 1682 -3.94 27.88 75.32
N LYS B 1683 -5.13 28.47 75.37
CA LYS B 1683 -6.16 28.23 74.37
C LYS B 1683 -6.00 29.24 73.23
N HIS B 1684 -5.59 28.74 72.06
CA HIS B 1684 -5.42 29.58 70.89
C HIS B 1684 -5.90 28.84 69.65
N LYS B 1685 -6.65 29.55 68.82
CA LYS B 1685 -7.16 29.01 67.57
C LYS B 1685 -6.12 29.18 66.46
N VAL B 1686 -6.27 28.39 65.40
CA VAL B 1686 -5.36 28.45 64.28
C VAL B 1686 -5.62 29.73 63.50
N GLY B 1687 -4.55 30.50 63.25
CA GLY B 1687 -4.67 31.80 62.63
C GLY B 1687 -4.58 32.96 63.58
N SER B 1688 -4.28 32.73 64.85
CA SER B 1688 -4.08 33.82 65.79
C SER B 1688 -2.76 34.52 65.51
N PHE B 1689 -2.72 35.82 65.79
CA PHE B 1689 -1.55 36.66 65.52
C PHE B 1689 -1.04 37.20 66.85
N CYS B 1690 0.20 36.88 67.19
CA CYS B 1690 0.85 37.46 68.36
C CYS B 1690 1.91 38.45 67.89
N LYS B 1691 1.86 39.67 68.41
CA LYS B 1691 2.85 40.70 68.13
C LYS B 1691 3.90 40.68 69.22
N TYR B 1692 5.12 40.29 68.86
CA TYR B 1692 6.24 40.23 69.78
C TYR B 1692 7.16 41.41 69.51
N LYS B 1693 7.49 42.16 70.55
CA LYS B 1693 8.33 43.34 70.44
C LYS B 1693 9.73 42.99 70.93
N CYS B 1694 10.74 43.30 70.11
CA CYS B 1694 12.11 43.04 70.51
C CYS B 1694 12.55 44.05 71.58
N LYS B 1695 13.29 43.56 72.57
CA LYS B 1695 13.81 44.41 73.63
C LYS B 1695 14.91 45.33 73.09
N PRO B 1696 15.19 46.45 73.78
CA PRO B 1696 16.34 47.27 73.40
C PRO B 1696 17.65 46.51 73.53
N GLY B 1697 18.54 46.73 72.57
CA GLY B 1697 19.70 45.90 72.40
C GLY B 1697 19.47 44.65 71.59
N TYR B 1698 18.23 44.43 71.13
CA TYR B 1698 17.88 43.25 70.34
C TYR B 1698 16.99 43.68 69.19
N HIS B 1699 16.97 42.87 68.13
CA HIS B 1699 16.18 43.18 66.95
C HIS B 1699 15.82 41.90 66.22
N VAL B 1700 14.77 41.97 65.42
CA VAL B 1700 14.41 40.87 64.53
C VAL B 1700 15.41 40.80 63.38
N PRO B 1701 15.91 39.61 63.01
CA PRO B 1701 16.84 39.52 61.87
C PRO B 1701 16.16 39.87 60.56
N GLY B 1702 16.96 40.47 59.66
CA GLY B 1702 16.46 40.88 58.37
C GLY B 1702 16.80 42.32 58.03
N SER B 1703 17.21 43.09 59.04
CA SER B 1703 17.54 44.48 58.87
C SER B 1703 19.00 44.74 59.25
N SER B 1704 19.55 45.82 58.70
CA SER B 1704 20.93 46.20 58.95
C SER B 1704 21.02 47.09 60.19
N ARG B 1705 22.18 47.69 60.41
CA ARG B 1705 22.38 48.55 61.58
C ARG B 1705 21.83 49.95 61.40
N LYS B 1706 21.44 50.33 60.18
CA LYS B 1706 20.89 51.66 59.96
C LYS B 1706 19.41 51.73 60.33
N SER B 1707 18.60 50.87 59.74
CA SER B 1707 17.17 50.81 60.04
C SER B 1707 16.94 49.85 61.20
N LYS B 1708 16.14 50.28 62.17
CA LYS B 1708 15.85 49.49 63.36
C LYS B 1708 14.40 49.05 63.32
N LYS B 1709 14.18 47.73 63.32
CA LYS B 1709 12.85 47.13 63.44
C LYS B 1709 12.82 46.26 64.67
N ARG B 1710 11.81 46.46 65.52
CA ARG B 1710 11.77 45.81 66.83
C ARG B 1710 10.38 45.24 67.13
N ALA B 1711 9.65 44.85 66.10
CA ALA B 1711 8.36 44.19 66.27
C ALA B 1711 8.19 43.17 65.16
N PHE B 1712 7.58 42.03 65.50
CA PHE B 1712 7.25 41.04 64.47
C PHE B 1712 5.97 40.31 64.88
N LYS B 1713 5.42 39.57 63.92
CA LYS B 1713 4.18 38.84 64.09
C LYS B 1713 4.45 37.34 63.96
N THR B 1714 3.84 36.55 64.84
CA THR B 1714 3.91 35.10 64.77
C THR B 1714 2.51 34.51 64.74
N GLN B 1715 2.34 33.45 63.95
CA GLN B 1715 1.04 32.85 63.70
C GLN B 1715 1.09 31.34 63.92
N CYS B 1716 -0.07 30.78 64.23
CA CYS B 1716 -0.23 29.33 64.33
C CYS B 1716 -0.31 28.72 62.93
N THR B 1717 0.50 27.69 62.69
CA THR B 1717 0.49 27.02 61.40
C THR B 1717 -0.58 25.93 61.38
N GLN B 1718 -0.70 25.26 60.22
CA GLN B 1718 -1.67 24.19 60.07
C GLN B 1718 -1.26 22.90 60.78
N ASP B 1719 0.02 22.76 61.11
CA ASP B 1719 0.45 21.60 61.89
C ASP B 1719 -0.04 21.69 63.33
N GLY B 1720 -0.04 22.90 63.90
CA GLY B 1720 -0.46 23.09 65.27
C GLY B 1720 0.62 23.75 66.10
N SER B 1721 1.65 24.26 65.44
CA SER B 1721 2.80 24.87 66.10
C SER B 1721 3.03 26.26 65.54
N TRP B 1722 3.56 27.14 66.39
CA TRP B 1722 3.81 28.52 66.01
C TRP B 1722 5.00 28.62 65.06
N GLN B 1723 5.00 29.69 64.27
CA GLN B 1723 6.15 29.98 63.42
C GLN B 1723 7.31 30.50 64.24
N GLU B 1724 8.53 30.13 63.85
CA GLU B 1724 9.71 30.47 64.63
C GLU B 1724 10.07 31.94 64.46
N GLY B 1725 10.52 32.55 65.55
CA GLY B 1725 10.98 33.93 65.53
C GLY B 1725 11.64 34.33 66.82
N ALA B 1726 12.83 34.93 66.74
CA ALA B 1726 13.59 35.33 67.91
C ALA B 1726 14.27 36.67 67.65
N CYS B 1727 14.54 37.40 68.73
CA CYS B 1727 15.24 38.67 68.66
C CYS B 1727 16.73 38.42 68.91
N VAL B 1728 17.54 38.64 67.89
CA VAL B 1728 18.99 38.47 68.01
C VAL B 1728 19.57 39.72 68.65
N PRO B 1729 20.71 39.65 69.33
CA PRO B 1729 21.36 40.87 69.84
C PRO B 1729 21.83 41.77 68.70
N VAL B 1730 21.77 43.08 68.96
CA VAL B 1730 22.21 44.05 67.97
C VAL B 1730 23.74 44.02 67.90
N THR B 1731 24.26 43.65 66.74
CA THR B 1731 25.70 43.60 66.54
C THR B 1731 26.26 45.01 66.48
N CYS B 1732 27.33 45.27 67.25
CA CYS B 1732 27.93 46.59 67.30
C CYS B 1732 28.67 46.88 65.98
N ASP B 1733 28.90 48.17 65.76
CA ASP B 1733 29.60 48.62 64.56
C ASP B 1733 31.07 48.19 64.61
N PRO B 1734 31.67 47.90 63.46
CA PRO B 1734 33.08 47.50 63.46
C PRO B 1734 33.97 48.68 63.83
N PRO B 1735 35.08 48.41 64.52
CA PRO B 1735 36.04 49.48 64.84
C PRO B 1735 36.75 49.96 63.58
N PRO B 1736 37.27 51.20 63.59
CA PRO B 1736 38.02 51.68 62.44
C PRO B 1736 39.34 50.93 62.30
N PRO B 1737 39.87 50.80 61.08
CA PRO B 1737 41.08 50.00 60.87
C PRO B 1737 42.38 50.66 61.32
N LYS B 1738 42.33 51.80 62.02
CA LYS B 1738 43.56 52.39 62.55
C LYS B 1738 44.11 51.60 63.73
N PHE B 1739 43.23 51.04 64.57
CA PHE B 1739 43.65 50.23 65.71
C PHE B 1739 42.98 48.86 65.68
N HIS B 1740 42.56 48.42 64.50
CA HIS B 1740 41.91 47.12 64.35
C HIS B 1740 42.96 46.04 64.08
N GLY B 1741 42.70 44.86 64.61
CA GLY B 1741 43.68 43.78 64.56
C GLY B 1741 44.32 43.59 65.92
N LEU B 1742 44.65 44.70 66.59
CA LEU B 1742 45.15 44.67 67.96
C LEU B 1742 44.07 45.00 68.97
N TYR B 1743 42.82 45.14 68.53
CA TYR B 1743 41.71 45.45 69.42
C TYR B 1743 41.37 44.25 70.31
N GLN B 1744 40.92 44.54 71.53
CA GLN B 1744 40.51 43.51 72.48
C GLN B 1744 39.20 43.95 73.13
N CYS B 1745 38.09 43.52 72.54
CA CYS B 1745 36.77 43.80 73.10
C CYS B 1745 36.45 42.79 74.20
N THR B 1746 35.69 43.24 75.20
CA THR B 1746 35.30 42.36 76.28
C THR B 1746 34.26 41.34 75.83
N ASN B 1747 33.32 41.75 74.97
CA ASN B 1747 32.26 40.87 74.50
C ASN B 1747 32.29 40.63 73.00
N GLY B 1748 33.25 41.23 72.28
CA GLY B 1748 33.35 41.04 70.85
C GLY B 1748 32.31 41.79 70.06
N PHE B 1749 31.48 41.07 69.31
CA PHE B 1749 30.41 41.66 68.53
C PHE B 1749 29.06 41.56 69.21
N GLN B 1750 29.01 41.08 70.45
CA GLN B 1750 27.77 40.92 71.18
C GLN B 1750 27.38 42.23 71.88
N PHE B 1751 26.29 42.19 72.63
CA PHE B 1751 25.80 43.35 73.34
C PHE B 1751 26.70 43.67 74.54
N ASN B 1752 26.80 44.98 74.85
CA ASN B 1752 27.63 45.54 75.92
C ASN B 1752 29.09 45.13 75.76
N SER B 1753 29.64 45.48 74.59
CA SER B 1753 31.02 45.15 74.25
C SER B 1753 31.89 46.37 74.51
N GLU B 1754 32.84 46.23 75.43
CA GLU B 1754 33.78 47.29 75.77
C GLU B 1754 35.10 46.98 75.08
N CYS B 1755 35.47 47.81 74.10
CA CYS B 1755 36.65 47.57 73.29
C CYS B 1755 37.75 48.55 73.67
N ARG B 1756 38.94 48.03 73.95
CA ARG B 1756 40.08 48.85 74.33
C ARG B 1756 41.36 48.09 73.98
N ILE B 1757 42.26 48.76 73.27
CA ILE B 1757 43.54 48.17 72.88
C ILE B 1757 44.48 48.18 74.07
N LYS B 1758 45.55 47.40 73.99
CA LYS B 1758 46.53 47.31 75.08
C LYS B 1758 47.38 48.57 75.16
N LEU B 1768 42.31 60.08 78.88
CA LEU B 1768 42.11 60.99 77.76
C LEU B 1768 41.39 60.29 76.62
N GLY B 1769 40.60 61.05 75.87
CA GLY B 1769 39.82 60.51 74.77
C GLY B 1769 38.66 59.65 75.23
N SER B 1770 38.66 58.38 74.83
CA SER B 1770 37.62 57.42 75.22
C SER B 1770 38.31 56.08 75.47
N ASN B 1771 38.68 55.83 76.74
CA ASN B 1771 39.33 54.58 77.09
C ASN B 1771 38.37 53.40 77.07
N VAL B 1772 37.08 53.64 77.26
CA VAL B 1772 36.07 52.60 77.21
C VAL B 1772 35.04 52.97 76.16
N ILE B 1773 34.74 52.03 75.27
CA ILE B 1773 33.76 52.23 74.20
C ILE B 1773 32.51 51.46 74.57
N HIS B 1774 31.40 52.17 74.72
CA HIS B 1774 30.15 51.58 75.17
C HIS B 1774 29.25 51.32 73.97
N CYS B 1775 29.06 50.04 73.64
CA CYS B 1775 28.10 49.64 72.61
C CYS B 1775 26.74 49.56 73.28
N ARG B 1776 25.91 50.59 73.07
CA ARG B 1776 24.66 50.72 73.77
C ARG B 1776 23.56 49.94 73.05
N LYS B 1777 22.31 50.17 73.44
CA LYS B 1777 21.18 49.44 72.88
C LYS B 1777 20.91 49.83 71.44
N ASP B 1778 21.16 51.09 71.07
CA ASP B 1778 20.97 51.53 69.70
C ASP B 1778 22.12 51.19 68.78
N GLY B 1779 23.23 50.68 69.32
CA GLY B 1779 24.37 50.32 68.51
C GLY B 1779 25.22 51.48 68.05
N THR B 1780 25.01 52.67 68.59
CA THR B 1780 25.78 53.85 68.20
C THR B 1780 27.16 53.81 68.81
N TRP B 1781 28.15 54.28 68.04
CA TRP B 1781 29.53 54.37 68.52
C TRP B 1781 29.73 55.73 69.19
N ASN B 1782 30.00 55.70 70.49
CA ASN B 1782 30.15 56.95 71.25
C ASN B 1782 31.45 57.66 70.91
N GLY B 1783 32.51 56.90 70.65
CA GLY B 1783 33.79 57.48 70.32
C GLY B 1783 34.72 56.53 69.60
N SER B 1784 35.46 57.03 68.61
CA SER B 1784 36.42 56.21 67.89
C SER B 1784 37.69 56.02 68.73
N PHE B 1785 38.54 55.10 68.26
CA PHE B 1785 39.79 54.83 68.94
C PHE B 1785 40.76 56.00 68.79
N HIS B 1786 41.47 56.31 69.88
CA HIS B 1786 42.41 57.40 69.93
C HIS B 1786 43.81 56.88 70.24
N VAL B 1787 44.81 57.58 69.71
CA VAL B 1787 46.20 57.20 69.94
C VAL B 1787 46.62 57.56 71.37
N ASN B 1802 52.36 41.33 47.04
CA ASN B 1802 52.11 39.96 46.61
C ASN B 1802 52.51 39.78 45.15
N SER B 1803 52.78 38.53 44.75
CA SER B 1803 53.14 38.25 43.36
C SER B 1803 51.94 38.42 42.44
N ASN B 1804 50.74 38.05 42.91
CA ASN B 1804 49.52 38.20 42.14
C ASN B 1804 48.84 39.53 42.42
N LEU B 1805 48.70 39.90 43.69
CA LEU B 1805 48.04 41.13 44.09
C LEU B 1805 49.04 42.28 44.14
N LYS B 1806 48.71 43.37 43.45
CA LYS B 1806 49.54 44.57 43.41
C LYS B 1806 48.79 45.75 44.00
N LEU B 1807 49.48 46.56 44.80
CA LEU B 1807 48.92 47.78 45.36
C LEU B 1807 49.86 48.93 45.11
N GLN B 1808 49.31 50.09 44.78
CA GLN B 1808 50.09 51.30 44.49
C GLN B 1808 49.57 52.43 45.38
N CYS B 1809 50.14 52.54 46.58
CA CYS B 1809 49.74 53.61 47.48
C CYS B 1809 50.65 54.83 47.30
N PRO B 1810 50.08 56.03 47.43
CA PRO B 1810 50.93 57.23 47.30
C PRO B 1810 51.84 57.45 48.50
N ASP B 1811 51.34 57.23 49.72
CA ASP B 1811 52.15 57.43 50.91
C ASP B 1811 53.18 56.33 51.09
N GLY B 1812 52.93 55.14 50.57
CA GLY B 1812 53.83 54.02 50.75
C GLY B 1812 53.61 53.30 52.07
N TYR B 1813 54.58 53.42 52.97
CA TYR B 1813 54.48 52.80 54.29
C TYR B 1813 53.80 53.68 55.33
N ALA B 1814 53.46 54.92 54.98
CA ALA B 1814 52.75 55.78 55.90
C ALA B 1814 51.27 55.42 55.95
N ILE B 1815 50.57 56.00 56.92
CA ILE B 1815 49.17 55.70 57.16
C ILE B 1815 48.30 56.79 56.54
N GLY B 1816 47.01 56.48 56.37
CA GLY B 1816 46.05 57.44 55.88
C GLY B 1816 45.80 57.41 54.38
N SER B 1817 46.40 56.47 53.65
CA SER B 1817 46.27 56.42 52.21
C SER B 1817 45.56 55.14 51.78
N GLU B 1818 44.57 55.29 50.90
CA GLU B 1818 43.92 54.14 50.29
C GLU B 1818 44.75 53.65 49.11
N CYS B 1819 45.09 52.37 49.12
CA CYS B 1819 45.92 51.79 48.07
C CYS B 1819 45.04 51.08 47.03
N ALA B 1820 45.33 51.32 45.76
CA ALA B 1820 44.62 50.66 44.68
C ALA B 1820 45.09 49.22 44.58
N THR B 1821 44.31 48.30 45.13
CA THR B 1821 44.67 46.88 45.19
C THR B 1821 43.98 46.17 44.02
N SER B 1822 44.77 45.55 43.16
CA SER B 1822 44.21 44.89 41.97
C SER B 1822 45.04 43.67 41.64
N CYS B 1823 44.46 42.78 40.84
CA CYS B 1823 45.18 41.61 40.35
C CYS B 1823 45.98 41.99 39.11
N LEU B 1824 46.81 41.07 38.63
CA LEU B 1824 47.60 41.33 37.42
C LEU B 1824 46.74 41.30 36.17
N ASP B 1825 45.69 40.47 36.16
CA ASP B 1825 44.75 40.39 35.05
C ASP B 1825 43.40 40.93 35.49
N HIS B 1826 42.71 41.59 34.57
CA HIS B 1826 41.38 42.13 34.85
C HIS B 1826 40.31 41.04 34.96
N ASN B 1827 40.58 39.85 34.42
CA ASN B 1827 39.61 38.77 34.49
C ASN B 1827 39.52 38.14 35.87
N SER B 1828 40.53 38.33 36.72
CA SER B 1828 40.56 37.74 38.05
C SER B 1828 40.23 38.78 39.10
N GLU B 1829 39.60 38.33 40.18
CA GLU B 1829 39.13 39.20 41.26
C GLU B 1829 39.80 38.79 42.56
N SER B 1830 40.33 39.77 43.28
CA SER B 1830 40.97 39.50 44.56
C SER B 1830 39.92 39.42 45.67
N ILE B 1831 40.05 38.41 46.54
CA ILE B 1831 39.19 38.26 47.70
C ILE B 1831 40.05 37.96 48.92
N ILE B 1832 39.49 38.26 50.09
CA ILE B 1832 40.16 38.03 51.37
C ILE B 1832 39.64 36.71 51.94
N LEU B 1833 40.52 35.74 52.09
CA LEU B 1833 40.20 34.44 52.66
C LEU B 1833 41.18 34.15 53.79
N PRO B 1834 40.96 34.74 54.97
CA PRO B 1834 41.92 34.55 56.07
C PRO B 1834 41.83 33.20 56.76
N MET B 1835 40.74 32.45 56.56
CA MET B 1835 40.55 31.18 57.24
C MET B 1835 41.06 29.99 56.41
N ASN B 1836 42.29 30.13 55.91
CA ASN B 1836 43.05 29.07 55.22
C ASN B 1836 42.30 28.50 54.02
N VAL B 1837 41.72 29.38 53.19
CA VAL B 1837 41.00 28.99 52.00
C VAL B 1837 41.77 29.47 50.78
N THR B 1838 42.05 28.56 49.85
CA THR B 1838 42.81 28.89 48.65
C THR B 1838 41.85 29.30 47.52
N VAL B 1839 42.38 29.36 46.31
CA VAL B 1839 41.58 29.73 45.14
C VAL B 1839 40.57 28.63 44.82
N ARG B 1840 41.00 27.38 44.82
CA ARG B 1840 40.16 26.26 44.41
C ARG B 1840 39.42 25.60 45.56
N ASP B 1841 39.57 26.11 46.79
CA ASP B 1841 38.93 25.50 47.95
C ASP B 1841 37.55 26.06 48.26
N ILE B 1842 37.10 27.08 47.53
CA ILE B 1842 35.82 27.71 47.84
C ILE B 1842 34.68 26.81 47.35
N PRO B 1843 33.67 26.55 48.16
CA PRO B 1843 32.48 25.86 47.66
C PRO B 1843 31.53 26.83 46.97
N HIS B 1844 30.48 26.27 46.38
CA HIS B 1844 29.56 27.08 45.60
C HIS B 1844 28.63 27.91 46.48
N TRP B 1845 28.37 27.46 47.72
CA TRP B 1845 27.47 28.19 48.61
C TRP B 1845 28.18 29.26 49.43
N LEU B 1846 29.51 29.33 49.38
CA LEU B 1846 30.24 30.29 50.19
C LEU B 1846 30.11 31.70 49.62
N ASN B 1847 30.08 32.68 50.51
CA ASN B 1847 30.00 34.09 50.14
C ASN B 1847 31.24 34.79 50.67
N PRO B 1848 32.32 34.85 49.89
CA PRO B 1848 33.52 35.57 50.34
C PRO B 1848 33.29 37.08 50.33
N THR B 1849 34.04 37.76 51.19
CA THR B 1849 33.94 39.21 51.27
C THR B 1849 34.71 39.86 50.13
N ARG B 1850 34.36 41.11 49.85
CA ARG B 1850 35.03 41.87 48.81
C ARG B 1850 36.42 42.30 49.29
N VAL B 1851 37.26 42.67 48.33
CA VAL B 1851 38.62 43.10 48.65
C VAL B 1851 38.58 44.51 49.24
N GLU B 1852 39.16 44.66 50.42
CA GLU B 1852 39.25 45.94 51.10
C GLU B 1852 40.62 46.54 50.84
N ARG B 1853 40.64 47.85 50.59
CA ARG B 1853 41.89 48.56 50.36
C ARG B 1853 42.72 48.60 51.64
N VAL B 1854 43.97 48.18 51.54
CA VAL B 1854 44.81 47.95 52.72
C VAL B 1854 45.25 49.31 53.25
N VAL B 1855 44.56 49.78 54.29
CA VAL B 1855 44.96 51.00 54.98
C VAL B 1855 45.96 50.63 56.07
N CYS B 1856 47.08 51.35 56.11
CA CYS B 1856 48.12 51.04 57.08
C CYS B 1856 47.69 51.38 58.51
N THR B 1857 47.69 50.37 59.38
CA THR B 1857 47.33 50.54 60.78
C THR B 1857 48.55 50.99 61.60
N ALA B 1858 48.39 50.99 62.92
CA ALA B 1858 49.52 51.23 63.81
C ALA B 1858 50.57 50.13 63.65
N GLY B 1859 51.83 50.53 63.58
CA GLY B 1859 52.92 49.58 63.36
C GLY B 1859 52.89 49.06 61.93
N LEU B 1860 53.15 47.76 61.78
CA LEU B 1860 53.05 47.13 60.48
C LEU B 1860 51.59 46.91 60.12
N LYS B 1861 51.27 47.04 58.83
CA LYS B 1861 49.92 46.81 58.34
C LYS B 1861 49.72 45.31 58.14
N TRP B 1862 49.35 44.59 59.21
CA TRP B 1862 49.20 43.11 59.10
C TRP B 1862 47.73 42.69 59.04
N TYR B 1863 46.80 43.53 59.51
CA TYR B 1863 45.38 43.09 59.57
C TYR B 1863 44.83 42.76 58.17
N PRO B 1864 45.09 43.55 57.11
CA PRO B 1864 44.98 43.07 55.74
C PRO B 1864 46.35 42.57 55.26
N HIS B 1865 46.43 41.31 54.85
CA HIS B 1865 47.77 40.75 54.49
C HIS B 1865 47.84 40.39 52.99
N PRO B 1866 48.80 40.88 52.17
CA PRO B 1866 48.81 40.58 50.73
C PRO B 1866 48.89 39.09 50.40
N ALA B 1867 49.57 38.30 51.23
CA ALA B 1867 49.62 36.86 51.01
C ALA B 1867 48.29 36.19 51.31
N LEU B 1868 47.50 36.76 52.22
CA LEU B 1868 46.18 36.21 52.52
C LEU B 1868 45.16 36.52 51.44
N ILE B 1869 45.30 37.66 50.77
CA ILE B 1869 44.37 38.02 49.69
C ILE B 1869 44.75 37.24 48.44
N HIS B 1870 43.77 36.53 47.87
CA HIS B 1870 44.01 35.65 46.74
C HIS B 1870 43.18 36.09 45.54
N CYS B 1871 43.78 36.06 44.36
CA CYS B 1871 43.09 36.37 43.12
C CYS B 1871 42.46 35.10 42.56
N VAL B 1872 41.13 35.07 42.51
CA VAL B 1872 40.38 33.91 42.04
C VAL B 1872 39.69 34.29 40.73
N LYS B 1873 38.97 33.32 40.15
CA LYS B 1873 38.21 33.55 38.92
C LYS B 1873 37.05 34.49 39.20
N GLY B 1874 37.15 35.73 38.73
CA GLY B 1874 36.14 36.73 38.97
C GLY B 1874 34.92 36.58 38.09
N CYS B 1875 33.95 37.46 38.34
CA CYS B 1875 32.71 37.45 37.57
C CYS B 1875 32.92 38.12 36.22
N GLU B 1876 31.99 37.85 35.30
CA GLU B 1876 32.00 38.41 33.95
C GLU B 1876 30.63 39.00 33.65
N PRO B 1877 30.58 40.06 32.81
CA PRO B 1877 29.28 40.70 32.52
C PRO B 1877 28.35 39.84 31.68
N PHE B 1878 27.76 38.84 32.32
CA PHE B 1878 26.74 37.97 31.74
C PHE B 1878 25.54 37.87 32.68
N MET B 1879 25.22 38.97 33.34
CA MET B 1879 24.16 39.00 34.35
C MET B 1879 22.87 39.52 33.72
N GLY B 1880 21.78 38.82 33.97
CA GLY B 1880 20.48 39.21 33.43
C GLY B 1880 20.37 39.10 31.93
N ASP B 1881 21.01 38.09 31.34
CA ASP B 1881 20.96 37.87 29.90
C ASP B 1881 20.10 36.67 29.53
N ASN B 1882 19.31 36.17 30.48
CA ASN B 1882 18.46 34.98 30.34
C ASN B 1882 19.24 33.72 29.96
N TYR B 1883 20.54 33.67 30.29
CA TYR B 1883 21.39 32.53 30.02
C TYR B 1883 22.02 32.09 31.34
N CYS B 1884 22.00 30.78 31.60
CA CYS B 1884 22.67 30.23 32.77
C CYS B 1884 24.13 29.96 32.44
N ASP B 1885 25.03 30.49 33.25
CA ASP B 1885 26.46 30.30 33.07
C ASP B 1885 26.95 29.32 34.12
N ALA B 1886 27.53 28.20 33.67
CA ALA B 1886 28.00 27.17 34.59
C ALA B 1886 29.22 27.62 35.37
N ILE B 1887 30.05 28.49 34.78
CA ILE B 1887 31.22 29.00 35.47
C ILE B 1887 30.81 29.95 36.59
N ASN B 1888 29.82 30.81 36.34
CA ASN B 1888 29.37 31.79 37.31
C ASN B 1888 28.17 31.32 38.11
N ASN B 1889 27.89 30.01 38.12
CA ASN B 1889 26.81 29.44 38.92
C ASN B 1889 27.33 29.25 40.35
N ARG B 1890 27.44 30.36 41.06
CA ARG B 1890 27.96 30.37 42.42
C ARG B 1890 27.44 31.60 43.14
N ALA B 1891 27.45 31.54 44.47
CA ALA B 1891 26.93 32.63 45.30
C ALA B 1891 27.79 33.88 45.26
N PHE B 1892 29.01 33.79 44.71
CA PHE B 1892 29.88 34.96 44.61
C PHE B 1892 29.38 35.95 43.58
N CYS B 1893 28.89 35.46 42.45
CA CYS B 1893 28.41 36.33 41.36
C CYS B 1893 26.89 36.38 41.30
N ASN B 1894 26.23 36.24 42.47
CA ASN B 1894 24.77 36.26 42.62
C ASN B 1894 24.08 35.18 41.79
N TYR B 1895 24.76 34.03 41.64
CA TYR B 1895 24.30 32.90 40.81
C TYR B 1895 24.02 33.33 39.37
N ASP B 1896 24.96 34.07 38.77
CA ASP B 1896 24.81 34.70 37.45
C ASP B 1896 23.58 35.61 37.38
N GLY B 1897 23.36 36.38 38.45
CA GLY B 1897 22.16 37.20 38.54
C GLY B 1897 20.89 36.41 38.75
N GLY B 1898 21.01 35.20 39.28
CA GLY B 1898 19.85 34.35 39.44
C GLY B 1898 19.31 33.76 38.16
N ASP B 1899 20.10 33.73 37.09
CA ASP B 1899 19.61 33.29 35.80
C ASP B 1899 19.51 31.78 35.67
N CYS B 1900 20.06 31.02 36.61
CA CYS B 1900 20.04 29.56 36.53
C CYS B 1900 18.84 28.95 37.24
N CYS B 1901 17.97 29.75 37.84
CA CYS B 1901 16.78 29.27 38.51
C CYS B 1901 15.54 29.76 37.78
N THR B 1902 14.50 28.92 37.77
CA THR B 1902 13.30 29.22 37.00
C THR B 1902 12.51 30.38 37.59
N SER B 1903 12.64 30.63 38.89
CA SER B 1903 11.87 31.66 39.57
C SER B 1903 12.34 33.08 39.25
N THR B 1904 13.51 33.25 38.63
CA THR B 1904 14.06 34.57 38.35
C THR B 1904 14.40 34.73 36.87
N VAL B 1905 13.66 34.05 36.00
CA VAL B 1905 13.84 34.15 34.55
C VAL B 1905 12.52 34.58 33.93
N LYS B 1906 12.58 35.63 33.10
CA LYS B 1906 11.37 36.17 32.47
C LYS B 1906 10.77 35.19 31.47
N THR B 1907 11.60 34.41 30.77
CA THR B 1907 11.10 33.42 29.82
C THR B 1907 10.67 32.12 30.49
N LYS B 1908 10.91 31.98 31.80
CA LYS B 1908 10.50 30.83 32.63
C LYS B 1908 11.07 29.52 32.11
N LYS B 1909 12.31 29.56 31.63
CA LYS B 1909 12.98 28.37 31.15
C LYS B 1909 14.48 28.56 31.32
N VAL B 1910 15.21 27.45 31.37
CA VAL B 1910 16.65 27.46 31.60
C VAL B 1910 17.33 26.98 30.32
N THR B 1911 18.22 27.81 29.79
CA THR B 1911 18.98 27.50 28.58
C THR B 1911 20.45 27.78 28.84
N PRO B 1912 21.24 26.84 29.43
CA PRO B 1912 22.67 27.07 29.63
C PRO B 1912 23.45 27.30 28.33
N PHE B 1913 24.51 28.12 28.38
CA PHE B 1913 25.30 28.44 27.17
C PHE B 1913 25.97 27.18 26.58
N PRO B 1914 26.53 26.22 27.37
CA PRO B 1914 26.93 24.93 26.80
C PRO B 1914 25.78 23.91 26.85
N MET B 1915 25.47 23.29 25.71
CA MET B 1915 24.39 22.27 25.66
C MET B 1915 24.91 20.97 26.27
N SER B 1916 26.22 20.87 26.49
CA SER B 1916 26.80 19.68 27.09
C SER B 1916 26.66 19.63 28.62
N CYS B 1917 26.27 20.74 29.26
CA CYS B 1917 26.10 20.74 30.70
C CYS B 1917 24.74 20.16 31.08
N ASP B 1918 24.74 19.24 32.03
CA ASP B 1918 23.50 18.64 32.50
C ASP B 1918 22.73 19.62 33.39
N LEU B 1919 21.40 19.57 33.30
CA LEU B 1919 20.56 20.55 33.96
C LEU B 1919 20.54 20.40 35.48
N GLN B 1920 21.01 19.28 36.02
CA GLN B 1920 21.08 19.06 37.46
C GLN B 1920 22.51 18.99 37.96
N GLY B 1921 23.46 19.48 37.17
CA GLY B 1921 24.87 19.39 37.53
C GLY B 1921 25.56 20.71 37.73
N ASP B 1922 26.45 21.07 36.79
CA ASP B 1922 27.26 22.28 36.94
C ASP B 1922 26.43 23.53 36.76
N CYS B 1923 25.50 23.53 35.80
CA CYS B 1923 24.68 24.68 35.48
C CYS B 1923 23.28 24.57 36.11
N ALA B 1924 23.19 24.00 37.30
CA ALA B 1924 21.92 23.80 37.98
C ALA B 1924 21.61 24.96 38.91
N CYS B 1925 20.33 25.04 39.31
CA CYS B 1925 19.88 26.05 40.26
C CYS B 1925 20.32 25.64 41.67
N ARG B 1926 21.39 26.25 42.16
CA ARG B 1926 21.89 25.98 43.50
C ARG B 1926 21.63 27.15 44.45
N ASP B 1927 20.59 27.93 44.15
CA ASP B 1927 20.21 29.05 45.01
C ASP B 1927 19.19 28.57 46.03
N PRO B 1928 19.49 28.63 47.33
CA PRO B 1928 18.47 28.30 48.33
C PRO B 1928 17.35 29.32 48.44
N GLN B 1929 17.54 30.53 47.91
CA GLN B 1929 16.55 31.59 47.97
C GLN B 1929 15.52 31.50 46.85
N ALA B 1930 15.64 30.52 45.95
CA ALA B 1930 14.69 30.37 44.85
C ALA B 1930 13.45 29.63 45.34
N GLN B 1931 12.51 29.36 44.42
CA GLN B 1931 11.26 28.70 44.75
C GLN B 1931 11.34 27.18 44.64
N GLU B 1932 12.50 26.63 44.33
CA GLU B 1932 12.65 25.18 44.28
C GLU B 1932 12.71 24.56 45.67
N HIS B 1933 13.00 25.35 46.70
CA HIS B 1933 13.06 24.85 48.06
C HIS B 1933 12.06 25.56 48.97
N LYS C 42 27.87 -3.24 0.02
CA LYS C 42 27.71 -2.98 -1.40
C LYS C 42 28.99 -3.27 -2.16
N GLY C 43 29.97 -3.85 -1.46
CA GLY C 43 31.29 -4.08 -2.01
C GLY C 43 31.41 -5.24 -2.98
N ARG C 44 30.32 -5.99 -3.15
CA ARG C 44 30.38 -7.18 -4.04
C ARG C 44 29.49 -6.93 -5.26
N LEU C 45 29.89 -7.44 -6.43
CA LEU C 45 29.07 -7.30 -7.66
C LEU C 45 28.05 -8.44 -7.67
N SER C 46 28.06 -9.29 -6.63
CA SER C 46 27.15 -10.46 -6.54
C SER C 46 25.69 -10.03 -6.52
N LEU C 47 25.38 -8.85 -5.95
CA LEU C 47 23.96 -8.43 -5.81
C LEU C 47 23.34 -8.39 -7.22
N GLN C 48 24.07 -7.89 -8.21
CA GLN C 48 23.57 -7.99 -9.61
C GLN C 48 24.11 -9.31 -10.16
N ASN C 49 23.25 -10.18 -10.69
CA ASN C 49 23.77 -11.51 -11.10
C ASN C 49 24.90 -11.31 -12.11
N THR C 50 26.04 -11.98 -11.90
CA THR C 50 27.17 -11.87 -12.84
C THR C 50 26.89 -12.79 -14.02
N ALA C 51 25.74 -13.47 -14.01
CA ALA C 51 25.35 -14.33 -15.12
C ALA C 51 24.55 -13.57 -16.17
N GLU C 52 23.60 -12.73 -15.75
CA GLU C 52 22.76 -12.02 -16.71
C GLU C 52 23.53 -10.92 -17.43
N ILE C 53 24.42 -10.21 -16.71
CA ILE C 53 25.21 -9.18 -17.36
C ILE C 53 26.30 -9.80 -18.25
N GLN C 54 26.78 -10.99 -17.89
CA GLN C 54 27.71 -11.71 -18.76
C GLN C 54 27.01 -12.20 -20.03
N HIS C 55 25.76 -12.65 -19.89
CA HIS C 55 24.96 -13.04 -21.06
C HIS C 55 24.68 -11.84 -21.95
N CYS C 56 24.40 -10.68 -21.33
CA CYS C 56 24.19 -9.46 -22.09
C CYS C 56 25.46 -9.02 -22.82
N LEU C 57 26.62 -9.20 -22.18
CA LEU C 57 27.89 -8.86 -22.81
C LEU C 57 28.19 -9.79 -23.99
N VAL C 58 27.99 -11.10 -23.82
CA VAL C 58 28.28 -12.03 -24.91
C VAL C 58 27.21 -12.06 -25.98
N ASN C 59 26.04 -11.47 -25.71
CA ASN C 59 24.99 -11.42 -26.72
C ASN C 59 25.10 -10.20 -27.63
N ALA C 60 25.59 -9.07 -27.10
CA ALA C 60 25.68 -7.84 -27.87
C ALA C 60 26.97 -7.79 -28.69
N GLY C 61 27.09 -6.73 -29.49
CA GLY C 61 28.24 -6.55 -30.33
C GLY C 61 29.16 -5.44 -29.86
N ASP C 62 30.40 -5.45 -30.32
CA ASP C 62 31.42 -4.51 -29.87
C ASP C 62 31.47 -3.23 -30.70
N VAL C 63 30.58 -3.07 -31.67
CA VAL C 63 30.63 -1.88 -32.52
C VAL C 63 29.95 -0.69 -31.83
N GLY C 64 28.74 -0.89 -31.31
CA GLY C 64 27.96 0.18 -30.74
C GLY C 64 28.13 0.30 -29.24
N CYS C 65 27.15 0.96 -28.62
CA CYS C 65 27.13 1.16 -27.17
C CYS C 65 26.36 0.07 -26.44
N GLY C 66 26.22 -1.12 -27.04
CA GLY C 66 25.44 -2.16 -26.40
C GLY C 66 26.12 -2.79 -25.21
N VAL C 67 27.45 -2.89 -25.24
CA VAL C 67 28.20 -3.42 -24.10
C VAL C 67 28.11 -2.47 -22.91
N PHE C 68 28.22 -1.16 -23.17
CA PHE C 68 28.04 -0.17 -22.12
C PHE C 68 26.58 -0.05 -21.71
N GLU C 69 25.64 -0.40 -22.59
CA GLU C 69 24.24 -0.49 -22.19
C GLU C 69 24.03 -1.64 -21.20
N CYS C 70 24.69 -2.77 -21.44
CA CYS C 70 24.59 -3.90 -20.52
C CYS C 70 25.32 -3.64 -19.21
N PHE C 71 26.42 -2.90 -19.25
CA PHE C 71 27.30 -2.80 -18.10
C PHE C 71 26.82 -1.79 -17.05
N GLU C 72 25.87 -0.92 -17.38
CA GLU C 72 25.52 0.17 -16.48
C GLU C 72 24.74 -0.30 -15.26
N ASN C 73 23.98 -1.38 -15.38
CA ASN C 73 23.16 -1.88 -14.28
C ASN C 73 23.95 -2.94 -13.51
N ASN C 74 24.79 -2.46 -12.59
CA ASN C 74 25.64 -3.33 -11.78
C ASN C 74 25.54 -2.91 -10.31
N SER C 75 26.01 -3.80 -9.44
CA SER C 75 25.93 -3.56 -8.00
C SER C 75 26.83 -2.41 -7.56
N CYS C 76 28.09 -2.43 -8.01
CA CYS C 76 28.98 -1.30 -7.75
C CYS C 76 28.56 -0.12 -8.63
N GLU C 77 28.88 1.08 -8.15
CA GLU C 77 28.47 2.32 -8.81
C GLU C 77 29.58 2.74 -9.78
N ILE C 78 29.58 2.10 -10.95
CA ILE C 78 30.56 2.38 -12.00
C ILE C 78 29.78 2.94 -13.19
N ARG C 79 28.69 3.64 -12.91
CA ARG C 79 27.88 4.22 -13.97
C ARG C 79 28.58 5.43 -14.58
N GLY C 80 28.54 5.51 -15.90
CA GLY C 80 29.16 6.63 -16.59
C GLY C 80 29.81 6.27 -17.92
N LEU C 81 30.13 4.99 -18.11
CA LEU C 81 30.70 4.56 -19.39
C LEU C 81 29.66 4.63 -20.50
N HIS C 82 28.41 4.29 -20.18
CA HIS C 82 27.33 4.38 -21.16
C HIS C 82 27.04 5.83 -21.53
N GLY C 83 27.15 6.74 -20.55
CA GLY C 83 26.99 8.16 -20.85
C GLY C 83 28.10 8.69 -21.74
N ILE C 84 29.33 8.23 -21.54
CA ILE C 84 30.45 8.61 -22.40
C ILE C 84 30.25 8.09 -23.81
N CYS C 85 29.81 6.82 -23.94
CA CYS C 85 29.55 6.24 -25.26
C CYS C 85 28.39 6.96 -25.97
N MET C 86 27.36 7.35 -25.23
CA MET C 86 26.24 8.05 -25.84
C MET C 86 26.60 9.46 -26.25
N THR C 87 27.30 10.20 -25.38
CA THR C 87 27.63 11.59 -25.70
C THR C 87 28.71 11.69 -26.77
N PHE C 88 29.60 10.70 -26.86
CA PHE C 88 30.59 10.72 -27.93
C PHE C 88 29.96 10.41 -29.28
N LEU C 89 28.91 9.60 -29.32
CA LEU C 89 28.22 9.26 -30.55
C LEU C 89 26.98 10.11 -30.79
N HIS C 90 26.76 11.14 -29.98
CA HIS C 90 25.68 12.09 -30.21
C HIS C 90 26.15 13.36 -30.90
N ASN C 91 27.37 13.79 -30.62
CA ASN C 91 27.94 15.01 -31.16
C ASN C 91 29.13 14.71 -32.05
N ALA C 92 29.02 13.64 -32.85
CA ALA C 92 30.10 13.24 -33.73
C ALA C 92 30.24 14.14 -34.96
N GLY C 93 29.20 14.92 -35.29
CA GLY C 93 29.26 15.79 -36.44
C GLY C 93 30.22 16.96 -36.27
N LYS C 94 30.42 17.42 -35.03
CA LYS C 94 31.31 18.53 -34.77
C LYS C 94 32.78 18.13 -34.90
N PHE C 95 33.10 16.84 -34.85
CA PHE C 95 34.47 16.40 -34.99
C PHE C 95 34.83 16.27 -36.47
N ASP C 96 36.13 16.32 -36.74
CA ASP C 96 36.66 16.18 -38.09
C ASP C 96 36.80 14.70 -38.42
N ALA C 97 37.50 14.39 -39.52
CA ALA C 97 37.74 13.00 -39.90
C ALA C 97 38.69 12.32 -38.91
N GLN C 98 39.72 13.04 -38.45
CA GLN C 98 40.62 12.51 -37.44
C GLN C 98 39.90 12.27 -36.12
N GLY C 99 39.04 13.21 -35.72
CA GLY C 99 38.27 13.04 -34.51
C GLY C 99 37.26 11.92 -34.58
N LYS C 100 36.61 11.76 -35.74
CA LYS C 100 35.65 10.68 -35.91
C LYS C 100 36.33 9.32 -35.93
N SER C 101 37.50 9.23 -36.59
CA SER C 101 38.26 7.98 -36.58
C SER C 101 38.77 7.65 -35.18
N PHE C 102 39.18 8.68 -34.42
CA PHE C 102 39.58 8.48 -33.04
C PHE C 102 38.43 7.99 -32.17
N ILE C 103 37.23 8.55 -32.38
CA ILE C 103 36.06 8.14 -31.62
C ILE C 103 35.68 6.70 -31.94
N LYS C 104 35.71 6.33 -33.23
CA LYS C 104 35.40 4.96 -33.63
C LYS C 104 36.40 3.96 -33.05
N ASP C 105 37.69 4.28 -33.14
CA ASP C 105 38.72 3.38 -32.62
C ASP C 105 38.70 3.30 -31.09
N ALA C 106 38.40 4.40 -30.41
CA ALA C 106 38.35 4.40 -28.96
C ALA C 106 37.15 3.60 -28.45
N LEU C 107 35.99 3.75 -29.09
CA LEU C 107 34.85 2.94 -28.63
C LEU C 107 35.01 1.47 -29.01
N LYS C 108 35.66 1.19 -30.15
CA LYS C 108 35.94 -0.20 -30.53
C LYS C 108 36.90 -0.87 -29.56
N CYS C 109 37.99 -0.18 -29.20
CA CYS C 109 38.95 -0.74 -28.25
C CYS C 109 38.34 -0.88 -26.87
N LYS C 110 37.54 0.10 -26.43
CA LYS C 110 36.93 0.02 -25.11
C LYS C 110 35.92 -1.12 -25.03
N ALA C 111 35.11 -1.31 -26.07
CA ALA C 111 34.16 -2.42 -26.07
C ALA C 111 34.87 -3.77 -26.13
N HIS C 112 35.93 -3.87 -26.95
CA HIS C 112 36.66 -5.13 -27.07
C HIS C 112 37.39 -5.46 -25.77
N ALA C 113 38.00 -4.47 -25.12
CA ALA C 113 38.69 -4.71 -23.86
C ALA C 113 37.72 -5.02 -22.74
N LEU C 114 36.55 -4.37 -22.73
CA LEU C 114 35.55 -4.65 -21.71
C LEU C 114 34.98 -6.05 -21.86
N ARG C 115 34.77 -6.52 -23.09
CA ARG C 115 34.35 -7.90 -23.27
C ARG C 115 35.49 -8.89 -23.05
N HIS C 116 36.74 -8.45 -23.18
CA HIS C 116 37.87 -9.36 -23.06
C HIS C 116 38.25 -9.62 -21.59
N ARG C 117 38.51 -8.55 -20.83
CA ARG C 117 39.11 -8.72 -19.51
C ARG C 117 38.09 -8.75 -18.39
N PHE C 118 36.80 -8.87 -18.70
CA PHE C 118 35.78 -9.11 -17.69
C PHE C 118 35.60 -10.60 -17.40
N GLY C 119 36.43 -11.45 -18.02
CA GLY C 119 36.35 -12.88 -17.79
C GLY C 119 36.72 -13.31 -16.39
N CYS C 120 38.00 -13.20 -16.03
CA CYS C 120 38.47 -13.59 -14.72
C CYS C 120 38.95 -12.33 -13.99
N ILE C 121 38.20 -11.94 -12.95
CA ILE C 121 38.54 -10.78 -12.14
C ILE C 121 37.93 -11.00 -10.76
N SER C 122 38.55 -10.41 -9.75
CA SER C 122 38.04 -10.51 -8.39
C SER C 122 36.80 -9.64 -8.24
N ARG C 123 35.79 -10.19 -7.55
CA ARG C 123 34.50 -9.52 -7.43
C ARG C 123 34.52 -8.57 -6.24
N LYS C 124 35.04 -7.37 -6.49
CA LYS C 124 35.04 -6.30 -5.51
C LYS C 124 35.08 -4.97 -6.25
N CYS C 125 34.40 -3.97 -5.70
CA CYS C 125 34.31 -2.66 -6.35
C CYS C 125 35.63 -1.93 -6.57
N PRO C 126 36.62 -1.93 -5.64
CA PRO C 126 37.92 -1.32 -6.01
C PRO C 126 38.62 -2.00 -7.18
N ALA C 127 38.51 -3.33 -7.31
CA ALA C 127 39.11 -4.00 -8.45
C ALA C 127 38.38 -3.66 -9.75
N ILE C 128 37.05 -3.50 -9.68
CA ILE C 128 36.28 -3.10 -10.84
C ILE C 128 36.64 -1.69 -11.28
N ARG C 129 36.78 -0.77 -10.31
CA ARG C 129 37.22 0.60 -10.63
C ARG C 129 38.62 0.61 -11.21
N GLU C 130 39.52 -0.21 -10.66
CA GLU C 130 40.89 -0.30 -11.15
C GLU C 130 40.94 -0.82 -12.59
N MET C 131 40.19 -1.87 -12.90
CA MET C 131 40.25 -2.43 -14.24
C MET C 131 39.57 -1.51 -15.26
N VAL C 132 38.47 -0.85 -14.86
CA VAL C 132 37.79 0.08 -15.78
C VAL C 132 38.65 1.30 -16.07
N SER C 133 39.25 1.89 -15.02
CA SER C 133 40.12 3.04 -15.21
C SER C 133 41.39 2.69 -15.97
N GLN C 134 41.92 1.49 -15.73
CA GLN C 134 43.14 1.07 -16.44
C GLN C 134 42.86 0.82 -17.91
N LEU C 135 41.73 0.17 -18.24
CA LEU C 135 41.40 -0.06 -19.64
C LEU C 135 41.08 1.25 -20.35
N GLN C 136 40.41 2.19 -19.66
CA GLN C 136 40.13 3.49 -20.25
C GLN C 136 41.40 4.28 -20.49
N ARG C 137 42.35 4.25 -19.55
CA ARG C 137 43.61 4.97 -19.70
C ARG C 137 44.46 4.38 -20.82
N GLU C 138 44.61 3.06 -20.84
CA GLU C 138 45.43 2.43 -21.87
C GLU C 138 44.75 2.42 -23.24
N CYS C 139 43.43 2.63 -23.29
CA CYS C 139 42.76 2.76 -24.56
C CYS C 139 42.85 4.19 -25.11
N TYR C 140 42.72 5.18 -24.24
CA TYR C 140 42.82 6.57 -24.71
C TYR C 140 44.25 6.97 -25.01
N LEU C 141 45.23 6.38 -24.32
CA LEU C 141 46.63 6.76 -24.54
C LEU C 141 47.16 6.20 -25.86
N LYS C 142 46.71 5.02 -26.26
CA LYS C 142 47.26 4.39 -27.46
C LYS C 142 46.57 4.82 -28.74
N HIS C 143 45.55 5.68 -28.67
CA HIS C 143 44.85 6.15 -29.86
C HIS C 143 44.96 7.65 -30.03
N ASP C 144 45.93 8.30 -29.35
CA ASP C 144 46.26 9.72 -29.48
C ASP C 144 45.06 10.61 -29.14
N LEU C 145 44.68 10.55 -27.86
CA LEU C 145 43.67 11.47 -27.34
C LEU C 145 44.18 12.91 -27.36
N CYS C 146 45.47 13.12 -27.14
CA CYS C 146 46.04 14.46 -27.17
C CYS C 146 46.04 15.05 -28.57
N ALA C 147 46.16 14.20 -29.61
CA ALA C 147 46.04 14.69 -30.98
C ALA C 147 44.63 15.18 -31.26
N ALA C 148 43.61 14.47 -30.78
CA ALA C 148 42.24 14.95 -30.93
C ALA C 148 41.98 16.17 -30.06
N ALA C 149 42.72 16.32 -28.97
CA ALA C 149 42.63 17.57 -28.19
C ALA C 149 43.25 18.73 -28.95
N GLN C 150 44.36 18.49 -29.66
CA GLN C 150 45.02 19.55 -30.41
C GLN C 150 44.26 19.92 -31.69
N GLU C 151 43.54 18.98 -32.29
CA GLU C 151 42.88 19.26 -33.56
C GLU C 151 41.64 20.13 -33.35
N ASN C 152 40.63 19.60 -32.64
CA ASN C 152 39.36 20.30 -32.42
C ASN C 152 39.09 20.33 -30.92
N THR C 153 39.62 21.36 -30.26
CA THR C 153 39.48 21.47 -28.81
C THR C 153 38.13 22.03 -28.38
N ARG C 154 37.51 22.88 -29.22
CA ARG C 154 36.30 23.61 -28.84
C ARG C 154 35.12 22.68 -28.60
N VAL C 155 34.98 21.65 -29.42
CA VAL C 155 33.93 20.66 -29.19
C VAL C 155 34.22 19.82 -27.95
N ILE C 156 35.48 19.44 -27.74
CA ILE C 156 35.81 18.49 -26.69
C ILE C 156 35.92 19.11 -25.31
N VAL C 157 36.02 20.44 -25.19
CA VAL C 157 36.05 21.07 -23.88
C VAL C 157 34.71 21.70 -23.50
N GLU C 158 33.81 21.92 -24.46
CA GLU C 158 32.49 22.42 -24.14
C GLU C 158 31.46 21.30 -23.99
N MET C 159 31.86 20.04 -24.22
CA MET C 159 30.92 18.94 -24.11
C MET C 159 30.73 18.43 -22.67
N ILE C 160 31.62 18.75 -21.74
CA ILE C 160 31.49 18.30 -20.36
C ILE C 160 30.35 19.04 -19.67
N HIS C 161 29.58 18.31 -18.87
CA HIS C 161 28.46 18.88 -18.15
C HIS C 161 28.63 18.65 -16.66
N PHE C 162 28.52 19.72 -15.88
CA PHE C 162 28.51 19.60 -14.43
C PHE C 162 27.24 18.90 -13.96
N LYS C 163 27.38 18.13 -12.85
CA LYS C 163 26.48 17.16 -12.22
C LYS C 163 26.42 15.86 -13.00
N ASP C 164 27.06 15.78 -14.17
CA ASP C 164 27.20 14.54 -14.92
C ASP C 164 28.65 14.04 -14.88
N LEU C 165 29.55 14.81 -14.29
CA LEU C 165 30.95 14.42 -14.09
C LEU C 165 31.37 14.43 -12.64
N LEU C 166 30.61 15.11 -11.77
CA LEU C 166 30.93 15.16 -10.35
C LEU C 166 30.79 13.80 -9.68
N LEU C 167 29.76 13.04 -10.06
CA LEU C 167 29.48 11.74 -9.45
C LEU C 167 29.86 10.56 -10.33
N HIS C 168 30.55 10.79 -11.45
CA HIS C 168 30.92 9.74 -12.38
C HIS C 168 32.44 9.66 -12.48
N GLU C 169 32.99 8.52 -12.08
CA GLU C 169 34.44 8.30 -12.15
C GLU C 169 35.01 8.26 -13.57
N PRO C 170 34.42 7.57 -14.58
CA PRO C 170 35.01 7.64 -15.94
C PRO C 170 35.02 9.02 -16.55
N TYR C 171 34.04 9.86 -16.21
CA TYR C 171 34.07 11.26 -16.63
C TYR C 171 35.25 11.99 -16.02
N VAL C 172 35.56 11.72 -14.74
CA VAL C 172 36.71 12.32 -14.07
C VAL C 172 38.01 11.85 -14.71
N ASP C 173 38.08 10.56 -15.07
CA ASP C 173 39.28 10.02 -15.74
C ASP C 173 39.49 10.68 -17.09
N LEU C 174 38.42 10.83 -17.88
CA LEU C 174 38.50 11.50 -19.17
C LEU C 174 38.90 12.96 -19.02
N VAL C 175 38.35 13.63 -17.99
CA VAL C 175 38.64 15.04 -17.76
C VAL C 175 40.09 15.27 -17.40
N ASN C 176 40.65 14.45 -16.48
CA ASN C 176 42.04 14.67 -16.09
C ASN C 176 43.01 14.21 -17.18
N LEU C 177 42.66 13.19 -17.96
CA LEU C 177 43.53 12.81 -19.07
C LEU C 177 43.54 13.87 -20.17
N LEU C 178 42.39 14.47 -20.46
CA LEU C 178 42.34 15.56 -21.41
C LEU C 178 43.04 16.80 -20.89
N LEU C 179 42.98 17.02 -19.57
CA LEU C 179 43.70 18.13 -18.95
C LEU C 179 45.21 17.95 -19.07
N THR C 180 45.71 16.73 -18.85
CA THR C 180 47.13 16.48 -19.00
C THR C 180 47.56 16.38 -20.46
N CYS C 181 46.62 16.22 -21.39
CA CYS C 181 46.98 16.14 -22.81
C CYS C 181 47.51 17.47 -23.34
N GLY C 182 46.80 18.57 -23.08
CA GLY C 182 47.18 19.85 -23.63
C GLY C 182 47.06 21.00 -22.65
N GLU C 183 47.99 21.96 -22.70
CA GLU C 183 47.95 23.10 -21.78
C GLU C 183 46.79 24.03 -22.10
N GLU C 184 46.60 24.37 -23.38
CA GLU C 184 45.47 25.22 -23.76
C GLU C 184 44.16 24.45 -23.66
N VAL C 185 44.18 23.14 -23.84
CA VAL C 185 43.01 22.30 -23.59
C VAL C 185 42.66 22.32 -22.11
N LYS C 186 43.69 22.26 -21.24
CA LYS C 186 43.50 22.39 -19.81
C LYS C 186 42.91 23.76 -19.43
N GLU C 187 43.42 24.83 -20.06
CA GLU C 187 42.92 26.17 -19.79
C GLU C 187 41.47 26.33 -20.21
N ALA C 188 41.12 25.81 -21.40
CA ALA C 188 39.74 25.90 -21.88
C ALA C 188 38.79 25.06 -21.03
N ILE C 189 39.21 23.85 -20.64
CA ILE C 189 38.33 22.99 -19.85
C ILE C 189 38.20 23.52 -18.42
N THR C 190 39.21 24.22 -17.90
CA THR C 190 39.06 24.85 -16.59
C THR C 190 38.22 26.12 -16.67
N HIS C 191 38.25 26.82 -17.81
CA HIS C 191 37.30 27.91 -18.02
C HIS C 191 35.87 27.39 -18.05
N SER C 192 35.65 26.24 -18.68
CA SER C 192 34.33 25.62 -18.66
C SER C 192 33.95 25.16 -17.26
N VAL C 193 34.92 24.66 -16.49
CA VAL C 193 34.70 24.29 -15.09
C VAL C 193 34.31 25.50 -14.27
N GLN C 194 34.95 26.65 -14.52
CA GLN C 194 34.63 27.88 -13.80
C GLN C 194 33.24 28.40 -14.16
N VAL C 195 32.88 28.35 -15.44
CA VAL C 195 31.53 28.75 -15.86
C VAL C 195 30.48 27.84 -15.23
N GLN C 196 30.78 26.54 -15.13
CA GLN C 196 29.86 25.60 -14.49
C GLN C 196 29.81 25.77 -12.97
N CYS C 197 30.91 26.20 -12.34
CA CYS C 197 30.87 26.52 -10.92
C CYS C 197 29.99 27.74 -10.67
N GLU C 198 30.10 28.75 -11.53
CA GLU C 198 29.17 29.89 -11.44
C GLU C 198 27.74 29.47 -11.75
N GLN C 199 27.56 28.43 -12.56
CA GLN C 199 26.23 27.93 -12.88
C GLN C 199 25.63 27.16 -11.70
N ASN C 200 26.41 26.31 -11.04
CA ASN C 200 25.87 25.34 -10.11
C ASN C 200 26.24 25.60 -8.65
N TRP C 201 27.52 25.56 -8.32
CA TRP C 201 27.98 25.57 -6.93
C TRP C 201 28.96 26.71 -6.73
N GLY C 202 28.53 27.75 -6.03
CA GLY C 202 29.33 28.93 -5.79
C GLY C 202 30.33 28.84 -4.66
N SER C 203 30.56 27.64 -4.11
CA SER C 203 31.48 27.48 -2.99
C SER C 203 32.92 27.62 -3.45
N LEU C 204 33.37 26.72 -4.34
CA LEU C 204 34.76 26.70 -4.76
C LEU C 204 35.13 27.84 -5.70
N CYS C 205 34.14 28.55 -6.26
CA CYS C 205 34.45 29.80 -6.92
C CYS C 205 34.79 30.89 -5.91
N SER C 206 34.00 31.00 -4.85
CA SER C 206 34.23 32.02 -3.83
C SER C 206 35.39 31.66 -2.92
N ILE C 207 35.67 30.36 -2.76
CA ILE C 207 36.73 29.89 -1.87
C ILE C 207 37.90 29.42 -2.73
N LEU C 208 39.05 30.07 -2.53
CA LEU C 208 40.31 29.83 -3.26
C LEU C 208 40.10 30.00 -4.78
N SER C 209 39.60 31.18 -5.15
CA SER C 209 39.64 31.57 -6.55
C SER C 209 41.08 31.82 -6.98
N PHE C 210 41.85 32.52 -6.16
CA PHE C 210 43.28 32.64 -6.33
C PHE C 210 43.98 31.73 -5.32
N CYS C 211 44.95 30.94 -5.81
CA CYS C 211 45.54 29.90 -5.00
C CYS C 211 46.50 30.47 -3.96
N THR C 212 47.57 31.12 -4.41
CA THR C 212 48.58 31.65 -3.49
C THR C 212 48.63 33.17 -3.55
N LYS D 42 7.09 25.16 -5.94
CA LYS D 42 7.83 25.23 -4.68
C LYS D 42 8.34 26.64 -4.42
N GLY D 43 7.95 27.58 -5.28
CA GLY D 43 8.41 28.95 -5.19
C GLY D 43 7.68 29.85 -4.22
N ARG D 44 6.71 29.32 -3.48
CA ARG D 44 5.94 30.08 -2.51
C ARG D 44 5.99 29.37 -1.17
N LEU D 45 5.89 30.16 -0.09
CA LEU D 45 5.85 29.64 1.28
C LEU D 45 4.42 29.30 1.71
N SER D 46 3.56 29.00 0.74
CA SER D 46 2.13 28.70 1.04
C SER D 46 1.95 27.20 1.27
N LEU D 47 2.91 26.38 0.84
CA LEU D 47 2.80 24.91 1.00
C LEU D 47 2.73 24.60 2.50
N GLN D 48 3.52 25.30 3.31
CA GLN D 48 3.42 25.13 4.78
C GLN D 48 2.65 26.33 5.32
N ASN D 49 1.65 26.08 6.17
CA ASN D 49 0.78 27.19 6.65
C ASN D 49 1.61 28.22 7.40
N THR D 50 1.36 29.51 7.15
CA THR D 50 2.12 30.59 7.84
C THR D 50 1.54 30.77 9.25
N ALA D 51 0.31 30.31 9.48
CA ALA D 51 -0.35 30.50 10.77
C ALA D 51 0.33 29.68 11.87
N GLU D 52 0.68 28.42 11.58
CA GLU D 52 1.29 27.57 12.60
C GLU D 52 2.73 28.02 12.90
N ILE D 53 3.47 28.43 11.87
CA ILE D 53 4.83 28.89 12.12
C ILE D 53 4.82 30.28 12.78
N GLN D 54 3.77 31.08 12.52
CA GLN D 54 3.62 32.35 13.22
C GLN D 54 3.28 32.14 14.68
N HIS D 55 2.41 31.16 14.98
CA HIS D 55 2.11 30.81 16.37
C HIS D 55 3.33 30.25 17.08
N CYS D 56 4.15 29.47 16.36
CA CYS D 56 5.40 28.96 16.91
C CYS D 56 6.37 30.09 17.22
N LEU D 57 6.44 31.09 16.34
CA LEU D 57 7.34 32.22 16.56
C LEU D 57 6.88 33.09 17.73
N VAL D 58 5.57 33.35 17.84
CA VAL D 58 5.09 34.19 18.93
C VAL D 58 4.96 33.44 20.25
N ASN D 59 5.03 32.12 20.24
CA ASN D 59 4.92 31.37 21.48
C ASN D 59 6.28 31.15 22.14
N ALA D 60 7.33 30.94 21.35
CA ALA D 60 8.65 30.67 21.89
C ALA D 60 9.36 31.96 22.28
N GLY D 61 10.50 31.80 22.97
CA GLY D 61 11.29 32.92 23.41
C GLY D 61 12.43 33.23 22.45
N ASP D 62 12.95 34.45 22.59
CA ASP D 62 14.01 34.94 21.71
C ASP D 62 15.41 34.69 22.26
N VAL D 63 15.53 34.00 23.39
CA VAL D 63 16.84 33.77 23.99
C VAL D 63 17.52 32.54 23.38
N GLY D 64 16.81 31.42 23.31
CA GLY D 64 17.36 30.18 22.80
C GLY D 64 17.16 30.02 21.31
N CYS D 65 17.33 28.78 20.86
CA CYS D 65 17.15 28.44 19.45
C CYS D 65 15.73 28.00 19.14
N GLY D 66 14.75 28.42 19.95
CA GLY D 66 13.37 28.05 19.70
C GLY D 66 12.79 28.67 18.43
N VAL D 67 13.18 29.90 18.14
CA VAL D 67 12.75 30.57 16.91
C VAL D 67 13.33 29.87 15.68
N PHE D 68 14.60 29.49 15.76
CA PHE D 68 15.21 28.73 14.67
C PHE D 68 14.71 27.30 14.63
N GLU D 69 14.22 26.77 15.76
CA GLU D 69 13.54 25.49 15.75
C GLU D 69 12.20 25.57 15.03
N CYS D 70 11.51 26.71 15.18
CA CYS D 70 10.23 26.89 14.50
C CYS D 70 10.42 27.16 13.01
N PHE D 71 11.44 27.95 12.66
CA PHE D 71 11.59 28.42 11.28
C PHE D 71 12.22 27.40 10.36
N GLU D 72 12.85 26.34 10.89
CA GLU D 72 13.61 25.43 10.06
C GLU D 72 12.73 24.53 9.19
N ASN D 73 11.45 24.36 9.55
CA ASN D 73 10.53 23.53 8.76
C ASN D 73 9.60 24.46 8.02
N ASN D 74 9.96 24.79 6.78
CA ASN D 74 9.18 25.69 5.94
C ASN D 74 9.20 25.18 4.50
N SER D 75 8.38 25.80 3.66
CA SER D 75 8.26 25.39 2.26
C SER D 75 9.53 25.67 1.49
N CYS D 76 10.05 26.90 1.57
CA CYS D 76 11.30 27.23 0.93
C CYS D 76 12.47 26.61 1.69
N GLU D 77 13.50 26.20 0.96
CA GLU D 77 14.67 25.58 1.57
C GLU D 77 15.57 26.66 2.14
N ILE D 78 15.23 27.11 3.34
CA ILE D 78 16.06 28.05 4.10
C ILE D 78 16.60 27.29 5.30
N ARG D 79 16.77 25.98 5.15
CA ARG D 79 17.26 25.16 6.24
C ARG D 79 18.75 25.40 6.47
N GLY D 80 19.13 25.58 7.73
CA GLY D 80 20.52 25.79 8.06
C GLY D 80 20.75 26.77 9.19
N LEU D 81 19.76 27.64 9.45
CA LEU D 81 19.87 28.59 10.55
C LEU D 81 19.83 27.89 11.91
N HIS D 82 19.00 26.84 12.01
CA HIS D 82 18.92 26.06 13.24
C HIS D 82 20.22 25.32 13.51
N GLY D 83 20.88 24.84 12.46
CA GLY D 83 22.18 24.21 12.63
C GLY D 83 23.25 25.17 13.10
N ILE D 84 23.22 26.40 12.59
CA ILE D 84 24.15 27.44 13.06
C ILE D 84 23.88 27.80 14.51
N CYS D 85 22.59 27.90 14.89
CA CYS D 85 22.24 28.22 16.28
C CYS D 85 22.65 27.10 17.23
N MET D 86 22.51 25.84 16.79
CA MET D 86 22.88 24.73 17.65
C MET D 86 24.40 24.57 17.75
N THR D 87 25.11 24.70 16.63
CA THR D 87 26.56 24.50 16.65
C THR D 87 27.30 25.67 17.30
N PHE D 88 26.75 26.88 17.21
CA PHE D 88 27.35 28.00 17.92
C PHE D 88 27.17 27.88 19.43
N LEU D 89 26.08 27.29 19.87
CA LEU D 89 25.85 27.03 21.29
C LEU D 89 26.38 25.69 21.74
N HIS D 90 26.99 24.91 20.83
CA HIS D 90 27.63 23.66 21.20
C HIS D 90 29.12 23.78 21.41
N ASN D 91 29.79 24.64 20.64
CA ASN D 91 31.22 24.88 20.78
C ASN D 91 31.51 26.25 21.40
N ALA D 92 30.60 26.73 22.25
CA ALA D 92 30.77 28.03 22.88
C ALA D 92 31.83 28.03 23.97
N GLY D 93 32.18 26.85 24.50
CA GLY D 93 33.22 26.78 25.53
C GLY D 93 34.62 27.02 25.00
N LYS D 94 34.83 26.82 23.70
CA LYS D 94 36.16 27.07 23.11
C LYS D 94 36.44 28.55 22.95
N PHE D 95 35.41 29.39 22.93
CA PHE D 95 35.59 30.83 22.76
C PHE D 95 35.94 31.49 24.08
N ASP D 96 36.40 32.73 23.99
CA ASP D 96 36.72 33.54 25.16
C ASP D 96 35.47 34.30 25.61
N ALA D 97 35.64 35.25 26.53
CA ALA D 97 34.51 36.05 26.99
C ALA D 97 34.02 37.00 25.91
N GLN D 98 34.93 37.59 25.13
CA GLN D 98 34.55 38.43 24.02
C GLN D 98 33.82 37.64 22.94
N GLY D 99 34.31 36.43 22.64
CA GLY D 99 33.65 35.58 21.67
C GLY D 99 32.28 35.11 22.13
N LYS D 100 32.16 34.75 23.41
CA LYS D 100 30.87 34.32 23.94
C LYS D 100 29.86 35.47 23.99
N SER D 101 30.34 36.68 24.32
CA SER D 101 29.48 37.86 24.28
C SER D 101 29.04 38.16 22.85
N PHE D 102 29.94 37.98 21.88
CA PHE D 102 29.57 38.13 20.47
C PHE D 102 28.54 37.10 20.04
N ILE D 103 28.68 35.86 20.54
CA ILE D 103 27.72 34.80 20.21
C ILE D 103 26.34 35.13 20.79
N LYS D 104 26.30 35.59 22.04
CA LYS D 104 25.03 35.96 22.67
C LYS D 104 24.38 37.14 21.96
N ASP D 105 25.16 38.17 21.61
CA ASP D 105 24.61 39.34 20.95
C ASP D 105 24.15 39.02 19.53
N ALA D 106 24.90 38.17 18.81
CA ALA D 106 24.51 37.80 17.46
C ALA D 106 23.25 36.94 17.43
N LEU D 107 23.13 35.98 18.36
CA LEU D 107 21.92 35.19 18.39
C LEU D 107 20.72 36.00 18.87
N LYS D 108 20.93 36.94 19.80
CA LYS D 108 19.84 37.80 20.24
C LYS D 108 19.37 38.74 19.13
N CYS D 109 20.30 39.34 18.38
CA CYS D 109 19.92 40.22 17.29
C CYS D 109 19.24 39.45 16.16
N LYS D 110 19.72 38.23 15.85
CA LYS D 110 19.10 37.45 14.80
C LYS D 110 17.70 36.98 15.19
N ALA D 111 17.51 36.57 16.45
CA ALA D 111 16.18 36.18 16.90
C ALA D 111 15.22 37.36 16.93
N HIS D 112 15.68 38.52 17.40
CA HIS D 112 14.82 39.70 17.44
C HIS D 112 14.49 40.20 16.04
N ALA D 113 15.44 40.10 15.11
CA ALA D 113 15.17 40.49 13.72
C ALA D 113 14.21 39.53 13.05
N LEU D 114 14.35 38.22 13.33
CA LEU D 114 13.45 37.24 12.73
C LEU D 114 12.03 37.35 13.29
N ARG D 115 11.90 37.71 14.57
CA ARG D 115 10.57 38.02 15.10
C ARG D 115 10.07 39.39 14.67
N HIS D 116 10.95 40.28 14.23
CA HIS D 116 10.57 41.66 13.94
C HIS D 116 10.12 41.86 12.49
N ARG D 117 11.00 41.57 11.53
CA ARG D 117 10.74 41.92 10.13
C ARG D 117 10.05 40.81 9.36
N PHE D 118 9.52 39.80 10.03
CA PHE D 118 8.74 38.76 9.37
C PHE D 118 7.26 39.15 9.25
N GLY D 119 6.90 40.36 9.66
CA GLY D 119 5.52 40.79 9.63
C GLY D 119 4.96 40.99 8.23
N CYS D 120 5.43 42.02 7.52
CA CYS D 120 4.95 42.32 6.17
C CYS D 120 6.08 42.01 5.19
N ILE D 121 5.92 40.91 4.45
CA ILE D 121 6.90 40.48 3.47
C ILE D 121 6.17 39.67 2.42
N SER D 122 6.55 39.85 1.15
CA SER D 122 5.93 39.09 0.07
C SER D 122 6.29 37.61 0.18
N ARG D 123 5.28 36.76 -0.02
CA ARG D 123 5.44 35.33 0.20
C ARG D 123 5.95 34.68 -1.07
N LYS D 124 7.27 34.69 -1.21
CA LYS D 124 7.95 33.95 -2.27
C LYS D 124 9.38 33.66 -1.81
N CYS D 125 9.91 32.54 -2.30
CA CYS D 125 11.23 32.08 -1.86
C CYS D 125 12.40 33.03 -2.17
N PRO D 126 12.52 33.68 -3.35
CA PRO D 126 13.62 34.67 -3.49
C PRO D 126 13.55 35.84 -2.53
N ALA D 127 12.35 36.33 -2.20
CA ALA D 127 12.24 37.42 -1.24
C ALA D 127 12.61 36.97 0.16
N ILE D 128 12.23 35.73 0.52
CA ILE D 128 12.58 35.18 1.82
C ILE D 128 14.09 34.97 1.93
N ARG D 129 14.71 34.47 0.86
CA ARG D 129 16.17 34.32 0.82
C ARG D 129 16.87 35.67 0.94
N GLU D 130 16.33 36.69 0.25
CA GLU D 130 16.92 38.02 0.30
C GLU D 130 16.84 38.62 1.69
N MET D 131 15.68 38.51 2.34
CA MET D 131 15.55 39.11 3.67
C MET D 131 16.34 38.34 4.72
N VAL D 132 16.44 37.01 4.59
CA VAL D 132 17.23 36.21 5.53
C VAL D 132 18.71 36.55 5.39
N SER D 133 19.21 36.62 4.15
CA SER D 133 20.61 36.97 3.91
C SER D 133 20.90 38.40 4.35
N GLN D 134 19.96 39.32 4.15
CA GLN D 134 20.18 40.71 4.55
C GLN D 134 20.20 40.86 6.07
N LEU D 135 19.31 40.16 6.78
CA LEU D 135 19.31 40.25 8.24
C LEU D 135 20.56 39.59 8.82
N GLN D 136 20.99 38.46 8.24
CA GLN D 136 22.21 37.81 8.69
C GLN D 136 23.44 38.68 8.45
N ARG D 137 23.51 39.33 7.28
CA ARG D 137 24.63 40.19 6.95
C ARG D 137 24.68 41.43 7.85
N GLU D 138 23.54 42.10 8.03
CA GLU D 138 23.53 43.31 8.84
C GLU D 138 23.59 43.01 10.33
N CYS D 139 23.34 41.76 10.74
CA CYS D 139 23.55 41.41 12.14
C CYS D 139 25.00 41.04 12.41
N TYR D 140 25.64 40.31 11.48
CA TYR D 140 27.03 39.92 11.69
C TYR D 140 28.00 41.08 11.45
N LEU D 141 27.64 42.06 10.62
CA LEU D 141 28.54 43.18 10.40
C LEU D 141 28.53 44.17 11.56
N LYS D 142 27.40 44.31 12.26
CA LYS D 142 27.27 45.32 13.30
C LYS D 142 27.76 44.85 14.66
N HIS D 143 28.18 43.59 14.81
CA HIS D 143 28.60 43.07 16.10
C HIS D 143 30.07 42.66 16.09
N ASP D 144 30.84 43.13 15.11
CA ASP D 144 32.29 42.91 14.98
C ASP D 144 32.63 41.41 14.91
N LEU D 145 32.18 40.80 13.82
CA LEU D 145 32.56 39.42 13.52
C LEU D 145 34.06 39.30 13.28
N CYS D 146 34.67 40.35 12.70
CA CYS D 146 36.11 40.33 12.45
C CYS D 146 36.91 40.38 13.75
N ALA D 147 36.40 41.05 14.79
CA ALA D 147 37.07 41.05 16.08
C ALA D 147 37.08 39.66 16.70
N ALA D 148 35.96 38.96 16.65
CA ALA D 148 35.91 37.58 17.14
C ALA D 148 36.71 36.63 16.28
N ALA D 149 36.88 36.95 14.98
CA ALA D 149 37.74 36.16 14.13
C ALA D 149 39.20 36.35 14.49
N GLN D 150 39.61 37.60 14.75
CA GLN D 150 40.98 37.88 15.15
C GLN D 150 41.28 37.46 16.58
N GLU D 151 40.25 37.22 17.39
CA GLU D 151 40.48 36.68 18.73
C GLU D 151 40.91 35.22 18.66
N ASN D 152 40.06 34.36 18.09
CA ASN D 152 40.33 32.92 18.03
C ASN D 152 39.78 32.39 16.71
N THR D 153 40.63 32.26 15.71
CA THR D 153 40.21 31.81 14.39
C THR D 153 40.27 30.30 14.21
N ARG D 154 41.11 29.61 14.99
CA ARG D 154 41.29 28.17 14.82
C ARG D 154 40.01 27.40 15.14
N VAL D 155 39.30 27.80 16.20
CA VAL D 155 38.01 27.19 16.52
C VAL D 155 36.98 27.50 15.44
N ILE D 156 36.99 28.74 14.92
CA ILE D 156 35.96 29.15 13.96
C ILE D 156 36.20 28.59 12.56
N VAL D 157 37.40 28.10 12.24
CA VAL D 157 37.65 27.48 10.95
C VAL D 157 37.85 25.97 11.03
N GLU D 158 38.04 25.40 12.22
CA GLU D 158 38.19 23.96 12.30
C GLU D 158 36.94 23.23 12.75
N MET D 159 35.95 23.94 13.29
CA MET D 159 34.69 23.32 13.70
C MET D 159 33.63 23.33 12.60
N ILE D 160 33.94 23.88 11.43
CA ILE D 160 32.98 23.85 10.32
C ILE D 160 32.98 22.47 9.67
N HIS D 161 31.86 22.15 9.02
CA HIS D 161 31.68 20.86 8.39
C HIS D 161 31.49 21.06 6.90
N PHE D 162 32.15 20.23 6.11
CA PHE D 162 31.94 20.23 4.66
C PHE D 162 30.56 19.70 4.30
N LYS D 163 30.11 18.66 4.99
CA LYS D 163 28.76 18.14 4.78
C LYS D 163 27.74 19.13 5.31
N ASP D 164 26.72 19.40 4.49
CA ASP D 164 25.60 20.34 4.63
C ASP D 164 26.04 21.80 4.46
N LEU D 165 27.33 22.07 4.23
CA LEU D 165 27.75 23.44 3.86
C LEU D 165 27.26 23.81 2.46
N LEU D 166 27.33 22.86 1.52
CA LEU D 166 27.02 23.14 0.12
C LEU D 166 25.54 23.45 -0.09
N LEU D 167 24.68 22.74 0.62
CA LEU D 167 23.24 22.85 0.39
C LEU D 167 22.55 23.85 1.31
N HIS D 168 23.28 24.48 2.23
CA HIS D 168 22.70 25.48 3.14
C HIS D 168 23.21 26.86 2.76
N GLU D 169 22.29 27.70 2.31
CA GLU D 169 22.65 29.08 1.96
C GLU D 169 23.15 29.95 3.11
N PRO D 170 22.58 29.93 4.35
CA PRO D 170 23.21 30.73 5.42
C PRO D 170 24.61 30.31 5.79
N TYR D 171 24.96 29.03 5.63
CA TYR D 171 26.35 28.60 5.82
C TYR D 171 27.28 29.23 4.79
N VAL D 172 26.83 29.28 3.52
CA VAL D 172 27.62 29.93 2.48
C VAL D 172 27.73 31.44 2.74
N ASP D 173 26.66 32.03 3.27
CA ASP D 173 26.68 33.45 3.61
C ASP D 173 27.69 33.73 4.74
N LEU D 174 27.70 32.88 5.77
CA LEU D 174 28.65 33.03 6.87
C LEU D 174 30.08 32.82 6.40
N VAL D 175 30.29 31.85 5.50
CA VAL D 175 31.64 31.58 4.99
C VAL D 175 32.14 32.74 4.13
N ASN D 176 31.31 33.22 3.20
CA ASN D 176 31.74 34.28 2.31
C ASN D 176 31.71 35.66 2.95
N LEU D 177 31.12 35.79 4.14
CA LEU D 177 31.29 37.00 4.93
C LEU D 177 32.49 36.92 5.86
N LEU D 178 32.83 35.71 6.32
CA LEU D 178 33.88 35.57 7.32
C LEU D 178 35.27 35.76 6.76
N LEU D 179 35.51 35.35 5.51
CA LEU D 179 36.85 35.37 4.95
C LEU D 179 37.32 36.78 4.57
N THR D 180 36.44 37.77 4.56
CA THR D 180 36.83 39.14 4.26
C THR D 180 37.40 39.88 5.46
N CYS D 181 37.50 39.23 6.62
CA CYS D 181 38.05 39.89 7.80
C CYS D 181 39.57 39.92 7.76
N GLY D 182 40.20 38.75 7.76
CA GLY D 182 41.64 38.67 7.79
C GLY D 182 42.17 37.69 6.77
N GLU D 183 43.38 37.97 6.27
CA GLU D 183 44.00 37.11 5.28
C GLU D 183 44.44 35.78 5.86
N GLU D 184 44.85 35.76 7.14
CA GLU D 184 45.22 34.51 7.78
C GLU D 184 43.99 33.62 8.00
N VAL D 185 42.84 34.24 8.29
CA VAL D 185 41.60 33.49 8.43
C VAL D 185 41.17 32.91 7.09
N LYS D 186 41.36 33.68 6.02
CA LYS D 186 41.08 33.19 4.67
C LYS D 186 42.01 32.03 4.30
N GLU D 187 43.29 32.14 4.67
CA GLU D 187 44.23 31.05 4.41
C GLU D 187 43.87 29.79 5.19
N ALA D 188 43.44 29.97 6.46
CA ALA D 188 43.05 28.83 7.28
C ALA D 188 41.78 28.17 6.76
N ILE D 189 40.80 28.95 6.31
CA ILE D 189 39.56 28.34 5.84
C ILE D 189 39.77 27.70 4.46
N THR D 190 40.68 28.24 3.63
CA THR D 190 40.99 27.56 2.38
C THR D 190 41.80 26.29 2.63
N HIS D 191 42.65 26.28 3.67
CA HIS D 191 43.33 25.05 4.05
C HIS D 191 42.34 24.00 4.54
N SER D 192 41.31 24.42 5.30
CA SER D 192 40.26 23.51 5.72
C SER D 192 39.46 22.98 4.54
N VAL D 193 39.20 23.83 3.55
CA VAL D 193 38.49 23.40 2.34
C VAL D 193 39.33 22.40 1.54
N GLN D 194 40.65 22.61 1.46
CA GLN D 194 41.51 21.65 0.79
C GLN D 194 41.63 20.34 1.55
N VAL D 195 41.62 20.38 2.88
CA VAL D 195 41.61 19.15 3.68
C VAL D 195 40.30 18.39 3.46
N GLN D 196 39.17 19.12 3.41
CA GLN D 196 37.88 18.49 3.13
C GLN D 196 37.78 17.99 1.70
N CYS D 197 38.50 18.61 0.76
CA CYS D 197 38.59 18.05 -0.59
C CYS D 197 39.34 16.73 -0.57
N GLU D 198 40.45 16.67 0.18
CA GLU D 198 41.16 15.42 0.33
C GLU D 198 40.37 14.37 1.11
N GLN D 199 39.38 14.81 1.90
CA GLN D 199 38.55 13.88 2.65
C GLN D 199 37.36 13.37 1.82
N ASN D 200 36.69 14.27 1.11
CA ASN D 200 35.39 13.94 0.51
C ASN D 200 35.41 13.90 -1.01
N TRP D 201 35.79 14.98 -1.68
CA TRP D 201 35.63 15.10 -3.13
C TRP D 201 36.99 15.37 -3.76
N GLY D 202 37.52 14.38 -4.47
CA GLY D 202 38.81 14.47 -5.12
C GLY D 202 38.81 15.12 -6.48
N SER D 203 37.68 15.69 -6.91
CA SER D 203 37.61 16.29 -8.24
C SER D 203 38.40 17.60 -8.30
N LEU D 204 38.09 18.54 -7.43
CA LEU D 204 38.73 19.85 -7.47
C LEU D 204 40.14 19.86 -6.89
N CYS D 205 40.54 18.79 -6.20
CA CYS D 205 41.94 18.69 -5.80
C CYS D 205 42.82 18.36 -7.00
N SER D 206 42.40 17.39 -7.81
CA SER D 206 43.18 16.99 -8.97
C SER D 206 43.06 17.99 -10.13
N ILE D 207 41.94 18.71 -10.19
CA ILE D 207 41.70 19.66 -11.27
C ILE D 207 41.85 21.07 -10.72
N LEU D 208 42.83 21.80 -11.28
CA LEU D 208 43.18 23.18 -10.89
C LEU D 208 43.55 23.26 -9.41
N SER D 209 44.53 22.42 -9.01
CA SER D 209 45.14 22.59 -7.69
C SER D 209 45.92 23.89 -7.62
N PHE D 210 46.66 24.21 -8.68
CA PHE D 210 47.31 25.51 -8.83
C PHE D 210 46.48 26.34 -9.81
N CYS D 211 46.34 27.62 -9.50
CA CYS D 211 45.44 28.48 -10.28
C CYS D 211 46.06 28.85 -11.63
N THR D 212 47.20 29.54 -11.62
CA THR D 212 47.87 29.92 -12.84
C THR D 212 49.30 29.39 -12.87
ZN ZN E . -29.76 27.32 -9.92
ZN ZN F . 18.20 -37.20 11.82
#